data_2MZ8
#
_entry.id   2MZ8
#
_entity_poly.entity_id   1
_entity_poly.type   'polypeptide(L)'
_entity_poly.pdbx_seq_one_letter_code
;HHHHHHSSGTGSGENLYFQGHMTLPSGHPKSRLIKKFTALGPYIREGQCEDNRFFFDCLAVCVNVKPAPEKREFWGWWME
LEAQEKRFTYRYQFGLFDKEGNWTVVPINETEVVERLEYTLREFHEKLRDLLISMELALEPSDDFNDEPVKLSA
;
_entity_poly.pdbx_strand_id   A
#
# COMPACT_ATOMS: atom_id res chain seq x y z
N MET A 22 -12.82 14.36 8.90
CA MET A 22 -12.79 14.41 7.44
C MET A 22 -13.30 13.10 6.84
N THR A 23 -14.60 13.04 6.58
CA THR A 23 -15.21 11.85 6.01
C THR A 23 -14.90 11.73 4.51
N LEU A 24 -14.97 10.51 3.99
CA LEU A 24 -14.70 10.26 2.59
C LEU A 24 -15.99 10.22 1.78
N PRO A 25 -15.87 10.39 0.45
CA PRO A 25 -17.02 10.38 -0.46
C PRO A 25 -17.63 8.98 -0.59
N SER A 26 -16.90 7.98 -0.14
CA SER A 26 -17.37 6.60 -0.23
C SER A 26 -18.65 6.41 0.58
N GLY A 27 -18.84 7.29 1.58
CA GLY A 27 -20.03 7.21 2.41
C GLY A 27 -19.71 6.73 3.82
N HIS A 28 -18.62 5.99 3.96
CA HIS A 28 -18.21 5.47 5.26
C HIS A 28 -17.36 6.50 6.02
N PRO A 29 -17.40 6.45 7.35
CA PRO A 29 -16.64 7.35 8.21
C PRO A 29 -15.14 7.10 8.14
N LYS A 30 -14.37 8.16 7.93
CA LYS A 30 -12.92 8.05 7.84
C LYS A 30 -12.33 7.57 9.16
N SER A 31 -13.06 7.80 10.25
CA SER A 31 -12.61 7.40 11.58
C SER A 31 -12.62 5.87 11.71
N ARG A 32 -13.64 5.25 11.15
CA ARG A 32 -13.77 3.79 11.20
C ARG A 32 -12.85 3.13 10.18
N LEU A 33 -12.80 3.69 8.98
CA LEU A 33 -11.96 3.15 7.92
C LEU A 33 -10.50 3.11 8.35
N ILE A 34 -10.01 4.22 8.88
CA ILE A 34 -8.63 4.31 9.33
C ILE A 34 -8.37 3.33 10.47
N LYS A 35 -9.30 3.26 11.41
CA LYS A 35 -9.17 2.36 12.55
C LYS A 35 -9.19 0.90 12.10
N LYS A 36 -10.02 0.60 11.11
CA LYS A 36 -10.13 -0.76 10.59
C LYS A 36 -8.89 -1.13 9.79
N PHE A 37 -8.49 -0.24 8.88
CA PHE A 37 -7.30 -0.49 8.05
C PHE A 37 -6.07 -0.69 8.91
N THR A 38 -6.11 -0.17 10.13
CA THR A 38 -4.99 -0.29 11.05
C THR A 38 -4.76 -1.73 11.46
N ALA A 39 -5.81 -2.55 11.33
CA ALA A 39 -5.72 -3.96 11.69
C ALA A 39 -5.05 -4.77 10.57
N LEU A 40 -4.79 -4.11 9.45
CA LEU A 40 -4.15 -4.77 8.31
C LEU A 40 -2.68 -4.39 8.23
N GLY A 41 -2.21 -3.63 9.21
CA GLY A 41 -0.82 -3.21 9.23
C GLY A 41 -0.55 -2.13 10.26
N PRO A 42 0.44 -1.28 9.99
CA PRO A 42 0.82 -0.18 10.88
C PRO A 42 -0.24 0.92 10.93
N TYR A 43 -0.10 1.83 11.89
CA TYR A 43 -1.04 2.92 12.04
C TYR A 43 -1.06 3.81 10.81
N ILE A 44 -2.24 3.95 10.21
CA ILE A 44 -2.40 4.78 9.01
C ILE A 44 -2.34 6.26 9.36
N ARG A 45 -1.71 7.04 8.49
CA ARG A 45 -1.59 8.47 8.71
C ARG A 45 -2.84 9.20 8.22
N GLU A 46 -3.79 9.42 9.13
CA GLU A 46 -5.02 10.11 8.78
C GLU A 46 -4.95 11.59 9.16
N GLY A 47 -5.20 12.46 8.19
CA GLY A 47 -5.16 13.88 8.43
C GLY A 47 -5.86 14.68 7.35
N GLN A 48 -5.44 15.92 7.16
CA GLN A 48 -6.03 16.78 6.14
C GLN A 48 -5.35 16.59 4.79
N CYS A 49 -6.14 16.66 3.72
CA CYS A 49 -5.61 16.49 2.38
C CYS A 49 -6.69 16.75 1.33
N GLU A 50 -6.32 17.43 0.26
CA GLU A 50 -7.26 17.75 -0.80
C GLU A 50 -7.74 16.48 -1.50
N ASP A 51 -6.82 15.53 -1.70
CA ASP A 51 -7.16 14.27 -2.35
C ASP A 51 -7.70 13.26 -1.33
N ASN A 52 -8.64 12.43 -1.78
CA ASN A 52 -9.24 11.42 -0.91
C ASN A 52 -8.70 10.04 -1.24
N ARG A 53 -7.50 9.73 -0.76
CA ARG A 53 -6.88 8.44 -1.01
C ARG A 53 -6.15 7.94 0.25
N PHE A 54 -6.02 6.62 0.34
CA PHE A 54 -5.35 6.01 1.50
C PHE A 54 -3.96 5.51 1.11
N PHE A 55 -2.94 6.17 1.65
CA PHE A 55 -1.56 5.79 1.36
C PHE A 55 -0.87 5.24 2.61
N PHE A 56 -0.27 4.06 2.47
CA PHE A 56 0.41 3.41 3.58
C PHE A 56 1.88 3.18 3.26
N ASP A 57 2.73 3.26 4.28
CA ASP A 57 4.16 3.07 4.10
C ASP A 57 4.60 1.73 4.68
N CYS A 58 5.01 0.81 3.80
CA CYS A 58 5.46 -0.51 4.23
C CYS A 58 6.97 -0.63 4.13
N LEU A 59 7.57 -1.35 5.07
CA LEU A 59 9.02 -1.54 5.09
C LEU A 59 9.38 -3.00 4.77
N ALA A 60 10.11 -3.20 3.68
CA ALA A 60 10.52 -4.53 3.27
C ALA A 60 11.98 -4.78 3.61
N VAL A 61 12.88 -4.09 2.93
CA VAL A 61 14.31 -4.22 3.16
C VAL A 61 15.02 -2.88 3.10
N CYS A 62 15.93 -2.65 4.04
CA CYS A 62 16.67 -1.39 4.09
C CYS A 62 17.76 -1.37 3.02
N VAL A 63 18.05 -0.17 2.51
CA VAL A 63 19.06 -0.01 1.48
C VAL A 63 20.43 -0.46 1.98
N ASN A 64 20.84 0.07 3.13
CA ASN A 64 22.13 -0.27 3.72
C ASN A 64 21.97 -0.66 5.18
N VAL A 65 23.00 -1.29 5.74
CA VAL A 65 22.98 -1.71 7.13
C VAL A 65 24.11 -1.06 7.92
N LYS A 66 25.23 -0.80 7.26
CA LYS A 66 26.38 -0.18 7.89
C LYS A 66 25.98 1.11 8.59
N PRO A 67 25.41 2.06 7.82
CA PRO A 67 24.97 3.35 8.35
C PRO A 67 23.75 3.22 9.26
N ALA A 68 23.18 4.36 9.63
CA ALA A 68 21.99 4.37 10.50
C ALA A 68 20.72 4.13 9.70
N PRO A 69 19.66 3.70 10.39
CA PRO A 69 18.37 3.43 9.76
C PRO A 69 17.67 4.69 9.28
N GLU A 70 17.61 5.70 10.15
CA GLU A 70 16.98 6.97 9.81
C GLU A 70 17.81 7.74 8.79
N LYS A 71 19.10 7.41 8.71
CA LYS A 71 20.00 8.07 7.78
C LYS A 71 19.93 7.43 6.40
N ARG A 72 19.31 6.25 6.33
CA ARG A 72 19.17 5.54 5.07
C ARG A 72 17.70 5.29 4.75
N GLU A 73 17.41 5.04 3.48
CA GLU A 73 16.04 4.78 3.04
C GLU A 73 15.74 3.29 3.06
N PHE A 74 14.45 2.95 2.98
CA PHE A 74 14.03 1.56 2.99
C PHE A 74 13.16 1.25 1.77
N TRP A 75 13.14 -0.01 1.37
CA TRP A 75 12.35 -0.44 0.22
C TRP A 75 10.93 -0.82 0.64
N GLY A 76 9.97 -0.54 -0.22
CA GLY A 76 8.58 -0.85 0.08
C GLY A 76 7.61 -0.21 -0.88
N TRP A 77 6.67 -1.00 -1.40
CA TRP A 77 5.67 -0.49 -2.33
C TRP A 77 4.45 0.04 -1.60
N TRP A 78 4.05 1.26 -1.93
CA TRP A 78 2.89 1.88 -1.30
C TRP A 78 1.59 1.42 -1.97
N MET A 79 0.53 1.30 -1.17
CA MET A 79 -0.76 0.87 -1.69
C MET A 79 -1.78 2.01 -1.61
N GLU A 80 -2.21 2.49 -2.77
CA GLU A 80 -3.18 3.57 -2.83
C GLU A 80 -4.50 3.09 -3.43
N LEU A 81 -5.55 3.08 -2.62
CA LEU A 81 -6.86 2.63 -3.06
C LEU A 81 -7.88 3.77 -2.97
N GLU A 82 -8.93 3.68 -3.79
CA GLU A 82 -9.97 4.70 -3.80
C GLU A 82 -11.34 4.08 -3.50
N ALA A 83 -11.89 4.42 -2.33
CA ALA A 83 -13.18 3.90 -1.93
C ALA A 83 -14.28 4.38 -2.87
N GLN A 84 -14.87 3.45 -3.61
CA GLN A 84 -15.94 3.78 -4.55
C GLN A 84 -17.26 3.99 -3.82
N GLU A 85 -18.34 4.18 -4.58
CA GLU A 85 -19.66 4.39 -4.01
C GLU A 85 -20.02 3.28 -3.03
N LYS A 86 -20.15 2.06 -3.56
CA LYS A 86 -20.49 0.91 -2.74
C LYS A 86 -19.50 -0.23 -2.96
N ARG A 87 -18.24 0.11 -3.14
CA ARG A 87 -17.19 -0.88 -3.37
C ARG A 87 -15.81 -0.29 -3.12
N PHE A 88 -14.79 -1.14 -3.16
CA PHE A 88 -13.42 -0.70 -2.93
C PHE A 88 -12.51 -1.19 -4.05
N THR A 89 -11.53 -0.36 -4.42
CA THR A 89 -10.58 -0.70 -5.48
C THR A 89 -9.18 -0.24 -5.13
N TYR A 90 -8.20 -1.09 -5.38
CA TYR A 90 -6.81 -0.77 -5.09
C TYR A 90 -5.94 -0.94 -6.34
N ARG A 91 -4.68 -0.52 -6.24
CA ARG A 91 -3.75 -0.62 -7.36
C ARG A 91 -2.34 -0.91 -6.87
N TYR A 92 -1.54 -1.55 -7.72
CA TYR A 92 -0.17 -1.90 -7.37
C TYR A 92 0.79 -0.80 -7.80
N GLN A 93 1.46 -0.20 -6.82
CA GLN A 93 2.42 0.86 -7.09
C GLN A 93 3.70 0.68 -6.29
N PHE A 94 4.81 0.50 -6.99
CA PHE A 94 6.10 0.30 -6.34
C PHE A 94 6.84 1.63 -6.18
N GLY A 95 7.78 1.66 -5.25
CA GLY A 95 8.54 2.88 -5.01
C GLY A 95 9.51 2.75 -3.86
N LEU A 96 9.67 3.82 -3.09
CA LEU A 96 10.56 3.82 -1.95
C LEU A 96 10.01 4.70 -0.82
N PHE A 97 10.26 4.28 0.41
CA PHE A 97 9.78 5.03 1.58
C PHE A 97 10.92 5.85 2.20
N ASP A 98 10.99 7.12 1.81
CA ASP A 98 12.02 8.01 2.32
C ASP A 98 11.74 8.40 3.77
N LYS A 99 12.69 9.08 4.39
CA LYS A 99 12.55 9.50 5.78
C LYS A 99 11.73 10.79 5.86
N GLU A 100 11.74 11.56 4.78
CA GLU A 100 11.01 12.82 4.73
C GLU A 100 9.52 12.57 4.49
N GLY A 101 9.17 11.33 4.18
CA GLY A 101 7.79 10.98 3.92
C GLY A 101 7.27 11.54 2.62
N ASN A 102 8.19 11.90 1.73
CA ASN A 102 7.82 12.47 0.44
C ASN A 102 7.85 11.39 -0.65
N TRP A 103 7.14 11.65 -1.74
CA TRP A 103 7.08 10.70 -2.85
C TRP A 103 8.43 10.60 -3.55
N THR A 104 8.99 9.40 -3.61
CA THR A 104 10.27 9.18 -4.25
C THR A 104 10.32 7.81 -4.93
N VAL A 105 10.35 7.80 -6.25
CA VAL A 105 10.40 6.56 -7.01
C VAL A 105 11.83 6.23 -7.43
N VAL A 106 12.32 5.07 -6.99
CA VAL A 106 13.67 4.65 -7.32
C VAL A 106 13.69 3.16 -7.70
N PRO A 107 14.73 2.76 -8.45
CA PRO A 107 14.89 1.38 -8.89
C PRO A 107 15.23 0.44 -7.74
N ILE A 108 14.82 -0.81 -7.86
CA ILE A 108 15.08 -1.81 -6.83
C ILE A 108 16.36 -2.59 -7.13
N ASN A 109 17.35 -2.44 -6.25
CA ASN A 109 18.62 -3.12 -6.42
C ASN A 109 18.58 -4.52 -5.79
N GLU A 110 19.38 -5.42 -6.33
CA GLU A 110 19.43 -6.79 -5.81
C GLU A 110 18.09 -7.49 -5.98
N THR A 111 18.01 -8.38 -6.97
CA THR A 111 16.78 -9.11 -7.23
C THR A 111 16.28 -9.83 -5.98
N GLU A 112 17.21 -10.18 -5.09
CA GLU A 112 16.86 -10.87 -3.86
C GLU A 112 15.81 -10.09 -3.08
N VAL A 113 15.89 -8.77 -3.13
CA VAL A 113 14.93 -7.91 -2.44
C VAL A 113 13.62 -7.80 -3.21
N VAL A 114 13.72 -7.59 -4.51
CA VAL A 114 12.55 -7.47 -5.36
C VAL A 114 11.61 -8.65 -5.17
N GLU A 115 12.20 -9.82 -4.91
CA GLU A 115 11.41 -11.03 -4.71
C GLU A 115 10.58 -10.94 -3.43
N ARG A 116 11.12 -10.28 -2.42
CA ARG A 116 10.44 -10.11 -1.15
C ARG A 116 9.20 -9.24 -1.32
N LEU A 117 9.29 -8.24 -2.18
CA LEU A 117 8.17 -7.33 -2.43
C LEU A 117 7.05 -8.05 -3.18
N GLU A 118 7.42 -8.87 -4.14
CA GLU A 118 6.43 -9.62 -4.93
C GLU A 118 5.60 -10.53 -4.03
N TYR A 119 6.25 -11.13 -3.04
CA TYR A 119 5.58 -12.03 -2.12
C TYR A 119 4.62 -11.26 -1.21
N THR A 120 5.13 -10.21 -0.59
CA THR A 120 4.33 -9.38 0.30
C THR A 120 3.19 -8.70 -0.44
N LEU A 121 3.41 -8.46 -1.73
CA LEU A 121 2.39 -7.81 -2.57
C LEU A 121 1.10 -8.61 -2.58
N ARG A 122 1.21 -9.91 -2.79
CA ARG A 122 0.05 -10.79 -2.83
C ARG A 122 -0.56 -10.93 -1.44
N GLU A 123 0.28 -11.19 -0.45
CA GLU A 123 -0.17 -11.35 0.93
C GLU A 123 -0.91 -10.10 1.40
N PHE A 124 -0.54 -8.96 0.86
CA PHE A 124 -1.17 -7.69 1.22
C PHE A 124 -2.64 -7.68 0.81
N HIS A 125 -2.92 -8.16 -0.39
CA HIS A 125 -4.28 -8.21 -0.91
C HIS A 125 -5.11 -9.26 -0.16
N GLU A 126 -4.46 -10.33 0.25
CA GLU A 126 -5.12 -11.40 0.97
C GLU A 126 -5.81 -10.87 2.23
N LYS A 127 -5.06 -10.10 3.02
CA LYS A 127 -5.60 -9.52 4.25
C LYS A 127 -6.55 -8.38 3.94
N LEU A 128 -6.28 -7.66 2.87
CA LEU A 128 -7.12 -6.53 2.47
C LEU A 128 -8.49 -7.01 2.02
N ARG A 129 -8.53 -8.17 1.37
CA ARG A 129 -9.79 -8.74 0.89
C ARG A 129 -10.68 -9.13 2.07
N ASP A 130 -10.10 -9.77 3.07
CA ASP A 130 -10.84 -10.20 4.25
C ASP A 130 -11.56 -9.02 4.90
N LEU A 131 -10.83 -7.92 5.07
CA LEU A 131 -11.39 -6.73 5.69
C LEU A 131 -12.58 -6.21 4.89
N LEU A 132 -12.38 -6.03 3.58
CA LEU A 132 -13.44 -5.55 2.71
C LEU A 132 -14.64 -6.49 2.74
N ILE A 133 -14.38 -7.78 2.92
CA ILE A 133 -15.45 -8.78 2.97
C ILE A 133 -16.34 -8.56 4.19
N SER A 134 -15.76 -8.03 5.26
CA SER A 134 -16.51 -7.78 6.49
C SER A 134 -17.52 -6.66 6.28
N MET A 135 -17.19 -5.72 5.39
CA MET A 135 -18.08 -4.60 5.10
C MET A 135 -18.93 -4.88 3.87
N GLU A 136 -18.67 -6.02 3.23
CA GLU A 136 -19.41 -6.40 2.03
C GLU A 136 -19.19 -5.40 0.90
N LEU A 137 -17.92 -5.07 0.66
CA LEU A 137 -17.56 -4.12 -0.40
C LEU A 137 -17.03 -4.85 -1.63
N ALA A 138 -17.54 -4.46 -2.80
CA ALA A 138 -17.11 -5.08 -4.05
C ALA A 138 -15.62 -4.84 -4.29
N LEU A 139 -14.95 -5.86 -4.82
CA LEU A 139 -13.51 -5.77 -5.10
C LEU A 139 -13.23 -6.04 -6.57
N GLU A 140 -12.29 -5.29 -7.13
CA GLU A 140 -11.91 -5.45 -8.53
C GLU A 140 -10.43 -5.19 -8.74
N PRO A 141 -9.89 -5.70 -9.86
CA PRO A 141 -8.47 -5.54 -10.20
C PRO A 141 -8.12 -4.10 -10.56
N SER A 142 -6.82 -3.83 -10.70
CA SER A 142 -6.35 -2.50 -11.04
C SER A 142 -6.46 -2.25 -12.53
N ASP A 143 -7.07 -1.13 -12.90
CA ASP A 143 -7.23 -0.76 -14.30
C ASP A 143 -5.88 -0.59 -14.99
N ASP A 144 -4.83 -0.43 -14.18
CA ASP A 144 -3.49 -0.26 -14.71
C ASP A 144 -2.91 -1.59 -15.18
N PHE A 145 -3.61 -2.68 -14.85
CA PHE A 145 -3.18 -4.01 -15.23
C PHE A 145 -4.04 -4.57 -16.35
N ASN A 146 -3.39 -5.18 -17.35
CA ASN A 146 -4.10 -5.75 -18.49
C ASN A 146 -3.75 -7.23 -18.65
N ASP A 147 -4.30 -8.06 -17.77
CA ASP A 147 -4.06 -9.50 -17.81
C ASP A 147 -2.55 -9.80 -17.81
N GLU A 148 -1.82 -9.05 -17.01
CA GLU A 148 -0.37 -9.23 -16.92
C GLU A 148 0.12 -9.00 -15.49
N PRO A 149 -0.25 -9.90 -14.58
CA PRO A 149 0.14 -9.82 -13.17
C PRO A 149 1.63 -10.08 -12.97
N VAL A 150 2.18 -9.48 -11.92
CA VAL A 150 3.60 -9.64 -11.60
C VAL A 150 3.97 -11.12 -11.50
N LYS A 151 5.20 -11.45 -11.87
CA LYS A 151 5.68 -12.82 -11.81
C LYS A 151 6.00 -13.22 -10.38
N LEU A 152 5.05 -13.91 -9.74
CA LEU A 152 5.23 -14.35 -8.37
C LEU A 152 6.21 -15.52 -8.29
N SER A 153 6.29 -16.28 -9.37
CA SER A 153 7.18 -17.43 -9.44
C SER A 153 8.40 -17.13 -10.31
N ALA A 154 9.14 -16.09 -9.93
CA ALA A 154 10.33 -15.70 -10.68
C ALA A 154 11.57 -16.43 -10.17
N MET A 22 -13.33 14.29 9.15
CA MET A 22 -13.57 14.33 7.72
C MET A 22 -13.83 12.93 7.16
N THR A 23 -15.05 12.69 6.69
CA THR A 23 -15.42 11.40 6.15
C THR A 23 -15.11 11.32 4.67
N LEU A 24 -15.01 10.10 4.14
CA LEU A 24 -14.71 9.89 2.73
C LEU A 24 -15.86 10.39 1.86
N PRO A 25 -15.54 10.76 0.61
CA PRO A 25 -16.54 11.27 -0.35
C PRO A 25 -17.49 10.17 -0.82
N SER A 26 -17.11 8.92 -0.60
CA SER A 26 -17.93 7.78 -1.01
C SER A 26 -19.09 7.58 -0.04
N GLY A 27 -18.96 8.16 1.15
CA GLY A 27 -20.01 8.04 2.15
C GLY A 27 -19.61 7.15 3.31
N HIS A 28 -18.38 6.64 3.26
CA HIS A 28 -17.88 5.78 4.32
C HIS A 28 -17.09 6.57 5.36
N PRO A 29 -17.10 6.09 6.61
CA PRO A 29 -16.41 6.75 7.72
C PRO A 29 -14.89 6.65 7.59
N LYS A 30 -14.21 7.79 7.62
CA LYS A 30 -12.76 7.82 7.52
C LYS A 30 -12.10 7.23 8.75
N SER A 31 -12.53 7.70 9.93
CA SER A 31 -11.98 7.23 11.19
C SER A 31 -12.09 5.71 11.28
N ARG A 32 -13.18 5.16 10.76
CA ARG A 32 -13.39 3.72 10.78
C ARG A 32 -12.44 3.01 9.83
N LEU A 33 -12.32 3.53 8.62
CA LEU A 33 -11.43 2.95 7.61
C LEU A 33 -9.99 2.90 8.12
N ILE A 34 -9.52 4.03 8.64
CA ILE A 34 -8.15 4.12 9.16
C ILE A 34 -7.90 3.06 10.22
N LYS A 35 -8.84 2.94 11.17
CA LYS A 35 -8.72 1.96 12.24
C LYS A 35 -8.78 0.54 11.69
N LYS A 36 -9.77 0.29 10.83
CA LYS A 36 -9.94 -1.03 10.23
C LYS A 36 -8.70 -1.46 9.47
N PHE A 37 -8.18 -0.57 8.62
CA PHE A 37 -6.99 -0.86 7.84
C PHE A 37 -5.81 -1.18 8.76
N THR A 38 -5.78 -0.52 9.92
CA THR A 38 -4.70 -0.73 10.88
C THR A 38 -4.69 -2.16 11.39
N ALA A 39 -5.82 -2.84 11.26
CA ALA A 39 -5.94 -4.22 11.71
C ALA A 39 -5.28 -5.17 10.72
N LEU A 40 -4.88 -4.65 9.57
CA LEU A 40 -4.23 -5.46 8.54
C LEU A 40 -2.73 -5.18 8.49
N GLY A 41 -2.26 -4.33 9.41
CA GLY A 41 -0.84 -4.00 9.46
C GLY A 41 -0.56 -2.81 10.34
N PRO A 42 0.44 -2.01 9.95
CA PRO A 42 0.83 -0.82 10.71
C PRO A 42 -0.21 0.30 10.63
N TYR A 43 -0.09 1.28 11.50
CA TYR A 43 -1.03 2.40 11.53
C TYR A 43 -0.96 3.20 10.25
N ILE A 44 -2.12 3.65 9.77
CA ILE A 44 -2.18 4.44 8.54
C ILE A 44 -2.16 5.92 8.83
N ARG A 45 -1.37 6.67 8.06
CA ARG A 45 -1.25 8.11 8.23
C ARG A 45 -2.51 8.82 7.73
N GLU A 46 -3.44 9.07 8.64
CA GLU A 46 -4.69 9.75 8.29
C GLU A 46 -4.58 11.25 8.53
N GLY A 47 -5.45 12.02 7.87
CA GLY A 47 -5.43 13.46 8.02
C GLY A 47 -6.76 14.09 7.71
N GLN A 48 -7.12 15.12 8.46
CA GLN A 48 -8.39 15.82 8.26
C GLN A 48 -8.16 17.26 7.84
N CYS A 49 -7.40 17.45 6.76
CA CYS A 49 -7.10 18.78 6.25
C CYS A 49 -7.65 18.96 4.83
N GLU A 50 -7.54 17.91 4.04
CA GLU A 50 -8.01 17.96 2.65
C GLU A 50 -8.29 16.55 2.12
N ASP A 51 -8.87 16.47 0.94
CA ASP A 51 -9.19 15.18 0.33
C ASP A 51 -7.92 14.51 -0.21
N ASN A 52 -7.67 13.30 0.25
CA ASN A 52 -6.49 12.55 -0.18
C ASN A 52 -6.72 11.05 -0.05
N ARG A 53 -5.74 10.26 -0.47
CA ARG A 53 -5.82 8.81 -0.40
C ARG A 53 -5.10 8.28 0.83
N PHE A 54 -5.44 7.05 1.23
CA PHE A 54 -4.82 6.43 2.39
C PHE A 54 -3.35 6.10 2.11
N PHE A 55 -2.49 6.44 3.05
CA PHE A 55 -1.06 6.19 2.91
C PHE A 55 -0.64 4.96 3.71
N PHE A 56 -0.07 3.97 3.02
CA PHE A 56 0.36 2.74 3.66
C PHE A 56 1.89 2.62 3.64
N ASP A 57 2.47 2.25 4.77
CA ASP A 57 3.92 2.10 4.89
C ASP A 57 4.31 0.63 4.94
N CYS A 58 4.98 0.17 3.89
CA CYS A 58 5.42 -1.23 3.81
C CYS A 58 6.92 -1.34 4.04
N LEU A 59 7.30 -1.82 5.22
CA LEU A 59 8.71 -1.98 5.56
C LEU A 59 9.09 -3.46 5.64
N ALA A 60 9.51 -4.02 4.52
CA ALA A 60 9.92 -5.41 4.46
C ALA A 60 11.39 -5.58 4.80
N VAL A 61 12.25 -4.91 4.05
CA VAL A 61 13.68 -4.98 4.27
C VAL A 61 14.33 -3.60 4.16
N CYS A 62 15.51 -3.46 4.74
CA CYS A 62 16.24 -2.19 4.69
C CYS A 62 17.02 -2.06 3.39
N VAL A 63 17.19 -0.82 2.94
CA VAL A 63 17.92 -0.56 1.70
C VAL A 63 19.43 -0.60 1.92
N ASN A 64 19.85 -0.10 3.09
CA ASN A 64 21.27 -0.09 3.43
C ASN A 64 21.48 0.49 4.83
N VAL A 65 22.59 0.11 5.46
CA VAL A 65 22.91 0.58 6.80
C VAL A 65 24.19 1.40 6.80
N LYS A 66 24.92 1.37 5.69
CA LYS A 66 26.16 2.11 5.55
C LYS A 66 25.96 3.58 5.93
N PRO A 67 25.03 4.25 5.22
CA PRO A 67 24.73 5.66 5.46
C PRO A 67 24.01 5.87 6.78
N ALA A 68 24.04 7.11 7.27
CA ALA A 68 23.40 7.46 8.54
C ALA A 68 21.94 7.00 8.55
N PRO A 69 21.37 6.87 9.75
CA PRO A 69 19.98 6.44 9.92
C PRO A 69 18.97 7.50 9.45
N GLU A 70 19.36 8.77 9.56
CA GLU A 70 18.51 9.86 9.15
C GLU A 70 18.24 9.82 7.64
N LYS A 71 19.17 9.20 6.90
CA LYS A 71 19.04 9.09 5.47
C LYS A 71 18.79 7.64 5.05
N ARG A 72 18.39 6.82 6.02
CA ARG A 72 18.12 5.40 5.76
C ARG A 72 16.84 5.24 4.97
N GLU A 73 16.76 4.16 4.18
CA GLU A 73 15.59 3.89 3.37
C GLU A 73 15.19 2.41 3.47
N PHE A 74 13.91 2.13 3.25
CA PHE A 74 13.39 0.77 3.32
C PHE A 74 12.59 0.43 2.06
N TRP A 75 12.64 -0.84 1.67
CA TRP A 75 11.91 -1.30 0.49
C TRP A 75 10.44 -1.54 0.81
N GLY A 76 9.60 -1.45 -0.22
CA GLY A 76 8.18 -1.68 -0.02
C GLY A 76 7.35 -1.17 -1.19
N TRP A 77 6.04 -1.30 -1.08
CA TRP A 77 5.13 -0.86 -2.14
C TRP A 77 3.97 -0.07 -1.56
N TRP A 78 3.85 1.18 -1.99
CA TRP A 78 2.77 2.06 -1.52
C TRP A 78 1.51 1.87 -2.35
N MET A 79 0.39 1.66 -1.68
CA MET A 79 -0.89 1.47 -2.35
C MET A 79 -1.91 2.51 -1.91
N GLU A 80 -2.34 3.34 -2.85
CA GLU A 80 -3.32 4.39 -2.56
C GLU A 80 -4.64 4.11 -3.27
N LEU A 81 -5.70 3.90 -2.48
CA LEU A 81 -7.02 3.63 -3.03
C LEU A 81 -8.05 4.60 -2.45
N GLU A 82 -9.18 4.75 -3.16
CA GLU A 82 -10.24 5.63 -2.72
C GLU A 82 -11.58 4.90 -2.70
N ALA A 83 -12.16 4.79 -1.51
CA ALA A 83 -13.45 4.12 -1.35
C ALA A 83 -14.48 4.66 -2.32
N GLN A 84 -15.28 3.77 -2.91
CA GLN A 84 -16.30 4.17 -3.85
C GLN A 84 -17.69 4.12 -3.22
N GLU A 85 -18.71 4.43 -4.01
CA GLU A 85 -20.08 4.42 -3.52
C GLU A 85 -20.39 3.13 -2.78
N LYS A 86 -20.27 2.01 -3.49
CA LYS A 86 -20.53 0.69 -2.90
C LYS A 86 -19.44 -0.30 -3.29
N ARG A 87 -18.38 0.20 -3.92
CA ARG A 87 -17.28 -0.66 -4.34
C ARG A 87 -15.96 -0.18 -3.73
N PHE A 88 -14.89 -0.91 -4.02
CA PHE A 88 -13.58 -0.57 -3.48
C PHE A 88 -12.48 -0.93 -4.48
N THR A 89 -11.57 0.02 -4.72
CA THR A 89 -10.47 -0.19 -5.65
C THR A 89 -9.15 -0.34 -4.92
N TYR A 90 -8.14 -0.84 -5.62
CA TYR A 90 -6.82 -1.03 -5.04
C TYR A 90 -5.75 -1.09 -6.12
N ARG A 91 -4.58 -0.54 -5.81
CA ARG A 91 -3.47 -0.52 -6.76
C ARG A 91 -2.13 -0.54 -6.03
N TYR A 92 -1.28 -1.49 -6.41
CA TYR A 92 0.03 -1.62 -5.78
C TYR A 92 1.14 -1.25 -6.76
N GLN A 93 2.15 -0.55 -6.27
CA GLN A 93 3.28 -0.14 -7.10
C GLN A 93 4.61 -0.37 -6.39
N PHE A 94 5.63 -0.74 -7.15
CA PHE A 94 6.95 -0.99 -6.58
C PHE A 94 7.80 0.28 -6.61
N GLY A 95 8.80 0.33 -5.73
CA GLY A 95 9.67 1.48 -5.67
C GLY A 95 10.36 1.61 -4.32
N LEU A 96 10.38 2.82 -3.78
CA LEU A 96 11.01 3.08 -2.49
C LEU A 96 10.24 4.14 -1.71
N PHE A 97 10.17 3.96 -0.39
CA PHE A 97 9.48 4.90 0.47
C PHE A 97 10.45 5.80 1.22
N ASP A 98 10.69 6.99 0.67
CA ASP A 98 11.61 7.95 1.28
C ASP A 98 10.98 8.59 2.52
N LYS A 99 11.79 9.33 3.27
CA LYS A 99 11.31 10.00 4.47
C LYS A 99 10.60 11.31 4.12
N GLU A 100 10.87 11.82 2.92
CA GLU A 100 10.26 13.06 2.47
C GLU A 100 8.84 12.82 1.99
N GLY A 101 8.46 11.55 1.87
CA GLY A 101 7.13 11.20 1.43
C GLY A 101 6.92 11.51 -0.04
N ASN A 102 8.01 11.66 -0.78
CA ASN A 102 7.93 11.96 -2.21
C ASN A 102 8.15 10.70 -3.04
N TRP A 103 7.35 10.54 -4.09
CA TRP A 103 7.46 9.38 -4.97
C TRP A 103 8.90 9.20 -5.45
N THR A 104 9.48 8.05 -5.17
CA THR A 104 10.85 7.75 -5.58
C THR A 104 10.99 6.31 -6.03
N VAL A 105 11.16 6.12 -7.34
CA VAL A 105 11.31 4.78 -7.91
C VAL A 105 12.77 4.44 -8.12
N VAL A 106 13.23 3.38 -7.48
CA VAL A 106 14.61 2.93 -7.60
C VAL A 106 14.69 1.45 -7.97
N PRO A 107 15.83 1.05 -8.55
CA PRO A 107 16.06 -0.34 -8.96
C PRO A 107 16.21 -1.27 -7.77
N ILE A 108 15.68 -2.49 -7.92
CA ILE A 108 15.76 -3.48 -6.85
C ILE A 108 16.92 -4.44 -7.08
N ASN A 109 17.90 -4.41 -6.17
CA ASN A 109 19.07 -5.28 -6.27
C ASN A 109 18.88 -6.55 -5.45
N GLU A 110 19.59 -7.60 -5.83
CA GLU A 110 19.50 -8.88 -5.12
C GLU A 110 18.09 -9.47 -5.24
N THR A 111 17.94 -10.44 -6.14
CA THR A 111 16.65 -11.08 -6.36
C THR A 111 16.07 -11.59 -5.05
N GLU A 112 16.95 -11.92 -4.09
CA GLU A 112 16.52 -12.42 -2.80
C GLU A 112 15.51 -11.46 -2.15
N VAL A 113 15.71 -10.17 -2.37
CA VAL A 113 14.83 -9.16 -1.81
C VAL A 113 13.54 -9.04 -2.63
N VAL A 114 13.68 -9.00 -3.95
CA VAL A 114 12.53 -8.89 -4.84
C VAL A 114 11.49 -9.96 -4.52
N GLU A 115 11.96 -11.12 -4.09
CA GLU A 115 11.08 -12.24 -3.77
C GLU A 115 10.29 -11.94 -2.50
N ARG A 116 10.91 -11.21 -1.58
CA ARG A 116 10.27 -10.85 -0.32
C ARG A 116 9.21 -9.77 -0.53
N LEU A 117 9.49 -8.86 -1.46
CA LEU A 117 8.56 -7.77 -1.76
C LEU A 117 7.32 -8.29 -2.47
N GLU A 118 7.54 -9.15 -3.46
CA GLU A 118 6.43 -9.72 -4.23
C GLU A 118 5.53 -10.56 -3.33
N TYR A 119 6.14 -11.30 -2.41
CA TYR A 119 5.40 -12.14 -1.49
C TYR A 119 4.53 -11.31 -0.55
N THR A 120 5.12 -10.27 0.02
CA THR A 120 4.40 -9.39 0.94
C THR A 120 3.21 -8.74 0.25
N LEU A 121 3.28 -8.63 -1.07
CA LEU A 121 2.21 -8.02 -1.84
C LEU A 121 1.02 -8.97 -1.96
N ARG A 122 1.31 -10.25 -2.17
CA ARG A 122 0.27 -11.26 -2.30
C ARG A 122 -0.41 -11.51 -0.95
N GLU A 123 0.40 -11.75 0.07
CA GLU A 123 -0.12 -12.00 1.41
C GLU A 123 -0.96 -10.83 1.91
N PHE A 124 -0.58 -9.63 1.51
CA PHE A 124 -1.28 -8.42 1.92
C PHE A 124 -2.62 -8.31 1.19
N HIS A 125 -2.65 -8.77 -0.06
CA HIS A 125 -3.87 -8.72 -0.86
C HIS A 125 -4.92 -9.69 -0.32
N GLU A 126 -4.46 -10.88 0.08
CA GLU A 126 -5.36 -11.90 0.60
C GLU A 126 -6.06 -11.40 1.87
N LYS A 127 -5.28 -10.84 2.78
CA LYS A 127 -5.82 -10.31 4.03
C LYS A 127 -6.74 -9.12 3.78
N LEU A 128 -6.43 -8.36 2.73
CA LEU A 128 -7.23 -7.19 2.38
C LEU A 128 -8.64 -7.59 1.99
N ARG A 129 -8.76 -8.75 1.32
CA ARG A 129 -10.06 -9.24 0.88
C ARG A 129 -10.98 -9.46 2.08
N ASP A 130 -10.43 -10.02 3.15
CA ASP A 130 -11.20 -10.29 4.36
C ASP A 130 -11.87 -9.01 4.87
N LEU A 131 -11.09 -7.93 4.93
CA LEU A 131 -11.60 -6.65 5.41
C LEU A 131 -12.78 -6.18 4.55
N LEU A 132 -12.59 -6.19 3.25
CA LEU A 132 -13.63 -5.77 2.31
C LEU A 132 -14.84 -6.69 2.41
N ILE A 133 -14.59 -7.99 2.60
CA ILE A 133 -15.66 -8.97 2.71
C ILE A 133 -16.56 -8.67 3.90
N SER A 134 -15.96 -8.21 5.00
CA SER A 134 -16.70 -7.88 6.21
C SER A 134 -17.51 -6.59 6.02
N MET A 135 -17.06 -5.75 5.09
CA MET A 135 -17.73 -4.49 4.81
C MET A 135 -18.69 -4.63 3.64
N GLU A 136 -18.69 -5.80 3.01
CA GLU A 136 -19.57 -6.07 1.87
C GLU A 136 -19.22 -5.16 0.70
N LEU A 137 -17.92 -4.99 0.45
CA LEU A 137 -17.45 -4.14 -0.64
C LEU A 137 -16.85 -4.99 -1.76
N ALA A 138 -17.16 -4.62 -3.00
CA ALA A 138 -16.64 -5.34 -4.16
C ALA A 138 -15.26 -4.85 -4.54
N LEU A 139 -14.38 -5.79 -4.90
CA LEU A 139 -13.01 -5.45 -5.27
C LEU A 139 -12.64 -6.10 -6.61
N GLU A 140 -12.28 -5.28 -7.58
CA GLU A 140 -11.90 -5.77 -8.90
C GLU A 140 -10.84 -4.87 -9.53
N PRO A 141 -10.11 -5.42 -10.52
CA PRO A 141 -9.06 -4.69 -11.22
C PRO A 141 -9.62 -3.59 -12.12
N SER A 142 -8.73 -2.76 -12.66
CA SER A 142 -9.13 -1.66 -13.52
C SER A 142 -8.70 -1.91 -14.96
N ASP A 143 -9.66 -1.86 -15.87
CA ASP A 143 -9.39 -2.09 -17.29
C ASP A 143 -8.34 -1.10 -17.80
N ASP A 144 -8.22 0.03 -17.12
CA ASP A 144 -7.27 1.07 -17.51
C ASP A 144 -5.97 0.92 -16.72
N PHE A 145 -5.68 -0.29 -16.28
CA PHE A 145 -4.47 -0.56 -15.51
C PHE A 145 -3.34 -1.04 -16.42
N ASN A 146 -2.35 -0.19 -16.63
CA ASN A 146 -1.21 -0.52 -17.48
C ASN A 146 0.10 -0.38 -16.71
N ASP A 147 0.75 -1.52 -16.49
CA ASP A 147 2.02 -1.54 -15.76
C ASP A 147 2.63 -2.94 -15.77
N GLU A 148 3.83 -3.05 -15.22
CA GLU A 148 4.53 -4.33 -15.17
C GLU A 148 4.68 -4.81 -13.73
N PRO A 149 3.56 -5.27 -13.14
CA PRO A 149 3.54 -5.77 -11.75
C PRO A 149 4.29 -7.09 -11.60
N VAL A 150 4.69 -7.39 -10.38
CA VAL A 150 5.41 -8.64 -10.09
C VAL A 150 4.64 -9.84 -10.61
N LYS A 151 5.37 -10.93 -10.86
CA LYS A 151 4.76 -12.16 -11.36
C LYS A 151 4.47 -13.12 -10.21
N LEU A 152 3.23 -13.13 -9.75
CA LEU A 152 2.82 -14.01 -8.66
C LEU A 152 2.88 -15.47 -9.08
N SER A 153 2.63 -15.72 -10.37
CA SER A 153 2.64 -17.07 -10.90
C SER A 153 4.04 -17.45 -11.39
N ALA A 154 4.98 -17.52 -10.46
CA ALA A 154 6.36 -17.87 -10.79
C ALA A 154 6.45 -19.29 -11.35
N MET A 22 -14.93 14.92 8.31
CA MET A 22 -13.99 13.81 8.21
C MET A 22 -14.67 12.57 7.65
N THR A 23 -15.19 12.68 6.44
CA THR A 23 -15.87 11.56 5.79
C THR A 23 -15.42 11.40 4.34
N LEU A 24 -15.52 10.18 3.83
CA LEU A 24 -15.11 9.89 2.46
C LEU A 24 -16.13 10.45 1.46
N PRO A 25 -15.70 10.61 0.20
CA PRO A 25 -16.56 11.12 -0.87
C PRO A 25 -17.66 10.13 -1.26
N SER A 26 -17.40 8.85 -1.04
CA SER A 26 -18.36 7.81 -1.37
C SER A 26 -19.47 7.74 -0.32
N GLY A 27 -19.19 8.29 0.86
CA GLY A 27 -20.17 8.28 1.93
C GLY A 27 -19.79 7.34 3.05
N HIS A 28 -18.57 6.80 3.00
CA HIS A 28 -18.09 5.89 4.02
C HIS A 28 -17.37 6.65 5.13
N PRO A 29 -17.37 6.08 6.34
CA PRO A 29 -16.72 6.67 7.51
C PRO A 29 -15.20 6.67 7.40
N LYS A 30 -14.60 7.84 7.52
CA LYS A 30 -13.15 7.97 7.43
C LYS A 30 -12.48 7.38 8.66
N SER A 31 -12.85 7.88 9.84
CA SER A 31 -12.28 7.40 11.09
C SER A 31 -12.44 5.88 11.21
N ARG A 32 -13.63 5.39 10.90
CA ARG A 32 -13.90 3.96 10.98
C ARG A 32 -13.02 3.18 10.00
N LEU A 33 -12.73 3.79 8.86
CA LEU A 33 -11.89 3.15 7.84
C LEU A 33 -10.43 3.15 8.28
N ILE A 34 -9.94 4.30 8.71
CA ILE A 34 -8.56 4.43 9.15
C ILE A 34 -8.26 3.45 10.29
N LYS A 35 -9.19 3.32 11.21
CA LYS A 35 -9.03 2.42 12.34
C LYS A 35 -9.04 0.97 11.89
N LYS A 36 -9.92 0.65 10.94
CA LYS A 36 -10.02 -0.70 10.42
C LYS A 36 -8.78 -1.08 9.61
N PHE A 37 -8.32 -0.16 8.77
CA PHE A 37 -7.14 -0.38 7.96
C PHE A 37 -5.92 -0.69 8.83
N THR A 38 -5.94 -0.19 10.06
CA THR A 38 -4.84 -0.41 10.99
C THR A 38 -4.68 -1.89 11.31
N ALA A 39 -5.76 -2.66 11.11
CA ALA A 39 -5.73 -4.09 11.37
C ALA A 39 -5.05 -4.85 10.23
N LEU A 40 -4.74 -4.14 9.16
CA LEU A 40 -4.09 -4.75 8.00
C LEU A 40 -2.60 -4.39 7.96
N GLY A 41 -2.14 -3.69 8.98
CA GLY A 41 -0.74 -3.29 9.05
C GLY A 41 -0.50 -2.20 10.07
N PRO A 42 0.52 -1.38 9.82
CA PRO A 42 0.89 -0.28 10.71
C PRO A 42 -0.14 0.85 10.71
N TYR A 43 0.00 1.78 11.65
CA TYR A 43 -0.93 2.90 11.75
C TYR A 43 -0.90 3.75 10.49
N ILE A 44 -2.09 4.08 9.97
CA ILE A 44 -2.20 4.88 8.76
C ILE A 44 -2.00 6.36 9.07
N ARG A 45 -1.35 7.07 8.15
CA ARG A 45 -1.11 8.50 8.32
C ARG A 45 -2.32 9.33 7.93
N GLU A 46 -3.16 9.64 8.91
CA GLU A 46 -4.37 10.42 8.67
C GLU A 46 -4.04 11.70 7.90
N GLY A 47 -2.85 12.24 8.13
CA GLY A 47 -2.44 13.45 7.46
C GLY A 47 -3.23 14.66 7.91
N GLN A 48 -2.64 15.85 7.77
CA GLN A 48 -3.30 17.09 8.16
C GLN A 48 -4.17 17.62 7.04
N CYS A 49 -3.60 17.69 5.84
CA CYS A 49 -4.33 18.18 4.68
C CYS A 49 -5.58 17.35 4.42
N GLU A 50 -6.52 17.92 3.67
CA GLU A 50 -7.77 17.23 3.36
C GLU A 50 -7.64 16.44 2.06
N ASP A 51 -7.18 15.20 2.16
CA ASP A 51 -7.01 14.34 1.00
C ASP A 51 -7.97 13.16 1.05
N ASN A 52 -8.35 12.65 -0.13
CA ASN A 52 -9.26 11.52 -0.22
C ASN A 52 -8.51 10.25 -0.58
N ARG A 53 -7.35 10.06 0.02
CA ARG A 53 -6.53 8.87 -0.24
C ARG A 53 -5.94 8.32 1.05
N PHE A 54 -5.60 7.03 1.03
CA PHE A 54 -5.03 6.38 2.20
C PHE A 54 -3.58 5.99 1.95
N PHE A 55 -2.68 6.49 2.80
CA PHE A 55 -1.27 6.20 2.66
C PHE A 55 -0.87 5.00 3.53
N PHE A 56 0.13 4.26 3.08
CA PHE A 56 0.60 3.08 3.81
C PHE A 56 2.09 2.86 3.58
N ASP A 57 2.86 2.96 4.65
CA ASP A 57 4.31 2.77 4.58
C ASP A 57 4.71 1.45 5.21
N CYS A 58 5.19 0.52 4.37
CA CYS A 58 5.61 -0.79 4.83
C CYS A 58 7.13 -0.92 4.81
N LEU A 59 7.71 -1.34 5.93
CA LEU A 59 9.15 -1.50 6.03
C LEU A 59 9.54 -2.98 5.99
N ALA A 60 9.80 -3.48 4.78
CA ALA A 60 10.18 -4.88 4.61
C ALA A 60 11.67 -5.07 4.85
N VAL A 61 12.49 -4.56 3.93
CA VAL A 61 13.94 -4.68 4.05
C VAL A 61 14.61 -3.31 3.95
N CYS A 62 15.82 -3.21 4.49
CA CYS A 62 16.57 -1.97 4.45
C CYS A 62 17.42 -1.87 3.18
N VAL A 63 17.41 -0.70 2.55
CA VAL A 63 18.18 -0.49 1.34
C VAL A 63 19.66 -0.78 1.56
N ASN A 64 20.17 -0.39 2.73
CA ASN A 64 21.56 -0.61 3.07
C ASN A 64 21.87 -0.11 4.48
N VAL A 65 23.06 -0.42 4.96
CA VAL A 65 23.48 0.00 6.30
C VAL A 65 24.91 0.54 6.28
N LYS A 66 25.42 0.80 5.09
CA LYS A 66 26.78 1.32 4.94
C LYS A 66 26.88 2.74 5.49
N PRO A 67 26.06 3.65 4.94
CA PRO A 67 26.04 5.04 5.36
C PRO A 67 25.46 5.23 6.76
N ALA A 68 25.25 6.48 7.15
CA ALA A 68 24.69 6.78 8.47
C ALA A 68 23.22 6.43 8.54
N PRO A 69 22.70 6.27 9.76
CA PRO A 69 21.29 5.93 9.99
C PRO A 69 20.36 7.09 9.64
N GLU A 70 20.89 8.30 9.68
CA GLU A 70 20.09 9.49 9.37
C GLU A 70 19.62 9.45 7.92
N LYS A 71 20.32 8.70 7.08
CA LYS A 71 19.96 8.57 5.67
C LYS A 71 19.50 7.17 5.35
N ARG A 72 19.15 6.41 6.38
CA ARG A 72 18.69 5.04 6.19
C ARG A 72 17.29 5.01 5.58
N GLU A 73 17.06 4.02 4.72
CA GLU A 73 15.76 3.88 4.05
C GLU A 73 15.30 2.43 4.05
N PHE A 74 14.03 2.21 3.72
CA PHE A 74 13.47 0.87 3.68
C PHE A 74 12.61 0.68 2.43
N TRP A 75 12.61 -0.53 1.90
CA TRP A 75 11.84 -0.85 0.71
C TRP A 75 10.38 -1.11 1.07
N GLY A 76 9.49 -0.91 0.09
CA GLY A 76 8.07 -1.13 0.32
C GLY A 76 7.20 -0.49 -0.74
N TRP A 77 6.04 -1.09 -0.99
CA TRP A 77 5.12 -0.57 -1.99
C TRP A 77 3.82 -0.09 -1.34
N TRP A 78 3.41 1.12 -1.68
CA TRP A 78 2.18 1.69 -1.13
C TRP A 78 0.99 1.40 -2.03
N MET A 79 -0.19 1.79 -1.57
CA MET A 79 -1.41 1.56 -2.34
C MET A 79 -2.41 2.70 -2.15
N GLU A 80 -2.71 3.41 -3.23
CA GLU A 80 -3.64 4.52 -3.18
C GLU A 80 -4.99 4.13 -3.75
N LEU A 81 -6.01 4.07 -2.89
CA LEU A 81 -7.35 3.72 -3.32
C LEU A 81 -8.39 4.66 -2.70
N GLU A 82 -9.56 4.70 -3.30
CA GLU A 82 -10.65 5.55 -2.81
C GLU A 82 -11.98 4.82 -2.84
N ALA A 83 -12.67 4.80 -1.70
CA ALA A 83 -13.95 4.13 -1.59
C ALA A 83 -14.88 4.55 -2.73
N GLN A 84 -15.30 3.58 -3.54
CA GLN A 84 -16.18 3.84 -4.65
C GLN A 84 -17.63 4.03 -4.18
N GLU A 85 -18.52 4.37 -5.11
CA GLU A 85 -19.92 4.58 -4.77
C GLU A 85 -20.48 3.40 -4.00
N LYS A 86 -20.52 2.24 -4.65
CA LYS A 86 -21.03 1.02 -4.03
C LYS A 86 -20.02 -0.12 -4.15
N ARG A 87 -18.74 0.21 -4.05
CA ARG A 87 -17.68 -0.78 -4.15
C ARG A 87 -16.33 -0.19 -3.74
N PHE A 88 -15.29 -1.01 -3.80
CA PHE A 88 -13.95 -0.57 -3.43
C PHE A 88 -12.92 -1.07 -4.43
N THR A 89 -11.90 -0.26 -4.67
CA THR A 89 -10.84 -0.61 -5.61
C THR A 89 -9.46 -0.49 -4.96
N TYR A 90 -8.46 -1.09 -5.60
CA TYR A 90 -7.10 -1.05 -5.08
C TYR A 90 -6.08 -1.17 -6.22
N ARG A 91 -4.97 -0.44 -6.07
CA ARG A 91 -3.92 -0.46 -7.08
C ARG A 91 -2.57 -0.79 -6.46
N TYR A 92 -1.63 -1.23 -7.29
CA TYR A 92 -0.30 -1.59 -6.83
C TYR A 92 0.74 -0.58 -7.31
N GLN A 93 1.44 0.05 -6.37
CA GLN A 93 2.46 1.03 -6.70
C GLN A 93 3.72 0.81 -5.87
N PHE A 94 4.83 0.54 -6.54
CA PHE A 94 6.11 0.31 -5.86
C PHE A 94 6.89 1.61 -5.72
N GLY A 95 7.89 1.59 -4.85
CA GLY A 95 8.71 2.77 -4.63
C GLY A 95 9.49 2.70 -3.34
N LEU A 96 10.02 3.84 -2.91
CA LEU A 96 10.80 3.91 -1.67
C LEU A 96 10.19 4.91 -0.70
N PHE A 97 10.26 4.59 0.59
CA PHE A 97 9.72 5.46 1.63
C PHE A 97 10.84 6.09 2.44
N ASP A 98 11.15 7.35 2.14
CA ASP A 98 12.21 8.07 2.84
C ASP A 98 11.71 8.60 4.18
N LYS A 99 12.62 9.12 4.98
CA LYS A 99 12.27 9.65 6.30
C LYS A 99 11.24 10.77 6.18
N GLU A 100 11.27 11.47 5.04
CA GLU A 100 10.34 12.56 4.81
C GLU A 100 9.05 12.05 4.16
N GLY A 101 9.07 10.79 3.73
CA GLY A 101 7.91 10.20 3.10
C GLY A 101 7.68 10.73 1.70
N ASN A 102 8.72 11.31 1.11
CA ASN A 102 8.63 11.86 -0.24
C ASN A 102 8.71 10.76 -1.28
N TRP A 103 7.68 10.66 -2.11
CA TRP A 103 7.63 9.64 -3.15
C TRP A 103 8.80 9.79 -4.12
N THR A 104 9.61 8.75 -4.25
CA THR A 104 10.76 8.77 -5.14
C THR A 104 11.00 7.39 -5.75
N VAL A 105 10.83 7.31 -7.07
CA VAL A 105 11.03 6.05 -7.79
C VAL A 105 12.50 5.68 -7.83
N VAL A 106 12.84 4.53 -7.25
CA VAL A 106 14.22 4.06 -7.23
C VAL A 106 14.31 2.59 -7.61
N PRO A 107 15.49 2.16 -8.07
CA PRO A 107 15.73 0.78 -8.48
C PRO A 107 15.73 -0.19 -7.31
N ILE A 108 15.25 -1.41 -7.55
CA ILE A 108 15.19 -2.43 -6.51
C ILE A 108 16.40 -3.36 -6.58
N ASN A 109 16.83 -3.82 -5.42
CA ASN A 109 17.99 -4.72 -5.34
C ASN A 109 17.75 -5.98 -6.19
N GLU A 110 18.70 -6.90 -6.13
CA GLU A 110 18.60 -8.14 -6.89
C GLU A 110 17.25 -8.82 -6.64
N THR A 111 16.95 -9.84 -7.45
CA THR A 111 15.70 -10.57 -7.31
C THR A 111 15.49 -11.06 -5.89
N GLU A 112 16.59 -11.28 -5.18
CA GLU A 112 16.54 -11.77 -3.80
C GLU A 112 15.65 -10.86 -2.95
N VAL A 113 15.78 -9.55 -3.15
CA VAL A 113 14.99 -8.58 -2.40
C VAL A 113 13.59 -8.45 -2.99
N VAL A 114 13.52 -8.28 -4.31
CA VAL A 114 12.24 -8.15 -4.99
C VAL A 114 11.29 -9.27 -4.61
N GLU A 115 11.85 -10.45 -4.36
CA GLU A 115 11.04 -11.62 -3.99
C GLU A 115 10.34 -11.39 -2.65
N ARG A 116 11.01 -10.69 -1.74
CA ARG A 116 10.45 -10.41 -0.43
C ARG A 116 9.20 -9.53 -0.56
N LEU A 117 9.30 -8.48 -1.37
CA LEU A 117 8.18 -7.58 -1.57
C LEU A 117 7.07 -8.24 -2.39
N GLU A 118 7.47 -9.07 -3.35
CA GLU A 118 6.51 -9.77 -4.20
C GLU A 118 5.60 -10.66 -3.36
N TYR A 119 6.19 -11.34 -2.39
CA TYR A 119 5.43 -12.23 -1.51
C TYR A 119 4.42 -11.46 -0.67
N THR A 120 4.82 -10.27 -0.23
CA THR A 120 3.96 -9.42 0.58
C THR A 120 2.85 -8.80 -0.26
N LEU A 121 3.13 -8.61 -1.55
CA LEU A 121 2.14 -8.02 -2.46
C LEU A 121 0.89 -8.89 -2.54
N ARG A 122 1.08 -10.19 -2.72
CA ARG A 122 -0.03 -11.12 -2.81
C ARG A 122 -0.73 -11.27 -1.46
N GLU A 123 0.05 -11.20 -0.39
CA GLU A 123 -0.48 -11.34 0.96
C GLU A 123 -1.27 -10.09 1.35
N PHE A 124 -0.89 -8.95 0.79
CA PHE A 124 -1.56 -7.68 1.08
C PHE A 124 -3.00 -7.71 0.61
N HIS A 125 -3.21 -8.21 -0.62
CA HIS A 125 -4.54 -8.28 -1.20
C HIS A 125 -5.37 -9.36 -0.48
N GLU A 126 -4.70 -10.41 -0.03
CA GLU A 126 -5.38 -11.49 0.67
C GLU A 126 -5.92 -11.03 2.02
N LYS A 127 -5.08 -10.34 2.79
CA LYS A 127 -5.47 -9.83 4.10
C LYS A 127 -6.53 -8.75 3.97
N LEU A 128 -6.45 -7.97 2.89
CA LEU A 128 -7.40 -6.89 2.65
C LEU A 128 -8.77 -7.46 2.26
N ARG A 129 -8.77 -8.58 1.56
CA ARG A 129 -10.00 -9.21 1.13
C ARG A 129 -10.95 -9.42 2.32
N ASP A 130 -10.39 -9.86 3.43
CA ASP A 130 -11.18 -10.09 4.64
C ASP A 130 -11.81 -8.79 5.14
N LEU A 131 -11.07 -7.70 5.03
CA LEU A 131 -11.55 -6.40 5.46
C LEU A 131 -12.67 -5.90 4.56
N LEU A 132 -12.42 -5.92 3.25
CA LEU A 132 -13.41 -5.47 2.27
C LEU A 132 -14.65 -6.36 2.31
N ILE A 133 -14.44 -7.66 2.48
CA ILE A 133 -15.54 -8.61 2.54
C ILE A 133 -16.41 -8.37 3.76
N SER A 134 -15.80 -7.89 4.84
CA SER A 134 -16.52 -7.62 6.07
C SER A 134 -17.38 -6.37 5.93
N MET A 135 -17.00 -5.49 5.02
CA MET A 135 -17.74 -4.25 4.78
C MET A 135 -18.78 -4.44 3.68
N GLU A 136 -18.81 -5.63 3.09
CA GLU A 136 -19.76 -5.94 2.03
C GLU A 136 -19.50 -5.07 0.81
N LEU A 137 -18.23 -4.96 0.42
CA LEU A 137 -17.86 -4.15 -0.74
C LEU A 137 -17.49 -5.04 -1.92
N ALA A 138 -17.27 -4.42 -3.07
CA ALA A 138 -16.91 -5.15 -4.28
C ALA A 138 -15.40 -5.21 -4.46
N LEU A 139 -14.91 -6.26 -5.13
CA LEU A 139 -13.49 -6.42 -5.37
C LEU A 139 -13.20 -6.55 -6.86
N GLU A 140 -12.52 -5.55 -7.41
CA GLU A 140 -12.18 -5.55 -8.83
C GLU A 140 -10.69 -5.32 -9.03
N PRO A 141 -10.17 -5.76 -10.19
CA PRO A 141 -8.75 -5.62 -10.53
C PRO A 141 -8.36 -4.17 -10.79
N SER A 142 -7.06 -3.93 -10.91
CA SER A 142 -6.56 -2.58 -11.16
C SER A 142 -6.78 -2.18 -12.62
N ASP A 143 -7.12 -0.91 -12.83
CA ASP A 143 -7.36 -0.40 -14.18
C ASP A 143 -6.15 -0.64 -15.08
N ASP A 144 -4.97 -0.74 -14.46
CA ASP A 144 -3.74 -0.96 -15.21
C ASP A 144 -3.38 -2.44 -15.23
N PHE A 145 -4.39 -3.30 -15.10
CA PHE A 145 -4.20 -4.74 -15.11
C PHE A 145 -4.79 -5.37 -16.36
N ASN A 146 -3.93 -5.82 -17.26
CA ASN A 146 -4.37 -6.44 -18.51
C ASN A 146 -3.90 -7.89 -18.58
N ASP A 147 -2.59 -8.08 -18.68
CA ASP A 147 -2.02 -9.43 -18.76
C ASP A 147 -0.56 -9.42 -18.34
N GLU A 148 0.06 -10.60 -18.32
CA GLU A 148 1.46 -10.72 -17.93
C GLU A 148 1.68 -10.17 -16.52
N PRO A 149 1.13 -10.87 -15.52
CA PRO A 149 1.26 -10.47 -14.12
C PRO A 149 2.68 -10.65 -13.59
N VAL A 150 3.00 -9.93 -12.52
CA VAL A 150 4.33 -10.00 -11.92
C VAL A 150 4.66 -11.44 -11.52
N LYS A 151 5.78 -11.95 -12.03
CA LYS A 151 6.22 -13.31 -11.73
C LYS A 151 6.54 -13.46 -10.24
N LEU A 152 5.60 -13.98 -9.48
CA LEU A 152 5.78 -14.17 -8.04
C LEU A 152 6.95 -15.11 -7.76
N SER A 153 7.12 -16.11 -8.63
CA SER A 153 8.20 -17.07 -8.48
C SER A 153 9.36 -16.75 -9.42
N ALA A 154 9.98 -15.60 -9.20
CA ALA A 154 11.11 -15.17 -10.03
C ALA A 154 12.20 -14.53 -9.19
N MET A 22 -13.68 15.55 6.02
CA MET A 22 -13.06 14.53 6.83
C MET A 22 -13.36 13.13 6.29
N THR A 23 -14.64 12.88 6.01
CA THR A 23 -15.06 11.59 5.49
C THR A 23 -14.69 11.45 4.01
N LEU A 24 -14.65 10.21 3.54
CA LEU A 24 -14.32 9.94 2.14
C LEU A 24 -15.37 10.53 1.21
N PRO A 25 -14.96 10.83 -0.03
CA PRO A 25 -15.84 11.40 -1.05
C PRO A 25 -16.89 10.40 -1.53
N SER A 26 -16.64 9.12 -1.27
CA SER A 26 -17.55 8.06 -1.69
C SER A 26 -18.72 7.95 -0.72
N GLY A 27 -18.56 8.52 0.47
CA GLY A 27 -19.62 8.46 1.46
C GLY A 27 -19.28 7.55 2.63
N HIS A 28 -18.04 7.06 2.65
CA HIS A 28 -17.60 6.16 3.71
C HIS A 28 -16.88 6.94 4.81
N PRO A 29 -16.98 6.44 6.05
CA PRO A 29 -16.35 7.07 7.21
C PRO A 29 -14.83 6.95 7.18
N LYS A 30 -14.14 8.08 7.31
CA LYS A 30 -12.68 8.10 7.31
C LYS A 30 -12.12 7.46 8.57
N SER A 31 -12.85 7.61 9.67
CA SER A 31 -12.42 7.04 10.94
C SER A 31 -12.49 5.51 10.91
N ARG A 32 -13.61 4.99 10.42
CA ARG A 32 -13.80 3.55 10.34
C ARG A 32 -12.77 2.92 9.40
N LEU A 33 -12.50 3.58 8.29
CA LEU A 33 -11.55 3.08 7.32
C LEU A 33 -10.16 2.94 7.94
N ILE A 34 -9.71 3.99 8.62
CA ILE A 34 -8.41 3.99 9.27
C ILE A 34 -8.34 2.93 10.36
N LYS A 35 -9.36 2.91 11.22
CA LYS A 35 -9.42 1.94 12.31
C LYS A 35 -9.47 0.52 11.77
N LYS A 36 -10.14 0.33 10.63
CA LYS A 36 -10.25 -0.98 10.01
C LYS A 36 -8.93 -1.40 9.38
N PHE A 37 -8.36 -0.52 8.57
CA PHE A 37 -7.09 -0.80 7.90
C PHE A 37 -6.00 -1.09 8.92
N THR A 38 -6.12 -0.49 10.10
CA THR A 38 -5.13 -0.67 11.16
C THR A 38 -5.02 -2.14 11.56
N ALA A 39 -6.08 -2.91 11.27
CA ALA A 39 -6.11 -4.32 11.59
C ALA A 39 -5.33 -5.14 10.55
N LEU A 40 -4.91 -4.47 9.49
CA LEU A 40 -4.16 -5.14 8.43
C LEU A 40 -2.68 -4.77 8.49
N GLY A 41 -2.31 -4.01 9.52
CA GLY A 41 -0.94 -3.60 9.68
C GLY A 41 -0.77 -2.49 10.70
N PRO A 42 0.27 -1.66 10.51
CA PRO A 42 0.55 -0.54 11.42
C PRO A 42 -0.48 0.57 11.31
N TYR A 43 -0.44 1.51 12.25
CA TYR A 43 -1.37 2.63 12.25
C TYR A 43 -1.22 3.48 11.00
N ILE A 44 -2.32 3.64 10.27
CA ILE A 44 -2.31 4.43 9.04
C ILE A 44 -2.19 5.92 9.35
N ARG A 45 -1.37 6.61 8.56
CA ARG A 45 -1.17 8.05 8.76
C ARG A 45 -2.27 8.85 8.07
N GLU A 46 -3.22 9.34 8.86
CA GLU A 46 -4.33 10.12 8.34
C GLU A 46 -3.82 11.30 7.51
N GLY A 47 -4.11 11.27 6.20
CA GLY A 47 -3.67 12.34 5.33
C GLY A 47 -4.10 13.71 5.82
N GLN A 48 -3.66 14.75 5.13
CA GLN A 48 -4.01 16.12 5.50
C GLN A 48 -5.52 16.31 5.54
N CYS A 49 -5.95 17.53 5.86
CA CYS A 49 -7.38 17.84 5.92
C CYS A 49 -8.08 17.43 4.64
N GLU A 50 -7.48 17.77 3.50
CA GLU A 50 -8.05 17.44 2.21
C GLU A 50 -7.46 16.15 1.66
N ASP A 51 -7.72 15.05 2.36
CA ASP A 51 -7.20 13.74 1.95
C ASP A 51 -8.04 13.16 0.81
N ASN A 52 -7.38 12.45 -0.10
CA ASN A 52 -8.06 11.85 -1.24
C ASN A 52 -7.74 10.37 -1.34
N ARG A 53 -6.45 10.06 -1.42
CA ARG A 53 -6.00 8.66 -1.52
C ARG A 53 -5.25 8.25 -0.26
N PHE A 54 -5.19 6.94 -0.03
CA PHE A 54 -4.50 6.40 1.14
C PHE A 54 -3.06 6.03 0.80
N PHE A 55 -2.20 6.07 1.81
CA PHE A 55 -0.79 5.74 1.62
C PHE A 55 -0.23 4.99 2.84
N PHE A 56 0.23 3.77 2.61
CA PHE A 56 0.79 2.95 3.69
C PHE A 56 2.28 2.74 3.49
N ASP A 57 3.02 2.74 4.60
CA ASP A 57 4.47 2.55 4.54
C ASP A 57 4.85 1.16 5.05
N CYS A 58 5.36 0.32 4.15
CA CYS A 58 5.76 -1.03 4.51
C CYS A 58 7.28 -1.16 4.55
N LEU A 59 7.79 -1.69 5.65
CA LEU A 59 9.23 -1.85 5.81
C LEU A 59 9.61 -3.33 5.79
N ALA A 60 10.25 -3.75 4.71
CA ALA A 60 10.67 -5.14 4.56
C ALA A 60 12.17 -5.29 4.78
N VAL A 61 12.96 -4.76 3.83
CA VAL A 61 14.41 -4.84 3.92
C VAL A 61 15.04 -3.49 3.59
N CYS A 62 16.13 -3.17 4.28
CA CYS A 62 16.83 -1.91 4.06
C CYS A 62 17.63 -1.95 2.76
N VAL A 63 17.89 -0.77 2.20
CA VAL A 63 18.65 -0.68 0.95
C VAL A 63 20.15 -0.79 1.20
N ASN A 64 20.64 0.02 2.14
CA ASN A 64 22.06 0.02 2.47
C ASN A 64 22.28 0.46 3.92
N VAL A 65 23.50 0.27 4.42
CA VAL A 65 23.84 0.65 5.78
C VAL A 65 24.96 1.67 5.79
N LYS A 66 25.57 1.91 4.63
CA LYS A 66 26.66 2.86 4.52
C LYS A 66 26.27 4.21 5.13
N PRO A 67 25.18 4.80 4.61
CA PRO A 67 24.68 6.10 5.10
C PRO A 67 24.08 6.00 6.49
N ALA A 68 23.99 7.15 7.17
CA ALA A 68 23.43 7.18 8.52
C ALA A 68 22.07 6.50 8.56
N PRO A 69 21.65 6.11 9.78
CA PRO A 69 20.37 5.43 10.00
C PRO A 69 19.18 6.36 9.77
N GLU A 70 19.33 7.62 10.16
CA GLU A 70 18.27 8.60 10.01
C GLU A 70 17.96 8.85 8.53
N LYS A 71 18.95 8.59 7.68
CA LYS A 71 18.79 8.77 6.24
C LYS A 71 18.78 7.43 5.52
N ARG A 72 18.57 6.36 6.27
CA ARG A 72 18.55 5.02 5.71
C ARG A 72 17.19 4.72 5.07
N GLU A 73 17.20 4.43 3.78
CA GLU A 73 15.97 4.14 3.05
C GLU A 73 15.68 2.63 3.06
N PHE A 74 14.41 2.29 3.17
CA PHE A 74 13.99 0.88 3.20
C PHE A 74 13.08 0.57 2.02
N TRP A 75 13.06 -0.71 1.63
CA TRP A 75 12.23 -1.15 0.51
C TRP A 75 10.79 -1.35 0.95
N GLY A 76 9.85 -0.89 0.14
CA GLY A 76 8.44 -1.04 0.46
C GLY A 76 7.53 -0.60 -0.66
N TRP A 77 6.26 -0.93 -0.56
CA TRP A 77 5.28 -0.57 -1.59
C TRP A 77 4.02 0.02 -0.96
N TRP A 78 3.61 1.19 -1.44
CA TRP A 78 2.42 1.85 -0.93
C TRP A 78 1.19 1.46 -1.73
N MET A 79 0.01 1.79 -1.20
CA MET A 79 -1.24 1.48 -1.88
C MET A 79 -2.18 2.68 -1.88
N GLU A 80 -2.49 3.18 -3.07
CA GLU A 80 -3.38 4.33 -3.20
C GLU A 80 -4.68 3.94 -3.88
N LEU A 81 -5.78 4.01 -3.13
CA LEU A 81 -7.09 3.66 -3.65
C LEU A 81 -8.14 4.70 -3.26
N GLU A 82 -9.24 4.74 -3.99
CA GLU A 82 -10.31 5.69 -3.72
C GLU A 82 -11.65 4.98 -3.59
N ALA A 83 -12.19 4.96 -2.38
CA ALA A 83 -13.47 4.32 -2.12
C ALA A 83 -14.53 4.79 -3.10
N GLN A 84 -15.38 3.87 -3.54
CA GLN A 84 -16.44 4.19 -4.49
C GLN A 84 -17.81 4.17 -3.80
N GLU A 85 -18.85 4.44 -4.57
CA GLU A 85 -20.21 4.45 -4.03
C GLU A 85 -20.52 3.14 -3.32
N LYS A 86 -20.53 2.05 -4.07
CA LYS A 86 -20.82 0.73 -3.50
C LYS A 86 -19.76 -0.29 -3.93
N ARG A 87 -18.51 0.13 -3.94
CA ARG A 87 -17.41 -0.74 -4.33
C ARG A 87 -16.08 -0.24 -3.76
N PHE A 88 -15.01 -0.97 -4.06
CA PHE A 88 -13.68 -0.60 -3.57
C PHE A 88 -12.60 -1.01 -4.58
N THR A 89 -11.69 -0.09 -4.85
CA THR A 89 -10.61 -0.34 -5.80
C THR A 89 -9.27 -0.42 -5.09
N TYR A 90 -8.27 -0.97 -5.76
CA TYR A 90 -6.93 -1.10 -5.20
C TYR A 90 -5.88 -1.16 -6.30
N ARG A 91 -4.72 -0.55 -6.03
CA ARG A 91 -3.63 -0.53 -6.99
C ARG A 91 -2.38 -1.17 -6.41
N TYR A 92 -1.67 -1.95 -7.22
CA TYR A 92 -0.45 -2.61 -6.77
C TYR A 92 0.76 -2.09 -7.54
N GLN A 93 1.55 -1.26 -6.87
CA GLN A 93 2.74 -0.68 -7.48
C GLN A 93 3.93 -0.72 -6.51
N PHE A 94 5.12 -0.90 -7.06
CA PHE A 94 6.33 -0.95 -6.24
C PHE A 94 6.99 0.42 -6.15
N GLY A 95 7.84 0.59 -5.14
CA GLY A 95 8.52 1.86 -4.95
C GLY A 95 9.45 1.85 -3.75
N LEU A 96 9.78 3.03 -3.26
CA LEU A 96 10.67 3.15 -2.11
C LEU A 96 10.11 4.13 -1.08
N PHE A 97 10.35 3.86 0.20
CA PHE A 97 9.86 4.72 1.27
C PHE A 97 11.01 5.49 1.91
N ASP A 98 11.11 6.78 1.59
CA ASP A 98 12.16 7.62 2.14
C ASP A 98 11.76 8.17 3.50
N LYS A 99 12.66 8.94 4.11
CA LYS A 99 12.40 9.54 5.42
C LYS A 99 11.44 10.73 5.30
N GLU A 100 11.48 11.40 4.16
CA GLU A 100 10.62 12.54 3.92
C GLU A 100 9.22 12.09 3.50
N GLY A 101 9.07 10.81 3.22
CA GLY A 101 7.79 10.28 2.81
C GLY A 101 7.39 10.75 1.42
N ASN A 102 8.36 11.19 0.64
CA ASN A 102 8.11 11.66 -0.72
C ASN A 102 8.21 10.51 -1.72
N TRP A 103 7.38 10.58 -2.77
CA TRP A 103 7.38 9.55 -3.80
C TRP A 103 8.66 9.59 -4.62
N THR A 104 9.37 8.46 -4.63
CA THR A 104 10.63 8.37 -5.38
C THR A 104 10.77 7.00 -6.04
N VAL A 105 10.99 7.00 -7.35
CA VAL A 105 11.15 5.77 -8.10
C VAL A 105 12.61 5.32 -8.15
N VAL A 106 12.87 4.11 -7.66
CA VAL A 106 14.23 3.58 -7.64
C VAL A 106 14.22 2.08 -7.94
N PRO A 107 15.37 1.58 -8.43
CA PRO A 107 15.53 0.16 -8.76
C PRO A 107 15.54 -0.74 -7.52
N ILE A 108 15.10 -1.98 -7.69
CA ILE A 108 15.06 -2.93 -6.60
C ILE A 108 16.29 -3.83 -6.59
N ASN A 109 16.75 -4.20 -5.41
CA ASN A 109 17.92 -5.05 -5.27
C ASN A 109 17.71 -6.38 -6.00
N GLU A 110 18.68 -7.28 -5.87
CA GLU A 110 18.60 -8.58 -6.52
C GLU A 110 17.27 -9.26 -6.23
N THR A 111 16.98 -10.33 -6.97
CA THR A 111 15.73 -11.06 -6.79
C THR A 111 15.53 -11.48 -5.33
N GLU A 112 16.64 -11.64 -4.61
CA GLU A 112 16.59 -12.03 -3.21
C GLU A 112 15.70 -11.08 -2.42
N VAL A 113 15.83 -9.79 -2.70
CA VAL A 113 15.02 -8.78 -2.01
C VAL A 113 13.62 -8.70 -2.59
N VAL A 114 13.53 -8.62 -3.92
CA VAL A 114 12.24 -8.53 -4.60
C VAL A 114 11.31 -9.65 -4.14
N GLU A 115 11.89 -10.81 -3.83
CA GLU A 115 11.10 -11.95 -3.38
C GLU A 115 10.41 -11.64 -2.05
N ARG A 116 11.10 -10.91 -1.18
CA ARG A 116 10.54 -10.55 0.12
C ARG A 116 9.36 -9.60 -0.04
N LEU A 117 9.53 -8.59 -0.87
CA LEU A 117 8.47 -7.60 -1.11
C LEU A 117 7.33 -8.22 -1.92
N GLU A 118 7.67 -9.12 -2.83
CA GLU A 118 6.68 -9.78 -3.66
C GLU A 118 5.70 -10.57 -2.82
N TYR A 119 6.22 -11.37 -1.90
CA TYR A 119 5.39 -12.19 -1.02
C TYR A 119 4.46 -11.31 -0.18
N THR A 120 5.04 -10.30 0.48
CA THR A 120 4.28 -9.40 1.32
C THR A 120 3.21 -8.67 0.50
N LEU A 121 3.50 -8.44 -0.78
CA LEU A 121 2.57 -7.76 -1.66
C LEU A 121 1.40 -8.66 -2.03
N ARG A 122 1.71 -9.91 -2.37
CA ARG A 122 0.68 -10.87 -2.74
C ARG A 122 -0.17 -11.26 -1.53
N GLU A 123 0.51 -11.61 -0.44
CA GLU A 123 -0.19 -12.01 0.78
C GLU A 123 -1.10 -10.89 1.28
N PHE A 124 -0.73 -9.65 0.98
CA PHE A 124 -1.51 -8.49 1.38
C PHE A 124 -2.88 -8.50 0.73
N HIS A 125 -2.93 -8.98 -0.51
CA HIS A 125 -4.19 -9.05 -1.26
C HIS A 125 -5.18 -10.00 -0.57
N GLU A 126 -4.65 -11.03 0.07
CA GLU A 126 -5.49 -12.01 0.76
C GLU A 126 -6.07 -11.42 2.03
N LYS A 127 -5.22 -10.77 2.82
CA LYS A 127 -5.66 -10.15 4.07
C LYS A 127 -6.63 -9.01 3.80
N LEU A 128 -6.43 -8.32 2.68
CA LEU A 128 -7.29 -7.20 2.31
C LEU A 128 -8.71 -7.67 2.01
N ARG A 129 -8.81 -8.83 1.37
CA ARG A 129 -10.12 -9.40 1.02
C ARG A 129 -10.99 -9.55 2.27
N ASP A 130 -10.41 -10.12 3.32
CA ASP A 130 -11.14 -10.33 4.57
C ASP A 130 -11.67 -9.00 5.11
N LEU A 131 -10.83 -7.98 5.09
CA LEU A 131 -11.21 -6.66 5.57
C LEU A 131 -12.43 -6.14 4.81
N LEU A 132 -12.33 -6.14 3.49
CA LEU A 132 -13.41 -5.66 2.63
C LEU A 132 -14.68 -6.48 2.85
N ILE A 133 -14.50 -7.77 3.14
CA ILE A 133 -15.63 -8.66 3.38
C ILE A 133 -16.44 -8.22 4.58
N SER A 134 -15.77 -7.64 5.57
CA SER A 134 -16.43 -7.16 6.78
C SER A 134 -17.38 -6.01 6.46
N MET A 135 -17.04 -5.23 5.45
CA MET A 135 -17.86 -4.09 5.03
C MET A 135 -18.77 -4.47 3.87
N GLU A 136 -18.63 -5.71 3.40
CA GLU A 136 -19.45 -6.20 2.28
C GLU A 136 -19.17 -5.40 1.01
N LEU A 137 -17.89 -5.21 0.71
CA LEU A 137 -17.48 -4.45 -0.46
C LEU A 137 -17.00 -5.40 -1.56
N ALA A 138 -17.11 -4.95 -2.80
CA ALA A 138 -16.69 -5.75 -3.95
C ALA A 138 -15.26 -5.41 -4.35
N LEU A 139 -14.62 -6.33 -5.08
CA LEU A 139 -13.25 -6.13 -5.53
C LEU A 139 -13.18 -6.11 -7.05
N GLU A 140 -12.47 -5.12 -7.60
CA GLU A 140 -12.32 -4.99 -9.04
C GLU A 140 -11.07 -4.20 -9.39
N PRO A 141 -10.57 -4.39 -10.61
CA PRO A 141 -9.37 -3.70 -11.10
C PRO A 141 -9.59 -2.21 -11.32
N SER A 142 -8.52 -1.48 -11.56
CA SER A 142 -8.60 -0.04 -11.79
C SER A 142 -8.26 0.30 -13.24
N ASP A 143 -8.27 1.59 -13.55
CA ASP A 143 -7.97 2.05 -14.90
C ASP A 143 -6.46 2.07 -15.14
N ASP A 144 -5.70 2.16 -14.06
CA ASP A 144 -4.24 2.19 -14.15
C ASP A 144 -3.68 0.80 -14.44
N PHE A 145 -4.55 -0.20 -14.36
CA PHE A 145 -4.15 -1.59 -14.62
C PHE A 145 -4.32 -1.94 -16.09
N ASN A 146 -3.21 -2.06 -16.81
CA ASN A 146 -3.24 -2.40 -18.22
C ASN A 146 -3.09 -3.91 -18.42
N ASP A 147 -1.88 -4.40 -18.24
CA ASP A 147 -1.59 -5.83 -18.40
C ASP A 147 -0.15 -6.14 -18.02
N GLU A 148 0.22 -7.42 -18.10
CA GLU A 148 1.57 -7.85 -17.76
C GLU A 148 1.88 -7.55 -16.30
N PRO A 149 1.20 -8.25 -15.39
CA PRO A 149 1.39 -8.07 -13.95
C PRO A 149 2.75 -8.59 -13.47
N VAL A 150 3.19 -8.09 -12.32
CA VAL A 150 4.47 -8.50 -11.76
C VAL A 150 4.56 -10.02 -11.64
N LYS A 151 5.73 -10.57 -11.95
CA LYS A 151 5.95 -12.00 -11.87
C LYS A 151 5.90 -12.49 -10.44
N LEU A 152 4.74 -13.00 -10.03
CA LEU A 152 4.57 -13.51 -8.67
C LEU A 152 5.30 -14.83 -8.48
N SER A 153 5.33 -15.64 -9.53
CA SER A 153 5.99 -16.94 -9.47
C SER A 153 7.34 -16.89 -10.19
N ALA A 154 8.11 -15.85 -9.90
CA ALA A 154 9.43 -15.68 -10.52
C ALA A 154 9.35 -15.83 -12.02
N MET A 22 -13.68 15.37 7.76
CA MET A 22 -13.46 15.24 6.32
C MET A 22 -13.68 13.80 5.87
N THR A 23 -14.95 13.43 5.71
CA THR A 23 -15.30 12.08 5.28
C THR A 23 -15.07 11.90 3.78
N LEU A 24 -14.94 10.66 3.35
CA LEU A 24 -14.73 10.35 1.94
C LEU A 24 -15.92 10.79 1.10
N PRO A 25 -15.67 11.08 -0.19
CA PRO A 25 -16.70 11.50 -1.12
C PRO A 25 -17.68 10.39 -1.47
N SER A 26 -17.27 9.14 -1.19
CA SER A 26 -18.10 7.99 -1.47
C SER A 26 -19.21 7.85 -0.42
N GLY A 27 -19.01 8.47 0.73
CA GLY A 27 -20.00 8.41 1.79
C GLY A 27 -19.53 7.56 2.96
N HIS A 28 -18.30 7.05 2.88
CA HIS A 28 -17.74 6.22 3.94
C HIS A 28 -16.90 7.07 4.89
N PRO A 29 -17.00 6.76 6.20
CA PRO A 29 -16.26 7.48 7.23
C PRO A 29 -14.77 7.18 7.19
N LYS A 30 -13.96 8.23 7.09
CA LYS A 30 -12.51 8.08 7.04
C LYS A 30 -11.96 7.62 8.38
N SER A 31 -12.61 8.05 9.47
CA SER A 31 -12.18 7.68 10.80
C SER A 31 -12.38 6.19 11.05
N ARG A 32 -13.42 5.63 10.44
CA ARG A 32 -13.72 4.21 10.59
C ARG A 32 -12.81 3.36 9.71
N LEU A 33 -12.45 3.90 8.56
CA LEU A 33 -11.58 3.20 7.62
C LEU A 33 -10.13 3.19 8.13
N ILE A 34 -9.64 4.35 8.52
CA ILE A 34 -8.28 4.49 9.03
C ILE A 34 -8.04 3.53 10.18
N LYS A 35 -9.01 3.44 11.09
CA LYS A 35 -8.91 2.57 12.25
C LYS A 35 -8.94 1.11 11.83
N LYS A 36 -9.71 0.81 10.78
CA LYS A 36 -9.83 -0.55 10.28
C LYS A 36 -8.54 -0.99 9.58
N PHE A 37 -8.04 -0.15 8.68
CA PHE A 37 -6.82 -0.45 7.95
C PHE A 37 -5.65 -0.66 8.91
N THR A 38 -5.73 -0.04 10.08
CA THR A 38 -4.68 -0.16 11.09
C THR A 38 -4.51 -1.60 11.53
N ALA A 39 -5.54 -2.41 11.33
CA ALA A 39 -5.51 -3.81 11.71
C ALA A 39 -4.76 -4.65 10.67
N LEU A 40 -4.42 -4.01 9.55
CA LEU A 40 -3.71 -4.69 8.47
C LEU A 40 -2.24 -4.30 8.48
N GLY A 41 -1.83 -3.51 9.46
CA GLY A 41 -0.45 -3.08 9.55
C GLY A 41 -0.27 -1.92 10.50
N PRO A 42 0.75 -1.09 10.23
CA PRO A 42 1.06 0.09 11.06
C PRO A 42 0.00 1.18 10.93
N TYR A 43 0.07 2.17 11.81
CA TYR A 43 -0.89 3.27 11.80
C TYR A 43 -0.82 4.04 10.48
N ILE A 44 -1.98 4.25 9.87
CA ILE A 44 -2.04 4.97 8.61
C ILE A 44 -1.90 6.48 8.83
N ARG A 45 -1.15 7.12 7.94
CA ARG A 45 -0.94 8.57 8.03
C ARG A 45 -2.09 9.33 7.39
N GLU A 46 -2.85 10.05 8.22
CA GLU A 46 -3.98 10.83 7.74
C GLU A 46 -3.56 11.74 6.58
N GLY A 47 -2.53 12.54 6.82
CA GLY A 47 -2.04 13.44 5.79
C GLY A 47 -2.67 14.82 5.90
N GLN A 48 -3.04 15.39 4.76
CA GLN A 48 -3.64 16.71 4.73
C GLN A 48 -4.24 17.01 3.35
N CYS A 49 -4.76 18.22 3.18
CA CYS A 49 -5.36 18.63 1.92
C CYS A 49 -6.57 17.76 1.59
N GLU A 50 -7.25 17.28 2.64
CA GLU A 50 -8.43 16.43 2.45
C GLU A 50 -8.22 15.45 1.30
N ASP A 51 -7.02 14.88 1.23
CA ASP A 51 -6.70 13.93 0.17
C ASP A 51 -7.74 12.82 0.10
N ASN A 52 -7.83 12.17 -1.05
CA ASN A 52 -8.79 11.08 -1.25
C ASN A 52 -8.08 9.74 -1.38
N ARG A 53 -6.90 9.65 -0.79
CA ARG A 53 -6.11 8.42 -0.84
C ARG A 53 -5.54 8.08 0.53
N PHE A 54 -5.15 6.82 0.71
CA PHE A 54 -4.58 6.36 1.98
C PHE A 54 -3.10 6.05 1.83
N PHE A 55 -2.31 6.50 2.79
CA PHE A 55 -0.87 6.26 2.78
C PHE A 55 -0.51 5.00 3.55
N PHE A 56 0.53 4.31 3.12
CA PHE A 56 0.98 3.09 3.77
C PHE A 56 2.49 2.93 3.65
N ASP A 57 3.12 2.49 4.74
CA ASP A 57 4.56 2.29 4.75
C ASP A 57 4.91 0.80 4.73
N CYS A 58 5.51 0.36 3.64
CA CYS A 58 5.90 -1.05 3.49
C CYS A 58 7.41 -1.23 3.66
N LEU A 59 7.81 -1.71 4.84
CA LEU A 59 9.22 -1.93 5.12
C LEU A 59 9.56 -3.41 5.07
N ALA A 60 9.97 -3.87 3.89
CA ALA A 60 10.34 -5.27 3.69
C ALA A 60 11.82 -5.48 3.94
N VAL A 61 12.66 -5.00 3.03
CA VAL A 61 14.10 -5.13 3.17
C VAL A 61 14.79 -3.77 3.16
N CYS A 62 15.86 -3.65 3.93
CA CYS A 62 16.61 -2.40 4.02
C CYS A 62 17.53 -2.24 2.81
N VAL A 63 17.52 -1.05 2.22
CA VAL A 63 18.35 -0.77 1.05
C VAL A 63 19.83 -0.97 1.37
N ASN A 64 20.23 -0.57 2.58
CA ASN A 64 21.61 -0.70 3.00
C ASN A 64 21.80 -0.17 4.42
N VAL A 65 23.04 -0.18 4.90
CA VAL A 65 23.35 0.30 6.24
C VAL A 65 24.47 1.33 6.21
N LYS A 66 24.66 1.95 5.05
CA LYS A 66 25.70 2.96 4.87
C LYS A 66 25.40 4.20 5.72
N PRO A 67 24.23 4.82 5.46
CA PRO A 67 23.81 6.01 6.19
C PRO A 67 23.45 5.72 7.63
N ALA A 68 23.06 6.76 8.37
CA ALA A 68 22.69 6.61 9.77
C ALA A 68 21.43 5.78 9.92
N PRO A 69 21.22 5.22 11.12
CA PRO A 69 20.05 4.39 11.42
C PRO A 69 18.77 5.20 11.47
N GLU A 70 18.89 6.50 11.72
CA GLU A 70 17.73 7.38 11.79
C GLU A 70 17.19 7.68 10.40
N LYS A 71 18.07 7.58 9.40
CA LYS A 71 17.67 7.85 8.02
C LYS A 71 17.58 6.55 7.23
N ARG A 72 17.49 5.43 7.94
CA ARG A 72 17.40 4.12 7.31
C ARG A 72 16.30 4.11 6.25
N GLU A 73 16.38 3.15 5.32
CA GLU A 73 15.39 3.03 4.26
C GLU A 73 14.98 1.58 4.06
N PHE A 74 13.80 1.38 3.49
CA PHE A 74 13.28 0.04 3.25
C PHE A 74 12.49 0.00 1.95
N TRP A 75 12.55 -1.15 1.26
CA TRP A 75 11.84 -1.33 0.00
C TRP A 75 10.38 -1.67 0.25
N GLY A 76 9.49 -1.07 -0.54
CA GLY A 76 8.06 -1.33 -0.39
C GLY A 76 7.26 -0.83 -1.58
N TRP A 77 6.01 -1.27 -1.66
CA TRP A 77 5.13 -0.86 -2.75
C TRP A 77 3.95 -0.06 -2.23
N TRP A 78 3.76 1.14 -2.78
CA TRP A 78 2.66 2.00 -2.36
C TRP A 78 1.33 1.49 -2.91
N MET A 79 0.25 1.79 -2.20
CA MET A 79 -1.08 1.36 -2.62
C MET A 79 -2.11 2.45 -2.36
N GLU A 80 -2.66 3.03 -3.42
CA GLU A 80 -3.65 4.08 -3.30
C GLU A 80 -5.02 3.61 -3.80
N LEU A 81 -5.97 3.50 -2.89
CA LEU A 81 -7.33 3.06 -3.24
C LEU A 81 -8.36 4.14 -2.92
N GLU A 82 -9.49 4.08 -3.61
CA GLU A 82 -10.55 5.06 -3.39
C GLU A 82 -11.90 4.36 -3.20
N ALA A 83 -12.44 4.44 -1.99
CA ALA A 83 -13.71 3.81 -1.68
C ALA A 83 -14.78 4.23 -2.69
N GLN A 84 -15.44 3.24 -3.29
CA GLN A 84 -16.49 3.51 -4.26
C GLN A 84 -17.85 3.62 -3.59
N GLU A 85 -18.89 3.82 -4.39
CA GLU A 85 -20.26 3.94 -3.87
C GLU A 85 -20.60 2.75 -2.99
N LYS A 86 -20.36 1.54 -3.51
CA LYS A 86 -20.65 0.32 -2.77
C LYS A 86 -19.61 -0.76 -3.08
N ARG A 87 -18.42 -0.33 -3.48
CA ARG A 87 -17.34 -1.26 -3.80
C ARG A 87 -15.99 -0.69 -3.38
N PHE A 88 -14.93 -1.48 -3.57
CA PHE A 88 -13.58 -1.06 -3.21
C PHE A 88 -12.58 -1.44 -4.30
N THR A 89 -11.73 -0.49 -4.66
CA THR A 89 -10.72 -0.72 -5.70
C THR A 89 -9.39 -0.11 -5.31
N TYR A 90 -8.31 -0.84 -5.57
CA TYR A 90 -6.97 -0.37 -5.25
C TYR A 90 -6.06 -0.40 -6.47
N ARG A 91 -4.86 0.16 -6.33
CA ARG A 91 -3.91 0.20 -7.44
C ARG A 91 -2.55 -0.32 -6.98
N TYR A 92 -1.71 -0.71 -7.94
CA TYR A 92 -0.38 -1.23 -7.64
C TYR A 92 0.69 -0.21 -8.03
N GLN A 93 1.47 0.22 -7.04
CA GLN A 93 2.55 1.18 -7.27
C GLN A 93 3.83 0.76 -6.57
N PHE A 94 4.96 1.05 -7.19
CA PHE A 94 6.26 0.70 -6.61
C PHE A 94 7.07 1.96 -6.33
N GLY A 95 8.01 1.85 -5.38
CA GLY A 95 8.85 2.98 -5.02
C GLY A 95 9.64 2.73 -3.76
N LEU A 96 9.97 3.81 -3.06
CA LEU A 96 10.74 3.71 -1.81
C LEU A 96 10.22 4.68 -0.77
N PHE A 97 10.24 4.27 0.49
CA PHE A 97 9.77 5.10 1.59
C PHE A 97 10.94 5.66 2.38
N ASP A 98 11.13 6.98 2.31
CA ASP A 98 12.22 7.64 3.03
C ASP A 98 11.73 8.22 4.35
N LYS A 99 12.66 8.66 5.18
CA LYS A 99 12.32 9.25 6.47
C LYS A 99 11.67 10.61 6.30
N GLU A 100 11.81 11.19 5.12
CA GLU A 100 11.23 12.49 4.82
C GLU A 100 9.73 12.36 4.54
N GLY A 101 9.26 11.13 4.40
CA GLY A 101 7.86 10.89 4.13
C GLY A 101 7.46 11.34 2.74
N ASN A 102 8.44 11.54 1.87
CA ASN A 102 8.19 11.96 0.50
C ASN A 102 8.32 10.80 -0.47
N TRP A 103 7.25 10.51 -1.21
CA TRP A 103 7.26 9.42 -2.16
C TRP A 103 8.39 9.59 -3.18
N THR A 104 9.22 8.56 -3.29
CA THR A 104 10.35 8.59 -4.21
C THR A 104 10.50 7.26 -4.94
N VAL A 105 10.24 7.27 -6.25
CA VAL A 105 10.36 6.06 -7.05
C VAL A 105 11.81 5.75 -7.37
N VAL A 106 12.20 4.50 -7.16
CA VAL A 106 13.57 4.07 -7.43
C VAL A 106 13.61 2.61 -7.85
N PRO A 107 14.69 2.22 -8.55
CA PRO A 107 14.88 0.85 -9.03
C PRO A 107 15.15 -0.13 -7.89
N ILE A 108 14.77 -1.39 -8.11
CA ILE A 108 14.98 -2.41 -7.09
C ILE A 108 16.27 -3.20 -7.36
N ASN A 109 17.21 -3.08 -6.44
CA ASN A 109 18.49 -3.77 -6.56
C ASN A 109 18.44 -5.14 -5.89
N GLU A 110 19.22 -6.08 -6.41
CA GLU A 110 19.26 -7.43 -5.86
C GLU A 110 17.91 -8.12 -6.01
N THR A 111 17.83 -9.02 -6.98
CA THR A 111 16.59 -9.76 -7.23
C THR A 111 16.10 -10.45 -5.97
N GLU A 112 17.02 -10.78 -5.07
CA GLU A 112 16.67 -11.45 -3.82
C GLU A 112 15.61 -10.67 -3.07
N VAL A 113 15.68 -9.34 -3.15
CA VAL A 113 14.72 -8.47 -2.48
C VAL A 113 13.41 -8.40 -3.25
N VAL A 114 13.51 -8.22 -4.57
CA VAL A 114 12.32 -8.14 -5.41
C VAL A 114 11.40 -9.34 -5.19
N GLU A 115 12.00 -10.49 -4.89
CA GLU A 115 11.23 -11.71 -4.65
C GLU A 115 10.37 -11.58 -3.40
N ARG A 116 10.90 -10.89 -2.39
CA ARG A 116 10.18 -10.69 -1.14
C ARG A 116 9.03 -9.70 -1.33
N LEU A 117 9.25 -8.71 -2.18
CA LEU A 117 8.23 -7.70 -2.45
C LEU A 117 7.05 -8.30 -3.18
N GLU A 118 7.33 -9.25 -4.08
CA GLU A 118 6.27 -9.90 -4.84
C GLU A 118 5.42 -10.80 -3.95
N TYR A 119 6.07 -11.48 -3.01
CA TYR A 119 5.37 -12.37 -2.09
C TYR A 119 4.55 -11.58 -1.08
N THR A 120 5.08 -10.44 -0.66
CA THR A 120 4.38 -9.58 0.30
C THR A 120 3.10 -9.02 -0.29
N LEU A 121 3.17 -8.52 -1.52
CA LEU A 121 2.01 -7.95 -2.20
C LEU A 121 0.93 -9.01 -2.39
N ARG A 122 1.36 -10.25 -2.63
CA ARG A 122 0.43 -11.35 -2.84
C ARG A 122 -0.30 -11.69 -1.55
N GLU A 123 0.43 -11.76 -0.44
CA GLU A 123 -0.16 -12.08 0.84
C GLU A 123 -0.97 -10.91 1.37
N PHE A 124 -0.57 -9.69 1.00
CA PHE A 124 -1.27 -8.49 1.44
C PHE A 124 -2.73 -8.52 1.03
N HIS A 125 -3.01 -9.10 -0.13
CA HIS A 125 -4.36 -9.21 -0.64
C HIS A 125 -5.18 -10.20 0.18
N GLU A 126 -4.52 -11.22 0.69
CA GLU A 126 -5.18 -12.24 1.50
C GLU A 126 -5.85 -11.62 2.72
N LYS A 127 -5.10 -10.79 3.44
CA LYS A 127 -5.62 -10.12 4.63
C LYS A 127 -6.58 -9.00 4.24
N LEU A 128 -6.33 -8.37 3.11
CA LEU A 128 -7.17 -7.28 2.64
C LEU A 128 -8.61 -7.75 2.43
N ARG A 129 -8.75 -9.00 1.99
CA ARG A 129 -10.08 -9.57 1.76
C ARG A 129 -10.90 -9.57 3.05
N ASP A 130 -10.30 -10.06 4.12
CA ASP A 130 -10.98 -10.11 5.42
C ASP A 130 -11.47 -8.73 5.83
N LEU A 131 -10.61 -7.73 5.69
CA LEU A 131 -10.94 -6.37 6.06
C LEU A 131 -12.16 -5.88 5.27
N LEU A 132 -12.10 -6.03 3.95
CA LEU A 132 -13.20 -5.61 3.08
C LEU A 132 -14.47 -6.40 3.40
N ILE A 133 -14.30 -7.65 3.81
CA ILE A 133 -15.43 -8.50 4.14
C ILE A 133 -16.14 -8.02 5.39
N SER A 134 -15.39 -7.39 6.29
CA SER A 134 -15.95 -6.87 7.54
C SER A 134 -16.78 -5.63 7.28
N MET A 135 -16.49 -4.93 6.18
CA MET A 135 -17.22 -3.73 5.82
C MET A 135 -18.19 -4.00 4.68
N GLU A 136 -18.20 -5.23 4.19
CA GLU A 136 -19.08 -5.63 3.10
C GLU A 136 -18.74 -4.85 1.82
N LEU A 137 -17.46 -4.57 1.64
CA LEU A 137 -17.00 -3.84 0.46
C LEU A 137 -16.36 -4.77 -0.55
N ALA A 138 -16.99 -4.89 -1.72
CA ALA A 138 -16.48 -5.75 -2.78
C ALA A 138 -15.09 -5.30 -3.23
N LEU A 139 -14.36 -6.22 -3.86
CA LEU A 139 -13.01 -5.91 -4.34
C LEU A 139 -12.89 -6.22 -5.83
N GLU A 140 -12.27 -5.30 -6.56
CA GLU A 140 -12.07 -5.47 -8.00
C GLU A 140 -10.75 -4.87 -8.45
N PRO A 141 -10.27 -5.31 -9.63
CA PRO A 141 -9.01 -4.83 -10.20
C PRO A 141 -9.10 -3.38 -10.66
N SER A 142 -7.96 -2.79 -11.02
CA SER A 142 -7.90 -1.42 -11.47
C SER A 142 -8.19 -1.33 -12.97
N ASP A 143 -8.74 -0.20 -13.40
CA ASP A 143 -9.05 0.01 -14.81
C ASP A 143 -7.78 0.05 -15.66
N ASP A 144 -6.67 0.40 -15.03
CA ASP A 144 -5.39 0.48 -15.72
C ASP A 144 -4.60 -0.82 -15.53
N PHE A 145 -5.31 -1.92 -15.32
CA PHE A 145 -4.68 -3.22 -15.12
C PHE A 145 -4.53 -3.95 -16.45
N ASN A 146 -3.30 -4.09 -16.91
CA ASN A 146 -3.02 -4.78 -18.18
C ASN A 146 -3.01 -6.28 -17.99
N ASP A 147 -2.64 -7.00 -19.04
CA ASP A 147 -2.58 -8.46 -18.99
C ASP A 147 -1.16 -8.94 -18.76
N GLU A 148 -0.41 -8.21 -17.93
CA GLU A 148 0.96 -8.56 -17.63
C GLU A 148 1.23 -8.49 -16.13
N PRO A 149 0.63 -9.44 -15.38
CA PRO A 149 0.79 -9.52 -13.93
C PRO A 149 2.19 -9.93 -13.51
N VAL A 150 2.57 -9.58 -12.28
CA VAL A 150 3.89 -9.92 -11.77
C VAL A 150 4.09 -11.43 -11.74
N LYS A 151 5.26 -11.88 -12.20
CA LYS A 151 5.58 -13.30 -12.23
C LYS A 151 6.12 -13.76 -10.87
N LEU A 152 5.25 -14.34 -10.06
CA LEU A 152 5.65 -14.83 -8.73
C LEU A 152 6.68 -15.96 -8.86
N SER A 153 6.57 -16.72 -9.93
CA SER A 153 7.49 -17.84 -10.16
C SER A 153 8.63 -17.42 -11.07
N ALA A 154 9.30 -16.34 -10.70
CA ALA A 154 10.43 -15.82 -11.49
C ALA A 154 10.05 -15.69 -12.96
N MET A 22 -13.84 14.94 8.32
CA MET A 22 -14.67 14.87 7.12
C MET A 22 -14.69 13.46 6.56
N THR A 23 -15.89 12.93 6.37
CA THR A 23 -16.06 11.58 5.82
C THR A 23 -15.81 11.56 4.32
N LEU A 24 -15.54 10.37 3.79
CA LEU A 24 -15.27 10.21 2.37
C LEU A 24 -16.50 10.59 1.54
N PRO A 25 -16.26 11.01 0.29
CA PRO A 25 -17.34 11.41 -0.62
C PRO A 25 -18.18 10.22 -1.08
N SER A 26 -17.65 9.02 -0.90
CA SER A 26 -18.35 7.81 -1.29
C SER A 26 -19.44 7.47 -0.28
N GLY A 27 -19.32 8.00 0.93
CA GLY A 27 -20.30 7.74 1.96
C GLY A 27 -19.75 6.85 3.06
N HIS A 28 -18.49 6.45 2.94
CA HIS A 28 -17.85 5.59 3.92
C HIS A 28 -17.08 6.42 4.94
N PRO A 29 -17.16 6.02 6.22
CA PRO A 29 -16.48 6.71 7.32
C PRO A 29 -14.96 6.53 7.26
N LYS A 30 -14.25 7.65 7.23
CA LYS A 30 -12.78 7.62 7.18
C LYS A 30 -12.21 7.12 8.50
N SER A 31 -12.76 7.59 9.60
CA SER A 31 -12.29 7.19 10.93
C SER A 31 -12.46 5.69 11.13
N ARG A 32 -13.48 5.12 10.51
CA ARG A 32 -13.75 3.70 10.62
C ARG A 32 -12.79 2.89 9.75
N LEU A 33 -12.57 3.36 8.52
CA LEU A 33 -11.68 2.68 7.59
C LEU A 33 -10.23 2.77 8.06
N ILE A 34 -9.81 3.98 8.40
CA ILE A 34 -8.44 4.21 8.88
C ILE A 34 -8.11 3.29 10.06
N LYS A 35 -9.03 3.21 11.01
CA LYS A 35 -8.84 2.37 12.19
C LYS A 35 -8.87 0.89 11.81
N LYS A 36 -9.68 0.55 10.81
CA LYS A 36 -9.79 -0.83 10.35
C LYS A 36 -8.51 -1.28 9.66
N PHE A 37 -8.01 -0.44 8.75
CA PHE A 37 -6.79 -0.75 8.01
C PHE A 37 -5.61 -0.95 8.96
N THR A 38 -5.65 -0.27 10.09
CA THR A 38 -4.60 -0.37 11.10
C THR A 38 -4.48 -1.80 11.62
N ALA A 39 -5.54 -2.57 11.47
CA ALA A 39 -5.55 -3.95 11.92
C ALA A 39 -4.82 -4.86 10.95
N LEU A 40 -4.47 -4.31 9.79
CA LEU A 40 -3.77 -5.08 8.76
C LEU A 40 -2.29 -4.69 8.71
N GLY A 41 -1.88 -3.81 9.62
CA GLY A 41 -0.50 -3.37 9.66
C GLY A 41 -0.31 -2.14 10.53
N PRO A 42 0.67 -1.30 10.16
CA PRO A 42 0.98 -0.07 10.90
C PRO A 42 -0.12 0.98 10.76
N TYR A 43 -0.06 2.01 11.59
CA TYR A 43 -1.04 3.08 11.57
C TYR A 43 -1.01 3.82 10.23
N ILE A 44 -2.18 4.28 9.79
CA ILE A 44 -2.28 5.00 8.52
C ILE A 44 -2.27 6.51 8.75
N ARG A 45 -1.66 7.23 7.82
CA ARG A 45 -1.58 8.69 7.92
C ARG A 45 -2.89 9.33 7.51
N GLU A 46 -3.75 9.60 8.50
CA GLU A 46 -5.04 10.22 8.23
C GLU A 46 -5.00 11.71 8.51
N GLY A 47 -5.96 12.44 7.95
CA GLY A 47 -6.02 13.88 8.15
C GLY A 47 -7.39 14.45 7.86
N GLN A 48 -7.54 15.75 8.09
CA GLN A 48 -8.82 16.42 7.85
C GLN A 48 -8.67 17.52 6.81
N CYS A 49 -9.44 17.42 5.73
CA CYS A 49 -9.40 18.40 4.65
C CYS A 49 -7.98 18.55 4.11
N GLU A 50 -7.19 17.48 4.23
CA GLU A 50 -5.82 17.49 3.75
C GLU A 50 -5.70 16.78 2.40
N ASP A 51 -6.45 15.69 2.26
CA ASP A 51 -6.43 14.91 1.02
C ASP A 51 -7.55 13.88 1.02
N ASN A 52 -7.89 13.38 -0.17
CA ASN A 52 -8.94 12.39 -0.31
C ASN A 52 -8.36 11.04 -0.73
N ARG A 53 -7.12 10.78 -0.36
CA ARG A 53 -6.45 9.54 -0.70
C ARG A 53 -5.99 8.80 0.57
N PHE A 54 -5.74 7.51 0.43
CA PHE A 54 -5.30 6.69 1.56
C PHE A 54 -3.80 6.41 1.47
N PHE A 55 -3.07 6.79 2.52
CA PHE A 55 -1.63 6.58 2.57
C PHE A 55 -1.29 5.26 3.25
N PHE A 56 -0.19 4.66 2.84
CA PHE A 56 0.25 3.39 3.41
C PHE A 56 1.77 3.25 3.34
N ASP A 57 2.35 2.73 4.41
CA ASP A 57 3.80 2.55 4.48
C ASP A 57 4.17 1.08 4.35
N CYS A 58 4.82 0.72 3.25
CA CYS A 58 5.23 -0.66 3.01
C CYS A 58 6.71 -0.85 3.30
N LEU A 59 7.01 -1.37 4.50
CA LEU A 59 8.39 -1.60 4.90
C LEU A 59 8.69 -3.09 4.98
N ALA A 60 9.46 -3.59 4.02
CA ALA A 60 9.83 -4.99 3.99
C ALA A 60 11.28 -5.19 4.36
N VAL A 61 12.19 -4.64 3.55
CA VAL A 61 13.61 -4.76 3.80
C VAL A 61 14.32 -3.42 3.62
N CYS A 62 15.45 -3.25 4.29
CA CYS A 62 16.22 -2.01 4.21
C CYS A 62 17.24 -2.09 3.09
N VAL A 63 17.48 -0.95 2.42
CA VAL A 63 18.45 -0.90 1.34
C VAL A 63 19.87 -0.76 1.87
N ASN A 64 20.01 -0.11 3.01
CA ASN A 64 21.32 0.09 3.62
C ASN A 64 21.19 0.82 4.95
N VAL A 65 22.10 0.53 5.88
CA VAL A 65 22.09 1.16 7.19
C VAL A 65 23.45 1.76 7.53
N LYS A 66 24.39 1.65 6.59
CA LYS A 66 25.73 2.19 6.78
C LYS A 66 25.67 3.65 7.21
N PRO A 67 25.04 4.49 6.39
CA PRO A 67 24.90 5.92 6.66
C PRO A 67 23.95 6.20 7.82
N ALA A 68 23.94 7.44 8.30
CA ALA A 68 23.08 7.83 9.40
C ALA A 68 21.64 7.43 9.14
N PRO A 69 20.83 7.36 10.22
CA PRO A 69 19.42 6.97 10.13
C PRO A 69 18.58 8.05 9.45
N GLU A 70 19.05 9.28 9.49
CA GLU A 70 18.34 10.40 8.89
C GLU A 70 18.23 10.22 7.37
N LYS A 71 19.17 9.48 6.81
CA LYS A 71 19.18 9.22 5.37
C LYS A 71 18.88 7.76 5.07
N ARG A 72 18.33 7.06 6.05
CA ARG A 72 17.99 5.65 5.90
C ARG A 72 16.84 5.47 4.91
N GLU A 73 16.89 4.39 4.14
CA GLU A 73 15.86 4.10 3.14
C GLU A 73 15.47 2.63 3.18
N PHE A 74 14.19 2.36 2.93
CA PHE A 74 13.69 0.99 2.93
C PHE A 74 12.90 0.71 1.65
N TRP A 75 12.87 -0.56 1.25
CA TRP A 75 12.15 -0.97 0.05
C TRP A 75 10.66 -1.13 0.33
N GLY A 76 9.84 -0.89 -0.69
CA GLY A 76 8.40 -1.02 -0.52
C GLY A 76 7.64 -0.71 -1.80
N TRP A 77 6.33 -0.95 -1.78
CA TRP A 77 5.49 -0.71 -2.94
C TRP A 77 4.32 0.20 -2.59
N TRP A 78 4.36 1.44 -3.09
CA TRP A 78 3.30 2.40 -2.82
C TRP A 78 1.93 1.81 -3.15
N MET A 79 0.92 2.21 -2.38
CA MET A 79 -0.43 1.72 -2.59
C MET A 79 -1.41 2.89 -2.71
N GLU A 80 -1.97 3.07 -3.91
CA GLU A 80 -2.92 4.15 -4.16
C GLU A 80 -4.30 3.59 -4.49
N LEU A 81 -5.25 3.82 -3.59
CA LEU A 81 -6.62 3.34 -3.79
C LEU A 81 -7.63 4.43 -3.44
N GLU A 82 -8.84 4.28 -3.98
CA GLU A 82 -9.89 5.25 -3.73
C GLU A 82 -11.23 4.55 -3.48
N ALA A 83 -11.71 4.62 -2.25
CA ALA A 83 -12.97 4.00 -1.89
C ALA A 83 -14.10 4.44 -2.82
N GLN A 84 -14.62 3.49 -3.60
CA GLN A 84 -15.69 3.77 -4.54
C GLN A 84 -17.02 3.89 -3.82
N GLU A 85 -18.08 4.19 -4.58
CA GLU A 85 -19.42 4.33 -4.01
C GLU A 85 -19.75 3.12 -3.13
N LYS A 86 -19.54 1.93 -3.66
CA LYS A 86 -19.82 0.71 -2.93
C LYS A 86 -18.81 -0.38 -3.27
N ARG A 87 -17.69 0.02 -3.88
CA ARG A 87 -16.64 -0.92 -4.25
C ARG A 87 -15.27 -0.38 -3.87
N PHE A 88 -14.26 -1.23 -3.96
CA PHE A 88 -12.90 -0.85 -3.62
C PHE A 88 -11.93 -1.22 -4.74
N THR A 89 -10.87 -0.43 -4.88
CA THR A 89 -9.86 -0.68 -5.91
C THR A 89 -8.46 -0.80 -5.31
N TYR A 90 -7.54 -1.39 -6.07
CA TYR A 90 -6.18 -1.56 -5.60
C TYR A 90 -5.20 -1.61 -6.78
N ARG A 91 -4.01 -1.06 -6.57
CA ARG A 91 -2.99 -1.04 -7.62
C ARG A 91 -1.62 -1.38 -7.05
N TYR A 92 -0.70 -1.78 -7.93
CA TYR A 92 0.65 -2.14 -7.51
C TYR A 92 1.67 -1.16 -8.07
N GLN A 93 2.40 -0.50 -7.17
CA GLN A 93 3.42 0.47 -7.59
C GLN A 93 4.70 0.28 -6.78
N PHE A 94 5.81 0.16 -7.48
CA PHE A 94 7.11 -0.03 -6.84
C PHE A 94 7.85 1.30 -6.72
N GLY A 95 8.85 1.33 -5.84
CA GLY A 95 9.62 2.54 -5.64
C GLY A 95 10.42 2.52 -4.35
N LEU A 96 10.62 3.69 -3.75
CA LEU A 96 11.36 3.80 -2.51
C LEU A 96 10.56 4.56 -1.46
N PHE A 97 10.72 4.17 -0.20
CA PHE A 97 10.01 4.81 0.90
C PHE A 97 10.99 5.44 1.89
N ASP A 98 11.01 6.77 1.93
CA ASP A 98 11.91 7.49 2.83
C ASP A 98 11.37 7.50 4.25
N LYS A 99 12.04 8.21 5.14
CA LYS A 99 11.64 8.29 6.54
C LYS A 99 10.45 9.25 6.70
N GLU A 100 10.39 10.24 5.83
CA GLU A 100 9.30 11.22 5.87
C GLU A 100 8.31 11.00 4.74
N GLY A 101 8.62 10.03 3.88
CA GLY A 101 7.74 9.72 2.76
C GLY A 101 8.17 10.41 1.48
N ASN A 102 9.46 10.71 1.37
CA ASN A 102 9.99 11.38 0.19
C ASN A 102 9.97 10.44 -1.02
N TRP A 103 9.43 10.94 -2.13
CA TRP A 103 9.34 10.14 -3.35
C TRP A 103 10.70 10.05 -4.04
N THR A 104 11.19 8.83 -4.21
CA THR A 104 12.48 8.59 -4.85
C THR A 104 12.47 7.32 -5.67
N VAL A 105 12.92 7.41 -6.92
CA VAL A 105 12.96 6.25 -7.80
C VAL A 105 14.36 5.64 -7.84
N VAL A 106 14.47 4.40 -7.37
CA VAL A 106 15.74 3.69 -7.36
C VAL A 106 15.58 2.23 -7.73
N PRO A 107 16.66 1.60 -8.21
CA PRO A 107 16.66 0.20 -8.62
C PRO A 107 16.53 -0.75 -7.43
N ILE A 108 16.04 -1.95 -7.70
CA ILE A 108 15.87 -2.95 -6.64
C ILE A 108 17.06 -3.91 -6.60
N ASN A 109 17.41 -4.34 -5.39
CA ASN A 109 18.53 -5.27 -5.22
C ASN A 109 18.31 -6.55 -6.02
N GLU A 110 19.24 -7.48 -5.88
CA GLU A 110 19.15 -8.76 -6.59
C GLU A 110 17.77 -9.41 -6.38
N THR A 111 17.50 -10.45 -7.15
CA THR A 111 16.22 -11.15 -7.05
C THR A 111 15.93 -11.57 -5.61
N GLU A 112 17.00 -11.78 -4.83
CA GLU A 112 16.86 -12.18 -3.44
C GLU A 112 15.95 -11.21 -2.69
N VAL A 113 16.12 -9.92 -2.94
CA VAL A 113 15.31 -8.89 -2.29
C VAL A 113 13.93 -8.79 -2.95
N VAL A 114 13.91 -8.69 -4.26
CA VAL A 114 12.67 -8.58 -5.01
C VAL A 114 11.69 -9.67 -4.61
N GLU A 115 12.21 -10.85 -4.26
CA GLU A 115 11.38 -11.97 -3.85
C GLU A 115 10.62 -11.64 -2.57
N ARG A 116 11.26 -10.90 -1.68
CA ARG A 116 10.64 -10.52 -0.41
C ARG A 116 9.44 -9.61 -0.65
N LEU A 117 9.59 -8.66 -1.56
CA LEU A 117 8.53 -7.73 -1.88
C LEU A 117 7.33 -8.45 -2.49
N GLU A 118 7.61 -9.49 -3.27
CA GLU A 118 6.55 -10.27 -3.90
C GLU A 118 5.68 -10.96 -2.86
N TYR A 119 6.31 -11.53 -1.84
CA TYR A 119 5.59 -12.20 -0.77
C TYR A 119 4.84 -11.22 0.11
N THR A 120 5.45 -10.05 0.33
CA THR A 120 4.85 -9.02 1.16
C THR A 120 3.60 -8.44 0.49
N LEU A 121 3.72 -8.13 -0.79
CA LEU A 121 2.60 -7.57 -1.55
C LEU A 121 1.54 -8.64 -1.81
N ARG A 122 1.98 -9.88 -2.03
CA ARG A 122 1.07 -10.98 -2.29
C ARG A 122 0.24 -11.31 -1.05
N GLU A 123 0.91 -11.34 0.10
CA GLU A 123 0.24 -11.64 1.36
C GLU A 123 -0.64 -10.48 1.81
N PHE A 124 -0.26 -9.28 1.42
CA PHE A 124 -1.01 -8.08 1.78
C PHE A 124 -2.45 -8.18 1.31
N HIS A 125 -2.64 -8.69 0.08
CA HIS A 125 -3.97 -8.83 -0.49
C HIS A 125 -4.74 -9.94 0.22
N GLU A 126 -4.02 -10.97 0.67
CA GLU A 126 -4.64 -12.09 1.37
C GLU A 126 -5.39 -11.62 2.61
N LYS A 127 -4.72 -10.80 3.42
CA LYS A 127 -5.32 -10.27 4.64
C LYS A 127 -6.35 -9.20 4.32
N LEU A 128 -6.11 -8.46 3.25
CA LEU A 128 -7.02 -7.40 2.83
C LEU A 128 -8.40 -7.96 2.49
N ARG A 129 -8.42 -9.16 1.92
CA ARG A 129 -9.68 -9.81 1.55
C ARG A 129 -10.61 -9.91 2.76
N ASP A 130 -10.08 -10.39 3.87
CA ASP A 130 -10.87 -10.54 5.10
C ASP A 130 -11.47 -9.20 5.51
N LEU A 131 -10.66 -8.15 5.49
CA LEU A 131 -11.12 -6.82 5.87
C LEU A 131 -12.28 -6.38 4.98
N LEU A 132 -12.08 -6.48 3.67
CA LEU A 132 -13.11 -6.08 2.71
C LEU A 132 -14.36 -6.92 2.88
N ILE A 133 -14.17 -8.18 3.29
CA ILE A 133 -15.29 -9.09 3.49
C ILE A 133 -16.15 -8.65 4.67
N SER A 134 -15.52 -8.00 5.64
CA SER A 134 -16.23 -7.53 6.83
C SER A 134 -17.09 -6.32 6.50
N MET A 135 -16.71 -5.60 5.45
CA MET A 135 -17.44 -4.40 5.03
C MET A 135 -18.26 -4.70 3.78
N GLU A 136 -18.14 -5.92 3.26
CA GLU A 136 -18.87 -6.30 2.06
C GLU A 136 -18.43 -5.48 0.86
N LEU A 137 -17.14 -5.17 0.81
CA LEU A 137 -16.58 -4.38 -0.29
C LEU A 137 -15.85 -5.28 -1.29
N ALA A 138 -16.36 -5.35 -2.51
CA ALA A 138 -15.75 -6.17 -3.55
C ALA A 138 -14.32 -5.73 -3.82
N LEU A 139 -13.50 -6.65 -4.30
CA LEU A 139 -12.10 -6.36 -4.61
C LEU A 139 -11.74 -6.84 -6.01
N GLU A 140 -11.44 -5.89 -6.90
CA GLU A 140 -11.08 -6.21 -8.27
C GLU A 140 -10.25 -5.10 -8.89
N PRO A 141 -9.52 -5.43 -9.97
CA PRO A 141 -8.67 -4.47 -10.68
C PRO A 141 -9.49 -3.43 -11.44
N SER A 142 -8.80 -2.42 -11.97
CA SER A 142 -9.47 -1.36 -12.71
C SER A 142 -9.72 -1.78 -14.16
N ASP A 143 -10.97 -1.66 -14.59
CA ASP A 143 -11.34 -2.03 -15.95
C ASP A 143 -10.66 -1.11 -16.97
N ASP A 144 -10.12 0.00 -16.48
CA ASP A 144 -9.45 0.96 -17.36
C ASP A 144 -7.95 0.98 -17.07
N PHE A 145 -7.43 -0.14 -16.57
CA PHE A 145 -6.01 -0.25 -16.25
C PHE A 145 -5.46 -1.60 -16.70
N ASN A 146 -4.22 -1.59 -17.19
CA ASN A 146 -3.58 -2.82 -17.65
C ASN A 146 -2.16 -2.53 -18.15
N ASP A 147 -1.17 -3.06 -17.44
CA ASP A 147 0.22 -2.88 -17.81
C ASP A 147 0.97 -4.20 -17.84
N GLU A 148 1.28 -4.73 -16.65
CA GLU A 148 1.99 -5.99 -16.54
C GLU A 148 2.12 -6.42 -15.08
N PRO A 149 1.00 -6.89 -14.51
CA PRO A 149 0.96 -7.34 -13.12
C PRO A 149 1.74 -8.63 -12.90
N VAL A 150 2.47 -8.71 -11.80
CA VAL A 150 3.26 -9.89 -11.48
C VAL A 150 2.40 -11.14 -11.47
N LYS A 151 2.90 -12.21 -12.07
CA LYS A 151 2.18 -13.47 -12.14
C LYS A 151 2.64 -14.42 -11.03
N LEU A 152 1.87 -14.45 -9.94
CA LEU A 152 2.19 -15.31 -8.82
C LEU A 152 2.15 -16.78 -9.22
N SER A 153 1.35 -17.09 -10.23
CA SER A 153 1.22 -18.45 -10.72
C SER A 153 2.33 -18.79 -11.70
N ALA A 154 3.58 -18.68 -11.24
CA ALA A 154 4.73 -18.96 -12.08
C ALA A 154 5.81 -19.69 -11.28
N MET A 22 -14.16 15.12 8.45
CA MET A 22 -13.28 13.97 8.67
C MET A 22 -13.89 12.71 8.05
N THR A 23 -14.44 12.85 6.86
CA THR A 23 -15.05 11.72 6.17
C THR A 23 -14.68 11.72 4.69
N LEU A 24 -14.81 10.56 4.05
CA LEU A 24 -14.49 10.42 2.63
C LEU A 24 -15.57 11.05 1.76
N PRO A 25 -15.19 11.48 0.55
CA PRO A 25 -16.12 12.10 -0.40
C PRO A 25 -17.12 11.10 -0.95
N SER A 26 -16.83 9.82 -0.81
CA SER A 26 -17.71 8.77 -1.30
C SER A 26 -18.90 8.57 -0.36
N GLY A 27 -18.77 9.09 0.85
CA GLY A 27 -19.83 8.96 1.83
C GLY A 27 -19.48 8.02 2.96
N HIS A 28 -18.42 7.25 2.77
CA HIS A 28 -17.97 6.29 3.78
C HIS A 28 -17.18 6.99 4.88
N PRO A 29 -17.20 6.42 6.09
CA PRO A 29 -16.48 6.97 7.25
C PRO A 29 -14.97 6.85 7.10
N LYS A 30 -14.27 7.97 7.21
CA LYS A 30 -12.82 7.99 7.09
C LYS A 30 -12.17 7.32 8.29
N SER A 31 -12.58 7.74 9.49
CA SER A 31 -12.04 7.19 10.72
C SER A 31 -12.18 5.66 10.74
N ARG A 32 -13.34 5.18 10.31
CA ARG A 32 -13.60 3.74 10.28
C ARG A 32 -12.63 3.03 9.34
N LEU A 33 -12.42 3.61 8.16
CA LEU A 33 -11.52 3.03 7.17
C LEU A 33 -10.10 2.90 7.75
N ILE A 34 -9.61 3.98 8.33
CA ILE A 34 -8.28 3.99 8.92
C ILE A 34 -8.15 2.94 10.02
N LYS A 35 -9.16 2.90 10.90
CA LYS A 35 -9.16 1.96 12.01
C LYS A 35 -9.17 0.51 11.48
N LYS A 36 -9.96 0.27 10.45
CA LYS A 36 -10.06 -1.05 9.86
C LYS A 36 -8.76 -1.45 9.17
N PHE A 37 -8.24 -0.55 8.34
CA PHE A 37 -6.99 -0.81 7.62
C PHE A 37 -5.85 -1.06 8.60
N THR A 38 -5.99 -0.54 9.82
CA THR A 38 -4.97 -0.71 10.84
C THR A 38 -4.85 -2.17 11.27
N ALA A 39 -5.92 -2.93 11.03
CA ALA A 39 -5.93 -4.35 11.39
C ALA A 39 -5.18 -5.18 10.37
N LEU A 40 -4.76 -4.54 9.28
CA LEU A 40 -4.02 -5.23 8.23
C LEU A 40 -2.53 -4.91 8.31
N GLY A 41 -2.14 -4.16 9.34
CA GLY A 41 -0.75 -3.80 9.52
C GLY A 41 -0.56 -2.66 10.50
N PRO A 42 0.49 -1.86 10.30
CA PRO A 42 0.81 -0.73 11.17
C PRO A 42 -0.21 0.41 11.03
N TYR A 43 -0.14 1.38 11.93
CA TYR A 43 -1.05 2.51 11.91
C TYR A 43 -0.90 3.31 10.62
N ILE A 44 -2.02 3.67 10.01
CA ILE A 44 -2.01 4.44 8.77
C ILE A 44 -1.76 5.91 9.04
N ARG A 45 -1.01 6.55 8.16
CA ARG A 45 -0.70 7.97 8.30
C ARG A 45 -1.89 8.83 7.88
N GLU A 46 -2.68 9.26 8.86
CA GLU A 46 -3.84 10.09 8.59
C GLU A 46 -3.47 11.30 7.75
N GLY A 47 -4.43 11.79 6.97
CA GLY A 47 -4.18 12.93 6.11
C GLY A 47 -4.37 14.25 6.84
N GLN A 48 -3.78 15.31 6.30
CA GLN A 48 -3.88 16.64 6.91
C GLN A 48 -5.07 17.41 6.34
N CYS A 49 -5.02 17.67 5.04
CA CYS A 49 -6.09 18.41 4.37
C CYS A 49 -6.18 18.00 2.90
N GLU A 50 -7.36 18.20 2.32
CA GLU A 50 -7.59 17.85 0.91
C GLU A 50 -6.88 16.54 0.56
N ASP A 51 -6.97 15.56 1.47
CA ASP A 51 -6.34 14.26 1.25
C ASP A 51 -7.40 13.19 1.02
N ASN A 52 -7.67 12.90 -0.25
CA ASN A 52 -8.66 11.88 -0.60
C ASN A 52 -7.99 10.56 -0.95
N ARG A 53 -6.81 10.33 -0.39
CA ARG A 53 -6.05 9.10 -0.63
C ARG A 53 -5.57 8.49 0.68
N PHE A 54 -5.24 7.20 0.63
CA PHE A 54 -4.76 6.49 1.82
C PHE A 54 -3.29 6.11 1.66
N PHE A 55 -2.49 6.44 2.67
CA PHE A 55 -1.07 6.13 2.64
C PHE A 55 -0.79 4.80 3.34
N PHE A 56 0.23 4.10 2.86
CA PHE A 56 0.61 2.81 3.43
C PHE A 56 2.10 2.55 3.27
N ASP A 57 2.80 2.42 4.40
CA ASP A 57 4.24 2.18 4.39
C ASP A 57 4.55 0.74 4.79
N CYS A 58 5.05 -0.03 3.83
CA CYS A 58 5.38 -1.44 4.08
C CYS A 58 6.90 -1.62 4.15
N LEU A 59 7.45 -1.48 5.35
CA LEU A 59 8.89 -1.63 5.54
C LEU A 59 9.29 -3.11 5.51
N ALA A 60 9.62 -3.60 4.33
CA ALA A 60 10.02 -4.99 4.17
C ALA A 60 11.48 -5.19 4.57
N VAL A 61 12.37 -4.41 3.97
CA VAL A 61 13.80 -4.49 4.27
C VAL A 61 14.50 -3.18 3.96
N CYS A 62 15.42 -2.79 4.84
CA CYS A 62 16.18 -1.56 4.65
C CYS A 62 17.12 -1.65 3.46
N VAL A 63 17.04 -0.67 2.57
CA VAL A 63 17.88 -0.64 1.38
C VAL A 63 19.35 -0.52 1.75
N ASN A 64 19.63 0.21 2.82
CA ASN A 64 21.00 0.41 3.28
C ASN A 64 21.03 1.19 4.59
N VAL A 65 22.00 0.89 5.43
CA VAL A 65 22.15 1.58 6.71
C VAL A 65 23.53 2.18 6.87
N LYS A 66 24.19 2.45 5.75
CA LYS A 66 25.53 3.02 5.75
C LYS A 66 25.51 4.44 6.31
N PRO A 67 24.72 5.32 5.68
CA PRO A 67 24.60 6.71 6.10
C PRO A 67 23.86 6.86 7.43
N ALA A 68 23.73 8.09 7.90
CA ALA A 68 23.04 8.36 9.16
C ALA A 68 21.60 7.86 9.12
N PRO A 69 21.00 7.67 10.30
CA PRO A 69 19.62 7.18 10.42
C PRO A 69 18.60 8.22 9.97
N GLU A 70 18.99 9.49 10.06
CA GLU A 70 18.11 10.58 9.65
C GLU A 70 17.79 10.51 8.16
N LYS A 71 18.63 9.79 7.42
CA LYS A 71 18.44 9.64 5.98
C LYS A 71 18.24 8.18 5.61
N ARG A 72 17.91 7.36 6.60
CA ARG A 72 17.68 5.94 6.39
C ARG A 72 16.41 5.71 5.58
N GLU A 73 16.43 4.70 4.72
CA GLU A 73 15.28 4.38 3.90
C GLU A 73 14.88 2.90 4.05
N PHE A 74 13.70 2.56 3.56
CA PHE A 74 13.20 1.20 3.66
C PHE A 74 12.49 0.79 2.38
N TRP A 75 12.51 -0.51 2.07
CA TRP A 75 11.86 -1.03 0.87
C TRP A 75 10.37 -1.20 1.09
N GLY A 76 9.61 -1.26 0.00
CA GLY A 76 8.18 -1.42 0.10
C GLY A 76 7.46 -0.94 -1.15
N TRP A 77 6.14 -1.16 -1.20
CA TRP A 77 5.35 -0.76 -2.35
C TRP A 77 4.28 0.25 -1.93
N TRP A 78 3.92 1.14 -2.85
CA TRP A 78 2.89 2.16 -2.58
C TRP A 78 1.51 1.63 -2.92
N MET A 79 0.56 1.85 -2.02
CA MET A 79 -0.82 1.40 -2.23
C MET A 79 -1.76 2.60 -2.32
N GLU A 80 -2.32 2.82 -3.51
CA GLU A 80 -3.24 3.92 -3.72
C GLU A 80 -4.64 3.41 -4.02
N LEU A 81 -5.57 3.67 -3.11
CA LEU A 81 -6.96 3.23 -3.28
C LEU A 81 -7.93 4.39 -3.04
N GLU A 82 -9.10 4.30 -3.65
CA GLU A 82 -10.12 5.34 -3.50
C GLU A 82 -11.50 4.73 -3.32
N ALA A 83 -12.06 4.87 -2.11
CA ALA A 83 -13.37 4.33 -1.81
C ALA A 83 -14.42 4.89 -2.75
N GLN A 84 -14.99 4.02 -3.58
CA GLN A 84 -16.01 4.44 -4.54
C GLN A 84 -17.38 4.53 -3.87
N GLU A 85 -18.41 4.80 -4.66
CA GLU A 85 -19.77 4.91 -4.15
C GLU A 85 -20.13 3.70 -3.28
N LYS A 86 -19.98 2.51 -3.86
CA LYS A 86 -20.29 1.28 -3.16
C LYS A 86 -19.33 0.16 -3.55
N ARG A 87 -18.05 0.51 -3.67
CA ARG A 87 -17.02 -0.46 -4.05
C ARG A 87 -15.65 0.00 -3.60
N PHE A 88 -14.64 -0.81 -3.88
CA PHE A 88 -13.26 -0.47 -3.51
C PHE A 88 -12.28 -0.94 -4.58
N THR A 89 -11.23 -0.15 -4.79
CA THR A 89 -10.21 -0.48 -5.79
C THR A 89 -8.81 -0.14 -5.29
N TYR A 90 -7.85 -1.01 -5.57
CA TYR A 90 -6.48 -0.79 -5.16
C TYR A 90 -5.52 -0.95 -6.33
N ARG A 91 -4.25 -0.63 -6.10
CA ARG A 91 -3.23 -0.74 -7.14
C ARG A 91 -1.89 -1.17 -6.53
N TYR A 92 -1.01 -1.70 -7.39
CA TYR A 92 0.29 -2.15 -6.95
C TYR A 92 1.41 -1.34 -7.61
N GLN A 93 2.23 -0.70 -6.79
CA GLN A 93 3.33 0.11 -7.29
C GLN A 93 4.61 -0.16 -6.49
N PHE A 94 5.71 -0.36 -7.21
CA PHE A 94 6.99 -0.63 -6.57
C PHE A 94 7.83 0.65 -6.47
N GLY A 95 8.77 0.66 -5.54
CA GLY A 95 9.61 1.82 -5.35
C GLY A 95 10.19 1.91 -3.96
N LEU A 96 10.91 3.00 -3.67
CA LEU A 96 11.51 3.20 -2.37
C LEU A 96 10.77 4.27 -1.58
N PHE A 97 10.66 4.07 -0.26
CA PHE A 97 9.99 5.03 0.59
C PHE A 97 10.98 5.75 1.50
N ASP A 98 11.31 6.99 1.14
CA ASP A 98 12.24 7.78 1.92
C ASP A 98 11.57 8.37 3.16
N LYS A 99 12.37 8.94 4.06
CA LYS A 99 11.85 9.54 5.28
C LYS A 99 11.06 10.81 4.97
N GLU A 100 11.40 11.46 3.86
CA GLU A 100 10.73 12.68 3.46
C GLU A 100 9.38 12.38 2.83
N GLY A 101 9.13 11.10 2.56
CA GLY A 101 7.87 10.69 1.95
C GLY A 101 7.75 11.14 0.51
N ASN A 102 8.88 11.53 -0.08
CA ASN A 102 8.90 11.98 -1.47
C ASN A 102 9.02 10.80 -2.43
N TRP A 103 8.10 10.72 -3.38
CA TRP A 103 8.10 9.64 -4.37
C TRP A 103 9.47 9.53 -5.03
N THR A 104 10.08 8.35 -4.93
CA THR A 104 11.39 8.11 -5.52
C THR A 104 11.52 6.68 -6.02
N VAL A 105 11.47 6.50 -7.34
CA VAL A 105 11.58 5.18 -7.93
C VAL A 105 13.04 4.77 -8.10
N VAL A 106 13.41 3.64 -7.49
CA VAL A 106 14.77 3.15 -7.57
C VAL A 106 14.79 1.67 -7.94
N PRO A 107 15.89 1.23 -8.57
CA PRO A 107 16.08 -0.16 -8.99
C PRO A 107 16.25 -1.11 -7.81
N ILE A 108 15.67 -2.30 -7.91
CA ILE A 108 15.78 -3.30 -6.86
C ILE A 108 16.95 -4.23 -7.10
N ASN A 109 17.93 -4.20 -6.20
CA ASN A 109 19.11 -5.05 -6.32
C ASN A 109 18.96 -6.31 -5.46
N GLU A 110 19.69 -7.35 -5.82
CA GLU A 110 19.64 -8.61 -5.09
C GLU A 110 18.25 -9.23 -5.18
N THR A 111 18.12 -10.26 -6.02
CA THR A 111 16.84 -10.94 -6.20
C THR A 111 16.28 -11.42 -4.87
N GLU A 112 17.18 -11.70 -3.92
CA GLU A 112 16.77 -12.16 -2.60
C GLU A 112 15.76 -11.22 -1.98
N VAL A 113 15.92 -9.93 -2.25
CA VAL A 113 15.02 -8.92 -1.70
C VAL A 113 13.71 -8.88 -2.49
N VAL A 114 13.83 -8.87 -3.82
CA VAL A 114 12.66 -8.83 -4.69
C VAL A 114 11.66 -9.93 -4.33
N GLU A 115 12.18 -11.06 -3.88
CA GLU A 115 11.34 -12.19 -3.50
C GLU A 115 10.47 -11.84 -2.30
N ARG A 116 11.03 -11.07 -1.37
CA ARG A 116 10.32 -10.66 -0.17
C ARG A 116 9.20 -9.67 -0.52
N LEU A 117 9.44 -8.84 -1.52
CA LEU A 117 8.45 -7.85 -1.95
C LEU A 117 7.27 -8.53 -2.63
N GLU A 118 7.54 -9.60 -3.35
CA GLU A 118 6.49 -10.35 -4.05
C GLU A 118 5.57 -11.05 -3.06
N TYR A 119 6.15 -11.54 -1.97
CA TYR A 119 5.38 -12.24 -0.94
C TYR A 119 4.51 -11.27 -0.16
N THR A 120 5.03 -10.06 0.07
CA THR A 120 4.29 -9.04 0.81
C THR A 120 3.05 -8.58 0.04
N LEU A 121 3.24 -8.31 -1.25
CA LEU A 121 2.13 -7.87 -2.10
C LEU A 121 1.15 -9.00 -2.35
N ARG A 122 1.68 -10.22 -2.45
CA ARG A 122 0.83 -11.39 -2.70
C ARG A 122 -0.07 -11.67 -1.51
N GLU A 123 0.52 -11.69 -0.31
CA GLU A 123 -0.24 -11.95 0.91
C GLU A 123 -1.10 -10.74 1.27
N PHE A 124 -0.64 -9.55 0.89
CA PHE A 124 -1.37 -8.32 1.17
C PHE A 124 -2.78 -8.38 0.59
N HIS A 125 -2.90 -8.93 -0.60
CA HIS A 125 -4.20 -9.05 -1.27
C HIS A 125 -5.09 -10.06 -0.54
N GLU A 126 -4.48 -11.08 0.04
CA GLU A 126 -5.21 -12.11 0.76
C GLU A 126 -5.90 -11.53 1.99
N LYS A 127 -5.15 -10.75 2.77
CA LYS A 127 -5.69 -10.14 3.97
C LYS A 127 -6.70 -9.04 3.62
N LEU A 128 -6.47 -8.38 2.50
CA LEU A 128 -7.36 -7.31 2.05
C LEU A 128 -8.74 -7.86 1.70
N ARG A 129 -8.76 -9.07 1.14
CA ARG A 129 -10.00 -9.72 0.75
C ARG A 129 -10.92 -9.88 1.96
N ASP A 130 -10.35 -10.30 3.09
CA ASP A 130 -11.12 -10.51 4.31
C ASP A 130 -11.68 -9.18 4.82
N LEU A 131 -10.83 -8.14 4.81
CA LEU A 131 -11.25 -6.83 5.28
C LEU A 131 -12.45 -6.31 4.49
N LEU A 132 -12.33 -6.35 3.16
CA LEU A 132 -13.40 -5.89 2.28
C LEU A 132 -14.66 -6.73 2.49
N ILE A 133 -14.48 -8.00 2.83
CA ILE A 133 -15.61 -8.90 3.04
C ILE A 133 -16.34 -8.55 4.34
N SER A 134 -15.60 -8.00 5.30
CA SER A 134 -16.19 -7.62 6.58
C SER A 134 -17.07 -6.38 6.43
N MET A 135 -16.78 -5.58 5.42
CA MET A 135 -17.55 -4.36 5.16
C MET A 135 -18.52 -4.57 4.01
N GLU A 136 -18.49 -5.76 3.43
CA GLU A 136 -19.37 -6.08 2.30
C GLU A 136 -19.04 -5.22 1.09
N LEU A 137 -17.77 -4.91 0.91
CA LEU A 137 -17.32 -4.09 -0.20
C LEU A 137 -16.69 -4.96 -1.29
N ALA A 138 -17.10 -4.72 -2.54
CA ALA A 138 -16.57 -5.47 -3.66
C ALA A 138 -15.16 -5.02 -4.02
N LEU A 139 -14.42 -5.89 -4.70
CA LEU A 139 -13.05 -5.58 -5.09
C LEU A 139 -12.83 -5.85 -6.57
N GLU A 140 -12.14 -4.95 -7.25
CA GLU A 140 -11.86 -5.09 -8.68
C GLU A 140 -10.60 -4.31 -9.07
N PRO A 141 -10.02 -4.68 -10.21
CA PRO A 141 -8.81 -4.03 -10.73
C PRO A 141 -9.07 -2.61 -11.21
N SER A 142 -8.00 -1.88 -11.52
CA SER A 142 -8.12 -0.51 -11.99
C SER A 142 -8.17 -0.45 -13.51
N ASP A 143 -9.09 0.35 -14.02
CA ASP A 143 -9.26 0.50 -15.47
C ASP A 143 -7.97 1.01 -16.11
N ASP A 144 -7.14 1.68 -15.31
CA ASP A 144 -5.88 2.22 -15.79
C ASP A 144 -4.80 1.15 -15.82
N PHE A 145 -5.10 0.00 -15.23
CA PHE A 145 -4.15 -1.11 -15.19
C PHE A 145 -4.55 -2.20 -16.18
N ASN A 146 -3.54 -2.92 -16.68
CA ASN A 146 -3.78 -3.99 -17.63
C ASN A 146 -3.76 -5.36 -16.95
N ASP A 147 -3.88 -6.41 -17.74
CA ASP A 147 -3.88 -7.78 -17.20
C ASP A 147 -2.51 -8.42 -17.38
N GLU A 148 -1.60 -8.13 -16.45
CA GLU A 148 -0.25 -8.68 -16.51
C GLU A 148 0.43 -8.59 -15.15
N PRO A 149 -0.07 -9.38 -14.19
CA PRO A 149 0.47 -9.41 -12.83
C PRO A 149 1.86 -10.05 -12.77
N VAL A 150 2.60 -9.75 -11.71
CA VAL A 150 3.94 -10.29 -11.54
C VAL A 150 3.92 -11.82 -11.62
N LYS A 151 4.87 -12.37 -12.37
CA LYS A 151 4.98 -13.81 -12.54
C LYS A 151 5.87 -14.42 -11.46
N LEU A 152 5.26 -14.94 -10.40
CA LEU A 152 6.00 -15.56 -9.31
C LEU A 152 6.55 -16.92 -9.72
N SER A 153 5.83 -17.61 -10.59
CA SER A 153 6.25 -18.92 -11.07
C SER A 153 6.81 -18.83 -12.49
N ALA A 154 7.92 -18.11 -12.64
CA ALA A 154 8.56 -17.95 -13.94
C ALA A 154 9.80 -18.83 -14.06
N MET A 22 -13.04 15.49 7.47
CA MET A 22 -13.35 15.36 6.05
C MET A 22 -13.58 13.91 5.67
N THR A 23 -14.84 13.54 5.48
CA THR A 23 -15.20 12.17 5.12
C THR A 23 -14.91 11.90 3.65
N LEU A 24 -14.81 10.63 3.30
CA LEU A 24 -14.53 10.24 1.92
C LEU A 24 -15.66 10.67 1.00
N PRO A 25 -15.32 10.87 -0.29
CA PRO A 25 -16.30 11.29 -1.30
C PRO A 25 -17.29 10.18 -1.63
N SER A 26 -16.96 8.96 -1.27
CA SER A 26 -17.82 7.81 -1.53
C SER A 26 -18.97 7.76 -0.52
N GLY A 27 -18.79 8.45 0.60
CA GLY A 27 -19.82 8.46 1.62
C GLY A 27 -19.42 7.68 2.86
N HIS A 28 -18.24 7.09 2.83
CA HIS A 28 -17.74 6.31 3.95
C HIS A 28 -16.85 7.16 4.86
N PRO A 29 -16.83 6.84 6.15
CA PRO A 29 -16.04 7.56 7.15
C PRO A 29 -14.54 7.32 6.97
N LYS A 30 -13.78 8.41 6.86
CA LYS A 30 -12.34 8.33 6.69
C LYS A 30 -11.67 7.82 7.96
N SER A 31 -12.26 8.16 9.11
CA SER A 31 -11.72 7.74 10.39
C SER A 31 -11.85 6.23 10.57
N ARG A 32 -13.04 5.70 10.27
CA ARG A 32 -13.29 4.27 10.40
C ARG A 32 -12.37 3.47 9.48
N LEU A 33 -12.04 4.06 8.33
CA LEU A 33 -11.18 3.40 7.36
C LEU A 33 -9.76 3.28 7.89
N ILE A 34 -9.24 4.37 8.46
CA ILE A 34 -7.89 4.39 9.00
C ILE A 34 -7.73 3.36 10.11
N LYS A 35 -8.68 3.36 11.05
CA LYS A 35 -8.65 2.41 12.16
C LYS A 35 -8.83 0.98 11.67
N LYS A 36 -9.66 0.82 10.64
CA LYS A 36 -9.93 -0.51 10.07
C LYS A 36 -8.68 -1.05 9.38
N PHE A 37 -8.08 -0.23 8.53
CA PHE A 37 -6.88 -0.64 7.79
C PHE A 37 -5.73 -0.93 8.75
N THR A 38 -5.79 -0.32 9.93
CA THR A 38 -4.75 -0.50 10.94
C THR A 38 -4.66 -1.96 11.37
N ALA A 39 -5.74 -2.71 11.16
CA ALA A 39 -5.77 -4.12 11.52
C ALA A 39 -5.08 -4.98 10.46
N LEU A 40 -4.70 -4.35 9.35
CA LEU A 40 -4.03 -5.06 8.27
C LEU A 40 -2.54 -4.73 8.25
N GLY A 41 -2.10 -3.95 9.24
CA GLY A 41 -0.70 -3.58 9.31
C GLY A 41 -0.46 -2.43 10.28
N PRO A 42 0.59 -1.63 10.02
CA PRO A 42 0.94 -0.49 10.87
C PRO A 42 -0.07 0.64 10.78
N TYR A 43 0.05 1.61 11.68
CA TYR A 43 -0.86 2.75 11.70
C TYR A 43 -0.77 3.55 10.41
N ILE A 44 -1.90 3.70 9.73
CA ILE A 44 -1.94 4.45 8.48
C ILE A 44 -1.73 5.94 8.71
N ARG A 45 -0.97 6.57 7.83
CA ARG A 45 -0.69 8.00 7.94
C ARG A 45 -1.89 8.83 7.50
N GLU A 46 -2.43 9.62 8.42
CA GLU A 46 -3.58 10.46 8.14
C GLU A 46 -3.19 11.65 7.26
N GLY A 47 -2.15 12.38 7.69
CA GLY A 47 -1.70 13.53 6.93
C GLY A 47 -2.34 14.81 7.40
N GLN A 48 -1.98 15.91 6.75
CA GLN A 48 -2.53 17.22 7.11
C GLN A 48 -3.34 17.80 5.96
N CYS A 49 -2.95 17.47 4.73
CA CYS A 49 -3.64 17.96 3.54
C CYS A 49 -4.79 17.03 3.17
N GLU A 50 -5.50 17.36 2.09
CA GLU A 50 -6.62 16.56 1.63
C GLU A 50 -6.21 15.10 1.46
N ASP A 51 -6.99 14.21 2.06
CA ASP A 51 -6.71 12.77 1.98
C ASP A 51 -7.53 12.12 0.87
N ASN A 52 -7.07 12.31 -0.37
CA ASN A 52 -7.76 11.74 -1.53
C ASN A 52 -7.47 10.24 -1.66
N ARG A 53 -6.18 9.89 -1.70
CA ARG A 53 -5.77 8.50 -1.81
C ARG A 53 -5.04 8.04 -0.56
N PHE A 54 -4.97 6.73 -0.37
CA PHE A 54 -4.30 6.16 0.80
C PHE A 54 -2.88 5.73 0.44
N PHE A 55 -2.01 5.70 1.44
CA PHE A 55 -0.62 5.31 1.24
C PHE A 55 -0.10 4.52 2.44
N PHE A 56 0.35 3.30 2.18
CA PHE A 56 0.87 2.44 3.24
C PHE A 56 2.33 2.09 2.98
N ASP A 57 3.13 2.06 4.04
CA ASP A 57 4.54 1.73 3.93
C ASP A 57 4.82 0.33 4.46
N CYS A 58 5.19 -0.58 3.57
CA CYS A 58 5.49 -1.95 3.96
C CYS A 58 7.00 -2.22 3.92
N LEU A 59 7.62 -2.23 5.09
CA LEU A 59 9.06 -2.48 5.19
C LEU A 59 9.38 -3.94 4.92
N ALA A 60 9.62 -4.26 3.65
CA ALA A 60 9.95 -5.63 3.26
C ALA A 60 11.43 -5.93 3.50
N VAL A 61 12.30 -5.14 2.87
CA VAL A 61 13.73 -5.33 3.01
C VAL A 61 14.43 -4.02 3.35
N CYS A 62 15.47 -4.09 4.17
CA CYS A 62 16.21 -2.90 4.58
C CYS A 62 17.33 -2.61 3.59
N VAL A 63 17.32 -1.40 3.03
CA VAL A 63 18.34 -1.00 2.07
C VAL A 63 19.73 -1.10 2.68
N ASN A 64 19.80 -1.05 4.01
CA ASN A 64 21.07 -1.14 4.71
C ASN A 64 21.92 0.10 4.43
N VAL A 65 22.43 0.72 5.51
CA VAL A 65 23.27 1.90 5.38
C VAL A 65 24.27 1.98 6.53
N LYS A 66 25.40 2.63 6.27
CA LYS A 66 26.44 2.78 7.28
C LYS A 66 25.90 3.46 8.53
N PRO A 67 25.37 4.68 8.36
CA PRO A 67 24.80 5.46 9.46
C PRO A 67 23.50 4.86 9.98
N ALA A 68 22.80 5.62 10.82
CA ALA A 68 21.54 5.16 11.40
C ALA A 68 20.56 4.78 10.29
N PRO A 69 19.58 3.94 10.64
CA PRO A 69 18.55 3.46 9.70
C PRO A 69 17.59 4.57 9.31
N GLU A 70 17.33 5.49 10.23
CA GLU A 70 16.42 6.60 9.97
C GLU A 70 16.96 7.50 8.87
N LYS A 71 18.27 7.39 8.61
CA LYS A 71 18.91 8.20 7.58
C LYS A 71 18.75 7.55 6.21
N ARG A 72 18.32 6.29 6.20
CA ARG A 72 18.13 5.56 4.95
C ARG A 72 16.69 5.07 4.82
N GLU A 73 16.25 4.87 3.59
CA GLU A 73 14.89 4.41 3.33
C GLU A 73 14.85 2.89 3.19
N PHE A 74 13.64 2.33 3.22
CA PHE A 74 13.46 0.89 3.09
C PHE A 74 12.58 0.55 1.89
N TRP A 75 12.58 -0.73 1.51
CA TRP A 75 11.78 -1.18 0.37
C TRP A 75 10.34 -1.42 0.80
N GLY A 76 9.41 -0.98 -0.04
CA GLY A 76 8.00 -1.16 0.26
C GLY A 76 7.10 -0.55 -0.79
N TRP A 77 6.18 -1.34 -1.33
CA TRP A 77 5.25 -0.87 -2.35
C TRP A 77 4.00 -0.27 -1.71
N TRP A 78 3.69 0.97 -2.07
CA TRP A 78 2.51 1.66 -1.54
C TRP A 78 1.26 1.28 -2.32
N MET A 79 0.11 1.43 -1.69
CA MET A 79 -1.17 1.11 -2.32
C MET A 79 -2.14 2.27 -2.21
N GLU A 80 -2.59 2.77 -3.35
CA GLU A 80 -3.53 3.89 -3.38
C GLU A 80 -4.89 3.44 -3.92
N LEU A 81 -5.92 3.54 -3.08
CA LEU A 81 -7.26 3.15 -3.47
C LEU A 81 -8.27 4.24 -3.12
N GLU A 82 -9.43 4.20 -3.78
CA GLU A 82 -10.47 5.20 -3.54
C GLU A 82 -11.82 4.51 -3.31
N ALA A 83 -12.32 4.61 -2.08
CA ALA A 83 -13.60 4.01 -1.73
C ALA A 83 -14.69 4.42 -2.72
N GLN A 84 -15.49 3.44 -3.14
CA GLN A 84 -16.57 3.70 -4.10
C GLN A 84 -17.91 3.82 -3.38
N GLU A 85 -18.98 3.93 -4.15
CA GLU A 85 -20.32 4.04 -3.59
C GLU A 85 -20.61 2.91 -2.62
N LYS A 86 -20.50 1.67 -3.10
CA LYS A 86 -20.73 0.50 -2.27
C LYS A 86 -19.73 -0.61 -2.60
N ARG A 87 -18.56 -0.22 -3.07
CA ARG A 87 -17.51 -1.17 -3.41
C ARG A 87 -16.13 -0.57 -3.16
N PHE A 88 -15.11 -1.43 -3.25
CA PHE A 88 -13.73 -0.99 -3.02
C PHE A 88 -12.84 -1.38 -4.18
N THR A 89 -11.67 -0.76 -4.27
CA THR A 89 -10.72 -1.04 -5.34
C THR A 89 -9.29 -1.06 -4.82
N TYR A 90 -8.38 -1.61 -5.61
CA TYR A 90 -6.98 -1.69 -5.24
C TYR A 90 -6.08 -1.86 -6.46
N ARG A 91 -4.91 -1.24 -6.42
CA ARG A 91 -3.97 -1.32 -7.53
C ARG A 91 -2.57 -1.65 -7.03
N TYR A 92 -1.72 -2.14 -7.93
CA TYR A 92 -0.36 -2.51 -7.58
C TYR A 92 0.63 -1.42 -8.00
N GLN A 93 1.24 -0.77 -7.02
CA GLN A 93 2.20 0.29 -7.29
C GLN A 93 3.44 0.15 -6.41
N PHE A 94 4.59 -0.08 -7.05
CA PHE A 94 5.84 -0.24 -6.33
C PHE A 94 6.57 1.09 -6.18
N GLY A 95 7.35 1.23 -5.11
CA GLY A 95 8.08 2.46 -4.87
C GLY A 95 9.00 2.36 -3.67
N LEU A 96 9.17 3.47 -2.97
CA LEU A 96 10.03 3.51 -1.79
C LEU A 96 9.46 4.46 -0.74
N PHE A 97 9.62 4.09 0.53
CA PHE A 97 9.14 4.91 1.63
C PHE A 97 10.28 5.63 2.33
N ASP A 98 10.28 6.96 2.26
CA ASP A 98 11.33 7.76 2.88
C ASP A 98 10.89 8.24 4.25
N LYS A 99 11.76 9.01 4.91
CA LYS A 99 11.46 9.54 6.23
C LYS A 99 10.59 10.79 6.13
N GLU A 100 10.66 11.46 5.00
CA GLU A 100 9.88 12.68 4.77
C GLU A 100 8.53 12.35 4.15
N GLY A 101 8.37 11.11 3.73
CA GLY A 101 7.12 10.68 3.13
C GLY A 101 6.89 11.31 1.76
N ASN A 102 7.94 11.89 1.20
CA ASN A 102 7.86 12.53 -0.11
C ASN A 102 8.07 11.52 -1.22
N TRP A 103 7.42 11.75 -2.37
CA TRP A 103 7.54 10.86 -3.51
C TRP A 103 9.01 10.66 -3.90
N THR A 104 9.41 9.40 -4.03
CA THR A 104 10.78 9.08 -4.40
C THR A 104 10.84 7.84 -5.29
N VAL A 105 11.15 8.05 -6.56
CA VAL A 105 11.23 6.95 -7.52
C VAL A 105 12.61 6.30 -7.48
N VAL A 106 12.64 5.00 -7.16
CA VAL A 106 13.89 4.26 -7.10
C VAL A 106 13.69 2.81 -7.48
N PRO A 107 14.58 2.29 -8.35
CA PRO A 107 14.51 0.90 -8.82
C PRO A 107 14.85 -0.10 -7.71
N ILE A 108 14.15 -1.23 -7.70
CA ILE A 108 14.38 -2.25 -6.70
C ILE A 108 15.68 -3.01 -6.97
N ASN A 109 16.29 -3.52 -5.91
CA ASN A 109 17.54 -4.27 -6.05
C ASN A 109 17.36 -5.48 -6.96
N GLU A 110 18.39 -6.31 -7.05
CA GLU A 110 18.34 -7.50 -7.88
C GLU A 110 17.09 -8.32 -7.58
N THR A 111 16.83 -9.33 -8.42
CA THR A 111 15.67 -10.18 -8.25
C THR A 111 15.61 -10.76 -6.84
N GLU A 112 16.78 -10.90 -6.22
CA GLU A 112 16.86 -11.43 -4.86
C GLU A 112 15.95 -10.67 -3.91
N VAL A 113 15.94 -9.35 -4.05
CA VAL A 113 15.12 -8.50 -3.21
C VAL A 113 13.68 -8.47 -3.70
N VAL A 114 13.50 -8.24 -4.99
CA VAL A 114 12.17 -8.20 -5.60
C VAL A 114 11.35 -9.43 -5.22
N GLU A 115 12.04 -10.56 -5.07
CA GLU A 115 11.38 -11.81 -4.70
C GLU A 115 10.70 -11.70 -3.34
N ARG A 116 11.33 -10.96 -2.44
CA ARG A 116 10.79 -10.77 -1.09
C ARG A 116 9.53 -9.92 -1.12
N LEU A 117 9.54 -8.90 -1.98
CA LEU A 117 8.40 -8.01 -2.11
C LEU A 117 7.22 -8.71 -2.78
N GLU A 118 7.54 -9.60 -3.72
CA GLU A 118 6.51 -10.34 -4.45
C GLU A 118 5.62 -11.11 -3.48
N TYR A 119 6.22 -11.65 -2.41
CA TYR A 119 5.49 -12.40 -1.41
C TYR A 119 4.53 -11.50 -0.63
N THR A 120 5.07 -10.40 -0.12
CA THR A 120 4.26 -9.46 0.65
C THR A 120 3.17 -8.83 -0.21
N LEU A 121 3.41 -8.79 -1.52
CA LEU A 121 2.45 -8.22 -2.45
C LEU A 121 1.13 -9.00 -2.42
N ARG A 122 1.23 -10.31 -2.64
CA ARG A 122 0.05 -11.17 -2.64
C ARG A 122 -0.51 -11.33 -1.24
N GLU A 123 0.39 -11.51 -0.27
CA GLU A 123 -0.02 -11.68 1.12
C GLU A 123 -0.85 -10.49 1.60
N PHE A 124 -0.60 -9.32 1.01
CA PHE A 124 -1.32 -8.12 1.37
C PHE A 124 -2.78 -8.20 0.92
N HIS A 125 -2.99 -8.74 -0.28
CA HIS A 125 -4.32 -8.88 -0.84
C HIS A 125 -5.12 -9.93 -0.07
N GLU A 126 -4.43 -10.96 0.41
CA GLU A 126 -5.07 -12.03 1.15
C GLU A 126 -5.78 -11.49 2.40
N LYS A 127 -5.06 -10.67 3.16
CA LYS A 127 -5.61 -10.08 4.38
C LYS A 127 -6.61 -8.99 4.05
N LEU A 128 -6.38 -8.30 2.93
CA LEU A 128 -7.27 -7.22 2.50
C LEU A 128 -8.69 -7.74 2.30
N ARG A 129 -8.81 -8.96 1.83
CA ARG A 129 -10.12 -9.57 1.59
C ARG A 129 -10.89 -9.71 2.90
N ASP A 130 -10.23 -10.19 3.93
CA ASP A 130 -10.86 -10.37 5.24
C ASP A 130 -11.43 -9.05 5.74
N LEU A 131 -10.64 -7.99 5.64
CA LEU A 131 -11.07 -6.67 6.09
C LEU A 131 -12.33 -6.24 5.36
N LEU A 132 -12.31 -6.31 4.04
CA LEU A 132 -13.46 -5.93 3.22
C LEU A 132 -14.66 -6.80 3.54
N ILE A 133 -14.40 -8.05 3.90
CA ILE A 133 -15.46 -8.99 4.22
C ILE A 133 -16.16 -8.60 5.52
N SER A 134 -15.41 -7.97 6.42
CA SER A 134 -15.95 -7.55 7.71
C SER A 134 -16.87 -6.34 7.53
N MET A 135 -16.66 -5.59 6.46
CA MET A 135 -17.48 -4.41 6.17
C MET A 135 -18.48 -4.69 5.06
N GLU A 136 -18.42 -5.90 4.51
CA GLU A 136 -19.32 -6.29 3.44
C GLU A 136 -19.08 -5.44 2.19
N LEU A 137 -17.82 -5.08 1.96
CA LEU A 137 -17.45 -4.27 0.81
C LEU A 137 -16.82 -5.12 -0.28
N ALA A 138 -17.42 -5.12 -1.46
CA ALA A 138 -16.91 -5.89 -2.59
C ALA A 138 -15.60 -5.31 -3.10
N LEU A 139 -14.83 -6.12 -3.81
CA LEU A 139 -13.55 -5.70 -4.36
C LEU A 139 -13.46 -6.01 -5.85
N GLU A 140 -12.89 -5.09 -6.61
CA GLU A 140 -12.74 -5.27 -8.05
C GLU A 140 -11.45 -4.64 -8.55
N PRO A 141 -10.99 -5.07 -9.73
CA PRO A 141 -9.76 -4.56 -10.35
C PRO A 141 -9.91 -3.12 -10.82
N SER A 142 -8.79 -2.52 -11.22
CA SER A 142 -8.79 -1.14 -11.69
C SER A 142 -8.78 -1.08 -13.21
N ASP A 143 -9.42 -0.06 -13.76
CA ASP A 143 -9.48 0.11 -15.22
C ASP A 143 -8.11 0.43 -15.80
N ASP A 144 -7.23 0.96 -14.95
CA ASP A 144 -5.89 1.32 -15.37
C ASP A 144 -4.90 0.21 -15.04
N PHE A 145 -5.40 -1.02 -14.98
CA PHE A 145 -4.58 -2.19 -14.67
C PHE A 145 -4.03 -2.81 -15.95
N ASN A 146 -2.70 -2.88 -16.05
CA ASN A 146 -2.05 -3.46 -17.21
C ASN A 146 -2.22 -4.98 -17.24
N ASP A 147 -1.61 -5.62 -18.23
CA ASP A 147 -1.69 -7.07 -18.37
C ASP A 147 -0.35 -7.71 -18.06
N GLU A 148 0.47 -7.03 -17.26
CA GLU A 148 1.78 -7.54 -16.90
C GLU A 148 2.03 -7.40 -15.40
N PRO A 149 1.30 -8.19 -14.59
CA PRO A 149 1.43 -8.16 -13.14
C PRO A 149 2.76 -8.72 -12.65
N VAL A 150 3.14 -8.36 -11.44
CA VAL A 150 4.40 -8.83 -10.86
C VAL A 150 4.48 -10.35 -10.89
N LYS A 151 5.67 -10.86 -11.16
CA LYS A 151 5.89 -12.31 -11.22
C LYS A 151 5.90 -12.91 -9.82
N LEU A 152 4.76 -13.45 -9.40
CA LEU A 152 4.64 -14.06 -8.09
C LEU A 152 5.35 -15.41 -8.05
N SER A 153 5.31 -16.14 -9.15
CA SER A 153 5.95 -17.44 -9.25
C SER A 153 7.26 -17.35 -10.02
N ALA A 154 8.23 -16.63 -9.46
CA ALA A 154 9.53 -16.46 -10.08
C ALA A 154 10.59 -17.33 -9.40
N MET A 22 -13.70 15.26 7.75
CA MET A 22 -13.92 14.31 8.85
C MET A 22 -14.38 12.97 8.31
N THR A 23 -15.01 12.98 7.14
CA THR A 23 -15.52 11.76 6.52
C THR A 23 -15.21 11.73 5.02
N LEU A 24 -15.22 10.55 4.44
CA LEU A 24 -14.94 10.39 3.02
C LEU A 24 -16.08 10.95 2.18
N PRO A 25 -15.76 11.36 0.94
CA PRO A 25 -16.74 11.93 0.01
C PRO A 25 -17.73 10.89 -0.48
N SER A 26 -17.32 9.63 -0.45
CA SER A 26 -18.18 8.53 -0.91
C SER A 26 -19.33 8.30 0.07
N GLY A 27 -19.19 8.84 1.27
CA GLY A 27 -20.22 8.68 2.29
C GLY A 27 -19.80 7.76 3.41
N HIS A 28 -18.65 7.11 3.25
CA HIS A 28 -18.13 6.21 4.26
C HIS A 28 -17.35 6.97 5.33
N PRO A 29 -17.30 6.40 6.55
CA PRO A 29 -16.60 7.02 7.68
C PRO A 29 -15.09 6.99 7.51
N LYS A 30 -14.47 8.16 7.57
CA LYS A 30 -13.02 8.26 7.41
C LYS A 30 -12.30 7.70 8.64
N SER A 31 -12.67 8.20 9.82
CA SER A 31 -12.05 7.73 11.05
C SER A 31 -12.15 6.22 11.18
N ARG A 32 -13.32 5.68 10.85
CA ARG A 32 -13.55 4.25 10.94
C ARG A 32 -12.61 3.49 10.00
N LEU A 33 -12.52 3.96 8.75
CA LEU A 33 -11.66 3.33 7.77
C LEU A 33 -10.21 3.32 8.23
N ILE A 34 -9.75 4.44 8.78
CA ILE A 34 -8.38 4.56 9.26
C ILE A 34 -8.11 3.53 10.35
N LYS A 35 -9.00 3.45 11.32
CA LYS A 35 -8.86 2.50 12.42
C LYS A 35 -8.99 1.07 11.93
N LYS A 36 -9.85 0.86 10.94
CA LYS A 36 -10.07 -0.46 10.37
C LYS A 36 -8.84 -0.95 9.62
N PHE A 37 -8.35 -0.13 8.70
CA PHE A 37 -7.18 -0.47 7.91
C PHE A 37 -5.97 -0.73 8.82
N THR A 38 -5.99 -0.11 10.00
CA THR A 38 -4.90 -0.27 10.96
C THR A 38 -4.74 -1.73 11.37
N ALA A 39 -5.80 -2.51 11.21
CA ALA A 39 -5.78 -3.92 11.56
C ALA A 39 -5.10 -4.75 10.48
N LEU A 40 -4.81 -4.12 9.35
CA LEU A 40 -4.17 -4.79 8.23
C LEU A 40 -2.69 -4.40 8.13
N GLY A 41 -2.24 -3.60 9.09
CA GLY A 41 -0.85 -3.17 9.10
C GLY A 41 -0.59 -2.05 10.09
N PRO A 42 0.39 -1.20 9.79
CA PRO A 42 0.77 -0.07 10.65
C PRO A 42 -0.30 1.02 10.66
N TYR A 43 -0.18 1.96 11.60
CA TYR A 43 -1.13 3.05 11.73
C TYR A 43 -1.13 3.92 10.47
N ILE A 44 -2.30 4.03 9.84
CA ILE A 44 -2.42 4.82 8.63
C ILE A 44 -2.25 6.31 8.94
N ARG A 45 -1.57 7.02 8.03
CA ARG A 45 -1.34 8.44 8.20
C ARG A 45 -2.59 9.25 7.85
N GLU A 46 -3.40 9.55 8.86
CA GLU A 46 -4.62 10.31 8.66
C GLU A 46 -4.38 11.80 8.89
N GLY A 47 -5.01 12.63 8.06
CA GLY A 47 -4.85 14.07 8.18
C GLY A 47 -4.51 14.72 6.86
N GLN A 48 -3.73 15.79 6.91
CA GLN A 48 -3.33 16.51 5.72
C GLN A 48 -2.70 15.57 4.70
N CYS A 49 -1.99 14.56 5.19
CA CYS A 49 -1.34 13.59 4.33
C CYS A 49 -2.32 13.01 3.32
N GLU A 50 -3.48 12.58 3.81
CA GLU A 50 -4.51 12.00 2.96
C GLU A 50 -5.38 13.09 2.34
N ASP A 51 -5.34 13.19 1.01
CA ASP A 51 -6.13 14.18 0.29
C ASP A 51 -7.41 13.56 -0.26
N ASN A 52 -7.27 12.61 -1.17
CA ASN A 52 -8.42 11.96 -1.78
C ASN A 52 -8.29 10.43 -1.68
N ARG A 53 -7.18 9.91 -2.18
CA ARG A 53 -6.93 8.46 -2.15
C ARG A 53 -6.02 8.10 -0.98
N PHE A 54 -6.35 7.01 -0.31
CA PHE A 54 -5.56 6.55 0.83
C PHE A 54 -4.13 6.22 0.40
N PHE A 55 -3.18 6.48 1.30
CA PHE A 55 -1.77 6.21 1.02
C PHE A 55 -1.13 5.44 2.16
N PHE A 56 -0.73 4.20 1.88
CA PHE A 56 -0.09 3.35 2.89
C PHE A 56 1.34 3.04 2.51
N ASP A 57 2.25 3.19 3.47
CA ASP A 57 3.66 2.93 3.23
C ASP A 57 4.10 1.63 3.91
N CYS A 58 4.42 0.63 3.11
CA CYS A 58 4.85 -0.67 3.63
C CYS A 58 6.35 -0.86 3.44
N LEU A 59 7.03 -1.25 4.52
CA LEU A 59 8.47 -1.47 4.47
C LEU A 59 8.79 -2.88 3.96
N ALA A 60 9.71 -2.96 3.00
CA ALA A 60 10.10 -4.23 2.43
C ALA A 60 11.50 -4.63 2.91
N VAL A 61 12.49 -3.85 2.52
CA VAL A 61 13.88 -4.13 2.89
C VAL A 61 14.69 -2.83 3.00
N CYS A 62 15.44 -2.70 4.08
CA CYS A 62 16.26 -1.51 4.30
C CYS A 62 17.40 -1.45 3.27
N VAL A 63 17.40 -0.39 2.47
CA VAL A 63 18.43 -0.21 1.45
C VAL A 63 19.83 -0.29 2.06
N ASN A 64 19.97 0.23 3.27
CA ASN A 64 21.25 0.21 3.97
C ASN A 64 21.06 0.25 5.48
N VAL A 65 21.87 -0.51 6.19
CA VAL A 65 21.79 -0.56 7.65
C VAL A 65 23.07 -0.04 8.29
N LYS A 66 24.15 -0.04 7.53
CA LYS A 66 25.44 0.44 8.02
C LYS A 66 25.40 1.94 8.28
N PRO A 67 24.95 2.71 7.27
CA PRO A 67 24.84 4.16 7.36
C PRO A 67 23.74 4.61 8.32
N ALA A 68 23.78 5.87 8.73
CA ALA A 68 22.79 6.42 9.64
C ALA A 68 21.38 6.14 9.13
N PRO A 69 20.39 6.21 10.04
CA PRO A 69 18.99 5.98 9.70
C PRO A 69 18.40 7.10 8.84
N GLU A 70 18.95 8.30 9.00
CA GLU A 70 18.47 9.46 8.24
C GLU A 70 19.07 9.46 6.84
N LYS A 71 19.92 8.47 6.56
CA LYS A 71 20.56 8.36 5.25
C LYS A 71 20.12 7.08 4.53
N ARG A 72 19.50 6.17 5.29
CA ARG A 72 19.03 4.92 4.73
C ARG A 72 17.58 5.04 4.23
N GLU A 73 17.18 4.14 3.35
CA GLU A 73 15.83 4.15 2.81
C GLU A 73 15.19 2.77 2.90
N PHE A 74 13.88 2.71 2.69
CA PHE A 74 13.14 1.45 2.75
C PHE A 74 12.34 1.22 1.48
N TRP A 75 12.32 -0.01 1.01
CA TRP A 75 11.59 -0.36 -0.20
C TRP A 75 10.10 -0.55 0.10
N GLY A 76 9.28 -0.42 -0.93
CA GLY A 76 7.85 -0.59 -0.76
C GLY A 76 7.06 -0.10 -1.97
N TRP A 77 5.74 -0.26 -1.92
CA TRP A 77 4.88 0.17 -3.01
C TRP A 77 3.72 1.01 -2.49
N TRP A 78 3.69 2.28 -2.90
CA TRP A 78 2.63 3.19 -2.47
C TRP A 78 1.25 2.66 -2.89
N MET A 79 0.39 2.45 -1.90
CA MET A 79 -0.95 1.94 -2.16
C MET A 79 -1.94 3.09 -2.31
N GLU A 80 -2.46 3.28 -3.52
CA GLU A 80 -3.42 4.34 -3.79
C GLU A 80 -4.78 3.76 -4.14
N LEU A 81 -5.76 4.00 -3.28
CA LEU A 81 -7.12 3.52 -3.50
C LEU A 81 -8.14 4.60 -3.22
N GLU A 82 -9.34 4.43 -3.77
CA GLU A 82 -10.41 5.40 -3.57
C GLU A 82 -11.72 4.71 -3.22
N ALA A 83 -12.17 4.90 -1.98
CA ALA A 83 -13.40 4.28 -1.51
C ALA A 83 -14.62 4.90 -2.20
N GLN A 84 -15.34 4.08 -2.96
CA GLN A 84 -16.51 4.55 -3.68
C GLN A 84 -17.76 4.43 -2.81
N GLU A 85 -18.92 4.67 -3.42
CA GLU A 85 -20.19 4.59 -2.70
C GLU A 85 -20.32 3.24 -1.99
N LYS A 86 -20.14 2.17 -2.74
CA LYS A 86 -20.24 0.81 -2.19
C LYS A 86 -19.24 -0.12 -2.87
N ARG A 87 -18.16 0.44 -3.39
CA ARG A 87 -17.14 -0.35 -4.06
C ARG A 87 -15.74 0.16 -3.71
N PHE A 88 -14.79 -0.77 -3.63
CA PHE A 88 -13.41 -0.42 -3.30
C PHE A 88 -12.46 -0.82 -4.42
N THR A 89 -11.51 0.05 -4.72
CA THR A 89 -10.53 -0.22 -5.78
C THR A 89 -9.11 -0.17 -5.24
N TYR A 90 -8.17 -0.70 -6.01
CA TYR A 90 -6.77 -0.73 -5.61
C TYR A 90 -5.85 -0.72 -6.83
N ARG A 91 -4.59 -0.36 -6.61
CA ARG A 91 -3.61 -0.31 -7.69
C ARG A 91 -2.21 -0.64 -7.17
N TYR A 92 -1.32 -1.01 -8.08
CA TYR A 92 0.04 -1.36 -7.72
C TYR A 92 1.02 -0.30 -8.23
N GLN A 93 1.67 0.39 -7.30
CA GLN A 93 2.64 1.42 -7.65
C GLN A 93 3.90 1.32 -6.80
N PHE A 94 5.05 1.32 -7.44
CA PHE A 94 6.32 1.22 -6.74
C PHE A 94 6.87 2.60 -6.42
N GLY A 95 7.85 2.65 -5.51
CA GLY A 95 8.45 3.91 -5.12
C GLY A 95 9.32 3.79 -3.88
N LEU A 96 9.80 4.93 -3.39
CA LEU A 96 10.64 4.94 -2.20
C LEU A 96 9.91 5.52 -1.00
N PHE A 97 9.97 4.82 0.13
CA PHE A 97 9.31 5.27 1.34
C PHE A 97 10.32 5.78 2.36
N ASP A 98 10.54 7.09 2.37
CA ASP A 98 11.49 7.71 3.28
C ASP A 98 10.94 7.71 4.71
N LYS A 99 11.75 8.17 5.65
CA LYS A 99 11.35 8.21 7.05
C LYS A 99 10.40 9.37 7.30
N GLU A 100 10.53 10.44 6.51
CA GLU A 100 9.67 11.61 6.65
C GLU A 100 8.45 11.49 5.74
N GLY A 101 8.46 10.49 4.86
CA GLY A 101 7.35 10.30 3.95
C GLY A 101 7.58 10.94 2.60
N ASN A 102 8.85 11.22 2.29
CA ASN A 102 9.20 11.84 1.02
C ASN A 102 8.98 10.86 -0.14
N TRP A 103 8.48 11.39 -1.25
CA TRP A 103 8.23 10.56 -2.43
C TRP A 103 9.40 10.63 -3.40
N THR A 104 9.97 9.48 -3.72
CA THR A 104 11.11 9.41 -4.64
C THR A 104 11.06 8.13 -5.47
N VAL A 105 11.34 8.27 -6.77
CA VAL A 105 11.33 7.12 -7.67
C VAL A 105 12.75 6.59 -7.89
N VAL A 106 12.98 5.36 -7.46
CA VAL A 106 14.29 4.72 -7.61
C VAL A 106 14.15 3.26 -7.99
N PRO A 107 15.22 2.70 -8.59
CA PRO A 107 15.24 1.30 -9.02
C PRO A 107 15.27 0.33 -7.85
N ILE A 108 14.83 -0.90 -8.09
CA ILE A 108 14.81 -1.92 -7.05
C ILE A 108 16.10 -2.73 -7.05
N ASN A 109 16.52 -3.17 -5.87
CA ASN A 109 17.74 -3.96 -5.74
C ASN A 109 17.65 -5.23 -6.57
N GLU A 110 18.66 -6.10 -6.43
CA GLU A 110 18.69 -7.35 -7.16
C GLU A 110 17.38 -8.12 -7.01
N THR A 111 17.19 -9.14 -7.83
CA THR A 111 15.98 -9.94 -7.80
C THR A 111 15.71 -10.46 -6.39
N GLU A 112 16.78 -10.64 -5.61
CA GLU A 112 16.66 -11.13 -4.25
C GLU A 112 15.67 -10.29 -3.46
N VAL A 113 15.74 -8.97 -3.63
CA VAL A 113 14.85 -8.07 -2.92
C VAL A 113 13.48 -8.00 -3.59
N VAL A 114 13.49 -7.82 -4.91
CA VAL A 114 12.24 -7.74 -5.67
C VAL A 114 11.33 -8.93 -5.36
N GLU A 115 11.94 -10.08 -5.09
CA GLU A 115 11.19 -11.28 -4.77
C GLU A 115 10.36 -11.10 -3.51
N ARG A 116 10.91 -10.36 -2.55
CA ARG A 116 10.22 -10.11 -1.29
C ARG A 116 9.08 -9.11 -1.49
N LEU A 117 9.26 -8.19 -2.43
CA LEU A 117 8.24 -7.18 -2.72
C LEU A 117 7.03 -7.81 -3.38
N GLU A 118 7.27 -8.83 -4.21
CA GLU A 118 6.18 -9.52 -4.90
C GLU A 118 5.32 -10.31 -3.92
N TYR A 119 5.97 -10.96 -2.96
CA TYR A 119 5.27 -11.75 -1.95
C TYR A 119 4.52 -10.85 -0.98
N THR A 120 5.12 -9.71 -0.65
CA THR A 120 4.52 -8.77 0.27
C THR A 120 3.24 -8.17 -0.31
N LEU A 121 3.30 -7.76 -1.56
CA LEU A 121 2.14 -7.17 -2.23
C LEU A 121 1.04 -8.21 -2.43
N ARG A 122 1.45 -9.45 -2.67
CA ARG A 122 0.51 -10.54 -2.88
C ARG A 122 -0.24 -10.86 -1.60
N GLU A 123 0.49 -10.93 -0.49
CA GLU A 123 -0.10 -11.23 0.81
C GLU A 123 -0.92 -10.05 1.32
N PHE A 124 -0.52 -8.85 0.93
CA PHE A 124 -1.21 -7.64 1.35
C PHE A 124 -2.68 -7.66 0.93
N HIS A 125 -2.93 -8.15 -0.29
CA HIS A 125 -4.28 -8.24 -0.81
C HIS A 125 -5.08 -9.31 -0.08
N GLU A 126 -4.38 -10.37 0.33
CA GLU A 126 -5.03 -11.47 1.05
C GLU A 126 -5.74 -10.97 2.31
N LYS A 127 -5.01 -10.18 3.10
CA LYS A 127 -5.57 -9.64 4.33
C LYS A 127 -6.56 -8.53 4.04
N LEU A 128 -6.32 -7.79 2.96
CA LEU A 128 -7.19 -6.69 2.57
C LEU A 128 -8.57 -7.20 2.18
N ARG A 129 -8.61 -8.37 1.55
CA ARG A 129 -9.86 -8.98 1.13
C ARG A 129 -10.75 -9.29 2.33
N ASP A 130 -10.15 -9.84 3.38
CA ASP A 130 -10.89 -10.19 4.59
C ASP A 130 -11.61 -8.96 5.15
N LEU A 131 -10.90 -7.85 5.23
CA LEU A 131 -11.48 -6.61 5.75
C LEU A 131 -12.68 -6.18 4.91
N LEU A 132 -12.52 -6.15 3.61
CA LEU A 132 -13.59 -5.77 2.70
C LEU A 132 -14.75 -6.76 2.78
N ILE A 133 -14.42 -8.03 2.96
CA ILE A 133 -15.43 -9.07 3.04
C ILE A 133 -16.35 -8.85 4.24
N SER A 134 -15.77 -8.39 5.35
CA SER A 134 -16.55 -8.13 6.55
C SER A 134 -17.39 -6.87 6.41
N MET A 135 -16.98 -6.00 5.48
CA MET A 135 -17.70 -4.75 5.23
C MET A 135 -18.68 -4.91 4.08
N GLU A 136 -18.61 -6.06 3.40
CA GLU A 136 -19.50 -6.34 2.28
C GLU A 136 -19.25 -5.34 1.14
N LEU A 137 -17.99 -5.05 0.88
CA LEU A 137 -17.61 -4.13 -0.18
C LEU A 137 -17.10 -4.88 -1.41
N ALA A 138 -17.53 -4.44 -2.58
CA ALA A 138 -17.12 -5.06 -3.84
C ALA A 138 -15.62 -4.86 -4.08
N LEU A 139 -14.96 -5.91 -4.54
CA LEU A 139 -13.52 -5.85 -4.81
C LEU A 139 -13.21 -6.38 -6.21
N GLU A 140 -12.39 -5.64 -6.94
CA GLU A 140 -12.02 -6.02 -8.30
C GLU A 140 -10.59 -5.59 -8.61
N PRO A 141 -9.98 -6.23 -9.63
CA PRO A 141 -8.60 -5.93 -10.05
C PRO A 141 -8.50 -4.56 -10.72
N SER A 142 -7.26 -4.13 -10.97
CA SER A 142 -7.02 -2.84 -11.60
C SER A 142 -7.38 -2.88 -13.08
N ASP A 143 -8.02 -1.82 -13.56
CA ASP A 143 -8.40 -1.74 -14.97
C ASP A 143 -7.19 -1.86 -15.87
N ASP A 144 -6.01 -1.56 -15.34
CA ASP A 144 -4.77 -1.63 -16.10
C ASP A 144 -4.07 -2.96 -15.87
N PHE A 145 -4.86 -3.98 -15.52
CA PHE A 145 -4.31 -5.32 -15.28
C PHE A 145 -4.36 -6.16 -16.53
N ASN A 146 -3.20 -6.40 -17.14
CA ASN A 146 -3.11 -7.20 -18.35
C ASN A 146 -2.83 -8.66 -18.02
N ASP A 147 -2.64 -9.47 -19.06
CA ASP A 147 -2.35 -10.89 -18.88
C ASP A 147 -0.87 -11.13 -18.67
N GLU A 148 -0.29 -10.43 -17.70
CA GLU A 148 1.13 -10.57 -17.40
C GLU A 148 1.45 -9.99 -16.02
N PRO A 149 0.95 -10.65 -14.97
CA PRO A 149 1.18 -10.22 -13.59
C PRO A 149 2.62 -10.41 -13.14
N VAL A 150 3.03 -9.69 -12.11
CA VAL A 150 4.39 -9.77 -11.59
C VAL A 150 4.76 -11.22 -11.27
N LYS A 151 5.86 -11.68 -11.86
CA LYS A 151 6.32 -13.05 -11.63
C LYS A 151 6.79 -13.23 -10.19
N LEU A 152 5.91 -13.77 -9.36
CA LEU A 152 6.25 -14.00 -7.95
C LEU A 152 7.20 -15.18 -7.80
N SER A 153 7.08 -16.14 -8.71
CA SER A 153 7.93 -17.33 -8.67
C SER A 153 9.00 -17.26 -9.77
N ALA A 154 9.63 -16.10 -9.90
CA ALA A 154 10.67 -15.90 -10.89
C ALA A 154 11.88 -16.81 -10.62
N MET A 22 -15.24 15.39 7.88
CA MET A 22 -14.05 14.71 7.36
C MET A 22 -14.37 13.27 6.96
N THR A 23 -15.25 13.11 5.98
CA THR A 23 -15.64 11.79 5.51
C THR A 23 -15.31 11.61 4.04
N LEU A 24 -15.23 10.35 3.60
CA LEU A 24 -14.92 10.05 2.22
C LEU A 24 -16.05 10.50 1.29
N PRO A 25 -15.70 10.78 0.03
CA PRO A 25 -16.67 11.23 -0.98
C PRO A 25 -17.63 10.13 -1.38
N SER A 26 -17.22 8.87 -1.18
CA SER A 26 -18.05 7.73 -1.52
C SER A 26 -19.23 7.59 -0.56
N GLY A 27 -19.11 8.23 0.59
CA GLY A 27 -20.17 8.18 1.59
C GLY A 27 -19.78 7.36 2.80
N HIS A 28 -18.56 6.85 2.80
CA HIS A 28 -18.06 6.03 3.92
C HIS A 28 -17.29 6.90 4.90
N PRO A 29 -17.26 6.46 6.18
CA PRO A 29 -16.56 7.17 7.24
C PRO A 29 -15.05 7.11 7.10
N LYS A 30 -14.41 8.26 7.07
CA LYS A 30 -12.95 8.34 6.93
C LYS A 30 -12.27 7.82 8.18
N SER A 31 -12.68 8.33 9.34
CA SER A 31 -12.10 7.92 10.61
C SER A 31 -12.17 6.41 10.79
N ARG A 32 -13.32 5.84 10.44
CA ARG A 32 -13.52 4.40 10.55
C ARG A 32 -12.55 3.64 9.66
N LEU A 33 -12.42 4.10 8.42
CA LEU A 33 -11.52 3.47 7.47
C LEU A 33 -10.09 3.45 7.99
N ILE A 34 -9.62 4.61 8.46
CA ILE A 34 -8.27 4.73 8.99
C ILE A 34 -8.05 3.77 10.16
N LYS A 35 -9.03 3.69 11.04
CA LYS A 35 -8.95 2.80 12.20
C LYS A 35 -8.99 1.34 11.78
N LYS A 36 -9.85 1.02 10.81
CA LYS A 36 -9.98 -0.33 10.32
C LYS A 36 -8.71 -0.78 9.61
N PHE A 37 -8.20 0.07 8.72
CA PHE A 37 -6.98 -0.24 7.97
C PHE A 37 -5.82 -0.48 8.92
N THR A 38 -5.89 0.11 10.12
CA THR A 38 -4.84 -0.05 11.11
C THR A 38 -4.70 -1.50 11.55
N ALA A 39 -5.76 -2.28 11.33
CA ALA A 39 -5.75 -3.69 11.70
C ALA A 39 -5.01 -4.53 10.66
N LEU A 40 -4.64 -3.89 9.55
CA LEU A 40 -3.91 -4.57 8.49
C LEU A 40 -2.44 -4.20 8.50
N GLY A 41 -2.04 -3.41 9.50
CA GLY A 41 -0.65 -3.01 9.61
C GLY A 41 -0.47 -1.84 10.56
N PRO A 42 0.54 -1.00 10.28
CA PRO A 42 0.85 0.17 11.11
C PRO A 42 -0.22 1.26 11.00
N TYR A 43 -0.14 2.24 11.88
CA TYR A 43 -1.10 3.35 11.87
C TYR A 43 -1.04 4.12 10.57
N ILE A 44 -2.16 4.20 9.87
CA ILE A 44 -2.24 4.92 8.60
C ILE A 44 -2.06 6.42 8.81
N ARG A 45 -1.34 7.06 7.90
CA ARG A 45 -1.10 8.50 7.98
C ARG A 45 -2.24 9.27 7.32
N GLU A 46 -2.90 10.12 8.10
CA GLU A 46 -4.00 10.92 7.59
C GLU A 46 -3.60 11.66 6.32
N GLY A 47 -2.66 12.59 6.45
CA GLY A 47 -2.19 13.35 5.30
C GLY A 47 -2.76 14.76 5.28
N GLN A 48 -3.24 15.22 6.43
CA GLN A 48 -3.81 16.56 6.54
C GLN A 48 -4.62 16.91 5.29
N CYS A 49 -5.40 15.95 4.82
CA CYS A 49 -6.24 16.15 3.64
C CYS A 49 -7.58 15.44 3.79
N GLU A 50 -8.57 15.91 3.03
CA GLU A 50 -9.90 15.32 3.09
C GLU A 50 -10.23 14.60 1.79
N ASP A 51 -9.79 15.18 0.67
CA ASP A 51 -10.04 14.59 -0.64
C ASP A 51 -8.73 14.11 -1.27
N ASN A 52 -8.37 12.86 -1.01
CA ASN A 52 -7.15 12.28 -1.54
C ASN A 52 -7.17 10.76 -1.44
N ARG A 53 -6.08 10.13 -1.84
CA ARG A 53 -5.97 8.67 -1.79
C ARG A 53 -5.21 8.22 -0.54
N PHE A 54 -5.39 6.97 -0.16
CA PHE A 54 -4.73 6.41 1.02
C PHE A 54 -3.28 6.05 0.70
N PHE A 55 -2.37 6.40 1.60
CA PHE A 55 -0.96 6.11 1.42
C PHE A 55 -0.43 5.23 2.55
N PHE A 56 0.13 4.09 2.20
CA PHE A 56 0.67 3.16 3.18
C PHE A 56 2.16 2.93 2.95
N ASP A 57 2.94 3.00 4.02
CA ASP A 57 4.38 2.79 3.94
C ASP A 57 4.78 1.45 4.53
N CYS A 58 5.24 0.54 3.68
CA CYS A 58 5.65 -0.79 4.11
C CYS A 58 7.17 -0.92 4.10
N LEU A 59 7.73 -1.47 5.16
CA LEU A 59 9.17 -1.65 5.28
C LEU A 59 9.54 -3.13 5.21
N ALA A 60 9.94 -3.58 4.02
CA ALA A 60 10.32 -4.97 3.83
C ALA A 60 11.80 -5.18 4.12
N VAL A 61 12.66 -4.67 3.24
CA VAL A 61 14.10 -4.81 3.41
C VAL A 61 14.79 -3.44 3.35
N CYS A 62 15.83 -3.28 4.16
CA CYS A 62 16.57 -2.03 4.20
C CYS A 62 17.64 -1.98 3.10
N VAL A 63 17.63 -0.91 2.32
CA VAL A 63 18.60 -0.75 1.24
C VAL A 63 19.92 -0.22 1.77
N ASN A 64 19.85 0.61 2.79
CA ASN A 64 21.05 1.19 3.39
C ASN A 64 21.06 1.02 4.90
N VAL A 65 21.92 0.13 5.39
CA VAL A 65 22.03 -0.13 6.82
C VAL A 65 23.43 0.14 7.34
N LYS A 66 24.35 0.42 6.41
CA LYS A 66 25.74 0.70 6.77
C LYS A 66 25.84 2.01 7.54
N PRO A 67 25.37 3.10 6.92
CA PRO A 67 25.40 4.44 7.53
C PRO A 67 24.43 4.56 8.69
N ALA A 68 24.43 5.72 9.34
CA ALA A 68 23.54 5.96 10.48
C ALA A 68 22.10 5.63 10.12
N PRO A 69 21.27 5.42 11.16
CA PRO A 69 19.85 5.09 10.98
C PRO A 69 19.04 6.27 10.44
N GLU A 70 19.55 7.48 10.65
CA GLU A 70 18.87 8.68 10.19
C GLU A 70 18.78 8.70 8.67
N LYS A 71 19.69 7.98 8.02
CA LYS A 71 19.71 7.93 6.56
C LYS A 71 19.30 6.53 6.08
N ARG A 72 18.67 5.76 6.96
CA ARG A 72 18.23 4.42 6.62
C ARG A 72 17.05 4.46 5.65
N GLU A 73 16.99 3.48 4.76
CA GLU A 73 15.91 3.41 3.78
C GLU A 73 15.40 1.98 3.64
N PHE A 74 14.08 1.84 3.53
CA PHE A 74 13.46 0.52 3.39
C PHE A 74 12.65 0.43 2.11
N TRP A 75 12.62 -0.75 1.50
CA TRP A 75 11.88 -0.96 0.26
C TRP A 75 10.41 -1.20 0.55
N GLY A 76 9.54 -0.44 -0.13
CA GLY A 76 8.11 -0.58 0.06
C GLY A 76 7.32 -0.17 -1.17
N TRP A 77 6.03 -0.49 -1.16
CA TRP A 77 5.15 -0.14 -2.28
C TRP A 77 4.09 0.86 -1.85
N TRP A 78 3.58 1.62 -2.81
CA TRP A 78 2.55 2.61 -2.53
C TRP A 78 1.18 2.14 -3.02
N MET A 79 0.27 1.94 -2.08
CA MET A 79 -1.09 1.49 -2.42
C MET A 79 -2.10 2.61 -2.25
N GLU A 80 -2.67 3.07 -3.36
CA GLU A 80 -3.66 4.14 -3.33
C GLU A 80 -5.03 3.63 -3.73
N LEU A 81 -5.99 3.73 -2.82
CA LEU A 81 -7.35 3.28 -3.08
C LEU A 81 -8.36 4.35 -2.70
N GLU A 82 -9.54 4.30 -3.32
CA GLU A 82 -10.60 5.26 -3.05
C GLU A 82 -11.95 4.57 -2.95
N ALA A 83 -12.56 4.63 -1.77
CA ALA A 83 -13.86 4.01 -1.55
C ALA A 83 -14.86 4.44 -2.60
N GLN A 84 -15.70 3.51 -3.04
CA GLN A 84 -16.70 3.80 -4.05
C GLN A 84 -18.10 3.80 -3.44
N GLU A 85 -19.12 3.86 -4.30
CA GLU A 85 -20.50 3.86 -3.85
C GLU A 85 -20.82 2.60 -3.05
N LYS A 86 -20.50 1.45 -3.63
CA LYS A 86 -20.76 0.17 -2.96
C LYS A 86 -19.64 -0.82 -3.27
N ARG A 87 -18.45 -0.31 -3.57
CA ARG A 87 -17.31 -1.15 -3.88
C ARG A 87 -16.02 -0.50 -3.41
N PHE A 88 -14.92 -1.25 -3.47
CA PHE A 88 -13.62 -0.76 -3.05
C PHE A 88 -12.54 -1.16 -4.04
N THR A 89 -11.66 -0.22 -4.37
CA THR A 89 -10.57 -0.47 -5.31
C THR A 89 -9.24 -0.60 -4.58
N TYR A 90 -8.24 -1.14 -5.27
CA TYR A 90 -6.92 -1.34 -4.70
C TYR A 90 -5.86 -1.42 -5.78
N ARG A 91 -4.69 -0.86 -5.50
CA ARG A 91 -3.58 -0.86 -6.46
C ARG A 91 -2.24 -0.93 -5.74
N TYR A 92 -1.20 -1.34 -6.47
CA TYR A 92 0.13 -1.46 -5.90
C TYR A 92 1.17 -0.82 -6.81
N GLN A 93 2.06 -0.01 -6.22
CA GLN A 93 3.11 0.65 -6.99
C GLN A 93 4.47 0.45 -6.35
N PHE A 94 5.50 0.35 -7.17
CA PHE A 94 6.86 0.16 -6.68
C PHE A 94 7.57 1.49 -6.48
N GLY A 95 8.44 1.55 -5.47
CA GLY A 95 9.15 2.77 -5.19
C GLY A 95 10.00 2.67 -3.94
N LEU A 96 10.09 3.78 -3.19
CA LEU A 96 10.87 3.79 -1.96
C LEU A 96 10.22 4.70 -0.93
N PHE A 97 10.35 4.33 0.34
CA PHE A 97 9.78 5.11 1.43
C PHE A 97 10.85 5.56 2.42
N ASP A 98 10.98 6.86 2.59
CA ASP A 98 11.98 7.41 3.50
C ASP A 98 11.36 7.76 4.85
N LYS A 99 12.15 8.35 5.74
CA LYS A 99 11.67 8.72 7.06
C LYS A 99 10.85 10.01 6.99
N GLU A 100 11.09 10.81 5.96
CA GLU A 100 10.37 12.06 5.77
C GLU A 100 8.97 11.80 5.22
N GLY A 101 8.72 10.57 4.81
CA GLY A 101 7.42 10.22 4.25
C GLY A 101 7.18 10.84 2.89
N ASN A 102 8.26 11.20 2.22
CA ASN A 102 8.17 11.81 0.89
C ASN A 102 8.24 10.75 -0.20
N TRP A 103 7.19 10.69 -1.02
CA TRP A 103 7.13 9.72 -2.12
C TRP A 103 8.25 9.96 -3.12
N THR A 104 9.08 8.93 -3.33
CA THR A 104 10.19 9.03 -4.27
C THR A 104 10.37 7.73 -5.04
N VAL A 105 10.29 7.81 -6.36
CA VAL A 105 10.45 6.64 -7.22
C VAL A 105 11.89 6.13 -7.20
N VAL A 106 12.06 4.83 -6.99
CA VAL A 106 13.39 4.23 -6.94
C VAL A 106 13.38 2.83 -7.54
N PRO A 107 14.35 2.55 -8.43
CA PRO A 107 14.47 1.25 -9.09
C PRO A 107 14.90 0.15 -8.11
N ILE A 108 14.34 -1.04 -8.30
CA ILE A 108 14.66 -2.18 -7.45
C ILE A 108 15.80 -3.00 -8.04
N ASN A 109 16.90 -3.09 -7.29
CA ASN A 109 18.07 -3.84 -7.74
C ASN A 109 18.06 -5.25 -7.14
N GLU A 110 18.69 -6.18 -7.84
CA GLU A 110 18.77 -7.56 -7.38
C GLU A 110 17.37 -8.19 -7.32
N THR A 111 17.08 -9.07 -8.28
CA THR A 111 15.78 -9.73 -8.34
C THR A 111 15.45 -10.39 -7.01
N GLU A 112 16.49 -10.80 -6.28
CA GLU A 112 16.30 -11.46 -4.99
C GLU A 112 15.43 -10.62 -4.07
N VAL A 113 15.62 -9.30 -4.13
CA VAL A 113 14.86 -8.38 -3.30
C VAL A 113 13.47 -8.15 -3.87
N VAL A 114 13.40 -7.89 -5.17
CA VAL A 114 12.13 -7.66 -5.84
C VAL A 114 11.13 -8.78 -5.54
N GLU A 115 11.65 -10.00 -5.37
CA GLU A 115 10.81 -11.14 -5.08
C GLU A 115 10.09 -10.96 -3.74
N ARG A 116 10.76 -10.32 -2.80
CA ARG A 116 10.19 -10.09 -1.47
C ARG A 116 9.13 -8.99 -1.54
N LEU A 117 9.36 -8.01 -2.39
CA LEU A 117 8.42 -6.90 -2.53
C LEU A 117 7.13 -7.34 -3.22
N GLU A 118 7.28 -8.19 -4.23
CA GLU A 118 6.12 -8.71 -4.95
C GLU A 118 5.30 -9.65 -4.08
N TYR A 119 5.98 -10.37 -3.21
CA TYR A 119 5.33 -11.32 -2.31
C TYR A 119 4.53 -10.59 -1.23
N THR A 120 5.06 -9.46 -0.78
CA THR A 120 4.40 -8.67 0.25
C THR A 120 3.09 -8.09 -0.26
N LEU A 121 3.13 -7.52 -1.46
CA LEU A 121 1.94 -6.93 -2.06
C LEU A 121 0.84 -7.97 -2.22
N ARG A 122 1.22 -9.20 -2.49
CA ARG A 122 0.26 -10.29 -2.66
C ARG A 122 -0.41 -10.64 -1.33
N GLU A 123 0.42 -10.83 -0.30
CA GLU A 123 -0.09 -11.16 1.03
C GLU A 123 -0.93 -10.02 1.60
N PHE A 124 -0.59 -8.80 1.21
CA PHE A 124 -1.31 -7.62 1.68
C PHE A 124 -2.74 -7.60 1.17
N HIS A 125 -2.93 -8.10 -0.05
CA HIS A 125 -4.25 -8.14 -0.66
C HIS A 125 -5.14 -9.16 0.04
N GLU A 126 -4.60 -10.35 0.29
CA GLU A 126 -5.35 -11.41 0.97
C GLU A 126 -5.84 -10.94 2.33
N LYS A 127 -4.93 -10.35 3.11
CA LYS A 127 -5.27 -9.85 4.44
C LYS A 127 -6.32 -8.75 4.35
N LEU A 128 -6.28 -7.97 3.28
CA LEU A 128 -7.22 -6.88 3.09
C LEU A 128 -8.62 -7.41 2.78
N ARG A 129 -8.67 -8.54 2.07
CA ARG A 129 -9.94 -9.16 1.71
C ARG A 129 -10.82 -9.36 2.95
N ASP A 130 -10.20 -9.82 4.04
CA ASP A 130 -10.92 -10.05 5.28
C ASP A 130 -11.49 -8.75 5.83
N LEU A 131 -10.77 -7.66 5.65
CA LEU A 131 -11.21 -6.35 6.12
C LEU A 131 -12.38 -5.83 5.29
N LEU A 132 -12.22 -5.85 3.97
CA LEU A 132 -13.25 -5.39 3.07
C LEU A 132 -14.50 -6.27 3.17
N ILE A 133 -14.28 -7.58 3.26
CA ILE A 133 -15.38 -8.53 3.37
C ILE A 133 -16.20 -8.27 4.63
N SER A 134 -15.53 -7.88 5.70
CA SER A 134 -16.20 -7.61 6.97
C SER A 134 -17.09 -6.37 6.86
N MET A 135 -16.77 -5.51 5.90
CA MET A 135 -17.54 -4.28 5.69
C MET A 135 -18.59 -4.49 4.61
N GLU A 136 -18.68 -5.71 4.09
CA GLU A 136 -19.65 -6.02 3.04
C GLU A 136 -19.36 -5.24 1.78
N LEU A 137 -18.08 -5.15 1.41
CA LEU A 137 -17.68 -4.42 0.22
C LEU A 137 -17.18 -5.37 -0.88
N ALA A 138 -17.15 -4.89 -2.11
CA ALA A 138 -16.71 -5.69 -3.24
C ALA A 138 -15.38 -5.19 -3.79
N LEU A 139 -14.67 -6.05 -4.50
CA LEU A 139 -13.39 -5.68 -5.08
C LEU A 139 -13.42 -5.84 -6.61
N GLU A 140 -12.75 -4.92 -7.30
CA GLU A 140 -12.69 -4.96 -8.76
C GLU A 140 -11.28 -4.66 -9.26
N PRO A 141 -11.00 -5.05 -10.51
CA PRO A 141 -9.70 -4.83 -11.14
C PRO A 141 -9.44 -3.35 -11.44
N SER A 142 -8.20 -3.05 -11.83
CA SER A 142 -7.83 -1.67 -12.14
C SER A 142 -7.80 -1.45 -13.65
N ASP A 143 -7.91 -0.18 -14.06
CA ASP A 143 -7.90 0.17 -15.47
C ASP A 143 -6.47 0.23 -16.00
N ASP A 144 -5.50 0.31 -15.09
CA ASP A 144 -4.10 0.36 -15.46
C ASP A 144 -3.46 -1.02 -15.43
N PHE A 145 -4.29 -2.05 -15.60
CA PHE A 145 -3.81 -3.42 -15.59
C PHE A 145 -3.91 -4.04 -16.98
N ASN A 146 -2.76 -4.22 -17.63
CA ASN A 146 -2.72 -4.81 -18.97
C ASN A 146 -2.59 -6.32 -18.89
N ASP A 147 -1.40 -6.80 -18.55
CA ASP A 147 -1.16 -8.24 -18.45
C ASP A 147 0.28 -8.51 -17.99
N GLU A 148 0.66 -9.78 -17.99
CA GLU A 148 2.01 -10.17 -17.58
C GLU A 148 2.29 -9.70 -16.16
N PRO A 149 1.59 -10.30 -15.19
CA PRO A 149 1.76 -9.95 -13.76
C PRO A 149 3.10 -10.40 -13.21
N VAL A 150 3.52 -9.79 -12.11
CA VAL A 150 4.79 -10.13 -11.49
C VAL A 150 4.87 -11.62 -11.18
N LYS A 151 5.96 -12.25 -11.61
CA LYS A 151 6.16 -13.68 -11.39
C LYS A 151 6.65 -13.94 -9.97
N LEU A 152 5.74 -14.29 -9.08
CA LEU A 152 6.09 -14.57 -7.69
C LEU A 152 6.79 -15.91 -7.56
N SER A 153 6.38 -16.87 -8.39
CA SER A 153 6.98 -18.20 -8.37
C SER A 153 8.01 -18.35 -9.48
N ALA A 154 8.94 -17.39 -9.54
CA ALA A 154 9.98 -17.42 -10.55
C ALA A 154 9.40 -17.63 -11.94
N MET A 22 -11.81 14.31 9.09
CA MET A 22 -12.40 14.45 7.76
C MET A 22 -12.76 13.07 7.18
N THR A 23 -14.02 12.92 6.77
CA THR A 23 -14.48 11.67 6.20
C THR A 23 -14.43 11.70 4.68
N LEU A 24 -14.46 10.53 4.07
CA LEU A 24 -14.42 10.42 2.61
C LEU A 24 -15.66 11.06 1.99
N PRO A 25 -15.51 11.53 0.73
CA PRO A 25 -16.61 12.17 0.00
C PRO A 25 -17.70 11.18 -0.38
N SER A 26 -17.37 9.89 -0.34
CA SER A 26 -18.33 8.84 -0.69
C SER A 26 -19.37 8.68 0.41
N GLY A 27 -19.06 9.17 1.61
CA GLY A 27 -19.98 9.06 2.72
C GLY A 27 -19.50 8.08 3.77
N HIS A 28 -18.29 7.55 3.58
CA HIS A 28 -17.73 6.59 4.53
C HIS A 28 -16.82 7.30 5.53
N PRO A 29 -16.91 6.90 6.80
CA PRO A 29 -16.12 7.47 7.88
C PRO A 29 -14.64 7.10 7.78
N LYS A 30 -13.77 8.10 7.77
CA LYS A 30 -12.34 7.87 7.68
C LYS A 30 -11.81 7.23 8.96
N SER A 31 -12.29 7.69 10.10
CA SER A 31 -11.87 7.16 11.39
C SER A 31 -12.13 5.66 11.47
N ARG A 32 -13.17 5.21 10.77
CA ARG A 32 -13.53 3.80 10.76
C ARG A 32 -12.61 3.00 9.84
N LEU A 33 -12.43 3.50 8.62
CA LEU A 33 -11.58 2.84 7.65
C LEU A 33 -10.15 2.70 8.17
N ILE A 34 -9.63 3.78 8.73
CA ILE A 34 -8.28 3.77 9.28
C ILE A 34 -8.15 2.77 10.42
N LYS A 35 -9.23 2.60 11.18
CA LYS A 35 -9.25 1.67 12.30
C LYS A 35 -9.16 0.23 11.81
N LYS A 36 -10.02 -0.11 10.85
CA LYS A 36 -10.05 -1.45 10.29
C LYS A 36 -8.76 -1.75 9.53
N PHE A 37 -8.29 -0.78 8.76
CA PHE A 37 -7.08 -0.94 7.97
C PHE A 37 -5.87 -1.17 8.88
N THR A 38 -6.00 -0.77 10.14
CA THR A 38 -4.93 -0.94 11.12
C THR A 38 -4.81 -2.39 11.56
N ALA A 39 -5.89 -3.15 11.40
CA ALA A 39 -5.90 -4.55 11.77
C ALA A 39 -5.22 -5.42 10.72
N LEU A 40 -4.88 -4.80 9.60
CA LEU A 40 -4.21 -5.52 8.50
C LEU A 40 -2.73 -5.18 8.46
N GLY A 41 -2.28 -4.40 9.42
CA GLY A 41 -0.88 -4.01 9.47
C GLY A 41 -0.60 -2.95 10.51
N PRO A 42 0.46 -2.15 10.28
CA PRO A 42 0.85 -1.07 11.19
C PRO A 42 -0.15 0.09 11.19
N TYR A 43 0.00 1.00 12.15
CA TYR A 43 -0.89 2.15 12.25
C TYR A 43 -0.79 3.02 11.01
N ILE A 44 -1.94 3.44 10.49
CA ILE A 44 -2.00 4.28 9.30
C ILE A 44 -1.72 5.74 9.66
N ARG A 45 -1.03 6.44 8.76
CA ARG A 45 -0.70 7.84 8.98
C ARG A 45 -1.88 8.74 8.61
N GLU A 46 -2.70 9.07 9.60
CA GLU A 46 -3.86 9.91 9.38
C GLU A 46 -3.47 11.21 8.69
N GLY A 47 -4.47 11.99 8.28
CA GLY A 47 -4.21 13.25 7.60
C GLY A 47 -5.33 14.25 7.77
N GLN A 48 -4.98 15.52 7.87
CA GLN A 48 -5.97 16.57 8.04
C GLN A 48 -5.89 17.59 6.91
N CYS A 49 -5.92 17.09 5.68
CA CYS A 49 -5.85 17.95 4.50
C CYS A 49 -7.02 17.69 3.57
N GLU A 50 -7.01 18.34 2.40
CA GLU A 50 -8.06 18.18 1.42
C GLU A 50 -8.26 16.71 1.07
N ASP A 51 -9.29 16.42 0.28
CA ASP A 51 -9.58 15.06 -0.12
C ASP A 51 -8.35 14.39 -0.74
N ASN A 52 -7.93 13.29 -0.13
CA ASN A 52 -6.75 12.56 -0.62
C ASN A 52 -6.96 11.06 -0.49
N ARG A 53 -5.94 10.29 -0.85
CA ARG A 53 -6.01 8.83 -0.78
C ARG A 53 -5.28 8.31 0.45
N PHE A 54 -5.60 7.09 0.85
CA PHE A 54 -4.98 6.46 2.02
C PHE A 54 -3.50 6.18 1.75
N PHE A 55 -2.72 6.10 2.82
CA PHE A 55 -1.29 5.82 2.72
C PHE A 55 -0.89 4.65 3.60
N PHE A 56 0.08 3.86 3.14
CA PHE A 56 0.55 2.70 3.89
C PHE A 56 2.03 2.46 3.62
N ASP A 57 2.79 2.22 4.70
CA ASP A 57 4.21 1.96 4.58
C ASP A 57 4.53 0.49 4.82
N CYS A 58 4.98 -0.19 3.77
CA CYS A 58 5.31 -1.61 3.87
C CYS A 58 6.82 -1.80 4.04
N LEU A 59 7.21 -2.52 5.10
CA LEU A 59 8.61 -2.78 5.37
C LEU A 59 8.96 -4.24 5.13
N ALA A 60 10.03 -4.47 4.38
CA ALA A 60 10.47 -5.83 4.07
C ALA A 60 11.98 -5.97 4.25
N VAL A 61 12.72 -5.04 3.65
CA VAL A 61 14.18 -5.06 3.73
C VAL A 61 14.76 -3.66 3.57
N CYS A 62 15.93 -3.43 4.15
CA CYS A 62 16.60 -2.14 4.06
C CYS A 62 17.52 -2.07 2.84
N VAL A 63 17.56 -0.92 2.21
CA VAL A 63 18.41 -0.72 1.04
C VAL A 63 19.86 -0.45 1.43
N ASN A 64 20.04 0.21 2.56
CA ASN A 64 21.38 0.54 3.06
C ASN A 64 21.31 1.12 4.47
N VAL A 65 22.23 0.70 5.32
CA VAL A 65 22.28 1.19 6.70
C VAL A 65 23.53 2.03 6.94
N LYS A 66 24.11 2.54 5.86
CA LYS A 66 25.31 3.36 5.96
C LYS A 66 25.02 4.68 6.68
N PRO A 67 24.07 5.46 6.12
CA PRO A 67 23.68 6.74 6.69
C PRO A 67 22.93 6.59 8.01
N ALA A 68 22.45 7.71 8.55
CA ALA A 68 21.71 7.70 9.79
C ALA A 68 20.40 6.94 9.65
N PRO A 69 19.83 6.50 10.78
CA PRO A 69 18.57 5.76 10.80
C PRO A 69 17.37 6.63 10.43
N GLU A 70 17.42 7.90 10.83
CA GLU A 70 16.34 8.83 10.53
C GLU A 70 16.27 9.12 9.04
N LYS A 71 17.40 8.97 8.35
CA LYS A 71 17.48 9.22 6.92
C LYS A 71 17.67 7.93 6.15
N ARG A 72 17.39 6.80 6.81
CA ARG A 72 17.54 5.49 6.19
C ARG A 72 16.36 5.19 5.28
N GLU A 73 16.61 4.43 4.22
CA GLU A 73 15.58 4.07 3.27
C GLU A 73 15.24 2.57 3.36
N PHE A 74 13.98 2.24 3.12
CA PHE A 74 13.54 0.85 3.18
C PHE A 74 12.69 0.50 1.97
N TRP A 75 12.75 -0.75 1.54
CA TRP A 75 11.99 -1.21 0.39
C TRP A 75 10.55 -1.53 0.78
N GLY A 76 9.62 -1.27 -0.14
CA GLY A 76 8.22 -1.52 0.13
C GLY A 76 7.33 -1.16 -1.04
N TRP A 77 6.18 -0.57 -0.74
CA TRP A 77 5.24 -0.16 -1.77
C TRP A 77 4.05 0.58 -1.18
N TRP A 78 3.79 1.78 -1.70
CA TRP A 78 2.68 2.59 -1.21
C TRP A 78 1.38 2.20 -1.89
N MET A 79 0.28 2.25 -1.13
CA MET A 79 -1.03 1.92 -1.66
C MET A 79 -2.03 3.05 -1.44
N GLU A 80 -2.46 3.67 -2.53
CA GLU A 80 -3.41 4.77 -2.45
C GLU A 80 -4.75 4.38 -3.07
N LEU A 81 -5.80 4.36 -2.25
CA LEU A 81 -7.13 4.00 -2.72
C LEU A 81 -8.16 5.02 -2.26
N GLU A 82 -9.30 5.05 -2.94
CA GLU A 82 -10.37 5.99 -2.59
C GLU A 82 -11.73 5.29 -2.61
N ALA A 83 -12.32 5.14 -1.44
CA ALA A 83 -13.62 4.50 -1.31
C ALA A 83 -14.64 5.12 -2.25
N GLN A 84 -15.15 4.33 -3.20
CA GLN A 84 -16.13 4.81 -4.16
C GLN A 84 -17.51 4.89 -3.53
N GLU A 85 -18.53 5.12 -4.37
CA GLU A 85 -19.90 5.22 -3.89
C GLU A 85 -20.26 4.02 -3.02
N LYS A 86 -20.07 2.83 -3.57
CA LYS A 86 -20.38 1.60 -2.83
C LYS A 86 -19.41 0.48 -3.23
N ARG A 87 -18.22 0.86 -3.65
CA ARG A 87 -17.20 -0.11 -4.05
C ARG A 87 -15.81 0.38 -3.68
N PHE A 88 -14.86 -0.54 -3.63
CA PHE A 88 -13.48 -0.21 -3.29
C PHE A 88 -12.53 -0.59 -4.41
N THR A 89 -11.37 0.06 -4.45
CA THR A 89 -10.37 -0.20 -5.47
C THR A 89 -8.96 -0.17 -4.89
N TYR A 90 -8.03 -0.80 -5.60
CA TYR A 90 -6.64 -0.84 -5.14
C TYR A 90 -5.70 -1.14 -6.31
N ARG A 91 -4.40 -0.98 -6.07
CA ARG A 91 -3.40 -1.23 -7.10
C ARG A 91 -2.06 -1.61 -6.48
N TYR A 92 -1.27 -2.39 -7.20
CA TYR A 92 0.03 -2.82 -6.72
C TYR A 92 1.16 -2.20 -7.55
N GLN A 93 1.98 -1.38 -6.90
CA GLN A 93 3.10 -0.73 -7.58
C GLN A 93 4.38 -0.87 -6.78
N PHE A 94 5.50 -0.97 -7.48
CA PHE A 94 6.81 -1.11 -6.83
C PHE A 94 7.48 0.25 -6.67
N GLY A 95 8.26 0.39 -5.61
CA GLY A 95 8.96 1.65 -5.36
C GLY A 95 9.90 1.57 -4.17
N LEU A 96 10.02 2.67 -3.45
CA LEU A 96 10.90 2.72 -2.28
C LEU A 96 10.30 3.62 -1.20
N PHE A 97 10.54 3.26 0.05
CA PHE A 97 10.02 4.03 1.18
C PHE A 97 11.12 4.93 1.77
N ASP A 98 11.10 6.20 1.39
CA ASP A 98 12.09 7.15 1.86
C ASP A 98 11.74 7.63 3.27
N LYS A 99 12.61 8.44 3.85
CA LYS A 99 12.40 8.98 5.19
C LYS A 99 11.41 10.13 5.17
N GLU A 100 11.32 10.80 4.03
CA GLU A 100 10.41 11.93 3.88
C GLU A 100 9.02 11.46 3.46
N GLY A 101 8.92 10.18 3.11
CA GLY A 101 7.64 9.62 2.68
C GLY A 101 7.20 10.16 1.34
N ASN A 102 8.14 10.71 0.58
CA ASN A 102 7.84 11.26 -0.74
C ASN A 102 8.13 10.24 -1.83
N TRP A 103 7.20 10.11 -2.78
CA TRP A 103 7.37 9.18 -3.88
C TRP A 103 8.70 9.39 -4.59
N THR A 104 9.47 8.31 -4.71
CA THR A 104 10.78 8.37 -5.36
C THR A 104 10.99 7.17 -6.28
N VAL A 105 10.92 7.41 -7.58
CA VAL A 105 11.11 6.34 -8.56
C VAL A 105 12.52 5.79 -8.50
N VAL A 106 12.65 4.53 -8.12
CA VAL A 106 13.95 3.88 -8.03
C VAL A 106 13.84 2.39 -8.35
N PRO A 107 14.76 1.89 -9.19
CA PRO A 107 14.79 0.49 -9.59
C PRO A 107 15.22 -0.43 -8.45
N ILE A 108 14.73 -1.67 -8.48
CA ILE A 108 15.06 -2.64 -7.45
C ILE A 108 16.21 -3.55 -7.89
N ASN A 109 17.28 -3.56 -7.12
CA ASN A 109 18.45 -4.37 -7.42
C ASN A 109 18.39 -5.70 -6.66
N GLU A 110 19.07 -6.71 -7.20
CA GLU A 110 19.11 -8.02 -6.57
C GLU A 110 17.71 -8.64 -6.52
N THR A 111 17.47 -9.62 -7.38
CA THR A 111 16.17 -10.29 -7.44
C THR A 111 15.76 -10.79 -6.06
N GLU A 112 16.74 -11.10 -5.22
CA GLU A 112 16.48 -11.59 -3.88
C GLU A 112 15.56 -10.64 -3.12
N VAL A 113 15.72 -9.35 -3.38
CA VAL A 113 14.91 -8.33 -2.72
C VAL A 113 13.53 -8.21 -3.38
N VAL A 114 13.50 -8.43 -4.69
CA VAL A 114 12.25 -8.35 -5.44
C VAL A 114 11.34 -9.54 -5.13
N GLU A 115 11.95 -10.70 -4.89
CA GLU A 115 11.19 -11.90 -4.58
C GLU A 115 10.59 -11.82 -3.19
N ARG A 116 11.25 -11.09 -2.30
CA ARG A 116 10.78 -10.93 -0.93
C ARG A 116 9.58 -9.99 -0.88
N LEU A 117 9.66 -8.88 -1.62
CA LEU A 117 8.58 -7.91 -1.65
C LEU A 117 7.35 -8.47 -2.36
N GLU A 118 7.59 -9.29 -3.38
CA GLU A 118 6.50 -9.91 -4.13
C GLU A 118 5.57 -10.69 -3.21
N TYR A 119 6.15 -11.41 -2.26
CA TYR A 119 5.38 -12.20 -1.31
C TYR A 119 4.65 -11.30 -0.32
N THR A 120 5.31 -10.23 0.08
CA THR A 120 4.73 -9.29 1.04
C THR A 120 3.54 -8.58 0.45
N LEU A 121 3.69 -8.09 -0.78
CA LEU A 121 2.61 -7.37 -1.46
C LEU A 121 1.51 -8.34 -1.89
N ARG A 122 1.90 -9.55 -2.27
CA ARG A 122 0.95 -10.56 -2.70
C ARG A 122 0.09 -11.02 -1.54
N GLU A 123 0.72 -11.22 -0.38
CA GLU A 123 0.00 -11.66 0.82
C GLU A 123 -0.85 -10.53 1.39
N PHE A 124 -0.38 -9.30 1.23
CA PHE A 124 -1.10 -8.14 1.74
C PHE A 124 -2.47 -8.02 1.08
N HIS A 125 -2.54 -8.39 -0.19
CA HIS A 125 -3.79 -8.32 -0.95
C HIS A 125 -4.78 -9.37 -0.44
N GLU A 126 -4.27 -10.55 -0.13
CA GLU A 126 -5.11 -11.64 0.36
C GLU A 126 -5.88 -11.20 1.61
N LYS A 127 -5.17 -10.59 2.55
CA LYS A 127 -5.79 -10.14 3.80
C LYS A 127 -6.69 -8.93 3.53
N LEU A 128 -6.31 -8.11 2.56
CA LEU A 128 -7.08 -6.92 2.21
C LEU A 128 -8.47 -7.30 1.71
N ARG A 129 -8.53 -8.42 0.98
CA ARG A 129 -9.80 -8.89 0.45
C ARG A 129 -10.76 -9.29 1.56
N ASP A 130 -10.22 -9.93 2.59
CA ASP A 130 -11.02 -10.36 3.73
C ASP A 130 -11.75 -9.18 4.37
N LEU A 131 -11.03 -8.10 4.59
CA LEU A 131 -11.60 -6.90 5.20
C LEU A 131 -12.77 -6.37 4.36
N LEU A 132 -12.51 -6.19 3.07
CA LEU A 132 -13.54 -5.70 2.15
C LEU A 132 -14.74 -6.63 2.13
N ILE A 133 -14.50 -7.92 2.33
CA ILE A 133 -15.56 -8.91 2.33
C ILE A 133 -16.43 -8.78 3.57
N SER A 134 -15.83 -8.31 4.66
CA SER A 134 -16.55 -8.14 5.92
C SER A 134 -17.49 -6.94 5.85
N MET A 135 -17.13 -5.98 5.01
CA MET A 135 -17.94 -4.77 4.85
C MET A 135 -18.84 -4.87 3.61
N GLU A 136 -18.73 -6.00 2.90
CA GLU A 136 -19.54 -6.22 1.71
C GLU A 136 -19.20 -5.21 0.62
N LEU A 137 -17.92 -4.82 0.55
CA LEU A 137 -17.47 -3.85 -0.44
C LEU A 137 -16.76 -4.56 -1.59
N ALA A 138 -17.36 -4.49 -2.78
CA ALA A 138 -16.78 -5.11 -3.97
C ALA A 138 -15.40 -4.55 -4.26
N LEU A 139 -14.54 -5.37 -4.84
CA LEU A 139 -13.18 -4.96 -5.18
C LEU A 139 -12.84 -5.31 -6.63
N GLU A 140 -12.13 -4.42 -7.30
CA GLU A 140 -11.74 -4.63 -8.68
C GLU A 140 -10.38 -4.01 -8.98
N PRO A 141 -9.74 -4.47 -10.06
CA PRO A 141 -8.42 -3.97 -10.47
C PRO A 141 -8.49 -2.54 -11.00
N SER A 142 -7.32 -1.94 -11.24
CA SER A 142 -7.25 -0.57 -11.74
C SER A 142 -7.60 -0.52 -13.22
N ASP A 143 -8.21 0.58 -13.64
CA ASP A 143 -8.58 0.76 -15.04
C ASP A 143 -7.35 0.92 -15.93
N ASP A 144 -6.23 1.26 -15.30
CA ASP A 144 -4.97 1.45 -16.03
C ASP A 144 -4.02 0.29 -15.80
N PHE A 145 -4.59 -0.88 -15.49
CA PHE A 145 -3.79 -2.07 -15.23
C PHE A 145 -4.05 -3.13 -16.29
N ASN A 146 -2.99 -3.80 -16.74
CA ASN A 146 -3.10 -4.84 -17.76
C ASN A 146 -3.13 -6.22 -17.11
N ASP A 147 -3.22 -7.25 -17.94
CA ASP A 147 -3.24 -8.63 -17.46
C ASP A 147 -1.84 -9.23 -17.46
N GLU A 148 -0.96 -8.69 -16.62
CA GLU A 148 0.40 -9.18 -16.52
C GLU A 148 0.97 -8.96 -15.11
N PRO A 149 0.41 -9.69 -14.14
CA PRO A 149 0.83 -9.60 -12.75
C PRO A 149 2.23 -10.18 -12.52
N VAL A 150 2.88 -9.76 -11.43
CA VAL A 150 4.21 -10.23 -11.10
C VAL A 150 4.22 -11.74 -10.87
N LYS A 151 4.96 -12.46 -11.71
CA LYS A 151 5.04 -13.92 -11.59
C LYS A 151 5.82 -14.32 -10.33
N LEU A 152 5.09 -14.63 -9.27
CA LEU A 152 5.72 -15.03 -8.02
C LEU A 152 6.28 -16.44 -8.11
N SER A 153 5.68 -17.25 -8.96
CA SER A 153 6.12 -18.63 -9.15
C SER A 153 7.25 -18.71 -10.18
N ALA A 154 8.36 -18.05 -9.87
CA ALA A 154 9.52 -18.05 -10.75
C ALA A 154 10.38 -19.28 -10.54
N MET A 22 -12.21 14.41 9.55
CA MET A 22 -13.14 14.52 8.44
C MET A 22 -13.50 13.14 7.89
N THR A 23 -14.65 13.04 7.25
CA THR A 23 -15.10 11.78 6.67
C THR A 23 -14.85 11.73 5.16
N LEU A 24 -14.81 10.53 4.61
CA LEU A 24 -14.58 10.35 3.19
C LEU A 24 -15.72 10.95 2.37
N PRO A 25 -15.42 11.35 1.13
CA PRO A 25 -16.41 11.94 0.22
C PRO A 25 -17.44 10.91 -0.26
N SER A 26 -17.07 9.64 -0.21
CA SER A 26 -17.96 8.57 -0.64
C SER A 26 -19.10 8.38 0.35
N GLY A 27 -18.92 8.91 1.56
CA GLY A 27 -19.94 8.80 2.58
C GLY A 27 -19.53 7.85 3.70
N HIS A 28 -18.38 7.21 3.54
CA HIS A 28 -17.88 6.28 4.55
C HIS A 28 -17.01 7.00 5.58
N PRO A 29 -17.00 6.48 6.81
CA PRO A 29 -16.22 7.05 7.90
C PRO A 29 -14.72 6.88 7.70
N LYS A 30 -13.99 8.00 7.73
CA LYS A 30 -12.54 7.96 7.55
C LYS A 30 -11.86 7.35 8.77
N SER A 31 -12.27 7.79 9.96
CA SER A 31 -11.69 7.29 11.20
C SER A 31 -11.77 5.76 11.25
N ARG A 32 -12.94 5.24 10.93
CA ARG A 32 -13.15 3.79 10.95
C ARG A 32 -12.24 3.10 9.94
N LEU A 33 -12.21 3.61 8.72
CA LEU A 33 -11.38 3.04 7.66
C LEU A 33 -9.91 3.06 8.06
N ILE A 34 -9.44 4.21 8.53
CA ILE A 34 -8.05 4.35 8.95
C ILE A 34 -7.70 3.34 10.04
N LYS A 35 -8.58 3.22 11.02
CA LYS A 35 -8.36 2.28 12.13
C LYS A 35 -8.44 0.84 11.64
N LYS A 36 -9.36 0.58 10.70
CA LYS A 36 -9.53 -0.76 10.15
C LYS A 36 -8.30 -1.17 9.34
N PHE A 37 -7.90 -0.31 8.41
CA PHE A 37 -6.75 -0.59 7.56
C PHE A 37 -5.49 -0.81 8.41
N THR A 38 -5.48 -0.21 9.59
CA THR A 38 -4.34 -0.34 10.49
C THR A 38 -4.14 -1.78 10.92
N ALA A 39 -5.20 -2.58 10.82
CA ALA A 39 -5.14 -3.98 11.20
C ALA A 39 -4.49 -4.82 10.11
N LEU A 40 -4.25 -4.20 8.97
CA LEU A 40 -3.63 -4.90 7.84
C LEU A 40 -2.17 -4.48 7.68
N GLY A 41 -1.68 -3.67 8.61
CA GLY A 41 -0.30 -3.21 8.56
C GLY A 41 -0.04 -2.06 9.50
N PRO A 42 0.94 -1.21 9.15
CA PRO A 42 1.32 -0.06 9.96
C PRO A 42 0.24 1.03 9.95
N TYR A 43 0.39 2.01 10.83
CA TYR A 43 -0.56 3.11 10.93
C TYR A 43 -0.62 3.90 9.63
N ILE A 44 -1.83 4.07 9.09
CA ILE A 44 -2.02 4.80 7.86
C ILE A 44 -1.89 6.30 8.08
N ARG A 45 -1.28 6.98 7.12
CA ARG A 45 -1.08 8.43 7.21
C ARG A 45 -2.29 9.18 6.66
N GLU A 46 -2.97 9.92 7.52
CA GLU A 46 -4.15 10.67 7.12
C GLU A 46 -3.85 11.54 5.90
N GLY A 47 -2.86 12.42 6.04
CA GLY A 47 -2.48 13.29 4.94
C GLY A 47 -3.05 14.69 5.09
N GLN A 48 -3.64 15.20 4.01
CA GLN A 48 -4.22 16.54 4.03
C GLN A 48 -5.54 16.57 3.27
N CYS A 49 -6.13 17.75 3.16
CA CYS A 49 -7.40 17.91 2.46
C CYS A 49 -7.24 17.62 0.97
N GLU A 50 -8.29 17.92 0.20
CA GLU A 50 -8.26 17.69 -1.23
C GLU A 50 -8.03 16.22 -1.55
N ASP A 51 -9.11 15.48 -1.77
CA ASP A 51 -9.02 14.05 -2.07
C ASP A 51 -8.25 13.31 -0.99
N ASN A 52 -8.96 12.96 0.09
CA ASN A 52 -8.33 12.25 1.20
C ASN A 52 -7.90 10.85 0.78
N ARG A 53 -6.62 10.69 0.46
CA ARG A 53 -6.09 9.41 0.03
C ARG A 53 -5.41 8.70 1.19
N PHE A 54 -5.39 7.37 1.14
CA PHE A 54 -4.76 6.57 2.19
C PHE A 54 -3.33 6.17 1.80
N PHE A 55 -2.43 6.22 2.77
CA PHE A 55 -1.04 5.87 2.53
C PHE A 55 -0.63 4.65 3.36
N PHE A 56 0.17 3.77 2.76
CA PHE A 56 0.63 2.58 3.43
C PHE A 56 2.12 2.37 3.23
N ASP A 57 2.83 2.01 4.30
CA ASP A 57 4.27 1.79 4.24
C ASP A 57 4.58 0.30 4.32
N CYS A 58 5.09 -0.25 3.23
CA CYS A 58 5.44 -1.68 3.17
C CYS A 58 6.91 -1.88 3.51
N LEU A 59 7.17 -2.66 4.56
CA LEU A 59 8.53 -2.94 5.00
C LEU A 59 8.90 -4.39 4.72
N ALA A 60 9.98 -4.59 3.96
CA ALA A 60 10.44 -5.93 3.62
C ALA A 60 11.93 -6.08 3.89
N VAL A 61 12.71 -5.10 3.43
CA VAL A 61 14.16 -5.12 3.62
C VAL A 61 14.74 -3.71 3.53
N CYS A 62 15.91 -3.53 4.14
CA CYS A 62 16.58 -2.23 4.13
C CYS A 62 17.43 -2.06 2.88
N VAL A 63 17.30 -0.90 2.24
CA VAL A 63 18.05 -0.61 1.03
C VAL A 63 19.54 -0.51 1.31
N ASN A 64 19.90 0.25 2.34
CA ASN A 64 21.29 0.43 2.72
C ASN A 64 21.40 1.09 4.09
N VAL A 65 22.23 0.50 4.96
CA VAL A 65 22.43 1.04 6.30
C VAL A 65 23.67 1.92 6.37
N LYS A 66 24.01 2.51 5.23
CA LYS A 66 25.18 3.39 5.15
C LYS A 66 24.95 4.66 5.97
N PRO A 67 23.90 5.40 5.62
CA PRO A 67 23.55 6.66 6.30
C PRO A 67 23.04 6.42 7.72
N ALA A 68 22.71 7.50 8.41
CA ALA A 68 22.21 7.41 9.77
C ALA A 68 21.03 6.43 9.87
N PRO A 69 20.75 5.96 11.08
CA PRO A 69 19.65 5.02 11.33
C PRO A 69 18.28 5.67 11.17
N GLU A 70 18.21 6.96 11.48
CA GLU A 70 16.96 7.71 11.36
C GLU A 70 16.58 7.92 9.91
N LYS A 71 17.59 7.92 9.04
CA LYS A 71 17.36 8.12 7.60
C LYS A 71 17.34 6.78 6.87
N ARG A 72 17.18 5.70 7.62
CA ARG A 72 17.14 4.36 7.04
C ARG A 72 16.06 4.26 5.98
N GLU A 73 16.35 3.53 4.91
CA GLU A 73 15.39 3.35 3.82
C GLU A 73 15.02 1.88 3.65
N PHE A 74 13.72 1.62 3.54
CA PHE A 74 13.23 0.25 3.38
C PHE A 74 12.54 0.08 2.03
N TRP A 75 12.41 -1.16 1.59
CA TRP A 75 11.78 -1.47 0.32
C TRP A 75 10.29 -1.78 0.52
N GLY A 76 9.49 -1.46 -0.50
CA GLY A 76 8.06 -1.71 -0.41
C GLY A 76 7.31 -1.21 -1.63
N TRP A 77 6.09 -0.75 -1.42
CA TRP A 77 5.27 -0.24 -2.51
C TRP A 77 4.06 0.54 -1.97
N TRP A 78 3.98 1.81 -2.33
CA TRP A 78 2.88 2.66 -1.88
C TRP A 78 1.59 2.33 -2.63
N MET A 79 0.46 2.54 -1.98
CA MET A 79 -0.84 2.26 -2.59
C MET A 79 -1.89 3.27 -2.13
N GLU A 80 -2.41 4.05 -3.07
CA GLU A 80 -3.43 5.04 -2.75
C GLU A 80 -4.79 4.65 -3.32
N LEU A 81 -5.73 4.38 -2.43
CA LEU A 81 -7.08 3.99 -2.84
C LEU A 81 -8.11 4.99 -2.34
N GLU A 82 -9.28 5.00 -2.98
CA GLU A 82 -10.36 5.91 -2.61
C GLU A 82 -11.70 5.18 -2.59
N ALA A 83 -12.32 5.13 -1.41
CA ALA A 83 -13.61 4.48 -1.26
C ALA A 83 -14.60 4.98 -2.30
N GLN A 84 -15.51 4.10 -2.71
CA GLN A 84 -16.53 4.45 -3.70
C GLN A 84 -17.92 4.51 -3.07
N GLU A 85 -18.93 4.75 -3.89
CA GLU A 85 -20.30 4.82 -3.42
C GLU A 85 -20.66 3.57 -2.62
N LYS A 86 -20.41 2.41 -3.19
CA LYS A 86 -20.70 1.14 -2.53
C LYS A 86 -19.69 0.08 -2.92
N ARG A 87 -18.46 0.51 -3.20
CA ARG A 87 -17.40 -0.42 -3.58
C ARG A 87 -16.03 0.17 -3.26
N PHE A 88 -14.98 -0.61 -3.51
CA PHE A 88 -13.62 -0.17 -3.25
C PHE A 88 -12.71 -0.48 -4.43
N THR A 89 -11.68 0.33 -4.61
CA THR A 89 -10.73 0.14 -5.70
C THR A 89 -9.30 0.43 -5.25
N TYR A 90 -8.33 -0.12 -5.96
CA TYR A 90 -6.93 0.08 -5.64
C TYR A 90 -6.05 -0.09 -6.87
N ARG A 91 -4.79 0.33 -6.76
CA ARG A 91 -3.85 0.23 -7.86
C ARG A 91 -2.53 -0.37 -7.40
N TYR A 92 -1.75 -0.88 -8.35
CA TYR A 92 -0.46 -1.49 -8.04
C TYR A 92 0.68 -0.57 -8.46
N GLN A 93 1.33 0.04 -7.46
CA GLN A 93 2.45 0.94 -7.73
C GLN A 93 3.61 0.65 -6.78
N PHE A 94 4.79 0.42 -7.36
CA PHE A 94 5.98 0.15 -6.57
C PHE A 94 6.74 1.42 -6.26
N GLY A 95 7.66 1.35 -5.29
CA GLY A 95 8.45 2.51 -4.92
C GLY A 95 9.36 2.24 -3.74
N LEU A 96 9.52 3.24 -2.87
CA LEU A 96 10.37 3.10 -1.70
C LEU A 96 9.81 3.89 -0.52
N PHE A 97 9.99 3.36 0.68
CA PHE A 97 9.50 4.03 1.88
C PHE A 97 10.65 4.65 2.67
N ASP A 98 10.74 5.97 2.60
CA ASP A 98 11.81 6.69 3.30
C ASP A 98 11.38 7.02 4.73
N LYS A 99 12.28 7.64 5.48
CA LYS A 99 12.00 8.01 6.87
C LYS A 99 10.77 8.90 6.96
N GLU A 100 10.53 9.67 5.92
CA GLU A 100 9.38 10.58 5.88
C GLU A 100 8.30 10.04 4.95
N GLY A 101 8.63 8.99 4.20
CA GLY A 101 7.68 8.40 3.28
C GLY A 101 7.43 9.27 2.07
N ASN A 102 8.34 10.20 1.81
CA ASN A 102 8.21 11.10 0.67
C ASN A 102 8.50 10.37 -0.64
N TRP A 103 7.72 10.69 -1.67
CA TRP A 103 7.90 10.07 -2.98
C TRP A 103 9.34 10.16 -3.44
N THR A 104 9.95 9.02 -3.71
CA THR A 104 11.33 8.96 -4.17
C THR A 104 11.55 7.83 -5.16
N VAL A 105 11.69 8.19 -6.43
CA VAL A 105 11.90 7.21 -7.49
C VAL A 105 13.25 6.50 -7.32
N VAL A 106 13.21 5.21 -7.04
CA VAL A 106 14.43 4.43 -6.87
C VAL A 106 14.22 2.99 -7.32
N PRO A 107 15.19 2.46 -8.09
CA PRO A 107 15.14 1.09 -8.60
C PRO A 107 15.33 0.05 -7.50
N ILE A 108 14.71 -1.11 -7.68
CA ILE A 108 14.81 -2.18 -6.70
C ILE A 108 16.08 -3.01 -6.93
N ASN A 109 16.63 -3.53 -5.83
CA ASN A 109 17.83 -4.35 -5.90
C ASN A 109 17.64 -5.55 -6.81
N GLU A 110 18.63 -6.43 -6.87
CA GLU A 110 18.56 -7.63 -7.69
C GLU A 110 17.25 -8.38 -7.46
N THR A 111 16.96 -9.34 -8.34
CA THR A 111 15.74 -10.13 -8.22
C THR A 111 15.61 -10.75 -6.83
N GLU A 112 16.75 -10.98 -6.19
CA GLU A 112 16.76 -11.57 -4.85
C GLU A 112 15.87 -10.76 -3.90
N VAL A 113 15.95 -9.44 -3.99
CA VAL A 113 15.16 -8.56 -3.14
C VAL A 113 13.73 -8.44 -3.66
N VAL A 114 13.60 -8.18 -4.96
CA VAL A 114 12.29 -8.04 -5.58
C VAL A 114 11.39 -9.22 -5.24
N GLU A 115 12.00 -10.40 -5.11
CA GLU A 115 11.26 -11.61 -4.80
C GLU A 115 10.60 -11.51 -3.43
N ARG A 116 11.27 -10.84 -2.50
CA ARG A 116 10.75 -10.67 -1.15
C ARG A 116 9.53 -9.75 -1.16
N LEU A 117 9.61 -8.69 -1.96
CA LEU A 117 8.52 -7.73 -2.06
C LEU A 117 7.32 -8.33 -2.77
N GLU A 118 7.59 -9.18 -3.75
CA GLU A 118 6.53 -9.83 -4.52
C GLU A 118 5.62 -10.65 -3.60
N TYR A 119 6.23 -11.30 -2.61
CA TYR A 119 5.47 -12.12 -1.66
C TYR A 119 4.63 -11.25 -0.74
N THR A 120 5.15 -10.07 -0.41
CA THR A 120 4.45 -9.15 0.47
C THR A 120 3.28 -8.48 -0.26
N LEU A 121 3.43 -8.29 -1.56
CA LEU A 121 2.40 -7.66 -2.37
C LEU A 121 1.22 -8.60 -2.58
N ARG A 122 1.52 -9.88 -2.75
CA ARG A 122 0.48 -10.89 -2.96
C ARG A 122 -0.28 -11.16 -1.67
N GLU A 123 0.45 -11.16 -0.55
CA GLU A 123 -0.17 -11.40 0.75
C GLU A 123 -1.01 -10.20 1.20
N PHE A 124 -0.51 -9.00 0.91
CA PHE A 124 -1.20 -7.78 1.27
C PHE A 124 -2.57 -7.71 0.61
N HIS A 125 -2.65 -8.21 -0.62
CA HIS A 125 -3.90 -8.20 -1.37
C HIS A 125 -4.89 -9.20 -0.76
N GLU A 126 -4.39 -10.36 -0.38
CA GLU A 126 -5.24 -11.40 0.21
C GLU A 126 -5.73 -10.98 1.59
N LYS A 127 -4.80 -10.49 2.42
CA LYS A 127 -5.14 -10.06 3.76
C LYS A 127 -6.19 -8.95 3.74
N LEU A 128 -6.15 -8.13 2.71
CA LEU A 128 -7.10 -7.03 2.56
C LEU A 128 -8.48 -7.55 2.20
N ARG A 129 -8.52 -8.63 1.42
CA ARG A 129 -9.78 -9.22 1.00
C ARG A 129 -10.66 -9.52 2.21
N ASP A 130 -10.04 -9.98 3.30
CA ASP A 130 -10.76 -10.30 4.51
C ASP A 130 -11.38 -9.04 5.14
N LEU A 131 -10.65 -7.94 5.04
CA LEU A 131 -11.12 -6.67 5.60
C LEU A 131 -12.34 -6.17 4.85
N LEU A 132 -12.24 -6.12 3.52
CA LEU A 132 -13.34 -5.65 2.69
C LEU A 132 -14.55 -6.57 2.83
N ILE A 133 -14.29 -7.86 2.99
CA ILE A 133 -15.36 -8.85 3.14
C ILE A 133 -16.13 -8.64 4.45
N SER A 134 -15.43 -8.13 5.46
CA SER A 134 -16.04 -7.88 6.76
C SER A 134 -16.95 -6.67 6.70
N MET A 135 -16.69 -5.78 5.74
CA MET A 135 -17.49 -4.57 5.58
C MET A 135 -18.52 -4.74 4.48
N GLU A 136 -18.55 -5.93 3.88
CA GLU A 136 -19.49 -6.22 2.80
C GLU A 136 -19.22 -5.33 1.60
N LEU A 137 -17.95 -5.01 1.38
CA LEU A 137 -17.56 -4.17 0.25
C LEU A 137 -16.92 -5.00 -0.86
N ALA A 138 -17.31 -4.73 -2.10
CA ALA A 138 -16.77 -5.45 -3.25
C ALA A 138 -15.43 -4.86 -3.68
N LEU A 139 -14.61 -5.70 -4.31
CA LEU A 139 -13.30 -5.27 -4.77
C LEU A 139 -13.08 -5.66 -6.24
N GLU A 140 -12.44 -4.78 -6.99
CA GLU A 140 -12.18 -5.02 -8.40
C GLU A 140 -10.73 -4.68 -8.75
N PRO A 141 -10.25 -5.23 -9.88
CA PRO A 141 -8.87 -4.99 -10.34
C PRO A 141 -8.68 -3.57 -10.85
N SER A 142 -7.42 -3.21 -11.11
CA SER A 142 -7.09 -1.87 -11.59
C SER A 142 -7.20 -1.81 -13.11
N ASP A 143 -6.92 -0.63 -13.66
CA ASP A 143 -6.98 -0.42 -15.10
C ASP A 143 -5.79 -1.08 -15.80
N ASP A 144 -4.64 -1.09 -15.12
CA ASP A 144 -3.43 -1.68 -15.69
C ASP A 144 -3.26 -3.11 -15.18
N PHE A 145 -4.36 -3.76 -14.83
CA PHE A 145 -4.33 -5.12 -14.34
C PHE A 145 -4.52 -6.12 -15.48
N ASN A 146 -3.97 -7.32 -15.31
CA ASN A 146 -4.09 -8.36 -16.32
C ASN A 146 -3.40 -7.94 -17.61
N ASP A 147 -2.23 -7.31 -17.48
CA ASP A 147 -1.47 -6.85 -18.64
C ASP A 147 -0.04 -7.38 -18.60
N GLU A 148 0.53 -7.40 -17.39
CA GLU A 148 1.91 -7.87 -17.21
C GLU A 148 2.24 -8.01 -15.73
N PRO A 149 1.61 -8.97 -15.07
CA PRO A 149 1.82 -9.23 -13.63
C PRO A 149 3.19 -9.81 -13.36
N VAL A 150 3.70 -9.59 -12.14
CA VAL A 150 5.01 -10.09 -11.74
C VAL A 150 4.99 -11.61 -11.62
N LYS A 151 6.17 -12.19 -11.45
CA LYS A 151 6.30 -13.65 -11.32
C LYS A 151 5.86 -14.10 -9.93
N LEU A 152 4.61 -14.57 -9.83
CA LEU A 152 4.07 -15.04 -8.57
C LEU A 152 4.75 -16.33 -8.12
N SER A 153 5.26 -17.08 -9.10
CA SER A 153 5.95 -18.34 -8.81
C SER A 153 7.46 -18.14 -8.73
N ALA A 154 7.87 -16.94 -8.34
CA ALA A 154 9.28 -16.61 -8.22
C ALA A 154 9.84 -17.08 -6.87
N MET A 22 -13.20 14.28 8.57
CA MET A 22 -13.16 14.39 7.12
C MET A 22 -13.45 13.06 6.46
N THR A 23 -14.73 12.81 6.18
CA THR A 23 -15.15 11.57 5.54
C THR A 23 -14.85 11.59 4.04
N LEU A 24 -14.79 10.41 3.43
CA LEU A 24 -14.52 10.29 2.01
C LEU A 24 -15.67 10.87 1.19
N PRO A 25 -15.37 11.33 -0.04
CA PRO A 25 -16.36 11.90 -0.95
C PRO A 25 -17.33 10.86 -1.48
N SER A 26 -16.94 9.59 -1.38
CA SER A 26 -17.78 8.50 -1.85
C SER A 26 -18.92 8.22 -0.88
N GLY A 27 -18.80 8.77 0.33
CA GLY A 27 -19.83 8.58 1.33
C GLY A 27 -19.37 7.68 2.47
N HIS A 28 -18.34 6.89 2.22
CA HIS A 28 -17.80 5.98 3.22
C HIS A 28 -17.01 6.75 4.28
N PRO A 29 -17.03 6.25 5.52
CA PRO A 29 -16.33 6.88 6.64
C PRO A 29 -14.82 6.75 6.51
N LYS A 30 -14.13 7.90 6.53
CA LYS A 30 -12.68 7.91 6.43
C LYS A 30 -12.03 7.38 7.70
N SER A 31 -12.38 7.98 8.83
CA SER A 31 -11.82 7.58 10.12
C SER A 31 -12.04 6.08 10.35
N ARG A 32 -13.24 5.62 10.04
CA ARG A 32 -13.58 4.21 10.21
C ARG A 32 -12.69 3.32 9.35
N LEU A 33 -12.35 3.80 8.16
CA LEU A 33 -11.49 3.04 7.25
C LEU A 33 -10.07 2.95 7.79
N ILE A 34 -9.58 4.06 8.35
CA ILE A 34 -8.24 4.10 8.90
C ILE A 34 -8.04 3.01 9.95
N LYS A 35 -8.98 2.92 10.88
CA LYS A 35 -8.91 1.91 11.94
C LYS A 35 -9.06 0.51 11.37
N LYS A 36 -9.86 0.39 10.32
CA LYS A 36 -10.09 -0.91 9.68
C LYS A 36 -8.81 -1.41 9.02
N PHE A 37 -8.18 -0.57 8.23
CA PHE A 37 -6.94 -0.93 7.54
C PHE A 37 -5.81 -1.19 8.54
N THR A 38 -5.96 -0.62 9.74
CA THR A 38 -4.95 -0.79 10.78
C THR A 38 -4.88 -2.24 11.23
N ALA A 39 -5.95 -2.98 11.01
CA ALA A 39 -6.01 -4.39 11.40
C ALA A 39 -5.31 -5.27 10.38
N LEU A 40 -4.94 -4.68 9.25
CA LEU A 40 -4.26 -5.41 8.19
C LEU A 40 -2.77 -5.07 8.15
N GLY A 41 -2.33 -4.25 9.10
CA GLY A 41 -0.94 -3.86 9.17
C GLY A 41 -0.69 -2.76 10.19
N PRO A 42 0.38 -1.98 9.97
CA PRO A 42 0.75 -0.88 10.86
C PRO A 42 -0.24 0.27 10.81
N TYR A 43 -0.12 1.21 11.75
CA TYR A 43 -1.00 2.37 11.80
C TYR A 43 -0.86 3.21 10.54
N ILE A 44 -1.99 3.55 9.93
CA ILE A 44 -2.00 4.36 8.73
C ILE A 44 -1.78 5.83 9.05
N ARG A 45 -1.02 6.52 8.20
CA ARG A 45 -0.74 7.93 8.40
C ARG A 45 -1.86 8.80 7.82
N GLU A 46 -2.76 9.22 8.68
CA GLU A 46 -3.89 10.06 8.25
C GLU A 46 -3.39 11.29 7.51
N GLY A 47 -2.83 12.24 8.25
CA GLY A 47 -2.33 13.46 7.63
C GLY A 47 -3.27 14.63 7.82
N GLN A 48 -2.87 15.80 7.32
CA GLN A 48 -3.68 17.01 7.44
C GLN A 48 -4.21 17.44 6.07
N CYS A 49 -3.49 17.07 5.02
CA CYS A 49 -3.88 17.42 3.66
C CYS A 49 -5.31 16.96 3.37
N GLU A 50 -5.92 17.55 2.34
CA GLU A 50 -7.27 17.21 1.96
C GLU A 50 -7.30 16.32 0.73
N ASP A 51 -6.45 15.28 0.74
CA ASP A 51 -6.37 14.36 -0.38
C ASP A 51 -7.25 13.13 -0.14
N ASN A 52 -7.74 12.53 -1.22
CA ASN A 52 -8.59 11.35 -1.12
C ASN A 52 -7.81 10.08 -1.48
N ARG A 53 -6.64 9.93 -0.86
CA ARG A 53 -5.81 8.75 -1.12
C ARG A 53 -5.37 8.11 0.19
N PHE A 54 -4.97 6.85 0.11
CA PHE A 54 -4.53 6.11 1.29
C PHE A 54 -3.08 5.64 1.14
N PHE A 55 -2.20 6.17 1.99
CA PHE A 55 -0.79 5.81 1.94
C PHE A 55 -0.48 4.70 2.95
N PHE A 56 0.43 3.82 2.57
CA PHE A 56 0.82 2.71 3.44
C PHE A 56 2.33 2.47 3.39
N ASP A 57 2.99 2.67 4.52
CA ASP A 57 4.44 2.48 4.60
C ASP A 57 4.78 1.20 5.37
N CYS A 58 5.31 0.21 4.66
CA CYS A 58 5.67 -1.06 5.27
C CYS A 58 7.19 -1.19 5.38
N LEU A 59 7.64 -2.08 6.25
CA LEU A 59 9.06 -2.31 6.46
C LEU A 59 9.48 -3.68 5.94
N ALA A 60 10.03 -3.70 4.73
CA ALA A 60 10.47 -4.95 4.11
C ALA A 60 11.95 -5.21 4.39
N VAL A 61 12.81 -4.40 3.76
CA VAL A 61 14.25 -4.54 3.94
C VAL A 61 14.93 -3.18 3.89
N CYS A 62 16.07 -3.07 4.59
CA CYS A 62 16.82 -1.83 4.63
C CYS A 62 17.75 -1.72 3.43
N VAL A 63 17.51 -0.72 2.59
CA VAL A 63 18.33 -0.51 1.40
C VAL A 63 19.60 0.25 1.74
N ASN A 64 19.55 1.02 2.83
CA ASN A 64 20.71 1.81 3.27
C ASN A 64 21.61 0.98 4.18
N VAL A 65 22.84 0.78 3.76
CA VAL A 65 23.81 0.01 4.54
C VAL A 65 25.22 0.47 4.29
N LYS A 66 25.53 0.73 3.02
CA LYS A 66 26.87 1.18 2.63
C LYS A 66 27.15 2.58 3.20
N PRO A 67 26.29 3.54 2.86
CA PRO A 67 26.43 4.93 3.32
C PRO A 67 26.15 5.07 4.81
N ALA A 68 26.29 6.30 5.32
CA ALA A 68 26.04 6.56 6.73
C ALA A 68 24.64 6.11 7.14
N PRO A 69 24.46 5.92 8.46
CA PRO A 69 23.17 5.48 9.00
C PRO A 69 22.10 6.57 8.91
N GLU A 70 22.54 7.82 8.80
CA GLU A 70 21.63 8.95 8.70
C GLU A 70 20.76 8.83 7.45
N LYS A 71 21.18 8.00 6.52
CA LYS A 71 20.45 7.79 5.27
C LYS A 71 19.62 6.51 5.33
N ARG A 72 19.39 6.01 6.54
CA ARG A 72 18.61 4.80 6.74
C ARG A 72 17.34 4.82 5.90
N GLU A 73 17.19 3.83 5.03
CA GLU A 73 16.03 3.75 4.16
C GLU A 73 15.50 2.31 4.10
N PHE A 74 14.21 2.15 4.38
CA PHE A 74 13.59 0.84 4.36
C PHE A 74 12.57 0.73 3.22
N TRP A 75 12.41 -0.47 2.69
CA TRP A 75 11.48 -0.70 1.60
C TRP A 75 10.05 -0.85 2.13
N GLY A 76 9.09 -0.30 1.38
CA GLY A 76 7.70 -0.38 1.80
C GLY A 76 6.75 -0.57 0.63
N TRP A 77 5.46 -0.51 0.90
CA TRP A 77 4.45 -0.67 -0.14
C TRP A 77 4.12 0.68 -0.78
N TRP A 78 3.13 0.67 -1.67
CA TRP A 78 2.71 1.88 -2.36
C TRP A 78 1.42 1.66 -3.14
N MET A 79 0.42 1.09 -2.48
CA MET A 79 -0.86 0.81 -3.12
C MET A 79 -1.83 1.97 -2.91
N GLU A 80 -2.20 2.62 -4.01
CA GLU A 80 -3.12 3.76 -3.94
C GLU A 80 -4.51 3.35 -4.43
N LEU A 81 -5.48 3.36 -3.52
CA LEU A 81 -6.85 2.99 -3.86
C LEU A 81 -7.81 4.14 -3.56
N GLU A 82 -8.97 4.11 -4.20
CA GLU A 82 -9.99 5.15 -4.00
C GLU A 82 -11.36 4.54 -3.77
N ALA A 83 -11.86 4.68 -2.55
CA ALA A 83 -13.17 4.15 -2.20
C ALA A 83 -14.27 4.78 -3.04
N GLN A 84 -14.95 3.96 -3.83
CA GLN A 84 -16.02 4.43 -4.69
C GLN A 84 -17.36 4.40 -3.97
N GLU A 85 -18.44 4.60 -4.72
CA GLU A 85 -19.78 4.60 -4.13
C GLU A 85 -20.01 3.32 -3.31
N LYS A 86 -19.97 2.18 -3.98
CA LYS A 86 -20.17 0.90 -3.31
C LYS A 86 -19.19 -0.15 -3.83
N ARG A 87 -17.94 0.27 -4.06
CA ARG A 87 -16.92 -0.64 -4.56
C ARG A 87 -15.53 -0.21 -4.07
N PHE A 88 -14.54 -1.03 -4.38
CA PHE A 88 -13.16 -0.74 -3.96
C PHE A 88 -12.17 -1.19 -5.02
N THR A 89 -11.30 -0.28 -5.44
CA THR A 89 -10.29 -0.58 -6.46
C THR A 89 -8.90 -0.65 -5.84
N TYR A 90 -7.97 -1.23 -6.59
CA TYR A 90 -6.59 -1.36 -6.12
C TYR A 90 -5.62 -1.39 -7.30
N ARG A 91 -4.36 -1.02 -7.03
CA ARG A 91 -3.34 -1.01 -8.06
C ARG A 91 -2.00 -1.48 -7.50
N TYR A 92 -1.25 -2.24 -8.30
CA TYR A 92 0.04 -2.74 -7.88
C TYR A 92 1.14 -1.72 -8.13
N GLN A 93 1.59 -1.07 -7.07
CA GLN A 93 2.64 -0.06 -7.18
C GLN A 93 3.67 -0.23 -6.06
N PHE A 94 4.92 0.09 -6.37
CA PHE A 94 6.00 -0.03 -5.40
C PHE A 94 6.48 1.35 -4.96
N GLY A 95 7.08 1.40 -3.77
CA GLY A 95 7.57 2.66 -3.24
C GLY A 95 8.66 2.47 -2.20
N LEU A 96 8.97 3.54 -1.46
CA LEU A 96 9.99 3.48 -0.43
C LEU A 96 9.55 4.24 0.82
N PHE A 97 9.95 3.74 1.98
CA PHE A 97 9.59 4.37 3.24
C PHE A 97 10.75 5.22 3.76
N ASP A 98 10.57 6.54 3.74
CA ASP A 98 11.59 7.47 4.21
C ASP A 98 11.35 7.85 5.67
N LYS A 99 12.21 8.70 6.21
CA LYS A 99 12.09 9.14 7.58
C LYS A 99 10.80 9.94 7.80
N GLU A 100 10.31 10.56 6.73
CA GLU A 100 9.08 11.34 6.80
C GLU A 100 7.91 10.57 6.22
N GLY A 101 8.19 9.43 5.59
CA GLY A 101 7.15 8.61 5.00
C GLY A 101 6.51 9.26 3.80
N ASN A 102 7.23 10.21 3.20
CA ASN A 102 6.72 10.92 2.02
C ASN A 102 6.95 10.10 0.76
N TRP A 103 6.05 10.24 -0.20
CA TRP A 103 6.15 9.51 -1.47
C TRP A 103 7.42 9.91 -2.22
N THR A 104 8.25 8.93 -2.53
CA THR A 104 9.49 9.18 -3.26
C THR A 104 9.77 8.08 -4.27
N VAL A 105 9.61 8.40 -5.55
CA VAL A 105 9.84 7.45 -6.62
C VAL A 105 11.28 6.97 -6.62
N VAL A 106 11.47 5.68 -6.34
CA VAL A 106 12.80 5.08 -6.30
C VAL A 106 12.77 3.63 -6.74
N PRO A 107 13.71 3.26 -7.63
CA PRO A 107 13.81 1.89 -8.14
C PRO A 107 14.27 0.90 -7.08
N ILE A 108 13.78 -0.34 -7.16
CA ILE A 108 14.16 -1.37 -6.21
C ILE A 108 15.49 -2.02 -6.59
N ASN A 109 16.49 -1.85 -5.72
CA ASN A 109 17.80 -2.41 -5.96
C ASN A 109 17.90 -3.83 -5.41
N GLU A 110 18.75 -4.65 -6.02
CA GLU A 110 18.93 -6.03 -5.59
C GLU A 110 17.64 -6.83 -5.75
N THR A 111 17.61 -7.68 -6.78
CA THR A 111 16.43 -8.50 -7.04
C THR A 111 16.04 -9.32 -5.80
N GLU A 112 17.03 -9.63 -4.97
CA GLU A 112 16.78 -10.40 -3.76
C GLU A 112 15.69 -9.76 -2.91
N VAL A 113 15.66 -8.43 -2.90
CA VAL A 113 14.67 -7.69 -2.13
C VAL A 113 13.34 -7.65 -2.85
N VAL A 114 13.37 -7.34 -4.15
CA VAL A 114 12.16 -7.26 -4.95
C VAL A 114 11.32 -8.53 -4.81
N GLU A 115 12.01 -9.66 -4.61
CA GLU A 115 11.32 -10.94 -4.46
C GLU A 115 10.48 -10.96 -3.19
N ARG A 116 10.99 -10.32 -2.14
CA ARG A 116 10.28 -10.26 -0.86
C ARG A 116 9.04 -9.38 -0.97
N LEU A 117 9.20 -8.20 -1.57
CA LEU A 117 8.10 -7.27 -1.73
C LEU A 117 7.00 -7.88 -2.60
N GLU A 118 7.41 -8.68 -3.58
CA GLU A 118 6.46 -9.32 -4.49
C GLU A 118 5.51 -10.24 -3.72
N TYR A 119 6.08 -11.01 -2.80
CA TYR A 119 5.28 -11.94 -2.00
C TYR A 119 4.44 -11.19 -0.98
N THR A 120 5.02 -10.16 -0.38
CA THR A 120 4.33 -9.37 0.62
C THR A 120 3.08 -8.71 0.02
N LEU A 121 3.24 -8.11 -1.14
CA LEU A 121 2.12 -7.45 -1.83
C LEU A 121 1.01 -8.44 -2.13
N ARG A 122 1.39 -9.68 -2.44
CA ARG A 122 0.42 -10.72 -2.76
C ARG A 122 -0.37 -11.13 -1.52
N GLU A 123 0.34 -11.39 -0.43
CA GLU A 123 -0.29 -11.80 0.82
C GLU A 123 -1.16 -10.66 1.38
N PHE A 124 -0.76 -9.43 1.09
CA PHE A 124 -1.49 -8.26 1.57
C PHE A 124 -2.89 -8.21 0.96
N HIS A 125 -3.01 -8.65 -0.29
CA HIS A 125 -4.29 -8.66 -0.98
C HIS A 125 -5.22 -9.71 -0.39
N GLU A 126 -4.65 -10.85 -0.02
CA GLU A 126 -5.43 -11.93 0.57
C GLU A 126 -6.19 -11.45 1.81
N LYS A 127 -5.49 -10.77 2.69
CA LYS A 127 -6.09 -10.25 3.92
C LYS A 127 -7.02 -9.07 3.61
N LEU A 128 -6.67 -8.30 2.59
CA LEU A 128 -7.47 -7.15 2.19
C LEU A 128 -8.88 -7.56 1.81
N ARG A 129 -9.00 -8.74 1.20
CA ARG A 129 -10.30 -9.26 0.78
C ARG A 129 -11.23 -9.42 1.97
N ASP A 130 -10.72 -10.05 3.03
CA ASP A 130 -11.51 -10.27 4.24
C ASP A 130 -12.05 -8.96 4.78
N LEU A 131 -11.19 -7.94 4.83
CA LEU A 131 -11.57 -6.63 5.32
C LEU A 131 -12.74 -6.06 4.52
N LEU A 132 -12.61 -6.07 3.20
CA LEU A 132 -13.65 -5.56 2.32
C LEU A 132 -14.93 -6.39 2.45
N ILE A 133 -14.77 -7.68 2.70
CA ILE A 133 -15.90 -8.58 2.86
C ILE A 133 -16.78 -8.15 4.02
N SER A 134 -16.15 -7.65 5.08
CA SER A 134 -16.88 -7.20 6.26
C SER A 134 -17.60 -5.88 6.00
N MET A 135 -17.10 -5.13 5.02
CA MET A 135 -17.71 -3.85 4.66
C MET A 135 -18.72 -4.03 3.54
N GLU A 136 -18.85 -5.25 3.05
CA GLU A 136 -19.80 -5.54 1.97
C GLU A 136 -19.40 -4.82 0.70
N LEU A 137 -18.13 -4.92 0.33
CA LEU A 137 -17.63 -4.27 -0.87
C LEU A 137 -17.24 -5.29 -1.93
N ALA A 138 -17.14 -4.85 -3.18
CA ALA A 138 -16.78 -5.73 -4.28
C ALA A 138 -15.29 -5.63 -4.60
N LEU A 139 -14.76 -6.65 -5.26
CA LEU A 139 -13.35 -6.68 -5.64
C LEU A 139 -13.19 -6.80 -7.15
N GLU A 140 -12.28 -6.01 -7.70
CA GLU A 140 -12.02 -6.03 -9.14
C GLU A 140 -10.61 -5.53 -9.45
N PRO A 141 -10.11 -5.88 -10.65
CA PRO A 141 -8.78 -5.48 -11.09
C PRO A 141 -8.69 -3.99 -11.39
N SER A 142 -7.47 -3.51 -11.62
CA SER A 142 -7.26 -2.09 -11.91
C SER A 142 -7.82 -1.72 -13.29
N ASP A 143 -8.45 -0.55 -13.36
CA ASP A 143 -9.04 -0.08 -14.62
C ASP A 143 -7.98 0.04 -15.70
N ASP A 144 -6.72 0.15 -15.28
CA ASP A 144 -5.62 0.28 -16.22
C ASP A 144 -4.75 -0.98 -16.22
N PHE A 145 -5.37 -2.11 -15.86
CA PHE A 145 -4.66 -3.39 -15.82
C PHE A 145 -5.33 -4.41 -16.72
N ASN A 146 -4.56 -4.99 -17.64
CA ASN A 146 -5.08 -5.99 -18.56
C ASN A 146 -4.80 -7.40 -18.05
N ASP A 147 -3.53 -7.79 -18.04
CA ASP A 147 -3.14 -9.11 -17.58
C ASP A 147 -1.62 -9.27 -17.62
N GLU A 148 -1.00 -9.18 -16.44
CA GLU A 148 0.46 -9.32 -16.35
C GLU A 148 0.90 -9.33 -14.89
N PRO A 149 0.55 -10.40 -14.16
CA PRO A 149 0.90 -10.55 -12.75
C PRO A 149 2.39 -10.78 -12.55
N VAL A 150 2.94 -10.19 -11.49
CA VAL A 150 4.36 -10.34 -11.19
C VAL A 150 4.71 -11.78 -10.85
N LYS A 151 5.84 -12.25 -11.36
CA LYS A 151 6.29 -13.61 -11.12
C LYS A 151 6.91 -13.73 -9.73
N LEU A 152 6.12 -14.19 -8.77
CA LEU A 152 6.60 -14.36 -7.40
C LEU A 152 7.53 -15.56 -7.29
N SER A 153 7.30 -16.57 -8.13
CA SER A 153 8.11 -17.78 -8.12
C SER A 153 9.07 -17.78 -9.31
N ALA A 154 10.01 -16.84 -9.32
CA ALA A 154 10.98 -16.74 -10.40
C ALA A 154 12.39 -17.04 -9.89
N MET A 22 -15.22 15.09 7.58
CA MET A 22 -14.36 14.08 8.19
C MET A 22 -14.56 12.72 7.52
N THR A 23 -15.76 12.51 6.98
CA THR A 23 -16.08 11.25 6.32
C THR A 23 -15.76 11.31 4.83
N LEU A 24 -15.62 10.15 4.21
CA LEU A 24 -15.31 10.07 2.78
C LEU A 24 -16.50 10.51 1.95
N PRO A 25 -16.22 11.00 0.73
CA PRO A 25 -17.26 11.46 -0.19
C PRO A 25 -18.10 10.31 -0.75
N SER A 26 -17.59 9.10 -0.62
CA SER A 26 -18.29 7.92 -1.11
C SER A 26 -19.46 7.56 -0.19
N GLY A 27 -19.41 8.06 1.04
CA GLY A 27 -20.46 7.79 2.00
C GLY A 27 -20.01 6.86 3.11
N HIS A 28 -18.75 6.42 3.05
CA HIS A 28 -18.20 5.53 4.05
C HIS A 28 -17.47 6.31 5.14
N PRO A 29 -17.47 5.78 6.37
CA PRO A 29 -16.81 6.42 7.51
C PRO A 29 -15.29 6.39 7.40
N LYS A 30 -14.67 7.56 7.47
CA LYS A 30 -13.22 7.68 7.37
C LYS A 30 -12.55 7.12 8.62
N SER A 31 -12.92 7.68 9.77
CA SER A 31 -12.35 7.25 11.04
C SER A 31 -12.51 5.75 11.23
N ARG A 32 -13.70 5.25 10.94
CA ARG A 32 -13.98 3.82 11.08
C ARG A 32 -13.09 3.00 10.15
N LEU A 33 -12.78 3.55 8.98
CA LEU A 33 -11.93 2.87 8.02
C LEU A 33 -10.47 2.88 8.47
N ILE A 34 -10.01 4.03 8.95
CA ILE A 34 -8.64 4.16 9.42
C ILE A 34 -8.32 3.12 10.50
N LYS A 35 -9.24 2.95 11.44
CA LYS A 35 -9.08 1.99 12.52
C LYS A 35 -9.10 0.56 11.99
N LYS A 36 -9.92 0.34 10.96
CA LYS A 36 -10.05 -0.98 10.35
C LYS A 36 -8.76 -1.39 9.65
N PHE A 37 -8.25 -0.51 8.79
CA PHE A 37 -7.03 -0.76 8.05
C PHE A 37 -5.86 -1.01 9.01
N THR A 38 -5.98 -0.47 10.22
CA THR A 38 -4.93 -0.64 11.22
C THR A 38 -4.76 -2.10 11.61
N ALA A 39 -5.80 -2.89 11.39
CA ALA A 39 -5.77 -4.31 11.72
C ALA A 39 -5.05 -5.11 10.63
N LEU A 40 -4.74 -4.43 9.53
CA LEU A 40 -4.06 -5.08 8.42
C LEU A 40 -2.58 -4.67 8.37
N GLY A 41 -2.16 -3.91 9.36
CA GLY A 41 -0.77 -3.47 9.42
C GLY A 41 -0.56 -2.37 10.45
N PRO A 42 0.46 -1.53 10.23
CA PRO A 42 0.80 -0.43 11.14
C PRO A 42 -0.25 0.68 11.12
N TYR A 43 -0.14 1.60 12.07
CA TYR A 43 -1.09 2.71 12.15
C TYR A 43 -1.03 3.58 10.90
N ILE A 44 -2.21 3.90 10.37
CA ILE A 44 -2.30 4.72 9.16
C ILE A 44 -2.11 6.20 9.50
N ARG A 45 -1.46 6.92 8.59
CA ARG A 45 -1.21 8.35 8.78
C ARG A 45 -2.42 9.17 8.35
N GLU A 46 -3.30 9.49 9.30
CA GLU A 46 -4.49 10.27 9.00
C GLU A 46 -4.13 11.56 8.26
N GLY A 47 -4.76 11.77 7.11
CA GLY A 47 -4.50 12.95 6.32
C GLY A 47 -4.63 14.22 7.13
N GLN A 48 -3.86 15.24 6.76
CA GLN A 48 -3.91 16.52 7.47
C GLN A 48 -4.73 17.54 6.68
N CYS A 49 -4.53 17.58 5.38
CA CYS A 49 -5.27 18.51 4.52
C CYS A 49 -6.33 17.78 3.72
N GLU A 50 -5.90 16.85 2.86
CA GLU A 50 -6.82 16.08 2.03
C GLU A 50 -7.32 14.85 2.77
N ASP A 51 -8.59 14.89 3.17
CA ASP A 51 -9.19 13.76 3.88
C ASP A 51 -9.91 12.83 2.92
N ASN A 52 -9.32 12.62 1.75
CA ASN A 52 -9.90 11.74 0.73
C ASN A 52 -8.86 10.77 0.18
N ARG A 53 -7.85 10.49 0.98
CA ARG A 53 -6.78 9.58 0.58
C ARG A 53 -6.37 8.67 1.73
N PHE A 54 -5.71 7.57 1.40
CA PHE A 54 -5.26 6.61 2.41
C PHE A 54 -3.79 6.24 2.19
N PHE A 55 -2.94 6.66 3.12
CA PHE A 55 -1.51 6.37 3.03
C PHE A 55 -1.17 5.09 3.79
N PHE A 56 -0.15 4.38 3.31
CA PHE A 56 0.28 3.14 3.94
C PHE A 56 1.78 2.93 3.76
N ASP A 57 2.45 2.47 4.82
CA ASP A 57 3.88 2.23 4.78
C ASP A 57 4.17 0.73 4.75
N CYS A 58 4.70 0.26 3.63
CA CYS A 58 5.03 -1.16 3.48
C CYS A 58 6.54 -1.37 3.52
N LEU A 59 7.00 -2.08 4.55
CA LEU A 59 8.42 -2.36 4.72
C LEU A 59 8.71 -3.84 4.49
N ALA A 60 9.00 -4.20 3.25
CA ALA A 60 9.31 -5.58 2.91
C ALA A 60 10.76 -5.92 3.22
N VAL A 61 11.67 -5.04 2.82
CA VAL A 61 13.09 -5.23 3.07
C VAL A 61 13.76 -3.96 3.57
N CYS A 62 14.52 -4.08 4.65
CA CYS A 62 15.21 -2.93 5.23
C CYS A 62 16.60 -2.77 4.62
N VAL A 63 16.90 -1.55 4.18
CA VAL A 63 18.19 -1.26 3.58
C VAL A 63 19.26 -1.03 4.65
N ASN A 64 18.83 -1.02 5.90
CA ASN A 64 19.74 -0.80 7.02
C ASN A 64 20.20 0.66 7.07
N VAL A 65 20.76 1.06 8.21
CA VAL A 65 21.24 2.42 8.39
C VAL A 65 22.72 2.53 8.04
N LYS A 66 23.14 1.82 7.00
CA LYS A 66 24.54 1.83 6.57
C LYS A 66 24.91 3.19 6.01
N PRO A 67 24.18 3.63 4.97
CA PRO A 67 24.43 4.93 4.32
C PRO A 67 24.03 6.10 5.21
N ALA A 68 23.97 7.29 4.63
CA ALA A 68 23.61 8.49 5.36
C ALA A 68 22.33 8.28 6.17
N PRO A 69 22.11 9.13 7.18
CA PRO A 69 20.93 9.06 8.04
C PRO A 69 19.65 9.46 7.30
N GLU A 70 19.70 10.58 6.60
CA GLU A 70 18.55 11.07 5.86
C GLU A 70 18.31 10.23 4.61
N LYS A 71 19.27 9.35 4.30
CA LYS A 71 19.16 8.49 3.13
C LYS A 71 18.61 7.12 3.52
N ARG A 72 18.00 7.04 4.69
CA ARG A 72 17.43 5.79 5.18
C ARG A 72 16.05 5.56 4.59
N GLU A 73 15.90 4.48 3.82
CA GLU A 73 14.63 4.15 3.19
C GLU A 73 14.34 2.65 3.28
N PHE A 74 13.11 2.27 2.97
CA PHE A 74 12.71 0.87 3.03
C PHE A 74 12.06 0.44 1.72
N TRP A 75 12.27 -0.82 1.34
CA TRP A 75 11.70 -1.34 0.11
C TRP A 75 10.24 -1.75 0.31
N GLY A 76 9.37 -1.29 -0.58
CA GLY A 76 7.96 -1.60 -0.48
C GLY A 76 7.18 -1.17 -1.71
N TRP A 77 5.99 -0.63 -1.48
CA TRP A 77 5.14 -0.17 -2.58
C TRP A 77 3.95 0.62 -2.04
N TRP A 78 3.96 1.92 -2.27
CA TRP A 78 2.87 2.79 -1.82
C TRP A 78 1.54 2.36 -2.43
N MET A 79 0.49 2.36 -1.61
CA MET A 79 -0.83 1.97 -2.07
C MET A 79 -1.79 3.15 -2.04
N GLU A 80 -2.20 3.62 -3.22
CA GLU A 80 -3.12 4.75 -3.32
C GLU A 80 -4.46 4.33 -3.90
N LEU A 81 -5.50 4.37 -3.07
CA LEU A 81 -6.83 3.98 -3.52
C LEU A 81 -7.88 4.99 -3.04
N GLU A 82 -9.03 4.99 -3.69
CA GLU A 82 -10.11 5.90 -3.35
C GLU A 82 -11.41 5.14 -3.08
N ALA A 83 -11.83 5.11 -1.82
CA ALA A 83 -13.06 4.42 -1.44
C ALA A 83 -14.23 4.87 -2.30
N GLN A 84 -14.76 3.96 -3.11
CA GLN A 84 -15.89 4.27 -3.97
C GLN A 84 -17.19 4.30 -3.18
N GLU A 85 -18.25 4.78 -3.82
CA GLU A 85 -19.55 4.87 -3.18
C GLU A 85 -19.92 3.55 -2.52
N LYS A 86 -19.75 2.45 -3.26
CA LYS A 86 -20.06 1.12 -2.75
C LYS A 86 -19.07 0.09 -3.29
N ARG A 87 -17.80 0.46 -3.33
CA ARG A 87 -16.76 -0.43 -3.82
C ARG A 87 -15.38 0.06 -3.42
N PHE A 88 -14.35 -0.67 -3.83
CA PHE A 88 -12.97 -0.30 -3.51
C PHE A 88 -12.07 -0.50 -4.72
N THR A 89 -10.86 0.06 -4.65
CA THR A 89 -9.89 -0.06 -5.73
C THR A 89 -8.49 -0.35 -5.20
N TYR A 90 -7.67 -0.99 -6.02
CA TYR A 90 -6.31 -1.32 -5.63
C TYR A 90 -5.40 -1.40 -6.85
N ARG A 91 -4.09 -1.31 -6.61
CA ARG A 91 -3.11 -1.38 -7.68
C ARG A 91 -1.76 -1.88 -7.17
N TYR A 92 -0.93 -2.37 -8.08
CA TYR A 92 0.38 -2.89 -7.72
C TYR A 92 1.49 -2.14 -8.46
N GLN A 93 2.30 -1.41 -7.71
CA GLN A 93 3.40 -0.65 -8.29
C GLN A 93 4.69 -0.82 -7.48
N PHE A 94 5.81 -0.92 -8.17
CA PHE A 94 7.10 -1.09 -7.51
C PHE A 94 7.76 0.26 -7.27
N GLY A 95 8.46 0.37 -6.14
CA GLY A 95 9.13 1.61 -5.81
C GLY A 95 9.85 1.55 -4.48
N LEU A 96 10.02 2.70 -3.84
CA LEU A 96 10.70 2.76 -2.54
C LEU A 96 9.94 3.67 -1.57
N PHE A 97 9.95 3.31 -0.30
CA PHE A 97 9.28 4.10 0.72
C PHE A 97 10.28 4.88 1.57
N ASP A 98 10.37 6.18 1.31
CA ASP A 98 11.29 7.04 2.05
C ASP A 98 10.61 7.61 3.30
N LYS A 99 11.34 8.46 4.01
CA LYS A 99 10.81 9.08 5.23
C LYS A 99 9.94 10.27 4.89
N GLU A 100 10.19 10.88 3.74
CA GLU A 100 9.42 12.04 3.30
C GLU A 100 8.08 11.61 2.73
N GLY A 101 7.90 10.31 2.53
CA GLY A 101 6.66 9.79 2.00
C GLY A 101 6.46 10.14 0.54
N ASN A 102 7.56 10.51 -0.13
CA ASN A 102 7.50 10.87 -1.54
C ASN A 102 7.88 9.69 -2.43
N TRP A 103 7.41 9.71 -3.67
CA TRP A 103 7.70 8.64 -4.62
C TRP A 103 9.03 8.86 -5.30
N THR A 104 9.90 7.85 -5.27
CA THR A 104 11.21 7.95 -5.89
C THR A 104 11.64 6.61 -6.50
N VAL A 105 11.73 6.56 -7.82
CA VAL A 105 12.13 5.35 -8.51
C VAL A 105 13.59 5.02 -8.26
N VAL A 106 13.86 3.88 -7.64
CA VAL A 106 15.22 3.46 -7.35
C VAL A 106 15.41 1.97 -7.65
N PRO A 107 16.67 1.58 -7.89
CA PRO A 107 17.02 0.19 -8.19
C PRO A 107 16.85 -0.73 -6.98
N ILE A 108 16.35 -1.93 -7.22
CA ILE A 108 16.15 -2.90 -6.15
C ILE A 108 17.36 -3.81 -5.99
N ASN A 109 17.62 -4.25 -4.76
CA ASN A 109 18.74 -5.13 -4.48
C ASN A 109 18.65 -6.41 -5.30
N GLU A 110 19.56 -7.35 -5.04
CA GLU A 110 19.58 -8.61 -5.75
C GLU A 110 18.19 -9.22 -5.80
N THR A 111 17.99 -10.16 -6.73
CA THR A 111 16.71 -10.83 -6.88
C THR A 111 16.19 -11.37 -5.55
N GLU A 112 17.13 -11.75 -4.68
CA GLU A 112 16.77 -12.28 -3.37
C GLU A 112 15.83 -11.33 -2.64
N VAL A 113 16.01 -10.03 -2.85
CA VAL A 113 15.19 -9.02 -2.21
C VAL A 113 13.85 -8.86 -2.93
N VAL A 114 13.91 -8.81 -4.26
CA VAL A 114 12.70 -8.66 -5.07
C VAL A 114 11.67 -9.74 -4.72
N GLU A 115 12.17 -10.93 -4.36
CA GLU A 115 11.30 -12.03 -4.00
C GLU A 115 10.45 -11.70 -2.78
N ARG A 116 11.06 -10.98 -1.84
CA ARG A 116 10.37 -10.59 -0.61
C ARG A 116 9.26 -9.57 -0.91
N LEU A 117 9.52 -8.70 -1.87
CA LEU A 117 8.56 -7.68 -2.25
C LEU A 117 7.36 -8.29 -2.97
N GLU A 118 7.62 -9.33 -3.76
CA GLU A 118 6.57 -10.01 -4.50
C GLU A 118 5.65 -10.78 -3.56
N TYR A 119 6.24 -11.41 -2.55
CA TYR A 119 5.47 -12.18 -1.58
C TYR A 119 4.68 -11.27 -0.65
N THR A 120 5.28 -10.12 -0.31
CA THR A 120 4.63 -9.16 0.57
C THR A 120 3.38 -8.57 -0.09
N LEU A 121 3.50 -8.18 -1.35
CA LEU A 121 2.39 -7.61 -2.09
C LEU A 121 1.30 -8.65 -2.32
N ARG A 122 1.71 -9.90 -2.51
CA ARG A 122 0.77 -10.99 -2.74
C ARG A 122 -0.05 -11.28 -1.49
N GLU A 123 0.62 -11.31 -0.35
CA GLU A 123 -0.04 -11.59 0.93
C GLU A 123 -0.89 -10.39 1.36
N PHE A 124 -0.46 -9.20 0.96
CA PHE A 124 -1.18 -7.98 1.31
C PHE A 124 -2.56 -7.95 0.66
N HIS A 125 -2.65 -8.48 -0.54
CA HIS A 125 -3.91 -8.52 -1.28
C HIS A 125 -4.88 -9.52 -0.63
N GLU A 126 -4.33 -10.59 -0.06
CA GLU A 126 -5.15 -11.60 0.58
C GLU A 126 -5.72 -11.09 1.90
N LYS A 127 -4.85 -10.49 2.71
CA LYS A 127 -5.27 -9.96 4.02
C LYS A 127 -6.30 -8.85 3.83
N LEU A 128 -6.18 -8.10 2.73
CA LEU A 128 -7.09 -7.01 2.44
C LEU A 128 -8.48 -7.54 2.10
N ARG A 129 -8.51 -8.66 1.39
CA ARG A 129 -9.77 -9.27 0.98
C ARG A 129 -10.67 -9.52 2.20
N ASP A 130 -10.09 -10.07 3.26
CA ASP A 130 -10.82 -10.36 4.48
C ASP A 130 -11.49 -9.09 5.02
N LEU A 131 -10.73 -8.01 5.07
CA LEU A 131 -11.25 -6.73 5.56
C LEU A 131 -12.45 -6.28 4.73
N LEU A 132 -12.29 -6.26 3.42
CA LEU A 132 -13.37 -5.85 2.53
C LEU A 132 -14.57 -6.78 2.66
N ILE A 133 -14.30 -8.03 2.97
CA ILE A 133 -15.37 -9.03 3.13
C ILE A 133 -16.22 -8.73 4.36
N SER A 134 -15.60 -8.12 5.36
CA SER A 134 -16.30 -7.79 6.60
C SER A 134 -17.22 -6.59 6.38
N MET A 135 -16.91 -5.78 5.37
CA MET A 135 -17.71 -4.60 5.06
C MET A 135 -18.50 -4.81 3.77
N GLU A 136 -18.37 -6.00 3.19
CA GLU A 136 -19.07 -6.31 1.95
C GLU A 136 -18.70 -5.32 0.84
N LEU A 137 -17.41 -5.02 0.74
CA LEU A 137 -16.92 -4.08 -0.27
C LEU A 137 -16.27 -4.84 -1.42
N ALA A 138 -16.74 -4.58 -2.64
CA ALA A 138 -16.19 -5.21 -3.82
C ALA A 138 -15.02 -4.42 -4.39
N LEU A 139 -13.94 -5.12 -4.73
CA LEU A 139 -12.76 -4.48 -5.30
C LEU A 139 -12.49 -4.96 -6.71
N GLU A 140 -12.08 -4.04 -7.59
CA GLU A 140 -11.79 -4.37 -8.97
C GLU A 140 -10.66 -3.51 -9.51
N PRO A 141 -10.03 -3.97 -10.60
CA PRO A 141 -8.92 -3.26 -11.24
C PRO A 141 -9.38 -1.98 -11.94
N SER A 142 -8.42 -1.18 -12.38
CA SER A 142 -8.73 0.07 -13.07
C SER A 142 -8.75 -0.12 -14.58
N ASP A 143 -9.81 0.35 -15.22
CA ASP A 143 -9.95 0.23 -16.67
C ASP A 143 -8.78 0.91 -17.38
N ASP A 144 -8.14 1.85 -16.69
CA ASP A 144 -7.00 2.57 -17.26
C ASP A 144 -5.69 1.93 -16.84
N PHE A 145 -5.73 0.63 -16.56
CA PHE A 145 -4.53 -0.10 -16.16
C PHE A 145 -4.37 -1.38 -16.97
N ASN A 146 -3.20 -1.57 -17.54
CA ASN A 146 -2.91 -2.75 -18.35
C ASN A 146 -2.56 -3.94 -17.46
N ASP A 147 -2.27 -5.08 -18.09
CA ASP A 147 -1.92 -6.29 -17.36
C ASP A 147 -0.41 -6.39 -17.20
N GLU A 148 0.03 -6.70 -15.98
CA GLU A 148 1.46 -6.83 -15.69
C GLU A 148 1.69 -7.75 -14.50
N PRO A 149 1.49 -9.06 -14.71
CA PRO A 149 1.67 -10.07 -13.67
C PRO A 149 3.13 -10.25 -13.29
N VAL A 150 3.37 -10.70 -12.06
CA VAL A 150 4.72 -10.93 -11.57
C VAL A 150 4.99 -12.41 -11.33
N LYS A 151 6.23 -12.83 -11.55
CA LYS A 151 6.61 -14.22 -11.36
C LYS A 151 6.94 -14.49 -9.89
N LEU A 152 5.96 -15.03 -9.16
CA LEU A 152 6.14 -15.34 -7.75
C LEU A 152 7.03 -16.57 -7.57
N SER A 153 6.89 -17.53 -8.47
CA SER A 153 7.67 -18.76 -8.42
C SER A 153 8.88 -18.67 -9.35
N ALA A 154 9.75 -17.70 -9.08
CA ALA A 154 10.95 -17.52 -9.89
C ALA A 154 12.20 -17.52 -9.02
N MET A 22 -14.72 15.71 6.15
CA MET A 22 -13.88 14.72 6.80
C MET A 22 -14.12 13.32 6.24
N THR A 23 -15.37 13.05 5.88
CA THR A 23 -15.73 11.75 5.32
C THR A 23 -15.31 11.64 3.85
N LEU A 24 -15.19 10.41 3.37
CA LEU A 24 -14.80 10.18 1.98
C LEU A 24 -15.87 10.67 1.02
N PRO A 25 -15.44 11.02 -0.21
CA PRO A 25 -16.35 11.51 -1.25
C PRO A 25 -17.28 10.42 -1.77
N SER A 26 -16.93 9.17 -1.51
CA SER A 26 -17.72 8.03 -1.96
C SER A 26 -18.95 7.85 -1.07
N GLY A 27 -18.89 8.43 0.13
CA GLY A 27 -20.00 8.32 1.06
C GLY A 27 -19.68 7.44 2.25
N HIS A 28 -18.45 6.93 2.30
CA HIS A 28 -18.01 6.07 3.39
C HIS A 28 -17.30 6.88 4.46
N PRO A 29 -17.36 6.39 5.71
CA PRO A 29 -16.73 7.06 6.85
C PRO A 29 -15.21 6.98 6.79
N LYS A 30 -14.55 8.13 6.86
CA LYS A 30 -13.09 8.19 6.81
C LYS A 30 -12.50 7.63 8.10
N SER A 31 -13.03 8.06 9.23
CA SER A 31 -12.54 7.60 10.53
C SER A 31 -12.63 6.08 10.64
N ARG A 32 -13.75 5.53 10.19
CA ARG A 32 -13.97 4.09 10.23
C ARG A 32 -12.92 3.36 9.39
N LEU A 33 -12.60 3.93 8.23
CA LEU A 33 -11.62 3.34 7.33
C LEU A 33 -10.24 3.29 7.97
N ILE A 34 -9.82 4.43 8.52
CA ILE A 34 -8.52 4.53 9.17
C ILE A 34 -8.43 3.58 10.36
N LYS A 35 -9.48 3.54 11.16
CA LYS A 35 -9.52 2.67 12.34
C LYS A 35 -9.57 1.21 11.92
N LYS A 36 -10.33 0.91 10.87
CA LYS A 36 -10.45 -0.46 10.38
C LYS A 36 -9.12 -0.96 9.83
N PHE A 37 -8.51 -0.16 8.96
CA PHE A 37 -7.22 -0.52 8.37
C PHE A 37 -6.16 -0.74 9.45
N THR A 38 -6.30 -0.02 10.56
CA THR A 38 -5.35 -0.14 11.65
C THR A 38 -5.30 -1.57 12.19
N ALA A 39 -6.36 -2.33 11.92
CA ALA A 39 -6.42 -3.72 12.37
C ALA A 39 -5.62 -4.64 11.44
N LEU A 40 -5.12 -4.08 10.35
CA LEU A 40 -4.33 -4.84 9.38
C LEU A 40 -2.85 -4.51 9.51
N GLY A 41 -2.54 -3.54 10.37
CA GLY A 41 -1.16 -3.16 10.57
C GLY A 41 -1.01 -1.96 11.50
N PRO A 42 0.05 -1.17 11.31
CA PRO A 42 0.32 0.01 12.12
C PRO A 42 -0.69 1.14 11.86
N TYR A 43 -0.65 2.15 12.71
CA TYR A 43 -1.55 3.29 12.58
C TYR A 43 -1.33 4.01 11.25
N ILE A 44 -2.42 4.29 10.54
CA ILE A 44 -2.35 4.98 9.26
C ILE A 44 -2.14 6.47 9.45
N ARG A 45 -1.34 7.08 8.57
CA ARG A 45 -1.07 8.50 8.65
C ARG A 45 -2.19 9.31 8.01
N GLU A 46 -3.13 9.77 8.85
CA GLU A 46 -4.27 10.55 8.37
C GLU A 46 -3.79 11.73 7.52
N GLY A 47 -4.70 12.30 6.74
CA GLY A 47 -4.36 13.43 5.90
C GLY A 47 -4.94 14.73 6.42
N GLN A 48 -4.78 15.79 5.64
CA GLN A 48 -5.28 17.10 6.02
C GLN A 48 -6.29 17.62 5.01
N CYS A 49 -7.21 16.75 4.59
CA CYS A 49 -8.23 17.13 3.61
C CYS A 49 -7.59 17.61 2.32
N GLU A 50 -6.52 16.93 1.89
CA GLU A 50 -5.83 17.30 0.66
C GLU A 50 -6.02 16.23 -0.41
N ASP A 51 -6.03 14.97 0.01
CA ASP A 51 -6.21 13.86 -0.92
C ASP A 51 -7.20 12.84 -0.37
N ASN A 52 -7.81 12.07 -1.26
CA ASN A 52 -8.78 11.06 -0.86
C ASN A 52 -8.16 9.67 -0.89
N ARG A 53 -6.84 9.61 -0.72
CA ARG A 53 -6.12 8.34 -0.72
C ARG A 53 -5.61 8.00 0.68
N PHE A 54 -5.30 6.73 0.89
CA PHE A 54 -4.79 6.28 2.18
C PHE A 54 -3.31 5.92 2.10
N PHE A 55 -2.55 6.33 3.11
CA PHE A 55 -1.12 6.07 3.15
C PHE A 55 -0.82 4.84 4.00
N PHE A 56 0.24 4.11 3.65
CA PHE A 56 0.63 2.92 4.38
C PHE A 56 2.15 2.72 4.31
N ASP A 57 2.71 2.17 5.39
CA ASP A 57 4.15 1.92 5.45
C ASP A 57 4.46 0.47 5.07
N CYS A 58 5.13 0.30 3.94
CA CYS A 58 5.50 -1.03 3.46
C CYS A 58 6.99 -1.28 3.64
N LEU A 59 7.34 -2.03 4.68
CA LEU A 59 8.74 -2.34 4.98
C LEU A 59 9.02 -3.82 4.74
N ALA A 60 9.94 -4.10 3.84
CA ALA A 60 10.31 -5.48 3.52
C ALA A 60 11.79 -5.72 3.78
N VAL A 61 12.64 -4.84 3.23
CA VAL A 61 14.08 -4.97 3.40
C VAL A 61 14.74 -3.60 3.43
N CYS A 62 15.77 -3.47 4.26
CA CYS A 62 16.49 -2.20 4.40
C CYS A 62 17.41 -1.98 3.21
N VAL A 63 17.40 -0.76 2.68
CA VAL A 63 18.22 -0.41 1.54
C VAL A 63 19.71 -0.50 1.88
N ASN A 64 20.10 0.14 2.98
CA ASN A 64 21.48 0.13 3.42
C ASN A 64 21.63 0.81 4.78
N VAL A 65 22.74 0.54 5.45
CA VAL A 65 23.01 1.12 6.76
C VAL A 65 24.37 1.81 6.79
N LYS A 66 25.07 1.79 5.66
CA LYS A 66 26.39 2.40 5.56
C LYS A 66 26.35 3.84 6.07
N PRO A 67 25.49 4.66 5.45
CA PRO A 67 25.34 6.07 5.82
C PRO A 67 24.68 6.25 7.18
N ALA A 68 24.54 7.49 7.61
CA ALA A 68 23.92 7.80 8.90
C ALA A 68 22.56 7.11 9.02
N PRO A 69 22.09 6.97 10.28
CA PRO A 69 20.81 6.32 10.56
C PRO A 69 19.62 7.17 10.11
N GLU A 70 19.84 8.48 10.00
CA GLU A 70 18.79 9.40 9.58
C GLU A 70 18.63 9.38 8.06
N LYS A 71 19.70 9.02 7.36
CA LYS A 71 19.68 8.96 5.91
C LYS A 71 19.41 7.53 5.42
N ARG A 72 18.91 6.70 6.33
CA ARG A 72 18.62 5.31 5.99
C ARG A 72 17.35 5.21 5.14
N GLU A 73 17.27 4.16 4.34
CA GLU A 73 16.11 3.95 3.48
C GLU A 73 15.67 2.48 3.50
N PHE A 74 14.41 2.24 3.17
CA PHE A 74 13.86 0.90 3.15
C PHE A 74 13.15 0.61 1.83
N TRP A 75 12.86 -0.66 1.59
CA TRP A 75 12.18 -1.07 0.36
C TRP A 75 10.71 -1.38 0.63
N GLY A 76 9.89 -1.35 -0.42
CA GLY A 76 8.48 -1.62 -0.28
C GLY A 76 7.67 -1.19 -1.48
N TRP A 77 6.35 -1.30 -1.38
CA TRP A 77 5.47 -0.91 -2.47
C TRP A 77 4.28 -0.11 -1.95
N TRP A 78 4.10 1.09 -2.52
CA TRP A 78 2.99 1.95 -2.11
C TRP A 78 1.65 1.37 -2.53
N MET A 79 0.67 1.41 -1.63
CA MET A 79 -0.64 0.88 -1.91
C MET A 79 -1.69 2.00 -1.88
N GLU A 80 -2.26 2.30 -3.04
CA GLU A 80 -3.27 3.34 -3.15
C GLU A 80 -4.63 2.75 -3.51
N LEU A 81 -5.63 3.03 -2.68
CA LEU A 81 -6.98 2.52 -2.92
C LEU A 81 -8.00 3.65 -2.87
N GLU A 82 -9.05 3.53 -3.68
CA GLU A 82 -10.10 4.55 -3.73
C GLU A 82 -11.47 3.93 -3.48
N ALA A 83 -12.06 4.25 -2.34
CA ALA A 83 -13.38 3.73 -1.99
C ALA A 83 -14.41 4.04 -3.07
N GLN A 84 -14.87 3.00 -3.75
CA GLN A 84 -15.86 3.17 -4.82
C GLN A 84 -17.25 3.39 -4.24
N GLU A 85 -18.21 3.67 -5.11
CA GLU A 85 -19.58 3.92 -4.69
C GLU A 85 -20.05 2.82 -3.74
N LYS A 86 -19.83 1.56 -4.13
CA LYS A 86 -20.24 0.42 -3.32
C LYS A 86 -19.22 -0.70 -3.42
N ARG A 87 -17.99 -0.35 -3.82
CA ARG A 87 -16.92 -1.34 -3.96
C ARG A 87 -15.58 -0.76 -3.51
N PHE A 88 -14.53 -1.57 -3.60
CA PHE A 88 -13.20 -1.13 -3.21
C PHE A 88 -12.16 -1.58 -4.24
N THR A 89 -11.15 -0.75 -4.45
CA THR A 89 -10.08 -1.06 -5.39
C THR A 89 -8.73 -0.61 -4.87
N TYR A 90 -7.71 -1.43 -5.09
CA TYR A 90 -6.36 -1.11 -4.63
C TYR A 90 -5.36 -1.22 -5.79
N ARG A 91 -4.13 -0.79 -5.53
CA ARG A 91 -3.08 -0.83 -6.54
C ARG A 91 -1.73 -1.15 -5.92
N TYR A 92 -0.79 -1.60 -6.75
CA TYR A 92 0.54 -1.96 -6.27
C TYR A 92 1.61 -1.27 -7.10
N GLN A 93 2.48 -0.51 -6.43
CA GLN A 93 3.55 0.20 -7.11
C GLN A 93 4.87 0.04 -6.35
N PHE A 94 5.95 -0.17 -7.10
CA PHE A 94 7.27 -0.34 -6.50
C PHE A 94 8.01 1.00 -6.41
N GLY A 95 8.89 1.12 -5.42
CA GLY A 95 9.63 2.35 -5.24
C GLY A 95 10.34 2.41 -3.91
N LEU A 96 10.69 3.62 -3.46
CA LEU A 96 11.39 3.79 -2.19
C LEU A 96 10.46 4.40 -1.14
N PHE A 97 10.41 3.79 0.03
CA PHE A 97 9.58 4.27 1.12
C PHE A 97 10.42 4.93 2.21
N ASP A 98 10.55 6.25 2.13
CA ASP A 98 11.32 7.01 3.10
C ASP A 98 10.46 7.38 4.31
N LYS A 99 11.11 7.94 5.33
CA LYS A 99 10.41 8.34 6.54
C LYS A 99 9.73 9.69 6.37
N GLU A 100 10.18 10.46 5.38
CA GLU A 100 9.62 11.77 5.10
C GLU A 100 8.31 11.64 4.33
N GLY A 101 8.00 10.43 3.88
CA GLY A 101 6.78 10.20 3.14
C GLY A 101 6.86 10.70 1.71
N ASN A 102 8.08 10.92 1.23
CA ASN A 102 8.29 11.42 -0.12
C ASN A 102 8.10 10.30 -1.14
N TRP A 103 7.80 10.69 -2.39
CA TRP A 103 7.60 9.72 -3.45
C TRP A 103 8.84 9.61 -4.33
N THR A 104 9.39 8.40 -4.42
CA THR A 104 10.58 8.15 -5.22
C THR A 104 10.55 6.78 -5.85
N VAL A 105 10.50 6.74 -7.19
CA VAL A 105 10.47 5.47 -7.91
C VAL A 105 11.88 5.01 -8.27
N VAL A 106 12.23 3.82 -7.80
CA VAL A 106 13.56 3.26 -8.07
C VAL A 106 13.48 1.75 -8.26
N PRO A 107 14.14 1.26 -9.32
CA PRO A 107 14.16 -0.17 -9.65
C PRO A 107 14.98 -0.98 -8.65
N ILE A 108 14.45 -2.14 -8.25
CA ILE A 108 15.13 -3.00 -7.30
C ILE A 108 15.90 -4.11 -8.01
N ASN A 109 17.23 -4.04 -7.93
CA ASN A 109 18.09 -5.04 -8.57
C ASN A 109 18.55 -6.09 -7.56
N GLU A 110 17.78 -7.15 -7.42
CA GLU A 110 18.11 -8.22 -6.48
C GLU A 110 16.97 -9.23 -6.39
N THR A 111 17.16 -10.38 -7.05
CA THR A 111 16.15 -11.43 -7.04
C THR A 111 15.73 -11.79 -5.61
N GLU A 112 16.65 -11.60 -4.68
CA GLU A 112 16.39 -11.90 -3.28
C GLU A 112 15.33 -10.96 -2.71
N VAL A 113 15.44 -9.68 -3.04
CA VAL A 113 14.49 -8.68 -2.57
C VAL A 113 13.20 -8.72 -3.38
N VAL A 114 13.32 -9.06 -4.66
CA VAL A 114 12.16 -9.14 -5.54
C VAL A 114 11.15 -10.17 -5.05
N GLU A 115 11.66 -11.23 -4.43
CA GLU A 115 10.81 -12.30 -3.92
C GLU A 115 10.02 -11.81 -2.69
N ARG A 116 10.64 -10.95 -1.91
CA ARG A 116 10.01 -10.41 -0.71
C ARG A 116 8.89 -9.44 -1.07
N LEU A 117 9.16 -8.57 -2.05
CA LEU A 117 8.18 -7.59 -2.49
C LEU A 117 6.97 -8.28 -3.12
N GLU A 118 7.23 -9.30 -3.92
CA GLU A 118 6.16 -10.05 -4.59
C GLU A 118 5.35 -10.84 -3.58
N TYR A 119 6.03 -11.44 -2.61
CA TYR A 119 5.38 -12.24 -1.58
C TYR A 119 4.60 -11.35 -0.61
N THR A 120 5.16 -10.17 -0.33
CA THR A 120 4.52 -9.23 0.58
C THR A 120 3.22 -8.70 0.00
N LEU A 121 3.27 -8.29 -1.27
CA LEU A 121 2.08 -7.76 -1.94
C LEU A 121 1.03 -8.84 -2.14
N ARG A 122 1.49 -10.07 -2.37
CA ARG A 122 0.59 -11.19 -2.58
C ARG A 122 -0.17 -11.53 -1.28
N GLU A 123 0.56 -11.54 -0.17
CA GLU A 123 -0.04 -11.85 1.12
C GLU A 123 -0.90 -10.69 1.61
N PHE A 124 -0.53 -9.48 1.20
CA PHE A 124 -1.26 -8.28 1.60
C PHE A 124 -2.73 -8.37 1.17
N HIS A 125 -2.97 -8.99 0.03
CA HIS A 125 -4.32 -9.15 -0.49
C HIS A 125 -5.12 -10.14 0.35
N GLU A 126 -4.42 -11.14 0.90
CA GLU A 126 -5.06 -12.16 1.72
C GLU A 126 -5.65 -11.54 2.98
N LYS A 127 -4.86 -10.72 3.67
CA LYS A 127 -5.30 -10.07 4.89
C LYS A 127 -6.35 -9.01 4.58
N LEU A 128 -6.24 -8.39 3.42
CA LEU A 128 -7.18 -7.35 3.00
C LEU A 128 -8.56 -7.94 2.76
N ARG A 129 -8.60 -9.16 2.23
CA ARG A 129 -9.87 -9.84 1.96
C ARG A 129 -10.74 -9.89 3.21
N ASP A 130 -10.17 -10.34 4.31
CA ASP A 130 -10.89 -10.45 5.57
C ASP A 130 -11.48 -9.09 5.97
N LEU A 131 -10.66 -8.05 5.87
CA LEU A 131 -11.10 -6.70 6.23
C LEU A 131 -12.28 -6.27 5.36
N LEU A 132 -12.12 -6.41 4.04
CA LEU A 132 -13.17 -6.04 3.10
C LEU A 132 -14.42 -6.87 3.33
N ILE A 133 -14.23 -8.11 3.75
CA ILE A 133 -15.34 -9.02 4.01
C ILE A 133 -16.15 -8.57 5.22
N SER A 134 -15.48 -7.91 6.16
CA SER A 134 -16.14 -7.42 7.37
C SER A 134 -17.01 -6.21 7.05
N MET A 135 -16.68 -5.51 5.99
CA MET A 135 -17.43 -4.33 5.58
C MET A 135 -18.33 -4.63 4.39
N GLU A 136 -18.27 -5.88 3.91
CA GLU A 136 -19.08 -6.30 2.78
C GLU A 136 -18.68 -5.53 1.51
N LEU A 137 -17.40 -5.23 1.39
CA LEU A 137 -16.88 -4.51 0.24
C LEU A 137 -16.19 -5.45 -0.74
N ALA A 138 -16.60 -5.38 -2.01
CA ALA A 138 -16.01 -6.23 -3.04
C ALA A 138 -14.74 -5.60 -3.60
N LEU A 139 -13.91 -6.42 -4.23
CA LEU A 139 -12.66 -5.96 -4.82
C LEU A 139 -12.80 -5.77 -6.32
N GLU A 140 -12.15 -4.73 -6.85
CA GLU A 140 -12.21 -4.43 -8.26
C GLU A 140 -10.94 -3.70 -8.73
N PRO A 141 -10.69 -3.74 -10.03
CA PRO A 141 -9.51 -3.09 -10.63
C PRO A 141 -9.61 -1.57 -10.59
N SER A 142 -8.51 -0.90 -10.93
CA SER A 142 -8.48 0.56 -10.93
C SER A 142 -8.34 1.10 -12.35
N ASP A 143 -8.20 2.42 -12.46
CA ASP A 143 -8.07 3.06 -13.76
C ASP A 143 -6.63 2.95 -14.28
N ASP A 144 -5.69 2.78 -13.35
CA ASP A 144 -4.28 2.66 -13.71
C ASP A 144 -3.87 1.19 -13.82
N PHE A 145 -4.84 0.33 -14.13
CA PHE A 145 -4.58 -1.10 -14.27
C PHE A 145 -4.23 -1.45 -15.71
N ASN A 146 -2.96 -1.77 -15.95
CA ASN A 146 -2.50 -2.12 -17.28
C ASN A 146 -2.40 -3.64 -17.44
N ASP A 147 -1.82 -4.07 -18.55
CA ASP A 147 -1.67 -5.50 -18.83
C ASP A 147 -0.27 -5.98 -18.43
N GLU A 148 0.02 -7.24 -18.70
CA GLU A 148 1.32 -7.83 -18.38
C GLU A 148 1.64 -7.62 -16.90
N PRO A 149 0.88 -8.30 -16.02
CA PRO A 149 1.08 -8.21 -14.57
C PRO A 149 2.38 -8.88 -14.12
N VAL A 150 2.86 -8.49 -12.94
CA VAL A 150 4.09 -9.04 -12.40
C VAL A 150 4.03 -10.56 -12.34
N LYS A 151 5.03 -11.21 -12.91
CA LYS A 151 5.10 -12.67 -12.92
C LYS A 151 5.29 -13.21 -11.51
N LEU A 152 4.20 -13.63 -10.88
CA LEU A 152 4.25 -14.17 -9.53
C LEU A 152 4.84 -15.58 -9.53
N SER A 153 4.65 -16.30 -10.63
CA SER A 153 5.16 -17.65 -10.76
C SER A 153 6.46 -17.66 -11.57
N ALA A 154 7.34 -16.73 -11.26
CA ALA A 154 8.63 -16.63 -11.96
C ALA A 154 9.71 -17.41 -11.23
N MET A 22 -13.03 14.18 8.35
CA MET A 22 -13.73 14.33 7.09
C MET A 22 -13.96 12.97 6.43
N THR A 23 -15.19 12.75 5.96
CA THR A 23 -15.54 11.49 5.31
C THR A 23 -15.09 11.47 3.86
N LEU A 24 -14.97 10.28 3.29
CA LEU A 24 -14.54 10.13 1.90
C LEU A 24 -15.62 10.64 0.95
N PRO A 25 -15.20 11.07 -0.25
CA PRO A 25 -16.12 11.59 -1.28
C PRO A 25 -17.00 10.49 -1.86
N SER A 26 -16.59 9.25 -1.68
CA SER A 26 -17.34 8.11 -2.19
C SER A 26 -18.61 7.86 -1.36
N GLY A 27 -18.61 8.39 -0.14
CA GLY A 27 -19.75 8.22 0.73
C GLY A 27 -19.47 7.31 1.90
N HIS A 28 -18.25 6.77 1.94
CA HIS A 28 -17.84 5.86 3.01
C HIS A 28 -17.14 6.62 4.13
N PRO A 29 -17.27 6.11 5.36
CA PRO A 29 -16.65 6.72 6.54
C PRO A 29 -15.14 6.59 6.54
N LYS A 30 -14.44 7.73 6.63
CA LYS A 30 -12.99 7.73 6.63
C LYS A 30 -12.45 7.17 7.94
N SER A 31 -12.85 7.77 9.06
CA SER A 31 -12.41 7.33 10.38
C SER A 31 -12.68 5.84 10.57
N ARG A 32 -13.88 5.42 10.20
CA ARG A 32 -14.27 4.01 10.33
C ARG A 32 -13.37 3.12 9.49
N LEU A 33 -12.95 3.62 8.33
CA LEU A 33 -12.08 2.86 7.44
C LEU A 33 -10.66 2.80 7.99
N ILE A 34 -10.19 3.92 8.53
CA ILE A 34 -8.85 3.99 9.08
C ILE A 34 -8.63 2.91 10.14
N LYS A 35 -9.58 2.79 11.06
CA LYS A 35 -9.50 1.79 12.12
C LYS A 35 -9.62 0.38 11.55
N LYS A 36 -10.41 0.23 10.49
CA LYS A 36 -10.61 -1.06 9.85
C LYS A 36 -9.30 -1.56 9.23
N PHE A 37 -8.70 -0.73 8.39
CA PHE A 37 -7.45 -1.08 7.72
C PHE A 37 -6.36 -1.39 8.75
N THR A 38 -6.47 -0.79 9.93
CA THR A 38 -5.51 -0.99 11.00
C THR A 38 -5.42 -2.47 11.39
N ALA A 39 -6.48 -3.22 11.08
CA ALA A 39 -6.52 -4.64 11.40
C ALA A 39 -5.75 -5.45 10.37
N LEU A 40 -5.31 -4.79 9.31
CA LEU A 40 -4.55 -5.46 8.25
C LEU A 40 -3.07 -5.12 8.34
N GLY A 41 -2.70 -4.37 9.38
CA GLY A 41 -1.31 -3.99 9.56
C GLY A 41 -1.14 -2.91 10.61
N PRO A 42 -0.09 -2.09 10.46
CA PRO A 42 0.21 -1.00 11.38
C PRO A 42 -0.81 0.14 11.30
N TYR A 43 -0.75 1.06 12.25
CA TYR A 43 -1.67 2.19 12.27
C TYR A 43 -1.51 3.05 11.02
N ILE A 44 -2.64 3.42 10.43
CA ILE A 44 -2.63 4.24 9.21
C ILE A 44 -2.48 5.71 9.56
N ARG A 45 -1.78 6.45 8.69
CA ARG A 45 -1.57 7.87 8.91
C ARG A 45 -2.75 8.68 8.39
N GLU A 46 -3.70 8.98 9.27
CA GLU A 46 -4.88 9.74 8.89
C GLU A 46 -4.65 11.24 9.10
N GLY A 47 -5.68 12.03 8.86
CA GLY A 47 -5.57 13.47 9.03
C GLY A 47 -6.87 14.19 8.72
N GLN A 48 -6.89 15.49 8.95
CA GLN A 48 -8.08 16.31 8.70
C GLN A 48 -7.83 17.30 7.57
N CYS A 49 -7.07 16.88 6.57
CA CYS A 49 -6.74 17.74 5.44
C CYS A 49 -7.71 17.48 4.28
N GLU A 50 -7.47 18.16 3.16
CA GLU A 50 -8.32 18.01 1.98
C GLU A 50 -8.46 16.54 1.60
N ASP A 51 -9.40 16.26 0.71
CA ASP A 51 -9.63 14.89 0.25
C ASP A 51 -8.34 14.24 -0.23
N ASN A 52 -8.02 13.07 0.32
CA ASN A 52 -6.82 12.35 -0.05
C ASN A 52 -7.04 10.84 0.01
N ARG A 53 -6.02 10.08 -0.37
CA ARG A 53 -6.12 8.63 -0.37
C ARG A 53 -5.32 8.03 0.80
N PHE A 54 -5.77 6.87 1.27
CA PHE A 54 -5.10 6.20 2.38
C PHE A 54 -3.65 5.90 2.04
N PHE A 55 -2.81 5.82 3.07
CA PHE A 55 -1.40 5.53 2.89
C PHE A 55 -0.92 4.47 3.87
N PHE A 56 0.02 3.64 3.43
CA PHE A 56 0.56 2.57 4.26
C PHE A 56 2.07 2.45 4.09
N ASP A 57 2.81 2.70 5.16
CA ASP A 57 4.26 2.63 5.12
C ASP A 57 4.76 1.40 5.89
N CYS A 58 5.27 0.41 5.15
CA CYS A 58 5.77 -0.81 5.75
C CYS A 58 7.29 -0.89 5.63
N LEU A 59 7.91 -1.63 6.54
CA LEU A 59 9.36 -1.79 6.53
C LEU A 59 9.75 -3.22 6.17
N ALA A 60 9.92 -3.48 4.89
CA ALA A 60 10.29 -4.82 4.42
C ALA A 60 11.78 -5.07 4.65
N VAL A 61 12.62 -4.42 3.87
CA VAL A 61 14.07 -4.59 3.99
C VAL A 61 14.80 -3.29 3.69
N CYS A 62 15.96 -3.10 4.31
CA CYS A 62 16.76 -1.91 4.11
C CYS A 62 17.59 -2.02 2.84
N VAL A 63 17.74 -0.90 2.13
CA VAL A 63 18.51 -0.87 0.90
C VAL A 63 19.95 -1.30 1.14
N ASN A 64 20.55 -0.77 2.20
CA ASN A 64 21.93 -1.10 2.55
C ASN A 64 22.36 -0.38 3.81
N VAL A 65 23.56 -0.69 4.29
CA VAL A 65 24.10 -0.08 5.50
C VAL A 65 25.38 0.68 5.21
N LYS A 66 25.65 0.94 3.94
CA LYS A 66 26.85 1.64 3.52
C LYS A 66 26.82 3.10 4.00
N PRO A 67 25.78 3.83 3.59
CA PRO A 67 25.61 5.24 3.96
C PRO A 67 25.26 5.41 5.44
N ALA A 68 24.96 6.64 5.84
CA ALA A 68 24.60 6.93 7.22
C ALA A 68 23.18 6.47 7.53
N PRO A 69 22.87 6.30 8.83
CA PRO A 69 21.56 5.85 9.29
C PRO A 69 20.49 6.91 9.08
N GLU A 70 20.92 8.17 9.01
CA GLU A 70 19.99 9.28 8.82
C GLU A 70 19.56 9.38 7.36
N LYS A 71 20.40 8.88 6.46
CA LYS A 71 20.10 8.90 5.04
C LYS A 71 19.68 7.53 4.54
N ARG A 72 19.93 6.51 5.36
CA ARG A 72 19.57 5.14 5.00
C ARG A 72 18.11 5.05 4.57
N GLU A 73 17.86 4.30 3.50
CA GLU A 73 16.51 4.14 2.99
C GLU A 73 16.04 2.69 3.15
N PHE A 74 14.72 2.51 3.18
CA PHE A 74 14.14 1.18 3.35
C PHE A 74 13.01 0.96 2.35
N TRP A 75 12.80 -0.29 1.95
CA TRP A 75 11.75 -0.63 1.01
C TRP A 75 10.40 -0.73 1.70
N GLY A 76 9.37 -0.15 1.09
CA GLY A 76 8.04 -0.18 1.67
C GLY A 76 7.00 -0.68 0.69
N TRP A 77 5.76 -0.77 1.15
CA TRP A 77 4.67 -1.24 0.31
C TRP A 77 4.23 -0.15 -0.66
N TRP A 78 3.74 0.97 -0.11
CA TRP A 78 3.28 2.08 -0.93
C TRP A 78 2.07 1.69 -1.77
N MET A 79 0.90 1.74 -1.16
CA MET A 79 -0.33 1.39 -1.85
C MET A 79 -1.34 2.55 -1.81
N GLU A 80 -1.68 3.07 -2.98
CA GLU A 80 -2.61 4.18 -3.09
C GLU A 80 -3.93 3.72 -3.71
N LEU A 81 -5.01 3.86 -2.95
CA LEU A 81 -6.34 3.47 -3.43
C LEU A 81 -7.37 4.55 -3.12
N GLU A 82 -8.48 4.52 -3.86
CA GLU A 82 -9.54 5.49 -3.66
C GLU A 82 -10.90 4.80 -3.55
N ALA A 83 -11.48 4.85 -2.36
CA ALA A 83 -12.78 4.23 -2.11
C ALA A 83 -13.82 4.72 -3.12
N GLN A 84 -14.58 3.78 -3.67
CA GLN A 84 -15.60 4.10 -4.65
C GLN A 84 -16.99 4.17 -3.99
N GLU A 85 -18.01 4.42 -4.80
CA GLU A 85 -19.38 4.51 -4.30
C GLU A 85 -19.72 3.29 -3.45
N LYS A 86 -19.48 2.11 -3.99
CA LYS A 86 -19.76 0.86 -3.29
C LYS A 86 -18.76 -0.22 -3.67
N ARG A 87 -17.56 0.20 -4.06
CA ARG A 87 -16.51 -0.73 -4.45
C ARG A 87 -15.14 -0.22 -4.02
N PHE A 88 -14.13 -1.06 -4.17
CA PHE A 88 -12.76 -0.70 -3.80
C PHE A 88 -11.78 -1.00 -4.93
N THR A 89 -10.70 -0.23 -4.99
CA THR A 89 -9.69 -0.42 -6.02
C THR A 89 -8.31 -0.62 -5.41
N TYR A 90 -7.42 -1.27 -6.17
CA TYR A 90 -6.07 -1.53 -5.70
C TYR A 90 -5.09 -1.58 -6.86
N ARG A 91 -3.84 -1.18 -6.59
CA ARG A 91 -2.81 -1.18 -7.62
C ARG A 91 -1.48 -1.63 -7.05
N TYR A 92 -0.58 -2.06 -7.93
CA TYR A 92 0.75 -2.53 -7.51
C TYR A 92 1.79 -1.43 -7.69
N GLN A 93 2.19 -0.82 -6.58
CA GLN A 93 3.20 0.23 -6.61
C GLN A 93 4.24 0.04 -5.52
N PHE A 94 5.48 0.43 -5.81
CA PHE A 94 6.56 0.30 -4.84
C PHE A 94 7.08 1.67 -4.42
N GLY A 95 7.36 1.82 -3.12
CA GLY A 95 7.86 3.08 -2.61
C GLY A 95 9.06 2.90 -1.70
N LEU A 96 9.66 4.01 -1.31
CA LEU A 96 10.84 3.97 -0.44
C LEU A 96 10.85 5.17 0.51
N PHE A 97 11.36 4.94 1.72
CA PHE A 97 11.42 6.00 2.72
C PHE A 97 12.81 6.65 2.73
N ASP A 98 12.84 7.96 2.47
CA ASP A 98 14.11 8.69 2.44
C ASP A 98 14.32 9.43 3.77
N LYS A 99 15.40 10.20 3.84
CA LYS A 99 15.72 10.96 5.04
C LYS A 99 14.59 11.89 5.43
N GLU A 100 13.76 12.23 4.44
CA GLU A 100 12.63 13.13 4.68
C GLU A 100 11.31 12.35 4.66
N GLY A 101 11.38 11.09 4.23
CA GLY A 101 10.19 10.27 4.17
C GLY A 101 9.22 10.72 3.11
N ASN A 102 9.65 11.66 2.27
CA ASN A 102 8.80 12.19 1.20
C ASN A 102 8.74 11.21 0.04
N TRP A 103 7.66 11.30 -0.74
CA TRP A 103 7.47 10.41 -1.89
C TRP A 103 8.69 10.45 -2.80
N THR A 104 9.29 9.28 -3.01
CA THR A 104 10.47 9.16 -3.87
C THR A 104 10.42 7.90 -4.72
N VAL A 105 10.15 8.05 -6.00
CA VAL A 105 10.08 6.92 -6.91
C VAL A 105 11.45 6.29 -7.12
N VAL A 106 11.60 5.05 -6.70
CA VAL A 106 12.85 4.33 -6.83
C VAL A 106 12.62 2.84 -7.05
N PRO A 107 13.33 2.27 -8.05
CA PRO A 107 13.21 0.85 -8.38
C PRO A 107 13.81 -0.05 -7.31
N ILE A 108 13.17 -1.19 -7.07
CA ILE A 108 13.64 -2.14 -6.07
C ILE A 108 14.93 -2.83 -6.52
N ASN A 109 16.01 -2.58 -5.80
CA ASN A 109 17.30 -3.17 -6.13
C ASN A 109 17.42 -4.57 -5.51
N GLU A 110 18.28 -5.40 -6.11
CA GLU A 110 18.49 -6.76 -5.62
C GLU A 110 17.21 -7.58 -5.74
N THR A 111 17.18 -8.49 -6.71
CA THR A 111 16.02 -9.33 -6.93
C THR A 111 15.63 -10.07 -5.65
N GLU A 112 16.61 -10.34 -4.81
CA GLU A 112 16.37 -11.04 -3.55
C GLU A 112 15.33 -10.30 -2.71
N VAL A 113 15.41 -8.97 -2.72
CA VAL A 113 14.47 -8.15 -1.96
C VAL A 113 13.14 -8.02 -2.67
N VAL A 114 13.19 -7.79 -3.98
CA VAL A 114 11.99 -7.65 -4.79
C VAL A 114 11.06 -8.84 -4.59
N GLU A 115 11.63 -10.01 -4.36
CA GLU A 115 10.84 -11.23 -4.15
C GLU A 115 9.98 -11.09 -2.90
N ARG A 116 10.47 -10.35 -1.91
CA ARG A 116 9.74 -10.15 -0.67
C ARG A 116 8.57 -9.19 -0.88
N LEU A 117 8.79 -8.18 -1.71
CA LEU A 117 7.75 -7.19 -2.00
C LEU A 117 6.63 -7.79 -2.83
N GLU A 118 7.00 -8.59 -3.83
CA GLU A 118 6.02 -9.23 -4.70
C GLU A 118 5.20 -10.26 -3.93
N TYR A 119 5.86 -11.00 -3.05
CA TYR A 119 5.18 -12.01 -2.24
C TYR A 119 4.29 -11.38 -1.19
N THR A 120 4.75 -10.28 -0.61
CA THR A 120 3.99 -9.57 0.41
C THR A 120 2.72 -8.96 -0.18
N LEU A 121 2.74 -8.70 -1.48
CA LEU A 121 1.59 -8.11 -2.16
C LEU A 121 0.49 -9.15 -2.34
N ARG A 122 0.89 -10.40 -2.57
CA ARG A 122 -0.07 -11.48 -2.76
C ARG A 122 -0.73 -11.86 -1.44
N GLU A 123 0.08 -12.07 -0.41
CA GLU A 123 -0.44 -12.43 0.91
C GLU A 123 -1.39 -11.37 1.43
N PHE A 124 -1.18 -10.13 1.02
CA PHE A 124 -2.01 -9.02 1.45
C PHE A 124 -3.39 -9.09 0.79
N HIS A 125 -3.40 -9.48 -0.48
CA HIS A 125 -4.66 -9.59 -1.23
C HIS A 125 -5.62 -10.53 -0.52
N GLU A 126 -5.08 -11.55 0.13
CA GLU A 126 -5.89 -12.52 0.85
C GLU A 126 -6.49 -11.92 2.11
N LYS A 127 -5.65 -11.26 2.89
CA LYS A 127 -6.09 -10.63 4.13
C LYS A 127 -7.04 -9.46 3.85
N LEU A 128 -6.81 -8.79 2.73
CA LEU A 128 -7.65 -7.65 2.33
C LEU A 128 -9.08 -8.10 2.04
N ARG A 129 -9.21 -9.28 1.44
CA ARG A 129 -10.52 -9.82 1.11
C ARG A 129 -11.41 -9.90 2.35
N ASP A 130 -10.84 -10.39 3.44
CA ASP A 130 -11.58 -10.52 4.70
C ASP A 130 -12.16 -9.17 5.12
N LEU A 131 -11.32 -8.14 5.07
CA LEU A 131 -11.74 -6.80 5.46
C LEU A 131 -12.91 -6.33 4.59
N LEU A 132 -12.75 -6.43 3.28
CA LEU A 132 -13.79 -6.03 2.35
C LEU A 132 -15.06 -6.85 2.55
N ILE A 133 -14.89 -8.09 2.98
CA ILE A 133 -16.03 -8.98 3.21
C ILE A 133 -16.85 -8.51 4.41
N SER A 134 -16.19 -7.87 5.37
CA SER A 134 -16.85 -7.38 6.57
C SER A 134 -17.67 -6.13 6.24
N MET A 135 -17.30 -5.44 5.17
CA MET A 135 -18.00 -4.24 4.76
C MET A 135 -18.82 -4.48 3.50
N GLU A 136 -18.76 -5.70 2.98
CA GLU A 136 -19.50 -6.06 1.78
C GLU A 136 -19.07 -5.20 0.60
N LEU A 137 -17.75 -5.02 0.45
CA LEU A 137 -17.22 -4.21 -0.63
C LEU A 137 -16.67 -5.09 -1.75
N ALA A 138 -17.04 -4.76 -2.98
CA ALA A 138 -16.58 -5.52 -4.15
C ALA A 138 -15.13 -5.21 -4.48
N LEU A 139 -14.48 -6.09 -5.21
CA LEU A 139 -13.09 -5.90 -5.60
C LEU A 139 -12.98 -5.40 -7.04
N GLU A 140 -12.02 -4.52 -7.28
CA GLU A 140 -11.82 -3.97 -8.62
C GLU A 140 -10.36 -4.13 -9.06
N PRO A 141 -10.15 -4.18 -10.38
CA PRO A 141 -8.81 -4.33 -10.96
C PRO A 141 -7.95 -3.09 -10.77
N SER A 142 -6.67 -3.21 -11.10
CA SER A 142 -5.74 -2.09 -10.97
C SER A 142 -5.72 -1.24 -12.24
N ASP A 143 -5.74 0.08 -12.06
CA ASP A 143 -5.73 1.00 -13.18
C ASP A 143 -4.52 0.75 -14.09
N ASP A 144 -3.47 0.17 -13.50
CA ASP A 144 -2.26 -0.12 -14.26
C ASP A 144 -2.17 -1.60 -14.59
N PHE A 145 -3.32 -2.26 -14.66
CA PHE A 145 -3.39 -3.68 -14.97
C PHE A 145 -3.52 -3.91 -16.47
N ASN A 146 -2.54 -4.58 -17.06
CA ASN A 146 -2.55 -4.87 -18.49
C ASN A 146 -2.48 -6.36 -18.74
N ASP A 147 -3.23 -7.14 -17.96
CA ASP A 147 -3.25 -8.58 -18.10
C ASP A 147 -1.84 -9.16 -18.01
N GLU A 148 -1.05 -8.65 -17.07
CA GLU A 148 0.32 -9.11 -16.89
C GLU A 148 0.75 -8.98 -15.43
N PRO A 149 0.20 -9.85 -14.57
CA PRO A 149 0.51 -9.84 -13.13
C PRO A 149 1.94 -10.30 -12.85
N VAL A 150 2.54 -9.74 -11.81
CA VAL A 150 3.90 -10.09 -11.42
C VAL A 150 4.00 -11.57 -11.07
N LYS A 151 5.04 -12.22 -11.60
CA LYS A 151 5.25 -13.64 -11.34
C LYS A 151 6.15 -13.84 -10.12
N LEU A 152 5.57 -14.36 -9.05
CA LEU A 152 6.31 -14.61 -7.83
C LEU A 152 7.26 -15.79 -7.98
N SER A 153 6.83 -16.79 -8.75
CA SER A 153 7.64 -17.98 -8.98
C SER A 153 8.74 -17.70 -9.99
N ALA A 154 9.66 -16.81 -9.62
CA ALA A 154 10.78 -16.45 -10.48
C ALA A 154 12.12 -16.69 -9.80
N MET A 22 -14.25 15.94 7.00
CA MET A 22 -13.59 14.87 7.73
C MET A 22 -13.87 13.51 7.09
N THR A 23 -15.11 13.32 6.65
CA THR A 23 -15.51 12.07 6.02
C THR A 23 -15.10 12.04 4.56
N LEU A 24 -15.02 10.84 3.99
CA LEU A 24 -14.65 10.67 2.59
C LEU A 24 -15.73 11.22 1.67
N PRO A 25 -15.32 11.62 0.46
CA PRO A 25 -16.24 12.17 -0.55
C PRO A 25 -17.18 11.10 -1.11
N SER A 26 -16.80 9.85 -0.94
CA SER A 26 -17.61 8.74 -1.44
C SER A 26 -18.83 8.52 -0.56
N GLY A 27 -18.78 9.05 0.66
CA GLY A 27 -19.88 8.89 1.59
C GLY A 27 -19.56 7.95 2.74
N HIS A 28 -18.34 7.40 2.73
CA HIS A 28 -17.92 6.49 3.77
C HIS A 28 -17.17 7.23 4.87
N PRO A 29 -17.19 6.66 6.09
CA PRO A 29 -16.52 7.25 7.25
C PRO A 29 -15.00 7.17 7.13
N LYS A 30 -14.33 8.32 7.24
CA LYS A 30 -12.88 8.38 7.16
C LYS A 30 -12.24 7.74 8.39
N SER A 31 -12.67 8.17 9.57
CA SER A 31 -12.14 7.64 10.82
C SER A 31 -12.26 6.13 10.86
N ARG A 32 -13.42 5.62 10.47
CA ARG A 32 -13.67 4.19 10.46
C ARG A 32 -12.71 3.47 9.51
N LEU A 33 -12.50 4.06 8.34
CA LEU A 33 -11.61 3.49 7.34
C LEU A 33 -10.19 3.36 7.89
N ILE A 34 -9.74 4.39 8.60
CA ILE A 34 -8.40 4.38 9.18
C ILE A 34 -8.26 3.31 10.26
N LYS A 35 -9.24 3.27 11.17
CA LYS A 35 -9.23 2.29 12.25
C LYS A 35 -9.37 0.87 11.70
N LYS A 36 -10.18 0.73 10.65
CA LYS A 36 -10.40 -0.57 10.03
C LYS A 36 -9.13 -1.08 9.36
N PHE A 37 -8.54 -0.24 8.51
CA PHE A 37 -7.31 -0.60 7.80
C PHE A 37 -6.20 -0.93 8.78
N THR A 38 -6.25 -0.31 9.96
CA THR A 38 -5.24 -0.54 10.99
C THR A 38 -5.18 -2.01 11.38
N ALA A 39 -6.26 -2.74 11.12
CA ALA A 39 -6.33 -4.17 11.44
C ALA A 39 -5.60 -4.99 10.40
N LEU A 40 -5.17 -4.34 9.32
CA LEU A 40 -4.46 -5.03 8.24
C LEU A 40 -2.96 -4.76 8.32
N GLY A 41 -2.55 -4.05 9.36
CA GLY A 41 -1.14 -3.73 9.53
C GLY A 41 -0.92 -2.60 10.52
N PRO A 42 0.15 -1.81 10.28
CA PRO A 42 0.49 -0.68 11.15
C PRO A 42 -0.51 0.47 11.02
N TYR A 43 -0.40 1.44 11.92
CA TYR A 43 -1.29 2.58 11.93
C TYR A 43 -1.16 3.38 10.63
N ILE A 44 -2.29 3.58 9.95
CA ILE A 44 -2.30 4.32 8.69
C ILE A 44 -2.08 5.81 8.94
N ARG A 45 -1.32 6.45 8.06
CA ARG A 45 -1.04 7.88 8.17
C ARG A 45 -2.27 8.70 7.84
N GLU A 46 -3.03 9.05 8.87
CA GLU A 46 -4.25 9.84 8.68
C GLU A 46 -3.97 11.33 8.89
N GLY A 47 -4.99 12.15 8.70
CA GLY A 47 -4.84 13.59 8.87
C GLY A 47 -4.08 14.24 7.73
N GLN A 48 -4.83 14.82 6.79
CA GLN A 48 -4.22 15.47 5.64
C GLN A 48 -5.12 16.59 5.11
N CYS A 49 -4.50 17.69 4.70
CA CYS A 49 -5.25 18.84 4.18
C CYS A 49 -6.20 18.40 3.07
N GLU A 50 -5.80 17.36 2.33
CA GLU A 50 -6.62 16.86 1.23
C GLU A 50 -6.59 15.34 1.20
N ASP A 51 -6.86 14.71 2.34
CA ASP A 51 -6.87 13.26 2.44
C ASP A 51 -7.94 12.66 1.54
N ASN A 52 -7.53 12.25 0.34
CA ASN A 52 -8.45 11.66 -0.62
C ASN A 52 -8.13 10.19 -0.84
N ARG A 53 -6.86 9.83 -0.66
CA ARG A 53 -6.42 8.45 -0.84
C ARG A 53 -5.71 7.93 0.40
N PHE A 54 -5.61 6.61 0.52
CA PHE A 54 -4.96 5.99 1.66
C PHE A 54 -3.68 5.29 1.24
N PHE A 55 -2.54 5.83 1.66
CA PHE A 55 -1.25 5.25 1.32
C PHE A 55 -0.67 4.49 2.51
N PHE A 56 -0.19 3.27 2.25
CA PHE A 56 0.38 2.45 3.30
C PHE A 56 1.84 2.12 2.99
N ASP A 57 2.72 2.44 3.94
CA ASP A 57 4.15 2.18 3.77
C ASP A 57 4.60 1.02 4.65
N CYS A 58 4.97 -0.08 4.01
CA CYS A 58 5.42 -1.27 4.73
C CYS A 58 6.92 -1.46 4.59
N LEU A 59 7.56 -1.98 5.64
CA LEU A 59 9.00 -2.21 5.62
C LEU A 59 9.32 -3.61 5.15
N ALA A 60 10.02 -3.71 4.02
CA ALA A 60 10.39 -5.00 3.46
C ALA A 60 11.87 -5.29 3.71
N VAL A 61 12.73 -4.53 3.05
CA VAL A 61 14.18 -4.71 3.19
C VAL A 61 14.91 -3.37 3.14
N CYS A 62 16.00 -3.27 3.89
CA CYS A 62 16.78 -2.04 3.93
C CYS A 62 17.49 -1.80 2.60
N VAL A 63 17.82 -0.54 2.34
CA VAL A 63 18.50 -0.18 1.10
C VAL A 63 19.93 -0.70 1.09
N ASN A 64 20.49 -0.92 2.27
CA ASN A 64 21.85 -1.42 2.40
C ASN A 64 22.86 -0.40 1.87
N VAL A 65 23.41 0.41 2.77
CA VAL A 65 24.39 1.42 2.39
C VAL A 65 25.50 1.54 3.43
N LYS A 66 26.56 2.25 3.08
CA LYS A 66 27.69 2.44 3.98
C LYS A 66 27.22 2.84 5.37
N PRO A 67 26.48 3.94 5.45
CA PRO A 67 25.96 4.46 6.73
C PRO A 67 24.86 3.57 7.29
N ALA A 68 24.72 3.59 8.62
CA ALA A 68 23.70 2.79 9.28
C ALA A 68 22.32 3.01 8.66
N PRO A 69 21.41 2.06 8.89
CA PRO A 69 20.04 2.14 8.36
C PRO A 69 19.23 3.23 9.04
N GLU A 70 19.62 3.60 10.25
CA GLU A 70 18.91 4.63 11.01
C GLU A 70 18.99 5.97 10.29
N LYS A 71 20.00 6.13 9.45
CA LYS A 71 20.19 7.36 8.70
C LYS A 71 19.82 7.17 7.23
N ARG A 72 19.37 5.96 6.89
CA ARG A 72 18.99 5.65 5.52
C ARG A 72 17.53 5.18 5.45
N GLU A 73 16.93 5.27 4.27
CA GLU A 73 15.55 4.85 4.08
C GLU A 73 15.46 3.36 3.79
N PHE A 74 14.25 2.82 3.86
CA PHE A 74 14.03 1.40 3.61
C PHE A 74 13.06 1.20 2.45
N TRP A 75 12.98 -0.03 1.96
CA TRP A 75 12.09 -0.35 0.85
C TRP A 75 10.66 -0.56 1.34
N GLY A 76 9.70 -0.10 0.54
CA GLY A 76 8.30 -0.24 0.92
C GLY A 76 7.37 0.33 -0.13
N TRP A 77 6.51 -0.51 -0.69
CA TRP A 77 5.55 -0.07 -1.70
C TRP A 77 4.39 0.69 -1.07
N TRP A 78 3.86 1.67 -1.79
CA TRP A 78 2.75 2.47 -1.30
C TRP A 78 1.53 2.31 -2.20
N MET A 79 0.45 1.76 -1.64
CA MET A 79 -0.78 1.55 -2.39
C MET A 79 -1.83 2.61 -2.02
N GLU A 80 -2.15 3.48 -2.97
CA GLU A 80 -3.13 4.53 -2.74
C GLU A 80 -4.47 4.17 -3.37
N LEU A 81 -5.51 4.08 -2.54
CA LEU A 81 -6.84 3.74 -3.01
C LEU A 81 -7.82 4.88 -2.74
N GLU A 82 -8.92 4.90 -3.48
CA GLU A 82 -9.94 5.93 -3.32
C GLU A 82 -11.33 5.31 -3.20
N ALA A 83 -11.93 5.44 -2.02
CA ALA A 83 -13.26 4.89 -1.77
C ALA A 83 -14.23 5.31 -2.86
N GLN A 84 -14.75 4.33 -3.60
CA GLN A 84 -15.70 4.60 -4.67
C GLN A 84 -17.08 4.89 -4.12
N GLU A 85 -18.04 5.13 -5.01
CA GLU A 85 -19.41 5.43 -4.62
C GLU A 85 -19.91 4.39 -3.62
N LYS A 86 -19.84 3.11 -3.99
CA LYS A 86 -20.29 2.03 -3.13
C LYS A 86 -19.34 0.85 -3.20
N ARG A 87 -18.16 1.08 -3.78
CA ARG A 87 -17.15 0.03 -3.91
C ARG A 87 -15.76 0.57 -3.59
N PHE A 88 -14.76 -0.30 -3.69
CA PHE A 88 -13.38 0.09 -3.41
C PHE A 88 -12.45 -0.37 -4.52
N THR A 89 -11.40 0.42 -4.77
CA THR A 89 -10.44 0.10 -5.82
C THR A 89 -9.03 -0.02 -5.25
N TYR A 90 -8.24 -0.92 -5.83
CA TYR A 90 -6.87 -1.12 -5.38
C TYR A 90 -5.91 -1.21 -6.57
N ARG A 91 -4.63 -1.01 -6.29
CA ARG A 91 -3.61 -1.06 -7.33
C ARG A 91 -2.26 -1.47 -6.76
N TYR A 92 -1.36 -1.93 -7.61
CA TYR A 92 -0.03 -2.35 -7.19
C TYR A 92 1.04 -1.40 -7.71
N GLN A 93 1.65 -0.66 -6.80
CA GLN A 93 2.69 0.30 -7.16
C GLN A 93 3.87 0.21 -6.20
N PHE A 94 5.06 0.00 -6.74
CA PHE A 94 6.27 -0.11 -5.93
C PHE A 94 6.95 1.25 -5.79
N GLY A 95 7.88 1.34 -4.85
CA GLY A 95 8.59 2.59 -4.63
C GLY A 95 9.51 2.52 -3.43
N LEU A 96 9.67 3.65 -2.75
CA LEU A 96 10.53 3.73 -1.57
C LEU A 96 9.84 4.45 -0.43
N PHE A 97 10.12 4.02 0.79
CA PHE A 97 9.52 4.63 1.98
C PHE A 97 10.51 5.54 2.70
N ASP A 98 10.28 6.84 2.63
CA ASP A 98 11.16 7.81 3.27
C ASP A 98 10.63 8.18 4.65
N LYS A 99 11.32 9.12 5.30
CA LYS A 99 10.93 9.57 6.64
C LYS A 99 9.75 10.54 6.56
N GLU A 100 9.60 11.18 5.41
CA GLU A 100 8.52 12.13 5.21
C GLU A 100 7.21 11.42 4.88
N GLY A 101 7.30 10.12 4.63
CA GLY A 101 6.12 9.33 4.31
C GLY A 101 5.55 9.69 2.95
N ASN A 102 6.38 10.27 2.09
CA ASN A 102 5.95 10.65 0.75
C ASN A 102 6.29 9.57 -0.27
N TRP A 103 5.59 9.58 -1.40
CA TRP A 103 5.82 8.60 -2.45
C TRP A 103 6.91 9.06 -3.40
N THR A 104 7.86 8.17 -3.68
CA THR A 104 8.96 8.48 -4.58
C THR A 104 9.37 7.26 -5.39
N VAL A 105 9.52 7.44 -6.70
CA VAL A 105 9.91 6.36 -7.59
C VAL A 105 11.37 5.96 -7.36
N VAL A 106 11.57 4.70 -6.98
CA VAL A 106 12.92 4.19 -6.72
C VAL A 106 13.05 2.73 -7.17
N PRO A 107 14.14 2.44 -7.90
CA PRO A 107 14.40 1.09 -8.40
C PRO A 107 14.76 0.12 -7.28
N ILE A 108 14.26 -1.11 -7.40
CA ILE A 108 14.53 -2.14 -6.39
C ILE A 108 15.81 -2.90 -6.72
N ASN A 109 16.45 -3.45 -5.69
CA ASN A 109 17.68 -4.20 -5.86
C ASN A 109 17.47 -5.39 -6.79
N GLU A 110 18.49 -6.24 -6.89
CA GLU A 110 18.41 -7.41 -7.75
C GLU A 110 17.13 -8.20 -7.48
N THR A 111 16.83 -9.16 -8.36
CA THR A 111 15.64 -9.99 -8.20
C THR A 111 15.56 -10.58 -6.80
N GLU A 112 16.70 -10.77 -6.18
CA GLU A 112 16.76 -11.33 -4.82
C GLU A 112 15.87 -10.54 -3.88
N VAL A 113 15.92 -9.22 -3.99
CA VAL A 113 15.12 -8.36 -3.13
C VAL A 113 13.69 -8.24 -3.65
N VAL A 114 13.55 -7.98 -4.95
CA VAL A 114 12.25 -7.86 -5.57
C VAL A 114 11.35 -9.04 -5.23
N GLU A 115 11.97 -10.21 -5.09
CA GLU A 115 11.24 -11.44 -4.77
C GLU A 115 10.52 -11.30 -3.44
N ARG A 116 11.15 -10.61 -2.50
CA ARG A 116 10.57 -10.40 -1.17
C ARG A 116 9.43 -9.40 -1.22
N LEU A 117 9.53 -8.44 -2.14
CA LEU A 117 8.50 -7.42 -2.31
C LEU A 117 7.23 -8.01 -2.90
N GLU A 118 7.40 -8.99 -3.79
CA GLU A 118 6.26 -9.64 -4.43
C GLU A 118 5.43 -10.41 -3.40
N TYR A 119 6.09 -10.97 -2.40
CA TYR A 119 5.42 -11.73 -1.35
C TYR A 119 4.62 -10.80 -0.44
N THR A 120 5.21 -9.66 -0.10
CA THR A 120 4.57 -8.69 0.77
C THR A 120 3.26 -8.19 0.16
N LEU A 121 3.31 -7.83 -1.12
CA LEU A 121 2.13 -7.34 -1.81
C LEU A 121 1.08 -8.43 -1.95
N ARG A 122 1.53 -9.67 -2.11
CA ARG A 122 0.63 -10.80 -2.24
C ARG A 122 -0.11 -11.08 -0.93
N GLU A 123 0.64 -11.03 0.17
CA GLU A 123 0.06 -11.28 1.49
C GLU A 123 -0.83 -10.13 1.92
N PHE A 124 -0.50 -8.92 1.44
CA PHE A 124 -1.27 -7.73 1.77
C PHE A 124 -2.63 -7.75 1.09
N HIS A 125 -2.65 -8.20 -0.16
CA HIS A 125 -3.89 -8.28 -0.94
C HIS A 125 -4.80 -9.38 -0.39
N GLU A 126 -4.19 -10.44 0.11
CA GLU A 126 -4.95 -11.56 0.66
C GLU A 126 -5.76 -11.14 1.88
N LYS A 127 -5.09 -10.45 2.81
CA LYS A 127 -5.74 -9.98 4.02
C LYS A 127 -6.74 -8.87 3.71
N LEU A 128 -6.44 -8.08 2.69
CA LEU A 128 -7.30 -6.98 2.30
C LEU A 128 -8.70 -7.50 1.94
N ARG A 129 -8.76 -8.67 1.33
CA ARG A 129 -10.03 -9.27 0.95
C ARG A 129 -10.93 -9.46 2.16
N ASP A 130 -10.38 -10.00 3.23
CA ASP A 130 -11.14 -10.23 4.45
C ASP A 130 -11.78 -8.93 4.95
N LEU A 131 -10.98 -7.87 4.97
CA LEU A 131 -11.47 -6.57 5.43
C LEU A 131 -12.66 -6.10 4.59
N LEU A 132 -12.50 -6.16 3.26
CA LEU A 132 -13.56 -5.75 2.35
C LEU A 132 -14.77 -6.66 2.49
N ILE A 133 -14.52 -7.94 2.69
CA ILE A 133 -15.59 -8.93 2.84
C ILE A 133 -16.47 -8.59 4.03
N SER A 134 -15.86 -8.13 5.11
CA SER A 134 -16.58 -7.78 6.32
C SER A 134 -17.35 -6.48 6.14
N MET A 135 -16.92 -5.68 5.17
CA MET A 135 -17.56 -4.40 4.88
C MET A 135 -18.59 -4.54 3.78
N GLU A 136 -18.64 -5.72 3.16
CA GLU A 136 -19.58 -5.98 2.09
C GLU A 136 -19.40 -4.99 0.94
N LEU A 137 -18.15 -4.73 0.60
CA LEU A 137 -17.84 -3.79 -0.49
C LEU A 137 -17.43 -4.54 -1.75
N ALA A 138 -17.25 -3.80 -2.83
CA ALA A 138 -16.86 -4.39 -4.11
C ALA A 138 -15.35 -4.31 -4.31
N LEU A 139 -14.77 -5.36 -4.88
CA LEU A 139 -13.33 -5.40 -5.13
C LEU A 139 -13.05 -5.79 -6.57
N GLU A 140 -12.50 -4.85 -7.34
CA GLU A 140 -12.18 -5.10 -8.74
C GLU A 140 -10.72 -4.73 -9.04
N PRO A 141 -10.17 -5.33 -10.11
CA PRO A 141 -8.78 -5.09 -10.52
C PRO A 141 -8.59 -3.68 -11.08
N SER A 142 -7.33 -3.31 -11.31
CA SER A 142 -7.01 -1.99 -11.83
C SER A 142 -7.30 -1.92 -13.33
N ASP A 143 -7.89 -0.82 -13.77
CA ASP A 143 -8.23 -0.63 -15.18
C ASP A 143 -6.97 -0.70 -16.04
N ASP A 144 -5.82 -0.46 -15.43
CA ASP A 144 -4.55 -0.49 -16.15
C ASP A 144 -3.86 -1.85 -15.96
N PHE A 145 -4.66 -2.88 -15.70
CA PHE A 145 -4.13 -4.22 -15.51
C PHE A 145 -4.62 -5.17 -16.60
N ASN A 146 -3.73 -5.55 -17.50
CA ASN A 146 -4.07 -6.45 -18.59
C ASN A 146 -3.59 -7.87 -18.31
N ASP A 147 -2.28 -8.06 -18.40
CA ASP A 147 -1.68 -9.38 -18.15
C ASP A 147 -0.19 -9.25 -17.89
N GLU A 148 0.22 -9.51 -16.65
CA GLU A 148 1.63 -9.42 -16.28
C GLU A 148 1.84 -9.87 -14.85
N PRO A 149 1.70 -11.19 -14.62
CA PRO A 149 1.88 -11.79 -13.29
C PRO A 149 3.33 -11.75 -12.81
N VAL A 150 3.52 -11.73 -11.50
CA VAL A 150 4.86 -11.70 -10.93
C VAL A 150 5.25 -13.06 -10.36
N LYS A 151 6.44 -13.53 -10.72
CA LYS A 151 6.93 -14.82 -10.25
C LYS A 151 7.48 -14.70 -8.83
N LEU A 152 6.65 -15.06 -7.85
CA LEU A 152 7.05 -15.00 -6.46
C LEU A 152 8.03 -16.13 -6.12
N SER A 153 7.89 -17.25 -6.80
CA SER A 153 8.74 -18.40 -6.58
C SER A 153 9.80 -18.52 -7.68
N ALA A 154 10.48 -17.41 -7.94
CA ALA A 154 11.52 -17.38 -8.96
C ALA A 154 11.01 -17.97 -10.28
N MET A 22 -13.84 15.61 6.17
CA MET A 22 -13.96 14.78 7.36
C MET A 22 -14.26 13.34 6.99
N THR A 23 -15.17 13.14 6.03
CA THR A 23 -15.53 11.81 5.59
C THR A 23 -15.44 11.69 4.07
N LEU A 24 -15.37 10.46 3.58
CA LEU A 24 -15.29 10.21 2.15
C LEU A 24 -16.56 10.67 1.43
N PRO A 25 -16.42 11.01 0.15
CA PRO A 25 -17.55 11.47 -0.67
C PRO A 25 -18.56 10.36 -0.97
N SER A 26 -18.12 9.11 -0.77
CA SER A 26 -18.96 7.96 -1.03
C SER A 26 -19.96 7.76 0.12
N GLY A 27 -19.65 8.35 1.27
CA GLY A 27 -20.52 8.23 2.42
C GLY A 27 -19.93 7.38 3.52
N HIS A 28 -18.69 6.93 3.30
CA HIS A 28 -18.00 6.10 4.29
C HIS A 28 -17.13 6.95 5.20
N PRO A 29 -17.05 6.55 6.48
CA PRO A 29 -16.25 7.26 7.48
C PRO A 29 -14.75 7.11 7.24
N LYS A 30 -14.06 8.24 7.13
CA LYS A 30 -12.62 8.24 6.89
C LYS A 30 -11.87 7.78 8.14
N SER A 31 -12.13 8.43 9.26
CA SER A 31 -11.48 8.08 10.52
C SER A 31 -11.66 6.60 10.84
N ARG A 32 -12.89 6.12 10.67
CA ARG A 32 -13.20 4.72 10.94
C ARG A 32 -12.40 3.80 10.03
N LEU A 33 -12.18 4.23 8.80
CA LEU A 33 -11.42 3.45 7.83
C LEU A 33 -9.94 3.39 8.21
N ILE A 34 -9.39 4.53 8.60
CA ILE A 34 -7.99 4.61 9.00
C ILE A 34 -7.68 3.61 10.11
N LYS A 35 -8.58 3.52 11.08
CA LYS A 35 -8.39 2.60 12.20
C LYS A 35 -8.50 1.15 11.74
N LYS A 36 -9.48 0.87 10.89
CA LYS A 36 -9.69 -0.47 10.37
C LYS A 36 -8.48 -0.93 9.55
N PHE A 37 -8.02 -0.06 8.67
CA PHE A 37 -6.87 -0.38 7.81
C PHE A 37 -5.64 -0.69 8.66
N THR A 38 -5.57 -0.07 9.83
CA THR A 38 -4.44 -0.28 10.74
C THR A 38 -4.40 -1.72 11.24
N ALA A 39 -5.54 -2.40 11.18
CA ALA A 39 -5.63 -3.79 11.61
C ALA A 39 -4.99 -4.73 10.60
N LEU A 40 -4.62 -4.18 9.44
CA LEU A 40 -4.00 -4.98 8.39
C LEU A 40 -2.51 -4.71 8.32
N GLY A 41 -2.00 -3.90 9.25
CA GLY A 41 -0.59 -3.59 9.27
C GLY A 41 -0.28 -2.36 10.12
N PRO A 42 0.72 -1.58 9.70
CA PRO A 42 1.13 -0.37 10.41
C PRO A 42 0.10 0.74 10.31
N TYR A 43 0.26 1.77 11.12
CA TYR A 43 -0.66 2.90 11.13
C TYR A 43 -0.65 3.62 9.77
N ILE A 44 -1.80 4.14 9.38
CA ILE A 44 -1.92 4.85 8.11
C ILE A 44 -1.78 6.35 8.31
N ARG A 45 -1.13 7.00 7.34
CA ARG A 45 -0.92 8.45 7.41
C ARG A 45 -2.23 9.20 7.18
N GLU A 46 -2.90 9.54 8.28
CA GLU A 46 -4.17 10.27 8.20
C GLU A 46 -3.96 11.75 8.49
N GLY A 47 -4.15 12.57 7.45
CA GLY A 47 -3.98 14.00 7.61
C GLY A 47 -5.05 14.62 8.49
N GLN A 48 -4.99 15.93 8.66
CA GLN A 48 -5.95 16.65 9.48
C GLN A 48 -7.26 16.86 8.71
N CYS A 49 -7.20 17.65 7.66
CA CYS A 49 -8.38 17.94 6.85
C CYS A 49 -8.13 17.62 5.38
N GLU A 50 -6.94 17.95 4.91
CA GLU A 50 -6.57 17.70 3.52
C GLU A 50 -6.13 16.25 3.34
N ASP A 51 -6.78 15.55 2.42
CA ASP A 51 -6.45 14.15 2.14
C ASP A 51 -7.10 13.70 0.84
N ASN A 52 -6.33 12.98 0.02
CA ASN A 52 -6.84 12.48 -1.26
C ASN A 52 -6.91 10.95 -1.25
N ARG A 53 -5.75 10.31 -1.27
CA ARG A 53 -5.68 8.85 -1.27
C ARG A 53 -5.10 8.34 0.04
N PHE A 54 -5.34 7.06 0.33
CA PHE A 54 -4.84 6.45 1.56
C PHE A 54 -3.37 6.06 1.41
N PHE A 55 -2.57 6.42 2.41
CA PHE A 55 -1.15 6.11 2.40
C PHE A 55 -0.87 4.79 3.10
N PHE A 56 0.17 4.09 2.65
CA PHE A 56 0.55 2.81 3.24
C PHE A 56 2.05 2.58 3.12
N ASP A 57 2.73 2.50 4.25
CA ASP A 57 4.17 2.27 4.28
C ASP A 57 4.49 0.85 4.74
N CYS A 58 5.02 0.05 3.82
CA CYS A 58 5.37 -1.33 4.13
C CYS A 58 6.88 -1.50 4.23
N LEU A 59 7.32 -2.36 5.15
CA LEU A 59 8.74 -2.61 5.35
C LEU A 59 9.12 -4.01 4.90
N ALA A 60 10.19 -4.11 4.12
CA ALA A 60 10.66 -5.40 3.63
C ALA A 60 12.15 -5.58 3.86
N VAL A 61 12.95 -4.63 3.36
CA VAL A 61 14.39 -4.68 3.52
C VAL A 61 14.98 -3.27 3.59
N CYS A 62 16.05 -3.12 4.37
CA CYS A 62 16.70 -1.83 4.51
C CYS A 62 17.79 -1.65 3.46
N VAL A 63 17.54 -0.79 2.49
CA VAL A 63 18.51 -0.53 1.42
C VAL A 63 19.58 0.45 1.87
N ASN A 64 19.26 1.24 2.89
CA ASN A 64 20.19 2.23 3.41
C ASN A 64 20.62 1.88 4.84
N VAL A 65 21.74 1.18 4.97
CA VAL A 65 22.26 0.78 6.27
C VAL A 65 23.66 1.33 6.50
N LYS A 66 24.42 1.46 5.42
CA LYS A 66 25.79 1.97 5.50
C LYS A 66 25.82 3.28 6.28
N PRO A 67 25.06 4.28 5.82
CA PRO A 67 24.99 5.60 6.46
C PRO A 67 24.27 5.55 7.79
N ALA A 68 23.98 6.72 8.35
CA ALA A 68 23.29 6.82 9.63
C ALA A 68 21.84 6.37 9.51
N PRO A 69 21.23 5.99 10.64
CA PRO A 69 19.84 5.54 10.68
C PRO A 69 18.84 6.66 10.40
N GLU A 70 19.29 7.90 10.64
CA GLU A 70 18.43 9.06 10.41
C GLU A 70 18.05 9.18 8.93
N LYS A 71 18.85 8.54 8.07
CA LYS A 71 18.60 8.57 6.64
C LYS A 71 18.35 7.17 6.09
N ARG A 72 18.03 6.25 7.00
CA ARG A 72 17.77 4.86 6.62
C ARG A 72 16.63 4.79 5.61
N GLU A 73 16.64 3.74 4.79
CA GLU A 73 15.60 3.56 3.78
C GLU A 73 15.15 2.10 3.72
N PHE A 74 13.86 1.89 3.49
CA PHE A 74 13.30 0.55 3.41
C PHE A 74 12.60 0.32 2.07
N TRP A 75 12.54 -0.93 1.65
CA TRP A 75 11.90 -1.28 0.39
C TRP A 75 10.41 -1.53 0.58
N GLY A 76 9.58 -0.87 -0.22
CA GLY A 76 8.14 -1.04 -0.11
C GLY A 76 7.42 -0.67 -1.39
N TRP A 77 6.18 -1.10 -1.51
CA TRP A 77 5.37 -0.81 -2.70
C TRP A 77 4.20 0.10 -2.35
N TRP A 78 4.19 1.28 -2.94
CA TRP A 78 3.12 2.25 -2.69
C TRP A 78 1.76 1.66 -3.06
N MET A 79 0.71 2.18 -2.43
CA MET A 79 -0.64 1.70 -2.68
C MET A 79 -1.62 2.87 -2.74
N GLU A 80 -2.17 3.11 -3.94
CA GLU A 80 -3.13 4.20 -4.13
C GLU A 80 -4.50 3.65 -4.47
N LEU A 81 -5.46 3.86 -3.56
CA LEU A 81 -6.82 3.38 -3.76
C LEU A 81 -7.83 4.46 -3.39
N GLU A 82 -9.04 4.34 -3.90
CA GLU A 82 -10.10 5.31 -3.63
C GLU A 82 -11.43 4.60 -3.36
N ALA A 83 -11.90 4.67 -2.13
CA ALA A 83 -13.17 4.05 -1.75
C ALA A 83 -14.28 4.44 -2.71
N GLN A 84 -14.80 3.47 -3.44
CA GLN A 84 -15.87 3.71 -4.39
C GLN A 84 -17.21 3.86 -3.68
N GLU A 85 -18.28 4.05 -4.46
CA GLU A 85 -19.61 4.21 -3.90
C GLU A 85 -19.98 3.01 -3.04
N LYS A 86 -20.10 1.84 -3.67
CA LYS A 86 -20.45 0.62 -2.96
C LYS A 86 -19.43 -0.48 -3.24
N ARG A 87 -18.15 -0.10 -3.26
CA ARG A 87 -17.08 -1.06 -3.51
C ARG A 87 -15.71 -0.44 -3.21
N PHE A 88 -14.66 -1.22 -3.42
CA PHE A 88 -13.30 -0.74 -3.17
C PHE A 88 -12.36 -1.19 -4.29
N THR A 89 -11.19 -0.57 -4.35
CA THR A 89 -10.19 -0.90 -5.36
C THR A 89 -8.79 -0.86 -4.79
N TYR A 90 -7.84 -1.45 -5.52
CA TYR A 90 -6.45 -1.48 -5.08
C TYR A 90 -5.50 -1.52 -6.28
N ARG A 91 -4.37 -0.85 -6.15
CA ARG A 91 -3.37 -0.81 -7.21
C ARG A 91 -2.05 -1.39 -6.75
N TYR A 92 -1.23 -1.82 -7.70
CA TYR A 92 0.07 -2.41 -7.38
C TYR A 92 1.20 -1.62 -8.05
N GLN A 93 1.95 -0.89 -7.25
CA GLN A 93 3.07 -0.09 -7.75
C GLN A 93 4.30 -0.25 -6.87
N PHE A 94 5.43 -0.51 -7.49
CA PHE A 94 6.69 -0.68 -6.76
C PHE A 94 7.43 0.65 -6.64
N GLY A 95 8.23 0.78 -5.58
CA GLY A 95 8.98 2.00 -5.36
C GLY A 95 9.93 1.90 -4.18
N LEU A 96 9.98 2.94 -3.38
CA LEU A 96 10.85 2.96 -2.21
C LEU A 96 10.20 3.73 -1.06
N PHE A 97 10.43 3.26 0.16
CA PHE A 97 9.87 3.89 1.34
C PHE A 97 10.90 4.78 2.04
N ASP A 98 10.64 6.07 2.09
CA ASP A 98 11.55 7.01 2.73
C ASP A 98 11.26 7.13 4.22
N LYS A 99 11.97 8.03 4.89
CA LYS A 99 11.79 8.24 6.32
C LYS A 99 10.58 9.13 6.59
N GLU A 100 10.29 10.02 5.65
CA GLU A 100 9.15 10.92 5.79
C GLU A 100 8.00 10.51 4.89
N GLY A 101 8.27 9.52 4.02
CA GLY A 101 7.24 9.04 3.11
C GLY A 101 7.33 9.69 1.74
N ASN A 102 8.51 10.25 1.43
CA ASN A 102 8.72 10.89 0.14
C ASN A 102 8.76 9.87 -0.99
N TRP A 103 7.91 10.06 -1.99
CA TRP A 103 7.86 9.16 -3.13
C TRP A 103 9.02 9.40 -4.08
N THR A 104 9.83 8.37 -4.30
CA THR A 104 10.98 8.47 -5.19
C THR A 104 11.23 7.16 -5.94
N VAL A 105 10.95 7.17 -7.23
CA VAL A 105 11.14 5.98 -8.06
C VAL A 105 12.62 5.61 -8.16
N VAL A 106 12.97 4.46 -7.61
CA VAL A 106 14.35 3.99 -7.64
C VAL A 106 14.44 2.55 -8.15
N PRO A 107 15.58 2.20 -8.74
CA PRO A 107 15.82 0.86 -9.28
C PRO A 107 15.96 -0.19 -8.18
N ILE A 108 15.45 -1.39 -8.44
CA ILE A 108 15.53 -2.47 -7.47
C ILE A 108 16.72 -3.39 -7.77
N ASN A 109 17.68 -3.42 -6.85
CA ASN A 109 18.86 -4.26 -7.01
C ASN A 109 18.70 -5.58 -6.27
N GLU A 110 19.32 -6.63 -6.79
CA GLU A 110 19.25 -7.95 -6.17
C GLU A 110 17.81 -8.47 -6.19
N THR A 111 17.55 -9.46 -7.04
CA THR A 111 16.23 -10.05 -7.16
C THR A 111 15.75 -10.58 -5.82
N GLU A 112 16.69 -10.97 -4.97
CA GLU A 112 16.37 -11.51 -3.66
C GLU A 112 15.46 -10.55 -2.88
N VAL A 113 15.68 -9.25 -3.09
CA VAL A 113 14.88 -8.23 -2.42
C VAL A 113 13.55 -8.02 -3.14
N VAL A 114 13.56 -8.17 -4.46
CA VAL A 114 12.35 -8.00 -5.26
C VAL A 114 11.37 -9.13 -5.01
N GLU A 115 11.89 -10.32 -4.79
CA GLU A 115 11.06 -11.50 -4.54
C GLU A 115 10.34 -11.38 -3.20
N ARG A 116 10.95 -10.65 -2.27
CA ARG A 116 10.37 -10.46 -0.95
C ARG A 116 9.12 -9.60 -1.02
N LEU A 117 9.15 -8.58 -1.88
CA LEU A 117 8.02 -7.68 -2.04
C LEU A 117 6.86 -8.37 -2.74
N GLU A 118 7.18 -9.27 -3.67
CA GLU A 118 6.16 -10.01 -4.40
C GLU A 118 5.25 -10.76 -3.45
N TYR A 119 5.84 -11.40 -2.45
CA TYR A 119 5.08 -12.16 -1.47
C TYR A 119 4.31 -11.24 -0.54
N THR A 120 4.96 -10.16 -0.12
CA THR A 120 4.34 -9.20 0.78
C THR A 120 3.11 -8.56 0.13
N LEU A 121 3.26 -8.12 -1.11
CA LEU A 121 2.16 -7.51 -1.84
C LEU A 121 1.09 -8.53 -2.19
N ARG A 122 1.52 -9.75 -2.48
CA ARG A 122 0.60 -10.82 -2.84
C ARG A 122 -0.25 -11.23 -1.65
N GLU A 123 0.39 -11.40 -0.49
CA GLU A 123 -0.31 -11.78 0.72
C GLU A 123 -1.13 -10.62 1.27
N PHE A 124 -0.67 -9.40 1.01
CA PHE A 124 -1.36 -8.21 1.47
C PHE A 124 -2.79 -8.17 0.96
N HIS A 125 -2.99 -8.66 -0.27
CA HIS A 125 -4.32 -8.67 -0.88
C HIS A 125 -5.21 -9.70 -0.19
N GLU A 126 -4.61 -10.79 0.29
CA GLU A 126 -5.36 -11.84 0.96
C GLU A 126 -6.06 -11.30 2.20
N LYS A 127 -5.32 -10.56 3.02
CA LYS A 127 -5.87 -9.98 4.24
C LYS A 127 -6.79 -8.81 3.93
N LEU A 128 -6.49 -8.10 2.85
CA LEU A 128 -7.29 -6.95 2.43
C LEU A 128 -8.72 -7.39 2.11
N ARG A 129 -8.86 -8.58 1.55
CA ARG A 129 -10.17 -9.11 1.20
C ARG A 129 -11.05 -9.27 2.44
N ASP A 130 -10.45 -9.77 3.52
CA ASP A 130 -11.17 -9.98 4.77
C ASP A 130 -11.80 -8.68 5.25
N LEU A 131 -11.03 -7.60 5.22
CA LEU A 131 -11.52 -6.30 5.65
C LEU A 131 -12.72 -5.86 4.81
N LEU A 132 -12.56 -5.92 3.49
CA LEU A 132 -13.62 -5.54 2.57
C LEU A 132 -14.84 -6.43 2.75
N ILE A 133 -14.60 -7.69 3.08
CA ILE A 133 -15.68 -8.65 3.28
C ILE A 133 -16.53 -8.29 4.50
N SER A 134 -15.88 -7.76 5.53
CA SER A 134 -16.57 -7.38 6.76
C SER A 134 -17.37 -6.09 6.54
N MET A 135 -16.94 -5.30 5.57
CA MET A 135 -17.62 -4.05 5.26
C MET A 135 -18.65 -4.24 4.15
N GLU A 136 -18.64 -5.42 3.54
CA GLU A 136 -19.56 -5.74 2.47
C GLU A 136 -19.32 -4.84 1.25
N LEU A 137 -18.04 -4.64 0.92
CA LEU A 137 -17.66 -3.81 -0.22
C LEU A 137 -17.19 -4.67 -1.38
N ALA A 138 -17.66 -4.33 -2.58
CA ALA A 138 -17.29 -5.07 -3.78
C ALA A 138 -15.79 -4.96 -4.05
N LEU A 139 -15.25 -5.94 -4.78
CA LEU A 139 -13.83 -5.94 -5.10
C LEU A 139 -13.61 -6.15 -6.59
N GLU A 140 -12.64 -5.44 -7.15
CA GLU A 140 -12.33 -5.53 -8.57
C GLU A 140 -10.88 -5.11 -8.84
N PRO A 141 -10.34 -5.58 -9.97
CA PRO A 141 -8.97 -5.27 -10.37
C PRO A 141 -8.79 -3.81 -10.78
N SER A 142 -7.54 -3.40 -10.98
CA SER A 142 -7.24 -2.03 -11.36
C SER A 142 -7.62 -1.77 -12.82
N ASP A 143 -7.91 -0.51 -13.14
CA ASP A 143 -8.29 -0.14 -14.50
C ASP A 143 -7.11 -0.27 -15.45
N ASP A 144 -5.91 -0.25 -14.89
CA ASP A 144 -4.69 -0.37 -15.69
C ASP A 144 -4.20 -1.81 -15.71
N PHE A 145 -5.12 -2.75 -15.52
CA PHE A 145 -4.78 -4.17 -15.52
C PHE A 145 -5.25 -4.85 -16.80
N ASN A 146 -4.30 -5.18 -17.67
CA ASN A 146 -4.62 -5.83 -18.94
C ASN A 146 -4.13 -7.28 -18.94
N ASP A 147 -2.82 -7.45 -19.08
CA ASP A 147 -2.21 -8.79 -19.09
C ASP A 147 -0.76 -8.73 -18.64
N GLU A 148 -0.11 -9.90 -18.63
CA GLU A 148 1.28 -9.98 -18.21
C GLU A 148 1.46 -9.47 -16.79
N PRO A 149 0.91 -10.20 -15.82
CA PRO A 149 1.00 -9.84 -14.40
C PRO A 149 2.41 -9.98 -13.84
N VAL A 150 2.68 -9.29 -12.75
CA VAL A 150 3.99 -9.35 -12.11
C VAL A 150 4.39 -10.78 -11.78
N LYS A 151 5.53 -11.20 -12.31
CA LYS A 151 6.03 -12.56 -12.06
C LYS A 151 6.42 -12.74 -10.60
N LEU A 152 5.51 -13.32 -9.81
CA LEU A 152 5.76 -13.56 -8.40
C LEU A 152 6.74 -14.70 -8.21
N SER A 153 6.77 -15.61 -9.18
CA SER A 153 7.66 -16.77 -9.11
C SER A 153 8.98 -16.47 -9.81
N ALA A 154 9.61 -15.36 -9.42
CA ALA A 154 10.89 -14.97 -10.01
C ALA A 154 10.82 -14.99 -11.54
N MET A 22 -12.36 14.51 7.34
CA MET A 22 -13.78 14.33 7.08
C MET A 22 -14.06 12.91 6.58
N THR A 23 -15.34 12.62 6.32
CA THR A 23 -15.74 11.30 5.85
C THR A 23 -15.42 11.13 4.37
N LEU A 24 -15.35 9.88 3.93
CA LEU A 24 -15.05 9.59 2.53
C LEU A 24 -16.22 9.96 1.63
N PRO A 25 -15.93 10.24 0.35
CA PRO A 25 -16.94 10.62 -0.64
C PRO A 25 -17.85 9.45 -1.01
N SER A 26 -17.39 8.24 -0.72
CA SER A 26 -18.15 7.03 -1.03
C SER A 26 -19.31 6.87 -0.05
N GLY A 27 -19.20 7.53 1.09
CA GLY A 27 -20.25 7.44 2.10
C GLY A 27 -19.81 6.66 3.32
N HIS A 28 -18.56 6.19 3.31
CA HIS A 28 -18.03 5.43 4.43
C HIS A 28 -17.29 6.33 5.40
N PRO A 29 -17.30 5.95 6.68
CA PRO A 29 -16.64 6.72 7.75
C PRO A 29 -15.11 6.66 7.64
N LYS A 30 -14.48 7.84 7.59
CA LYS A 30 -13.03 7.91 7.48
C LYS A 30 -12.37 7.45 8.78
N SER A 31 -12.84 7.97 9.91
CA SER A 31 -12.29 7.61 11.21
C SER A 31 -12.33 6.10 11.41
N ARG A 32 -13.36 5.46 10.85
CA ARG A 32 -13.52 4.02 10.98
C ARG A 32 -12.57 3.28 10.03
N LEU A 33 -12.52 3.74 8.78
CA LEU A 33 -11.65 3.11 7.78
C LEU A 33 -10.20 3.15 8.23
N ILE A 34 -9.75 4.31 8.70
CA ILE A 34 -8.38 4.47 9.17
C ILE A 34 -8.07 3.51 10.31
N LYS A 35 -8.99 3.40 11.26
CA LYS A 35 -8.82 2.52 12.40
C LYS A 35 -8.86 1.04 11.96
N LYS A 36 -9.78 0.73 11.06
CA LYS A 36 -9.92 -0.63 10.55
C LYS A 36 -8.67 -1.06 9.78
N PHE A 37 -8.23 -0.22 8.86
CA PHE A 37 -7.05 -0.51 8.05
C PHE A 37 -5.83 -0.70 8.95
N THR A 38 -5.82 -0.03 10.09
CA THR A 38 -4.71 -0.12 11.03
C THR A 38 -4.55 -1.56 11.54
N ALA A 39 -5.62 -2.33 11.45
CA ALA A 39 -5.59 -3.72 11.90
C ALA A 39 -4.94 -4.63 10.85
N LEU A 40 -4.66 -4.07 9.69
CA LEU A 40 -4.04 -4.82 8.61
C LEU A 40 -2.57 -4.44 8.44
N GLY A 41 -2.09 -3.57 9.33
CA GLY A 41 -0.71 -3.14 9.28
C GLY A 41 -0.44 -1.95 10.18
N PRO A 42 0.54 -1.12 9.79
CA PRO A 42 0.93 0.07 10.56
C PRO A 42 -0.14 1.16 10.50
N TYR A 43 0.01 2.16 11.35
CA TYR A 43 -0.94 3.27 11.41
C TYR A 43 -0.97 4.02 10.09
N ILE A 44 -2.16 4.13 9.50
CA ILE A 44 -2.33 4.83 8.24
C ILE A 44 -2.26 6.34 8.42
N ARG A 45 -1.51 7.01 7.55
CA ARG A 45 -1.37 8.46 7.62
C ARG A 45 -2.58 9.15 7.01
N GLU A 46 -3.55 9.50 7.85
CA GLU A 46 -4.76 10.17 7.38
C GLU A 46 -4.49 11.63 7.07
N GLY A 47 -5.42 12.27 6.37
CA GLY A 47 -5.26 13.67 6.02
C GLY A 47 -5.99 14.60 6.97
N GLN A 48 -6.19 15.84 6.55
CA GLN A 48 -6.88 16.82 7.36
C GLN A 48 -8.00 17.50 6.58
N CYS A 49 -9.14 16.82 6.49
CA CYS A 49 -10.29 17.35 5.77
C CYS A 49 -9.92 17.69 4.34
N GLU A 50 -8.93 16.97 3.79
CA GLU A 50 -8.48 17.20 2.43
C GLU A 50 -8.69 15.96 1.57
N ASP A 51 -9.16 16.15 0.35
CA ASP A 51 -9.41 15.05 -0.57
C ASP A 51 -8.09 14.40 -1.00
N ASN A 52 -7.96 13.11 -0.73
CA ASN A 52 -6.75 12.37 -1.08
C ASN A 52 -6.92 10.88 -0.80
N ARG A 53 -5.89 10.10 -1.15
CA ARG A 53 -5.92 8.66 -0.94
C ARG A 53 -5.20 8.28 0.33
N PHE A 54 -5.57 7.15 0.91
CA PHE A 54 -4.94 6.67 2.14
C PHE A 54 -3.45 6.41 1.93
N PHE A 55 -2.69 6.45 3.01
CA PHE A 55 -1.25 6.23 2.96
C PHE A 55 -0.87 4.94 3.68
N PHE A 56 -0.15 4.07 2.98
CA PHE A 56 0.27 2.80 3.57
C PHE A 56 1.78 2.60 3.38
N ASP A 57 2.49 2.45 4.50
CA ASP A 57 3.94 2.25 4.46
C ASP A 57 4.29 0.81 4.81
N CYS A 58 4.80 0.09 3.81
CA CYS A 58 5.18 -1.31 4.01
C CYS A 58 6.70 -1.46 4.04
N LEU A 59 7.21 -2.10 5.08
CA LEU A 59 8.64 -2.31 5.23
C LEU A 59 9.00 -3.78 5.08
N ALA A 60 9.59 -4.13 3.93
CA ALA A 60 9.98 -5.50 3.65
C ALA A 60 11.46 -5.70 3.88
N VAL A 61 12.29 -4.89 3.21
CA VAL A 61 13.73 -4.97 3.35
C VAL A 61 14.38 -3.59 3.34
N CYS A 62 15.50 -3.46 4.04
CA CYS A 62 16.20 -2.19 4.11
C CYS A 62 17.25 -2.08 3.00
N VAL A 63 17.27 -0.93 2.33
CA VAL A 63 18.22 -0.70 1.24
C VAL A 63 19.60 -0.31 1.78
N ASN A 64 19.60 0.30 2.96
CA ASN A 64 20.85 0.72 3.59
C ASN A 64 20.61 1.27 4.98
N VAL A 65 21.21 0.64 5.99
CA VAL A 65 21.05 1.06 7.37
C VAL A 65 22.40 1.30 8.03
N LYS A 66 23.47 1.06 7.28
CA LYS A 66 24.83 1.24 7.79
C LYS A 66 25.10 2.72 8.08
N PRO A 67 24.83 3.58 7.08
CA PRO A 67 25.04 5.02 7.20
C PRO A 67 24.05 5.67 8.16
N ALA A 68 24.18 6.98 8.35
CA ALA A 68 23.28 7.72 9.23
C ALA A 68 21.83 7.44 8.90
N PRO A 69 20.94 7.71 9.86
CA PRO A 69 19.49 7.50 9.70
C PRO A 69 18.87 8.47 8.71
N GLU A 70 19.51 9.62 8.54
CA GLU A 70 19.02 10.65 7.63
C GLU A 70 19.02 10.14 6.19
N LYS A 71 19.89 9.17 5.92
CA LYS A 71 19.99 8.60 4.58
C LYS A 71 19.51 7.15 4.57
N ARG A 72 18.77 6.77 5.61
CA ARG A 72 18.25 5.41 5.72
C ARG A 72 16.90 5.29 5.04
N GLU A 73 16.76 4.30 4.16
CA GLU A 73 15.51 4.09 3.44
C GLU A 73 15.16 2.60 3.40
N PHE A 74 13.91 2.31 3.07
CA PHE A 74 13.44 0.92 3.00
C PHE A 74 12.69 0.67 1.69
N TRP A 75 12.46 -0.60 1.38
CA TRP A 75 11.76 -0.97 0.16
C TRP A 75 10.26 -1.09 0.41
N GLY A 76 9.48 -1.00 -0.65
CA GLY A 76 8.04 -1.10 -0.53
C GLY A 76 7.32 -0.62 -1.77
N TRP A 77 6.13 -1.19 -2.02
CA TRP A 77 5.34 -0.81 -3.18
C TRP A 77 4.19 0.11 -2.79
N TRP A 78 4.18 1.30 -3.36
CA TRP A 78 3.12 2.28 -3.07
C TRP A 78 1.74 1.68 -3.31
N MET A 79 0.83 1.90 -2.37
CA MET A 79 -0.52 1.38 -2.48
C MET A 79 -1.55 2.51 -2.43
N GLU A 80 -2.21 2.74 -3.56
CA GLU A 80 -3.22 3.81 -3.65
C GLU A 80 -4.62 3.22 -3.86
N LEU A 81 -5.54 3.57 -2.97
CA LEU A 81 -6.91 3.07 -3.07
C LEU A 81 -7.91 4.20 -2.85
N GLU A 82 -9.06 4.11 -3.50
CA GLU A 82 -10.10 5.12 -3.38
C GLU A 82 -11.48 4.47 -3.25
N ALA A 83 -12.12 4.66 -2.11
CA ALA A 83 -13.43 4.09 -1.87
C ALA A 83 -14.39 4.43 -3.00
N GLN A 84 -14.81 3.41 -3.75
CA GLN A 84 -15.73 3.59 -4.86
C GLN A 84 -17.15 3.79 -4.37
N GLU A 85 -18.09 3.86 -5.30
CA GLU A 85 -19.50 4.05 -4.97
C GLU A 85 -19.95 3.04 -3.92
N LYS A 86 -19.79 1.76 -4.25
CA LYS A 86 -20.19 0.69 -3.33
C LYS A 86 -19.15 -0.43 -3.33
N ARG A 87 -17.91 -0.08 -3.65
CA ARG A 87 -16.83 -1.06 -3.69
C ARG A 87 -15.49 -0.39 -3.38
N PHE A 88 -14.42 -1.19 -3.40
CA PHE A 88 -13.08 -0.69 -3.13
C PHE A 88 -12.11 -1.07 -4.24
N THR A 89 -11.09 -0.25 -4.44
CA THR A 89 -10.09 -0.50 -5.48
C THR A 89 -8.70 -0.12 -5.00
N TYR A 90 -7.72 -0.95 -5.32
CA TYR A 90 -6.34 -0.71 -4.93
C TYR A 90 -5.42 -0.75 -6.14
N ARG A 91 -4.16 -0.36 -5.94
CA ARG A 91 -3.17 -0.34 -7.00
C ARG A 91 -1.80 -0.78 -6.48
N TYR A 92 -1.06 -1.49 -7.33
CA TYR A 92 0.27 -1.96 -6.94
C TYR A 92 1.34 -1.29 -7.79
N GLN A 93 2.14 -0.44 -7.16
CA GLN A 93 3.20 0.27 -7.86
C GLN A 93 4.54 0.13 -7.11
N PHE A 94 5.62 0.03 -7.86
CA PHE A 94 6.95 -0.12 -7.27
C PHE A 94 7.60 1.25 -7.07
N GLY A 95 8.26 1.42 -5.92
CA GLY A 95 8.92 2.67 -5.63
C GLY A 95 9.77 2.61 -4.38
N LEU A 96 9.78 3.69 -3.60
CA LEU A 96 10.56 3.73 -2.38
C LEU A 96 9.85 4.56 -1.31
N PHE A 97 10.01 4.15 -0.06
CA PHE A 97 9.38 4.85 1.06
C PHE A 97 10.42 5.34 2.06
N ASP A 98 10.59 6.65 2.12
CA ASP A 98 11.56 7.25 3.04
C ASP A 98 10.89 7.65 4.35
N LYS A 99 11.70 8.02 5.33
CA LYS A 99 11.19 8.43 6.64
C LYS A 99 10.75 9.89 6.60
N GLU A 100 11.39 10.69 5.75
CA GLU A 100 11.05 12.10 5.63
C GLU A 100 9.87 12.30 4.68
N GLY A 101 9.49 11.23 3.98
CA GLY A 101 8.38 11.31 3.06
C GLY A 101 8.78 11.92 1.73
N ASN A 102 10.08 11.94 1.46
CA ASN A 102 10.60 12.49 0.20
C ASN A 102 10.60 11.45 -0.90
N TRP A 103 9.89 11.74 -1.98
CA TRP A 103 9.81 10.82 -3.11
C TRP A 103 11.17 10.67 -3.79
N THR A 104 11.66 9.44 -3.87
CA THR A 104 12.95 9.15 -4.48
C THR A 104 12.87 7.92 -5.38
N VAL A 105 12.87 8.13 -6.69
CA VAL A 105 12.81 7.04 -7.64
C VAL A 105 14.08 6.19 -7.59
N VAL A 106 13.93 4.91 -7.27
CA VAL A 106 15.06 4.01 -7.19
C VAL A 106 14.65 2.58 -7.56
N PRO A 107 15.47 1.94 -8.41
CA PRO A 107 15.21 0.57 -8.87
C PRO A 107 15.39 -0.46 -7.76
N ILE A 108 14.51 -1.45 -7.72
CA ILE A 108 14.58 -2.51 -6.71
C ILE A 108 15.86 -3.33 -6.86
N ASN A 109 16.37 -3.83 -5.74
CA ASN A 109 17.58 -4.63 -5.75
C ASN A 109 17.41 -5.88 -6.62
N GLU A 110 18.39 -6.76 -6.59
CA GLU A 110 18.34 -7.99 -7.37
C GLU A 110 17.01 -8.72 -7.17
N THR A 111 16.75 -9.71 -8.00
CA THR A 111 15.52 -10.49 -7.91
C THR A 111 15.29 -10.99 -6.49
N GLU A 112 16.37 -11.20 -5.76
CA GLU A 112 16.29 -11.69 -4.38
C GLU A 112 15.40 -10.76 -3.54
N VAL A 113 15.57 -9.46 -3.74
CA VAL A 113 14.79 -8.47 -3.00
C VAL A 113 13.41 -8.29 -3.62
N VAL A 114 13.33 -8.45 -4.94
CA VAL A 114 12.06 -8.30 -5.65
C VAL A 114 11.10 -9.43 -5.31
N GLU A 115 11.66 -10.63 -5.09
CA GLU A 115 10.85 -11.80 -4.75
C GLU A 115 10.29 -11.69 -3.34
N ARG A 116 11.00 -10.96 -2.48
CA ARG A 116 10.58 -10.78 -1.10
C ARG A 116 9.35 -9.88 -1.02
N LEU A 117 9.37 -8.79 -1.77
CA LEU A 117 8.26 -7.85 -1.78
C LEU A 117 7.05 -8.44 -2.50
N GLU A 118 7.32 -9.23 -3.54
CA GLU A 118 6.26 -9.87 -4.31
C GLU A 118 5.36 -10.72 -3.41
N TYR A 119 5.97 -11.33 -2.38
CA TYR A 119 5.23 -12.17 -1.45
C TYR A 119 4.28 -11.33 -0.59
N THR A 120 4.80 -10.24 -0.04
CA THR A 120 4.01 -9.36 0.80
C THR A 120 2.86 -8.73 0.01
N LEU A 121 3.12 -8.43 -1.26
CA LEU A 121 2.11 -7.83 -2.12
C LEU A 121 0.87 -8.71 -2.22
N ARG A 122 1.09 -10.01 -2.37
CA ARG A 122 -0.02 -10.96 -2.48
C ARG A 122 -0.74 -11.08 -1.14
N GLU A 123 0.04 -11.22 -0.06
CA GLU A 123 -0.53 -11.35 1.28
C GLU A 123 -1.33 -10.11 1.65
N PHE A 124 -0.93 -8.96 1.11
CA PHE A 124 -1.61 -7.71 1.40
C PHE A 124 -3.02 -7.71 0.85
N HIS A 125 -3.18 -8.24 -0.36
CA HIS A 125 -4.50 -8.31 -1.00
C HIS A 125 -5.38 -9.33 -0.30
N GLU A 126 -4.77 -10.39 0.23
CA GLU A 126 -5.52 -11.44 0.92
C GLU A 126 -6.01 -10.94 2.27
N LYS A 127 -5.12 -10.33 3.04
CA LYS A 127 -5.46 -9.80 4.36
C LYS A 127 -6.53 -8.71 4.25
N LEU A 128 -6.50 -7.97 3.15
CA LEU A 128 -7.45 -6.90 2.92
C LEU A 128 -8.85 -7.47 2.67
N ARG A 129 -8.90 -8.60 1.99
CA ARG A 129 -10.18 -9.24 1.68
C ARG A 129 -11.00 -9.47 2.94
N ASP A 130 -10.35 -10.00 3.97
CA ASP A 130 -11.02 -10.26 5.24
C ASP A 130 -11.67 -8.99 5.79
N LEU A 131 -10.92 -7.90 5.77
CA LEU A 131 -11.42 -6.62 6.27
C LEU A 131 -12.63 -6.16 5.46
N LEU A 132 -12.47 -6.13 4.13
CA LEU A 132 -13.55 -5.71 3.25
C LEU A 132 -14.78 -6.61 3.42
N ILE A 133 -14.54 -7.87 3.73
CA ILE A 133 -15.62 -8.83 3.92
C ILE A 133 -16.50 -8.44 5.10
N SER A 134 -15.89 -7.78 6.09
CA SER A 134 -16.61 -7.34 7.27
C SER A 134 -17.59 -6.22 6.94
N MET A 135 -17.24 -5.42 5.93
CA MET A 135 -18.09 -4.31 5.51
C MET A 135 -18.92 -4.70 4.30
N GLU A 136 -18.68 -5.89 3.77
CA GLU A 136 -19.41 -6.38 2.61
C GLU A 136 -19.14 -5.50 1.39
N LEU A 137 -17.87 -5.22 1.13
CA LEU A 137 -17.49 -4.40 0.00
C LEU A 137 -16.96 -5.25 -1.15
N ALA A 138 -16.68 -4.61 -2.28
CA ALA A 138 -16.17 -5.31 -3.46
C ALA A 138 -14.68 -5.05 -3.63
N LEU A 139 -13.96 -6.05 -4.10
CA LEU A 139 -12.52 -5.93 -4.32
C LEU A 139 -12.14 -6.41 -5.73
N GLU A 140 -11.61 -5.49 -6.53
CA GLU A 140 -11.21 -5.82 -7.90
C GLU A 140 -10.00 -4.99 -8.32
N PRO A 141 -9.29 -5.46 -9.34
CA PRO A 141 -8.10 -4.78 -9.87
C PRO A 141 -8.45 -3.48 -10.59
N SER A 142 -7.43 -2.71 -10.94
CA SER A 142 -7.62 -1.44 -11.63
C SER A 142 -8.03 -1.67 -13.08
N ASP A 143 -9.06 -0.95 -13.52
CA ASP A 143 -9.54 -1.08 -14.89
C ASP A 143 -8.48 -0.65 -15.89
N ASP A 144 -7.47 0.07 -15.40
CA ASP A 144 -6.39 0.54 -16.25
C ASP A 144 -5.24 -0.46 -16.26
N PHE A 145 -5.50 -1.67 -15.78
CA PHE A 145 -4.49 -2.71 -15.73
C PHE A 145 -4.58 -3.61 -16.95
N ASN A 146 -3.44 -3.85 -17.60
CA ASN A 146 -3.40 -4.69 -18.79
C ASN A 146 -2.92 -6.10 -18.43
N ASP A 147 -2.74 -6.93 -19.46
CA ASP A 147 -2.29 -8.30 -19.26
C ASP A 147 -0.84 -8.33 -18.82
N GLU A 148 -0.27 -9.54 -18.74
CA GLU A 148 1.12 -9.71 -18.34
C GLU A 148 1.34 -9.22 -16.90
N PRO A 149 0.78 -9.98 -15.94
CA PRO A 149 0.90 -9.64 -14.52
C PRO A 149 2.33 -9.82 -13.99
N VAL A 150 2.63 -9.17 -12.88
CA VAL A 150 3.95 -9.25 -12.27
C VAL A 150 4.34 -10.71 -12.02
N LYS A 151 5.53 -11.09 -12.48
CA LYS A 151 6.02 -12.45 -12.30
C LYS A 151 6.57 -12.64 -10.89
N LEU A 152 5.75 -13.21 -10.01
CA LEU A 152 6.15 -13.46 -8.64
C LEU A 152 7.13 -14.63 -8.55
N SER A 153 7.06 -15.52 -9.53
CA SER A 153 7.94 -16.69 -9.57
C SER A 153 9.03 -16.50 -10.61
N ALA A 154 9.74 -15.37 -10.53
CA ALA A 154 10.81 -15.07 -11.46
C ALA A 154 12.17 -15.45 -10.87
N MET A 22 -14.28 14.51 9.09
CA MET A 22 -13.27 13.63 8.53
C MET A 22 -13.92 12.40 7.91
N THR A 23 -14.51 12.58 6.73
CA THR A 23 -15.16 11.48 6.02
C THR A 23 -14.82 11.51 4.53
N LEU A 24 -14.90 10.35 3.89
CA LEU A 24 -14.60 10.24 2.46
C LEU A 24 -15.74 10.79 1.63
N PRO A 25 -15.43 11.22 0.40
CA PRO A 25 -16.43 11.77 -0.53
C PRO A 25 -17.38 10.71 -1.05
N SER A 26 -16.99 9.45 -0.90
CA SER A 26 -17.81 8.33 -1.36
C SER A 26 -18.99 8.10 -0.42
N GLY A 27 -18.85 8.58 0.81
CA GLY A 27 -19.90 8.41 1.80
C GLY A 27 -19.52 7.42 2.89
N HIS A 28 -18.30 6.92 2.84
CA HIS A 28 -17.82 5.96 3.83
C HIS A 28 -17.06 6.68 4.94
N PRO A 29 -17.12 6.11 6.15
CA PRO A 29 -16.45 6.68 7.33
C PRO A 29 -14.93 6.56 7.24
N LYS A 30 -14.24 7.69 7.37
CA LYS A 30 -12.79 7.71 7.31
C LYS A 30 -12.18 7.05 8.54
N SER A 31 -12.61 7.49 9.71
CA SER A 31 -12.11 6.95 10.98
C SER A 31 -12.27 5.43 11.01
N ARG A 32 -13.44 4.95 10.59
CA ARG A 32 -13.71 3.53 10.57
C ARG A 32 -12.75 2.79 9.65
N LEU A 33 -12.53 3.35 8.46
CA LEU A 33 -11.64 2.74 7.49
C LEU A 33 -10.23 2.60 8.06
N ILE A 34 -9.78 3.62 8.78
CA ILE A 34 -8.45 3.61 9.38
C ILE A 34 -8.31 2.45 10.37
N LYS A 35 -9.32 2.28 11.21
CA LYS A 35 -9.32 1.20 12.20
C LYS A 35 -9.42 -0.16 11.53
N LYS A 36 -10.24 -0.24 10.48
CA LYS A 36 -10.43 -1.49 9.75
C LYS A 36 -9.13 -1.91 9.06
N PHE A 37 -8.52 -0.99 8.32
CA PHE A 37 -7.28 -1.26 7.61
C PHE A 37 -6.18 -1.68 8.58
N THR A 38 -6.26 -1.16 9.81
CA THR A 38 -5.27 -1.48 10.83
C THR A 38 -5.23 -2.98 11.12
N ALA A 39 -6.32 -3.66 10.79
CA ALA A 39 -6.41 -5.10 11.02
C ALA A 39 -5.69 -5.87 9.91
N LEU A 40 -5.24 -5.15 8.89
CA LEU A 40 -4.53 -5.77 7.77
C LEU A 40 -3.04 -5.49 7.85
N GLY A 41 -2.63 -4.83 8.93
CA GLY A 41 -1.22 -4.51 9.11
C GLY A 41 -0.98 -3.59 10.28
N PRO A 42 0.09 -2.79 10.20
CA PRO A 42 0.46 -1.84 11.25
C PRO A 42 -0.52 -0.67 11.35
N TYR A 43 -0.40 0.13 12.41
CA TYR A 43 -1.27 1.27 12.61
C TYR A 43 -1.10 2.28 11.48
N ILE A 44 -2.21 2.64 10.85
CA ILE A 44 -2.18 3.60 9.75
C ILE A 44 -2.07 5.03 10.27
N ARG A 45 -1.33 5.86 9.54
CA ARG A 45 -1.13 7.25 9.94
C ARG A 45 -2.28 8.12 9.42
N GLU A 46 -2.89 8.89 10.32
CA GLU A 46 -3.99 9.77 9.96
C GLU A 46 -3.56 10.76 8.88
N GLY A 47 -2.58 11.59 9.22
CA GLY A 47 -2.09 12.58 8.26
C GLY A 47 -2.69 13.96 8.50
N GLN A 48 -2.20 14.94 7.76
CA GLN A 48 -2.69 16.31 7.90
C GLN A 48 -3.50 16.73 6.67
N CYS A 49 -3.16 16.13 5.52
CA CYS A 49 -3.85 16.45 4.27
C CYS A 49 -5.27 15.90 4.28
N GLU A 50 -6.16 16.56 3.55
CA GLU A 50 -7.55 16.14 3.48
C GLU A 50 -7.94 15.80 2.04
N ASP A 51 -9.01 15.03 1.90
CA ASP A 51 -9.49 14.63 0.58
C ASP A 51 -8.37 14.00 -0.24
N ASN A 52 -7.84 12.88 0.26
CA ASN A 52 -6.76 12.19 -0.42
C ASN A 52 -6.93 10.68 -0.32
N ARG A 53 -5.98 9.94 -0.88
CA ARG A 53 -6.03 8.48 -0.85
C ARG A 53 -5.16 7.94 0.28
N PHE A 54 -5.64 6.88 0.94
CA PHE A 54 -4.91 6.26 2.04
C PHE A 54 -3.52 5.82 1.58
N PHE A 55 -2.56 5.86 2.51
CA PHE A 55 -1.19 5.46 2.20
C PHE A 55 -0.55 4.76 3.39
N PHE A 56 0.01 3.58 3.16
CA PHE A 56 0.66 2.81 4.20
C PHE A 56 2.13 2.56 3.88
N ASP A 57 2.92 2.33 4.92
CA ASP A 57 4.35 2.07 4.74
C ASP A 57 4.67 0.60 4.97
N CYS A 58 5.06 -0.09 3.90
CA CYS A 58 5.40 -1.51 3.98
C CYS A 58 6.89 -1.72 3.84
N LEU A 59 7.61 -1.55 4.95
CA LEU A 59 9.07 -1.73 4.95
C LEU A 59 9.44 -3.19 5.12
N ALA A 60 10.38 -3.66 4.32
CA ALA A 60 10.83 -5.05 4.38
C ALA A 60 12.33 -5.12 4.66
N VAL A 61 13.11 -4.37 3.89
CA VAL A 61 14.56 -4.36 4.05
C VAL A 61 15.12 -2.96 3.83
N CYS A 62 16.20 -2.64 4.53
CA CYS A 62 16.84 -1.33 4.40
C CYS A 62 17.89 -1.34 3.30
N VAL A 63 18.15 -0.17 2.72
CA VAL A 63 19.14 -0.05 1.65
C VAL A 63 20.55 0.01 2.21
N ASN A 64 20.69 0.56 3.41
CA ASN A 64 21.99 0.67 4.06
C ASN A 64 21.85 1.31 5.44
N VAL A 65 22.81 1.01 6.33
CA VAL A 65 22.79 1.55 7.67
C VAL A 65 24.14 2.18 8.02
N LYS A 66 25.05 2.18 7.06
CA LYS A 66 26.37 2.76 7.26
C LYS A 66 26.27 4.18 7.81
N PRO A 67 25.58 5.05 7.05
CA PRO A 67 25.38 6.46 7.45
C PRO A 67 24.45 6.61 8.65
N ALA A 68 24.10 7.84 8.97
CA ALA A 68 23.21 8.12 10.09
C ALA A 68 21.94 7.28 10.00
N PRO A 69 21.25 7.12 11.15
CA PRO A 69 20.01 6.35 11.22
C PRO A 69 18.85 7.03 10.50
N GLU A 70 18.67 8.32 10.78
CA GLU A 70 17.59 9.09 10.16
C GLU A 70 17.98 9.53 8.75
N LYS A 71 19.21 9.19 8.35
CA LYS A 71 19.70 9.56 7.03
C LYS A 71 19.77 8.33 6.12
N ARG A 72 19.08 7.27 6.51
CA ARG A 72 19.06 6.04 5.72
C ARG A 72 17.69 5.81 5.09
N GLU A 73 17.67 5.01 4.04
CA GLU A 73 16.42 4.72 3.33
C GLU A 73 16.04 3.24 3.49
N PHE A 74 14.80 2.92 3.14
CA PHE A 74 14.32 1.55 3.24
C PHE A 74 13.40 1.20 2.08
N TRP A 75 13.40 -0.06 1.68
CA TRP A 75 12.56 -0.52 0.57
C TRP A 75 11.13 -0.76 1.04
N GLY A 76 10.19 -0.78 0.10
CA GLY A 76 8.80 -1.01 0.43
C GLY A 76 7.85 -0.36 -0.55
N TRP A 77 6.61 -0.84 -0.57
CA TRP A 77 5.60 -0.30 -1.48
C TRP A 77 4.36 0.15 -0.71
N TRP A 78 3.87 1.34 -1.03
CA TRP A 78 2.69 1.89 -0.37
C TRP A 78 1.41 1.35 -1.02
N MET A 79 0.28 1.66 -0.41
CA MET A 79 -1.01 1.22 -0.92
C MET A 79 -1.99 2.38 -1.03
N GLU A 80 -2.33 2.76 -2.25
CA GLU A 80 -3.25 3.86 -2.49
C GLU A 80 -4.54 3.36 -3.16
N LEU A 81 -5.67 3.74 -2.59
CA LEU A 81 -6.97 3.33 -3.13
C LEU A 81 -7.95 4.50 -3.14
N GLU A 82 -8.98 4.40 -3.97
CA GLU A 82 -9.98 5.44 -4.07
C GLU A 82 -11.40 4.86 -3.91
N ALA A 83 -12.04 5.20 -2.81
CA ALA A 83 -13.39 4.72 -2.53
C ALA A 83 -14.37 5.20 -3.60
N GLN A 84 -14.87 4.25 -4.39
CA GLN A 84 -15.82 4.57 -5.45
C GLN A 84 -17.21 4.80 -4.89
N GLU A 85 -18.17 5.03 -5.78
CA GLU A 85 -19.56 5.26 -5.37
C GLU A 85 -20.04 4.15 -4.44
N LYS A 86 -20.12 2.93 -4.98
CA LYS A 86 -20.57 1.78 -4.22
C LYS A 86 -19.60 0.62 -4.35
N ARG A 87 -18.31 0.93 -4.31
CA ARG A 87 -17.27 -0.09 -4.43
C ARG A 87 -15.90 0.47 -4.06
N PHE A 88 -14.88 -0.37 -4.14
CA PHE A 88 -13.52 0.05 -3.81
C PHE A 88 -12.55 -0.36 -4.92
N THR A 89 -11.46 0.38 -5.05
CA THR A 89 -10.45 0.09 -6.07
C THR A 89 -9.05 0.19 -5.49
N TYR A 90 -8.17 -0.71 -5.93
CA TYR A 90 -6.80 -0.74 -5.45
C TYR A 90 -5.82 -0.88 -6.62
N ARG A 91 -4.53 -0.75 -6.32
CA ARG A 91 -3.49 -0.85 -7.33
C ARG A 91 -2.18 -1.34 -6.72
N TYR A 92 -1.29 -1.85 -7.58
CA TYR A 92 0.00 -2.35 -7.11
C TYR A 92 1.14 -1.57 -7.77
N GLN A 93 1.85 -0.78 -6.95
CA GLN A 93 2.96 0.02 -7.45
C GLN A 93 4.15 -0.06 -6.49
N PHE A 94 5.33 -0.30 -7.05
CA PHE A 94 6.55 -0.40 -6.25
C PHE A 94 7.24 0.95 -6.14
N GLY A 95 8.16 1.06 -5.19
CA GLY A 95 8.88 2.31 -4.99
C GLY A 95 9.77 2.28 -3.77
N LEU A 96 10.18 3.45 -3.31
CA LEU A 96 11.04 3.56 -2.13
C LEU A 96 10.70 4.82 -1.32
N PHE A 97 10.82 4.71 0.00
CA PHE A 97 10.54 5.84 0.88
C PHE A 97 11.81 6.61 1.20
N ASP A 98 11.81 7.90 0.87
CA ASP A 98 12.97 8.75 1.12
C ASP A 98 12.84 9.46 2.47
N LYS A 99 13.92 10.10 2.91
CA LYS A 99 13.92 10.81 4.18
C LYS A 99 13.28 12.19 4.03
N GLU A 100 13.31 12.73 2.82
CA GLU A 100 12.74 14.04 2.54
C GLU A 100 11.22 13.95 2.41
N GLY A 101 10.70 12.72 2.36
CA GLY A 101 9.27 12.52 2.24
C GLY A 101 8.76 12.82 0.84
N ASN A 102 9.67 12.85 -0.12
CA ASN A 102 9.31 13.14 -1.50
C ASN A 102 9.27 11.85 -2.33
N TRP A 103 8.28 11.74 -3.21
CA TRP A 103 8.13 10.57 -4.06
C TRP A 103 9.43 10.28 -4.80
N THR A 104 9.97 9.08 -4.60
CA THR A 104 11.21 8.67 -5.25
C THR A 104 11.20 7.18 -5.59
N VAL A 105 11.04 6.87 -6.87
CA VAL A 105 11.01 5.49 -7.32
C VAL A 105 12.40 5.03 -7.76
N VAL A 106 12.91 3.98 -7.11
CA VAL A 106 14.23 3.44 -7.43
C VAL A 106 14.17 1.94 -7.66
N PRO A 107 15.15 1.41 -8.39
CA PRO A 107 15.22 -0.02 -8.69
C PRO A 107 15.56 -0.86 -7.46
N ILE A 108 15.00 -2.06 -7.41
CA ILE A 108 15.23 -2.96 -6.28
C ILE A 108 16.47 -3.82 -6.51
N ASN A 109 17.47 -3.62 -5.66
CA ASN A 109 18.72 -4.38 -5.77
C ASN A 109 18.64 -5.68 -4.97
N GLU A 110 19.36 -6.70 -5.43
CA GLU A 110 19.37 -7.99 -4.78
C GLU A 110 17.99 -8.64 -4.82
N THR A 111 17.89 -9.76 -5.55
CA THR A 111 16.64 -10.47 -5.68
C THR A 111 16.01 -10.76 -4.32
N GLU A 112 16.87 -10.95 -3.32
CA GLU A 112 16.40 -11.24 -1.96
C GLU A 112 15.41 -10.18 -1.49
N VAL A 113 15.66 -8.94 -1.90
CA VAL A 113 14.78 -7.82 -1.53
C VAL A 113 13.54 -7.79 -2.40
N VAL A 114 13.69 -8.19 -3.65
CA VAL A 114 12.57 -8.20 -4.59
C VAL A 114 11.58 -9.32 -4.26
N GLU A 115 12.11 -10.44 -3.78
CA GLU A 115 11.27 -11.57 -3.42
C GLU A 115 10.46 -11.29 -2.15
N ARG A 116 11.02 -10.44 -1.29
CA ARG A 116 10.34 -10.08 -0.04
C ARG A 116 9.17 -9.14 -0.31
N LEU A 117 9.37 -8.20 -1.24
CA LEU A 117 8.32 -7.24 -1.58
C LEU A 117 7.17 -7.93 -2.30
N GLU A 118 7.51 -8.84 -3.22
CA GLU A 118 6.50 -9.57 -3.98
C GLU A 118 5.69 -10.49 -3.06
N TYR A 119 6.37 -11.08 -2.08
CA TYR A 119 5.71 -11.99 -1.15
C TYR A 119 4.60 -11.27 -0.38
N THR A 120 4.93 -10.11 0.19
CA THR A 120 3.98 -9.33 0.95
C THR A 120 2.98 -8.64 0.03
N LEU A 121 3.47 -8.13 -1.10
CA LEU A 121 2.63 -7.45 -2.06
C LEU A 121 1.56 -8.39 -2.62
N ARG A 122 1.99 -9.56 -3.10
CA ARG A 122 1.09 -10.54 -3.65
C ARG A 122 0.06 -10.99 -2.61
N GLU A 123 0.52 -11.15 -1.38
CA GLU A 123 -0.35 -11.58 -0.29
C GLU A 123 -1.29 -10.45 0.14
N PHE A 124 -0.84 -9.22 -0.05
CA PHE A 124 -1.63 -8.05 0.32
C PHE A 124 -2.97 -8.06 -0.43
N HIS A 125 -2.92 -8.28 -1.73
CA HIS A 125 -4.12 -8.32 -2.55
C HIS A 125 -5.13 -9.32 -2.00
N GLU A 126 -4.63 -10.47 -1.56
CA GLU A 126 -5.48 -11.51 -1.02
C GLU A 126 -6.01 -11.13 0.36
N LYS A 127 -5.11 -10.65 1.22
CA LYS A 127 -5.49 -10.23 2.57
C LYS A 127 -6.49 -9.09 2.52
N LEU A 128 -6.37 -8.24 1.50
CA LEU A 128 -7.27 -7.10 1.35
C LEU A 128 -8.67 -7.56 0.94
N ARG A 129 -8.73 -8.60 0.12
CA ARG A 129 -10.00 -9.15 -0.34
C ARG A 129 -10.91 -9.47 0.84
N ASP A 130 -10.34 -10.12 1.85
CA ASP A 130 -11.11 -10.50 3.04
C ASP A 130 -11.76 -9.27 3.68
N LEU A 131 -10.99 -8.20 3.81
CA LEU A 131 -11.49 -6.97 4.40
C LEU A 131 -12.67 -6.43 3.62
N LEU A 132 -12.51 -6.32 2.31
CA LEU A 132 -13.57 -5.82 1.44
C LEU A 132 -14.78 -6.75 1.47
N ILE A 133 -14.51 -8.05 1.52
CA ILE A 133 -15.58 -9.05 1.56
C ILE A 133 -16.46 -8.86 2.78
N SER A 134 -15.85 -8.53 3.91
CA SER A 134 -16.58 -8.33 5.15
C SER A 134 -17.35 -7.01 5.12
N MET A 135 -16.93 -6.11 4.23
CA MET A 135 -17.58 -4.81 4.10
C MET A 135 -18.58 -4.81 2.97
N GLU A 136 -18.58 -5.90 2.19
CA GLU A 136 -19.50 -6.03 1.06
C GLU A 136 -19.22 -4.98 0.00
N LEU A 137 -17.94 -4.69 -0.22
CA LEU A 137 -17.52 -3.69 -1.20
C LEU A 137 -17.00 -4.38 -2.47
N ALA A 138 -17.43 -3.86 -3.62
CA ALA A 138 -17.00 -4.41 -4.90
C ALA A 138 -15.51 -4.17 -5.14
N LEU A 139 -14.82 -5.19 -5.62
CA LEU A 139 -13.39 -5.09 -5.90
C LEU A 139 -13.06 -5.58 -7.30
N GLU A 140 -12.12 -4.91 -7.96
CA GLU A 140 -11.71 -5.28 -9.30
C GLU A 140 -10.28 -4.82 -9.59
N PRO A 141 -9.65 -5.44 -10.61
CA PRO A 141 -8.28 -5.11 -11.00
C PRO A 141 -8.18 -3.73 -11.64
N SER A 142 -6.95 -3.29 -11.88
CA SER A 142 -6.71 -1.98 -12.49
C SER A 142 -7.41 -1.88 -13.83
N ASP A 143 -7.26 -0.73 -14.48
CA ASP A 143 -7.88 -0.50 -15.78
C ASP A 143 -7.23 -1.38 -16.85
N ASP A 144 -5.94 -1.66 -16.68
CA ASP A 144 -5.19 -2.48 -17.62
C ASP A 144 -4.80 -3.80 -16.99
N PHE A 145 -5.58 -4.24 -16.00
CA PHE A 145 -5.31 -5.49 -15.31
C PHE A 145 -6.57 -6.35 -15.23
N ASN A 146 -6.38 -7.66 -15.16
CA ASN A 146 -7.50 -8.60 -15.08
C ASN A 146 -7.50 -9.32 -13.74
N ASP A 147 -8.49 -10.19 -13.54
CA ASP A 147 -8.61 -10.94 -12.30
C ASP A 147 -7.52 -12.01 -12.21
N GLU A 148 -6.38 -11.63 -11.65
CA GLU A 148 -5.26 -12.55 -11.49
C GLU A 148 -4.23 -12.00 -10.50
N PRO A 149 -3.38 -12.89 -9.98
CA PRO A 149 -2.35 -12.52 -9.01
C PRO A 149 -1.23 -11.69 -9.65
N VAL A 150 -0.71 -10.73 -8.88
CA VAL A 150 0.36 -9.87 -9.37
C VAL A 150 1.55 -10.68 -9.86
N LYS A 151 1.81 -10.61 -11.16
CA LYS A 151 2.92 -11.33 -11.76
C LYS A 151 4.15 -10.44 -11.90
N LEU A 152 5.05 -10.53 -10.93
CA LEU A 152 6.27 -9.73 -10.93
C LEU A 152 7.26 -10.27 -11.97
N SER A 153 7.30 -11.58 -12.11
CA SER A 153 8.21 -12.23 -13.06
C SER A 153 7.50 -12.49 -14.39
N ALA A 154 7.11 -11.43 -15.07
CA ALA A 154 6.42 -11.55 -16.36
C ALA A 154 7.42 -11.58 -17.51
#